data_6MLY
#
_entry.id   6MLY
#
_cell.length_a   254.734
_cell.length_b   93.310
_cell.length_c   214.039
_cell.angle_alpha   90.000
_cell.angle_beta   123.380
_cell.angle_gamma   90.000
#
_symmetry.space_group_name_H-M   'C 1 2 1'
#
loop_
_entity.id
_entity.type
_entity.pdbx_description
1 polymer 'Bifunctional GH43-CE protein'
2 non-polymer 'ACETATE ION'
3 non-polymer 1,2-ETHANEDIOL
4 non-polymer 'SODIUM ION'
5 water water
#
_entity_poly.entity_id   1
_entity_poly.type   'polypeptide(L)'
_entity_poly.pdbx_seq_one_letter_code
;GSHMASMTGGQQMGRGSQKPATNPVIYADAPDMSMLRVGDTYYMSSTTMHMSPGVPIMKSNDLVNWKLVNYAYDTLANIP
TMNLDDGKNTYGRGSWASCLRYHEGVYYLSTFAQTTGKTYFYTTKNLEKGPWKCTEFSPAYHDHSFFFDEDGHIYMIYGN
GKLFLAELKPDLSGVKPGTERVLIENASAPAGDNIMLGAEGSQLFKVNGKYYLFNITWPRGGVRTVIVHRADKITGPYEG
RVVFQDRGIAQGGLVDTPDGRWFAYLFEDCGAVGRIPYLVPVEWKDGWPVLGVNGRAPAKLELPDSRGLIPGIVASDDFN
RKKGERALPLVWQWNHNPDNALWSLSARKGYLRLTTGRMETSFTQAKNILTQRTIGPVCTGSVSMDVSGMKEGDFAGLSL
FQRKYGQVGVKVTDGKKYIVMVNGENETPAEVEKVPLNQQVVYFKAECDFRNKVDKGYFYYSLDGSNWKAIGNVLKMQYT
MPHFMGYRFALFNYATKEVGGYADFDYFKIEDKISDCRWEDICYADDKLEGHKLDIYLPDMDEPSYKVVVLIYGSAWFAN
NMKQAAFQVFGKSLLDKGFAVVSINHRSSGDAKFPAQINDVKAAIRFIRANAAKYKLDTSFIGITGFSSGGHLASLAGTT
NGVKSYTIGAKTVDLEGNVGLYPSFSSRVDAVVNWFGPIDMTRMENCNTTKGANSPEAALIGGVPADNLDMLALLNPITY
IDKNDPKFIVIHGEADTVVPNCQSIFFSEALRAQGRLEEFISVPGGQHGPVTFNENTLKKMIDFFAREAGIYRDLNRIRP
IKCDDIK
;
_entity_poly.pdbx_strand_id   A,B,C,D
#
loop_
_chem_comp.id
_chem_comp.type
_chem_comp.name
_chem_comp.formula
ACT non-polymer 'ACETATE ION' 'C2 H3 O2 -1'
EDO non-polymer 1,2-ETHANEDIOL 'C2 H6 O2'
NA non-polymer 'SODIUM ION' 'Na 1'
#
# COMPACT_ATOMS: atom_id res chain seq x y z
N ALA A 21 -33.39 41.29 -23.75
CA ALA A 21 -34.11 40.00 -24.06
C ALA A 21 -33.53 39.40 -25.35
N THR A 22 -32.30 38.89 -25.25
CA THR A 22 -31.47 38.58 -26.41
C THR A 22 -30.77 37.22 -26.24
N ASN A 23 -30.02 36.85 -27.29
CA ASN A 23 -29.21 35.64 -27.36
C ASN A 23 -27.75 36.09 -27.33
N PRO A 24 -26.87 35.34 -26.64
CA PRO A 24 -27.14 34.10 -25.92
C PRO A 24 -27.93 34.27 -24.62
N VAL A 25 -28.93 33.40 -24.43
CA VAL A 25 -29.87 33.48 -23.32
C VAL A 25 -29.15 33.14 -22.01
N ILE A 26 -28.09 32.33 -22.10
CA ILE A 26 -27.13 32.12 -21.00
C ILE A 26 -25.72 32.34 -21.56
N TYR A 27 -25.09 33.47 -21.19
CA TYR A 27 -23.71 33.72 -21.57
C TYR A 27 -22.80 33.07 -20.52
N ALA A 28 -22.74 31.73 -20.54
CA ALA A 28 -21.95 30.95 -19.60
C ALA A 28 -21.96 29.47 -20.01
N ASP A 29 -21.02 28.71 -19.42
CA ASP A 29 -20.73 27.34 -19.79
C ASP A 29 -21.83 26.42 -19.24
N ALA A 30 -22.84 26.16 -20.06
CA ALA A 30 -23.92 25.22 -19.79
C ALA A 30 -24.08 24.28 -20.98
N PRO A 31 -23.09 23.38 -21.22
CA PRO A 31 -23.12 22.48 -22.37
C PRO A 31 -24.01 21.25 -22.21
N ASP A 32 -24.40 20.66 -23.35
CA ASP A 32 -25.15 19.41 -23.43
C ASP A 32 -26.45 19.54 -22.64
N MET A 33 -27.31 20.46 -23.09
CA MET A 33 -28.60 20.71 -22.48
C MET A 33 -29.56 19.57 -22.84
N SER A 34 -30.34 19.16 -21.84
CA SER A 34 -31.54 18.37 -22.02
C SER A 34 -32.68 19.14 -21.34
N MET A 35 -33.60 19.66 -22.16
CA MET A 35 -34.65 20.58 -21.71
C MET A 35 -36.03 19.91 -21.83
N LEU A 36 -36.93 20.32 -20.94
CA LEU A 36 -38.33 19.97 -21.07
C LEU A 36 -39.19 21.01 -20.36
N ARG A 37 -40.49 20.95 -20.68
CA ARG A 37 -41.52 21.78 -20.09
C ARG A 37 -42.44 20.88 -19.27
N VAL A 38 -43.01 21.42 -18.20
CA VAL A 38 -44.04 20.77 -17.42
C VAL A 38 -44.99 21.86 -16.91
N GLY A 39 -46.02 22.15 -17.70
CA GLY A 39 -46.97 23.18 -17.38
C GLY A 39 -46.42 24.52 -17.78
N ASP A 40 -46.20 25.37 -16.78
CA ASP A 40 -45.70 26.75 -16.91
C ASP A 40 -44.19 26.80 -16.63
N THR A 41 -43.63 25.68 -16.15
CA THR A 41 -42.21 25.58 -15.77
C THR A 41 -41.38 25.00 -16.91
N TYR A 42 -40.10 25.36 -16.95
CA TYR A 42 -39.11 24.73 -17.83
C TYR A 42 -38.01 24.13 -16.95
N TYR A 43 -37.44 23.00 -17.39
CA TYR A 43 -36.36 22.35 -16.68
C TYR A 43 -35.28 21.93 -17.67
N MET A 44 -34.04 21.81 -17.17
CA MET A 44 -32.88 21.60 -17.99
C MET A 44 -31.75 20.99 -17.15
N SER A 45 -31.31 19.79 -17.54
CA SER A 45 -30.09 19.17 -17.04
C SER A 45 -28.90 19.66 -17.88
N SER A 46 -27.69 19.27 -17.48
CA SER A 46 -26.47 19.92 -17.99
C SER A 46 -25.24 19.06 -17.69
N THR A 47 -24.12 19.40 -18.35
CA THR A 47 -22.84 18.74 -18.15
C THR A 47 -21.87 19.68 -17.41
N THR A 48 -21.24 19.13 -16.36
CA THR A 48 -20.12 19.77 -15.63
C THR A 48 -18.96 18.78 -15.49
N MET A 49 -19.06 17.61 -16.13
CA MET A 49 -17.97 16.64 -16.23
C MET A 49 -17.44 16.31 -14.83
N HIS A 50 -16.24 16.81 -14.51
CA HIS A 50 -15.44 16.35 -13.37
C HIS A 50 -15.75 17.15 -12.10
N MET A 51 -16.72 18.06 -12.16
CA MET A 51 -17.13 18.85 -11.00
C MET A 51 -17.99 17.99 -10.05
N SER A 52 -18.00 18.41 -8.79
CA SER A 52 -18.74 17.78 -7.71
C SER A 52 -19.41 18.86 -6.88
N PRO A 53 -20.76 18.88 -6.80
CA PRO A 53 -21.66 17.87 -7.36
C PRO A 53 -21.80 17.91 -8.89
N GLY A 54 -22.54 16.91 -9.43
CA GLY A 54 -22.64 16.63 -10.87
C GLY A 54 -24.05 16.73 -11.40
N VAL A 55 -24.16 16.85 -12.74
CA VAL A 55 -25.42 16.99 -13.50
C VAL A 55 -26.31 18.04 -12.83
N PRO A 56 -26.02 19.35 -13.03
CA PRO A 56 -26.88 20.41 -12.49
C PRO A 56 -28.21 20.54 -13.24
N ILE A 57 -29.30 20.62 -12.47
CA ILE A 57 -30.63 20.89 -13.01
C ILE A 57 -30.93 22.37 -12.82
N MET A 58 -31.45 23.01 -13.86
CA MET A 58 -31.80 24.42 -13.87
C MET A 58 -33.30 24.59 -14.16
N LYS A 59 -33.93 25.53 -13.47
CA LYS A 59 -35.35 25.85 -13.63
C LYS A 59 -35.48 27.22 -14.32
N SER A 60 -36.53 27.37 -15.12
CA SER A 60 -36.92 28.67 -15.70
C SER A 60 -38.45 28.72 -15.86
N ASN A 61 -38.98 29.93 -16.03
CA ASN A 61 -40.40 30.16 -16.22
C ASN A 61 -40.67 30.85 -17.58
N ASP A 62 -39.60 31.34 -18.23
CA ASP A 62 -39.73 32.20 -19.41
C ASP A 62 -38.78 31.79 -20.54
N LEU A 63 -37.98 30.73 -20.33
CA LEU A 63 -36.87 30.29 -21.24
C LEU A 63 -35.70 31.29 -21.25
N VAL A 64 -35.73 32.30 -20.38
CA VAL A 64 -34.77 33.44 -20.43
C VAL A 64 -34.01 33.52 -19.10
N ASN A 65 -34.76 33.60 -18.00
CA ASN A 65 -34.22 33.70 -16.65
C ASN A 65 -34.16 32.31 -16.03
N TRP A 66 -32.93 31.82 -15.85
CA TRP A 66 -32.64 30.47 -15.35
C TRP A 66 -32.11 30.54 -13.92
N LYS A 67 -32.17 29.42 -13.21
CA LYS A 67 -31.52 29.30 -11.90
C LYS A 67 -31.33 27.81 -11.56
N LEU A 68 -30.25 27.53 -10.82
CA LEU A 68 -29.92 26.19 -10.34
C LEU A 68 -30.83 25.83 -9.17
N VAL A 69 -31.37 24.60 -9.20
CA VAL A 69 -32.32 24.15 -8.18
C VAL A 69 -31.84 22.88 -7.48
N ASN A 70 -31.08 22.02 -8.19
CA ASN A 70 -30.67 20.72 -7.67
C ASN A 70 -29.55 20.13 -8.54
N TYR A 71 -28.86 19.13 -7.98
CA TYR A 71 -27.88 18.29 -8.67
C TYR A 71 -28.31 16.82 -8.55
N ALA A 72 -27.92 16.01 -9.53
CA ALA A 72 -28.30 14.59 -9.62
C ALA A 72 -27.52 13.75 -8.60
N TYR A 73 -26.24 14.06 -8.40
CA TYR A 73 -25.41 13.35 -7.44
C TYR A 73 -24.38 14.31 -6.81
N ASP A 74 -23.75 13.83 -5.73
CA ASP A 74 -22.76 14.56 -4.94
C ASP A 74 -21.35 14.20 -5.44
N THR A 75 -21.00 12.91 -5.34
CA THR A 75 -19.77 12.36 -5.92
C THR A 75 -20.16 11.19 -6.85
N LEU A 76 -19.37 11.02 -7.91
CA LEU A 76 -19.62 10.06 -8.98
C LEU A 76 -19.12 8.67 -8.56
N ALA A 77 -17.87 8.63 -8.07
CA ALA A 77 -17.26 7.37 -7.64
C ALA A 77 -16.04 7.65 -6.74
N ASN A 78 -15.74 6.67 -5.87
CA ASN A 78 -14.65 6.73 -4.92
C ASN A 78 -13.44 5.99 -5.50
N ILE A 79 -12.88 6.54 -6.60
CA ILE A 79 -11.71 5.95 -7.27
C ILE A 79 -10.65 7.03 -7.48
N PRO A 80 -9.35 6.68 -7.45
CA PRO A 80 -8.27 7.66 -7.52
C PRO A 80 -8.46 8.75 -8.60
N THR A 81 -8.89 8.36 -9.80
CA THR A 81 -9.10 9.28 -10.93
C THR A 81 -10.08 10.40 -10.52
N MET A 82 -11.16 10.02 -9.80
CA MET A 82 -12.22 10.94 -9.39
C MET A 82 -11.85 11.66 -8.09
N ASN A 83 -10.97 11.05 -7.27
CA ASN A 83 -10.56 11.57 -5.95
C ASN A 83 -9.25 12.38 -6.02
N LEU A 84 -8.69 12.59 -7.21
CA LEU A 84 -7.36 13.23 -7.39
C LEU A 84 -6.32 12.58 -6.48
N ASP A 85 -6.24 11.25 -6.51
CA ASP A 85 -5.26 10.50 -5.73
C ASP A 85 -4.19 9.93 -6.68
N ASP A 86 -2.98 9.74 -6.15
CA ASP A 86 -1.86 9.04 -6.82
C ASP A 86 -1.51 9.76 -8.14
N GLY A 87 -1.61 11.09 -8.16
CA GLY A 87 -1.43 11.86 -9.38
C GLY A 87 -2.22 11.27 -10.53
N LYS A 88 -3.55 11.26 -10.37
CA LYS A 88 -4.50 10.88 -11.40
C LYS A 88 -5.66 11.89 -11.39
N ASN A 89 -6.31 12.05 -12.55
CA ASN A 89 -7.41 12.98 -12.71
C ASN A 89 -8.43 12.36 -13.68
N THR A 90 -9.51 13.10 -13.92
CA THR A 90 -10.48 12.78 -14.97
C THR A 90 -11.01 14.09 -15.54
N TYR A 91 -10.15 15.09 -15.64
CA TYR A 91 -10.47 16.36 -16.29
C TYR A 91 -10.98 16.06 -17.70
N GLY A 92 -12.04 16.77 -18.10
CA GLY A 92 -12.63 16.63 -19.43
C GLY A 92 -13.65 15.49 -19.51
N ARG A 93 -13.53 14.50 -18.61
CA ARG A 93 -14.35 13.29 -18.66
C ARG A 93 -15.51 13.45 -17.65
N GLY A 94 -15.62 12.54 -16.67
CA GLY A 94 -16.71 12.58 -15.69
C GLY A 94 -18.07 12.46 -16.34
N SER A 95 -19.09 13.00 -15.67
CA SER A 95 -20.47 12.93 -16.11
C SER A 95 -20.68 13.82 -17.35
N TRP A 96 -21.09 13.18 -18.45
CA TRP A 96 -21.24 13.81 -19.77
C TRP A 96 -22.73 14.09 -20.05
N ALA A 97 -23.08 14.24 -21.35
CA ALA A 97 -24.42 14.57 -21.81
C ALA A 97 -25.47 13.71 -21.09
N SER A 98 -26.49 14.38 -20.56
CA SER A 98 -27.55 13.77 -19.79
C SER A 98 -28.84 13.83 -20.60
N CYS A 99 -29.83 13.07 -20.13
CA CYS A 99 -31.15 12.99 -20.73
C CYS A 99 -32.19 13.28 -19.65
N LEU A 100 -33.01 14.31 -19.84
CA LEU A 100 -34.02 14.73 -18.86
C LEU A 100 -35.43 14.54 -19.44
N ARG A 101 -36.27 13.77 -18.74
CA ARG A 101 -37.65 13.46 -19.15
C ARG A 101 -38.61 13.60 -17.96
N TYR A 102 -39.90 13.73 -18.29
CA TYR A 102 -41.00 13.73 -17.32
C TYR A 102 -42.14 12.88 -17.87
N HIS A 103 -42.50 11.83 -17.13
CA HIS A 103 -43.47 10.84 -17.58
C HIS A 103 -44.37 10.43 -16.40
N GLU A 104 -45.68 10.62 -16.57
CA GLU A 104 -46.72 10.16 -15.65
C GLU A 104 -46.31 10.42 -14.19
N GLY A 105 -45.93 11.68 -13.92
CA GLY A 105 -45.74 12.20 -12.58
C GLY A 105 -44.32 12.07 -12.05
N VAL A 106 -43.41 11.46 -12.82
CA VAL A 106 -42.05 11.21 -12.34
C VAL A 106 -41.03 11.80 -13.32
N TYR A 107 -40.09 12.58 -12.78
CA TYR A 107 -38.95 13.11 -13.52
C TYR A 107 -37.89 12.01 -13.66
N TYR A 108 -37.35 11.88 -14.87
CA TYR A 108 -36.34 10.86 -15.19
C TYR A 108 -35.10 11.55 -15.77
N LEU A 109 -33.96 11.34 -15.10
CA LEU A 109 -32.68 11.96 -15.43
C LEU A 109 -31.60 10.87 -15.58
N SER A 110 -30.91 10.87 -16.72
CA SER A 110 -29.84 9.90 -16.99
C SER A 110 -28.54 10.65 -17.36
N THR A 111 -27.40 10.03 -17.01
CA THR A 111 -26.11 10.37 -17.60
C THR A 111 -25.23 9.11 -17.64
N PHE A 112 -24.08 9.26 -18.30
CA PHE A 112 -23.04 8.24 -18.41
C PHE A 112 -21.69 8.89 -18.08
N ALA A 113 -20.64 8.07 -17.94
CA ALA A 113 -19.29 8.58 -17.68
C ALA A 113 -18.24 7.53 -18.05
N GLN A 114 -17.25 7.97 -18.84
CA GLN A 114 -16.06 7.18 -19.22
C GLN A 114 -15.12 7.04 -18.01
N THR A 115 -15.26 7.93 -17.03
CA THR A 115 -14.53 7.87 -15.77
C THR A 115 -14.73 6.51 -15.06
N THR A 116 -15.91 5.88 -15.25
CA THR A 116 -16.18 4.52 -14.73
C THR A 116 -16.84 3.62 -15.80
N GLY A 117 -16.94 4.10 -17.04
CA GLY A 117 -17.56 3.39 -18.15
C GLY A 117 -18.93 2.85 -17.78
N LYS A 118 -19.72 3.67 -17.07
CA LYS A 118 -21.04 3.30 -16.55
C LYS A 118 -22.09 4.34 -16.98
N THR A 119 -23.35 3.86 -17.06
CA THR A 119 -24.55 4.70 -17.28
C THR A 119 -25.38 4.72 -15.99
N TYR A 120 -25.81 5.92 -15.58
CA TYR A 120 -26.54 6.16 -14.32
C TYR A 120 -27.94 6.70 -14.61
N PHE A 121 -28.93 6.24 -13.84
CA PHE A 121 -30.32 6.69 -13.95
C PHE A 121 -30.80 7.19 -12.58
N TYR A 122 -31.46 8.35 -12.58
CA TYR A 122 -31.96 9.01 -11.38
C TYR A 122 -33.44 9.35 -11.57
N THR A 123 -34.27 9.10 -10.54
CA THR A 123 -35.72 9.36 -10.62
C THR A 123 -36.22 10.01 -9.34
N THR A 124 -37.19 10.93 -9.48
CA THR A 124 -37.80 11.64 -8.36
C THR A 124 -39.16 12.26 -8.78
N LYS A 125 -40.01 12.54 -7.78
CA LYS A 125 -41.31 13.19 -7.99
C LYS A 125 -41.20 14.70 -7.72
N ASN A 126 -40.02 15.16 -7.28
CA ASN A 126 -39.76 16.58 -7.06
C ASN A 126 -38.33 16.89 -7.51
N LEU A 127 -38.20 17.50 -8.70
CA LEU A 127 -36.90 17.70 -9.36
C LEU A 127 -36.04 18.74 -8.61
N GLU A 128 -36.66 19.57 -7.77
CA GLU A 128 -35.96 20.64 -7.07
C GLU A 128 -35.42 20.17 -5.71
N LYS A 129 -36.11 19.22 -5.06
CA LYS A 129 -35.80 18.83 -3.67
C LYS A 129 -35.36 17.37 -3.53
N GLY A 130 -35.83 16.49 -4.43
CA GLY A 130 -35.57 15.06 -4.33
C GLY A 130 -36.54 14.37 -3.38
N PRO A 131 -36.18 13.19 -2.88
CA PRO A 131 -34.88 12.57 -3.08
C PRO A 131 -34.83 11.75 -4.37
N TRP A 132 -33.65 11.17 -4.65
CA TRP A 132 -33.42 10.35 -5.85
C TRP A 132 -33.42 8.87 -5.49
N LYS A 133 -34.07 8.06 -6.34
CA LYS A 133 -33.79 6.63 -6.46
C LYS A 133 -32.80 6.47 -7.62
N CYS A 134 -31.75 5.67 -7.42
CA CYS A 134 -30.63 5.59 -8.35
C CYS A 134 -30.43 4.14 -8.83
N THR A 135 -29.98 4.01 -10.09
CA THR A 135 -29.58 2.75 -10.69
C THR A 135 -28.37 3.01 -11.59
N GLU A 136 -27.61 1.96 -11.91
CA GLU A 136 -26.42 2.10 -12.78
C GLU A 136 -26.02 0.75 -13.37
N PHE A 137 -25.34 0.82 -14.52
CA PHE A 137 -24.93 -0.35 -15.29
C PHE A 137 -23.95 0.03 -16.41
N SER A 138 -23.34 -0.99 -17.02
CA SER A 138 -22.35 -0.84 -18.09
C SER A 138 -22.94 -1.33 -19.41
N PRO A 139 -22.39 -0.87 -20.55
CA PRO A 139 -21.34 0.13 -20.63
C PRO A 139 -21.88 1.56 -20.43
N ALA A 140 -21.08 2.55 -20.84
CA ALA A 140 -21.55 3.90 -21.06
C ALA A 140 -22.14 3.98 -22.47
N TYR A 141 -23.41 4.36 -22.58
CA TYR A 141 -24.04 4.59 -23.87
C TYR A 141 -23.83 6.05 -24.26
N HIS A 142 -23.17 6.26 -25.40
CA HIS A 142 -22.64 7.57 -25.80
C HIS A 142 -23.78 8.47 -26.28
N ASP A 143 -24.04 9.55 -25.52
CA ASP A 143 -25.03 10.58 -25.86
C ASP A 143 -26.38 9.91 -26.09
N HIS A 144 -26.76 9.04 -25.14
CA HIS A 144 -28.00 8.29 -25.22
C HIS A 144 -29.17 9.23 -24.95
N SER A 145 -30.30 8.96 -25.63
CA SER A 145 -31.55 9.68 -25.45
C SER A 145 -32.69 8.69 -25.26
N PHE A 146 -32.91 8.28 -24.01
CA PHE A 146 -34.00 7.36 -23.63
C PHE A 146 -35.34 8.08 -23.79
N PHE A 147 -36.42 7.29 -23.98
CA PHE A 147 -37.73 7.78 -24.39
C PHE A 147 -38.82 6.79 -23.99
N PHE A 148 -39.91 7.31 -23.41
CA PHE A 148 -41.12 6.54 -23.09
C PHE A 148 -42.10 6.63 -24.27
N ASP A 149 -42.37 5.49 -24.90
CA ASP A 149 -43.29 5.40 -26.05
C ASP A 149 -44.68 5.01 -25.55
N GLU A 150 -45.68 5.33 -26.38
CA GLU A 150 -47.09 5.05 -26.06
C GLU A 150 -47.43 3.60 -26.42
N ASP A 151 -46.48 2.83 -26.97
CA ASP A 151 -46.60 1.39 -27.11
C ASP A 151 -46.23 0.71 -25.78
N GLY A 152 -45.66 1.47 -24.83
CA GLY A 152 -45.48 1.04 -23.44
C GLY A 152 -44.10 0.45 -23.17
N HIS A 153 -43.15 0.64 -24.08
CA HIS A 153 -41.76 0.24 -23.91
C HIS A 153 -40.88 1.48 -23.73
N ILE A 154 -39.73 1.31 -23.06
CA ILE A 154 -38.74 2.37 -22.86
C ILE A 154 -37.55 2.08 -23.79
N TYR A 155 -37.45 2.85 -24.88
CA TYR A 155 -36.36 2.73 -25.86
C TYR A 155 -35.16 3.56 -25.39
N MET A 156 -34.06 3.47 -26.18
CA MET A 156 -32.85 4.26 -25.98
C MET A 156 -32.04 4.24 -27.28
N ILE A 157 -31.71 5.43 -27.79
CA ILE A 157 -30.86 5.63 -28.99
C ILE A 157 -29.50 6.12 -28.48
N TYR A 158 -28.44 5.99 -29.29
CA TYR A 158 -27.05 6.47 -28.94
C TYR A 158 -26.06 6.26 -30.09
N GLY A 159 -24.86 6.88 -29.96
CA GLY A 159 -23.72 6.66 -30.89
C GLY A 159 -23.03 7.96 -31.28
N LEU A 163 -25.44 5.45 -34.96
CA LEU A 163 -26.67 5.47 -34.09
C LEU A 163 -27.25 4.05 -33.97
N PHE A 164 -27.71 3.70 -32.76
CA PHE A 164 -28.26 2.37 -32.42
C PHE A 164 -29.53 2.53 -31.56
N LEU A 165 -30.45 1.57 -31.68
CA LEU A 165 -31.69 1.53 -30.89
C LEU A 165 -31.76 0.23 -30.07
N ALA A 166 -32.26 0.36 -28.83
CA ALA A 166 -32.39 -0.76 -27.91
C ALA A 166 -33.41 -0.40 -26.82
N GLU A 167 -33.86 -1.41 -26.09
CA GLU A 167 -34.96 -1.29 -25.12
C GLU A 167 -34.43 -1.49 -23.70
N LEU A 168 -34.70 -0.51 -22.83
CA LEU A 168 -34.34 -0.57 -21.41
C LEU A 168 -35.31 -1.48 -20.67
N LYS A 169 -34.84 -2.05 -19.54
CA LYS A 169 -35.67 -2.81 -18.61
C LYS A 169 -36.64 -1.85 -17.91
N PRO A 170 -37.69 -2.36 -17.22
CA PRO A 170 -38.66 -1.48 -16.55
C PRO A 170 -38.10 -0.71 -15.35
N ASP A 171 -37.42 -1.41 -14.42
CA ASP A 171 -36.95 -0.82 -13.16
C ASP A 171 -35.61 -0.11 -13.36
N LEU A 172 -35.18 0.04 -14.62
CA LEU A 172 -34.06 0.89 -15.05
C LEU A 172 -32.73 0.42 -14.43
N SER A 173 -32.61 -0.90 -14.19
CA SER A 173 -31.41 -1.50 -13.63
C SER A 173 -30.47 -1.96 -14.75
N GLY A 174 -30.95 -1.92 -16.00
CA GLY A 174 -30.13 -2.26 -17.15
C GLY A 174 -30.89 -2.13 -18.47
N VAL A 175 -30.28 -2.67 -19.53
CA VAL A 175 -30.91 -2.89 -20.83
C VAL A 175 -31.36 -4.35 -20.88
N LYS A 176 -32.41 -4.65 -21.65
CA LYS A 176 -33.11 -5.96 -21.71
C LYS A 176 -32.11 -7.12 -21.89
N GLY A 201 -24.95 13.62 -30.68
CA GLY A 201 -25.68 14.21 -29.52
C GLY A 201 -27.17 13.89 -29.57
N SER A 202 -27.49 12.59 -29.71
CA SER A 202 -28.84 12.12 -30.02
C SER A 202 -29.84 12.64 -28.97
N GLN A 203 -30.94 13.24 -29.45
CA GLN A 203 -32.03 13.71 -28.59
C GLN A 203 -33.36 13.51 -29.33
N LEU A 204 -34.19 12.61 -28.82
CA LEU A 204 -35.42 12.19 -29.52
C LEU A 204 -36.63 12.93 -28.95
N PHE A 205 -37.48 13.42 -29.85
CA PHE A 205 -38.75 14.05 -29.52
C PHE A 205 -39.82 13.55 -30.51
N LYS A 206 -40.93 13.05 -29.96
CA LYS A 206 -42.12 12.76 -30.74
C LYS A 206 -43.06 13.98 -30.66
N VAL A 207 -43.35 14.57 -31.82
CA VAL A 207 -44.26 15.71 -31.92
C VAL A 207 -45.28 15.40 -33.02
N ASN A 208 -46.56 15.49 -32.66
CA ASN A 208 -47.64 15.48 -33.62
C ASN A 208 -47.63 14.14 -34.37
N GLY A 209 -47.37 13.06 -33.64
CA GLY A 209 -47.31 11.71 -34.20
C GLY A 209 -46.28 11.56 -35.31
N LYS A 210 -45.12 12.20 -35.12
CA LYS A 210 -43.93 11.99 -35.95
C LYS A 210 -42.70 12.05 -35.03
N TYR A 211 -41.72 11.18 -35.29
CA TYR A 211 -40.51 11.07 -34.49
C TYR A 211 -39.41 11.93 -35.12
N TYR A 212 -38.88 12.89 -34.33
CA TYR A 212 -37.81 13.79 -34.73
C TYR A 212 -36.60 13.59 -33.82
N LEU A 213 -35.52 13.01 -34.38
CA LEU A 213 -34.24 12.82 -33.66
C LEU A 213 -33.25 13.91 -34.08
N PHE A 214 -32.82 14.72 -33.11
CA PHE A 214 -31.79 15.72 -33.30
C PHE A 214 -30.41 15.12 -33.00
N ASN A 215 -29.39 15.60 -33.71
CA ASN A 215 -28.01 15.11 -33.60
C ASN A 215 -27.02 16.29 -33.61
N THR A 225 -23.15 21.54 -37.34
CA THR A 225 -24.42 21.49 -38.07
C THR A 225 -25.42 20.58 -37.33
N VAL A 226 -26.69 21.01 -37.34
CA VAL A 226 -27.84 20.29 -36.78
C VAL A 226 -28.45 19.43 -37.90
N ILE A 227 -28.84 18.20 -37.57
CA ILE A 227 -29.30 17.21 -38.57
C ILE A 227 -30.44 16.37 -37.98
N VAL A 228 -31.67 16.74 -38.32
CA VAL A 228 -32.87 16.11 -37.81
C VAL A 228 -33.19 14.88 -38.67
N HIS A 229 -33.65 13.80 -38.01
CA HIS A 229 -34.17 12.58 -38.65
C HIS A 229 -35.64 12.40 -38.31
N ARG A 230 -36.49 12.40 -39.34
CA ARG A 230 -37.93 12.17 -39.20
C ARG A 230 -38.22 10.68 -39.41
N ALA A 231 -39.31 10.20 -38.80
CA ALA A 231 -39.77 8.81 -38.94
C ALA A 231 -41.20 8.67 -38.38
N ASP A 232 -41.97 7.74 -38.97
CA ASP A 232 -43.36 7.46 -38.57
C ASP A 232 -43.39 6.40 -37.45
N LYS A 233 -42.46 5.43 -37.51
CA LYS A 233 -42.24 4.45 -36.44
C LYS A 233 -40.81 4.62 -35.89
N ILE A 234 -40.48 3.84 -34.85
CA ILE A 234 -39.21 3.95 -34.15
C ILE A 234 -38.41 2.64 -34.35
N GLY A 240 -33.91 12.87 -42.44
CA GLY A 240 -32.48 13.25 -42.71
C GLY A 240 -32.38 14.50 -43.55
N ARG A 241 -32.11 15.64 -42.90
CA ARG A 241 -31.89 16.93 -43.57
C ARG A 241 -30.86 17.75 -42.78
N VAL A 242 -30.54 18.94 -43.31
CA VAL A 242 -29.82 19.99 -42.58
C VAL A 242 -30.86 21.07 -42.21
N VAL A 243 -31.01 21.37 -40.91
CA VAL A 243 -32.02 22.33 -40.47
C VAL A 243 -31.36 23.64 -39.97
N PHE A 244 -30.12 23.56 -39.46
CA PHE A 244 -29.42 24.77 -39.00
C PHE A 244 -27.91 24.63 -39.23
N GLN A 245 -27.28 25.72 -39.70
CA GLN A 245 -25.87 25.75 -40.04
C GLN A 245 -25.36 27.20 -39.93
N ASP A 246 -25.21 27.66 -38.69
CA ASP A 246 -25.01 29.06 -38.37
C ASP A 246 -24.06 29.16 -37.16
N ARG A 247 -22.79 29.47 -37.45
CA ARG A 247 -21.73 29.69 -36.45
C ARG A 247 -21.48 28.40 -35.63
N GLY A 248 -21.73 27.24 -36.24
CA GLY A 248 -21.55 25.92 -35.60
C GLY A 248 -22.35 25.77 -34.31
N ILE A 249 -23.44 26.54 -34.18
CA ILE A 249 -24.36 26.50 -33.05
C ILE A 249 -25.23 25.24 -33.20
N ALA A 250 -24.80 24.15 -32.58
CA ALA A 250 -25.36 22.83 -32.81
C ALA A 250 -25.58 22.09 -31.49
N GLN A 251 -26.31 20.96 -31.59
CA GLN A 251 -26.59 20.03 -30.52
C GLN A 251 -27.67 20.59 -29.59
N GLY A 252 -28.75 19.81 -29.43
CA GLY A 252 -29.90 20.14 -28.61
C GLY A 252 -31.14 19.40 -29.09
N GLY A 253 -32.31 19.97 -28.75
CA GLY A 253 -33.61 19.43 -29.14
C GLY A 253 -34.66 20.52 -29.16
N LEU A 254 -35.94 20.10 -29.22
CA LEU A 254 -37.09 21.00 -29.30
C LEU A 254 -37.64 21.24 -27.89
N VAL A 255 -38.20 22.45 -27.69
CA VAL A 255 -39.04 22.77 -26.55
C VAL A 255 -40.12 23.74 -27.03
N ASP A 256 -41.34 23.55 -26.52
CA ASP A 256 -42.50 24.32 -26.90
C ASP A 256 -42.90 25.21 -25.72
N THR A 257 -43.73 26.22 -26.00
CA THR A 257 -44.31 27.09 -24.99
C THR A 257 -45.78 26.74 -24.84
N PRO A 258 -46.41 26.99 -23.66
CA PRO A 258 -47.83 26.70 -23.47
C PRO A 258 -48.75 27.28 -24.56
N ASP A 259 -48.36 28.43 -25.15
CA ASP A 259 -49.16 29.09 -26.18
C ASP A 259 -48.79 28.56 -27.58
N GLY A 260 -47.77 27.70 -27.65
CA GLY A 260 -47.54 26.86 -28.83
C GLY A 260 -46.41 27.35 -29.72
N ARG A 261 -45.61 28.32 -29.26
CA ARG A 261 -44.40 28.75 -29.97
C ARG A 261 -43.30 27.71 -29.77
N TRP A 262 -42.51 27.47 -30.82
CA TRP A 262 -41.43 26.47 -30.78
C TRP A 262 -40.05 27.16 -30.80
N PHE A 263 -39.10 26.48 -30.14
CA PHE A 263 -37.72 26.89 -30.02
C PHE A 263 -36.82 25.66 -30.10
N ALA A 264 -35.59 25.87 -30.59
CA ALA A 264 -34.53 24.87 -30.55
C ALA A 264 -33.46 25.32 -29.55
N TYR A 265 -33.27 24.56 -28.46
CA TYR A 265 -32.20 24.86 -27.50
C TYR A 265 -30.91 24.20 -28.02
N LEU A 266 -29.86 25.03 -28.20
CA LEU A 266 -28.57 24.66 -28.77
C LEU A 266 -27.45 25.42 -28.05
N PHE A 267 -26.20 25.14 -28.41
CA PHE A 267 -25.05 25.87 -27.84
C PHE A 267 -23.94 26.08 -28.88
N GLU A 268 -23.19 27.17 -28.69
CA GLU A 268 -22.00 27.56 -29.48
C GLU A 268 -20.75 27.31 -28.63
N ASP A 269 -19.60 27.14 -29.31
CA ASP A 269 -18.29 27.19 -28.66
C ASP A 269 -17.77 28.64 -28.74
N CYS A 270 -18.00 29.42 -27.69
CA CYS A 270 -17.67 30.87 -27.67
C CYS A 270 -16.31 31.08 -26.97
N GLY A 271 -15.36 30.16 -27.18
CA GLY A 271 -13.99 30.31 -26.70
C GLY A 271 -13.83 30.00 -25.22
N ALA A 272 -13.17 30.93 -24.49
CA ALA A 272 -12.68 30.71 -23.12
C ALA A 272 -13.85 30.54 -22.13
N VAL A 273 -14.82 31.45 -22.21
CA VAL A 273 -16.01 31.44 -21.36
C VAL A 273 -16.61 30.02 -21.36
N GLY A 274 -16.57 29.35 -22.52
CA GLY A 274 -16.98 27.95 -22.66
C GLY A 274 -17.96 27.73 -23.80
N ARG A 275 -19.04 26.99 -23.50
CA ARG A 275 -20.04 26.53 -24.48
C ARG A 275 -21.44 26.98 -23.99
N ILE A 276 -22.01 27.97 -24.69
CA ILE A 276 -23.05 28.86 -24.14
C ILE A 276 -24.38 28.57 -24.82
N PRO A 277 -25.47 28.32 -24.04
CA PRO A 277 -26.81 28.14 -24.59
C PRO A 277 -27.34 29.21 -25.56
N TYR A 278 -28.04 28.71 -26.60
CA TYR A 278 -28.70 29.49 -27.65
C TYR A 278 -30.14 28.97 -27.84
N LEU A 279 -31.09 29.91 -27.98
CA LEU A 279 -32.47 29.59 -28.32
C LEU A 279 -32.79 30.20 -29.69
N VAL A 280 -33.31 29.35 -30.59
CA VAL A 280 -33.69 29.73 -31.97
C VAL A 280 -35.19 29.51 -32.13
N PRO A 281 -35.97 30.49 -32.68
CA PRO A 281 -37.38 30.26 -32.99
C PRO A 281 -37.55 29.19 -34.08
N VAL A 282 -38.62 28.40 -33.97
CA VAL A 282 -38.87 27.30 -34.90
C VAL A 282 -40.26 27.47 -35.52
N GLU A 283 -40.33 27.24 -36.85
CA GLU A 283 -41.57 27.21 -37.63
C GLU A 283 -41.71 25.82 -38.26
N TRP A 284 -42.91 25.47 -38.75
CA TRP A 284 -43.16 24.11 -39.26
C TRP A 284 -43.49 24.12 -40.77
N TRP A 288 -41.92 19.88 -41.28
CA TRP A 288 -40.49 19.95 -40.84
C TRP A 288 -40.25 21.22 -40.03
N PRO A 289 -39.29 21.20 -39.06
CA PRO A 289 -38.90 22.41 -38.33
C PRO A 289 -37.95 23.33 -39.11
N VAL A 290 -38.24 24.64 -39.09
CA VAL A 290 -37.48 25.68 -39.79
C VAL A 290 -36.86 26.63 -38.75
N LEU A 291 -35.54 26.55 -38.56
CA LEU A 291 -34.86 27.23 -37.44
C LEU A 291 -34.46 28.66 -37.84
N LEU A 301 -35.21 38.42 -29.53
CA LEU A 301 -36.15 37.33 -29.14
C LEU A 301 -37.43 37.95 -28.57
N GLU A 302 -38.58 37.38 -28.95
CA GLU A 302 -39.88 37.80 -28.41
C GLU A 302 -40.16 37.02 -27.14
N LEU A 303 -39.24 37.13 -26.16
CA LEU A 303 -39.36 36.49 -24.83
C LEU A 303 -39.12 37.55 -23.75
N PRO A 304 -39.65 37.36 -22.52
CA PRO A 304 -39.50 38.35 -21.45
C PRO A 304 -38.07 38.86 -21.23
N ASP A 305 -37.95 39.94 -20.45
CA ASP A 305 -36.66 40.62 -20.23
C ASP A 305 -35.80 39.79 -19.28
N SER A 306 -34.52 39.63 -19.66
CA SER A 306 -33.52 38.90 -18.88
C SER A 306 -33.06 39.74 -17.67
N ARG A 307 -32.59 39.07 -16.61
CA ARG A 307 -31.98 39.72 -15.45
C ARG A 307 -30.61 39.08 -15.17
N GLY A 308 -29.91 38.69 -16.24
CA GLY A 308 -28.51 38.29 -16.17
C GLY A 308 -28.35 36.88 -15.62
N LEU A 309 -27.21 36.62 -14.97
CA LEU A 309 -26.90 35.31 -14.41
C LEU A 309 -26.64 35.41 -12.91
N ILE A 310 -26.97 36.55 -12.30
CA ILE A 310 -26.80 36.76 -10.87
C ILE A 310 -28.19 36.98 -10.27
N PRO A 311 -28.60 36.14 -9.31
CA PRO A 311 -27.77 35.11 -8.69
C PRO A 311 -28.08 33.65 -9.12
N GLY A 312 -28.58 33.46 -10.34
CA GLY A 312 -29.14 32.17 -10.80
C GLY A 312 -28.08 31.11 -11.04
N ILE A 313 -27.03 31.48 -11.79
CA ILE A 313 -25.97 30.57 -12.25
C ILE A 313 -24.66 30.84 -11.47
N VAL A 314 -24.45 32.11 -11.10
CA VAL A 314 -23.32 32.56 -10.27
C VAL A 314 -23.85 33.58 -9.25
N ALA A 315 -23.40 33.46 -7.99
CA ALA A 315 -23.82 34.39 -6.94
C ALA A 315 -22.64 34.66 -6.00
N SER A 316 -22.66 35.85 -5.37
CA SER A 316 -21.74 36.20 -4.28
C SER A 316 -22.10 35.37 -3.04
N ASP A 317 -21.13 35.18 -2.13
CA ASP A 317 -21.34 34.45 -0.88
C ASP A 317 -20.58 35.14 0.25
N ASP A 318 -21.34 35.60 1.26
CA ASP A 318 -20.78 36.25 2.44
C ASP A 318 -20.30 35.20 3.45
N PHE A 319 -20.57 33.92 3.15
CA PHE A 319 -20.21 32.76 3.97
C PHE A 319 -20.85 32.87 5.36
N ASN A 320 -22.04 33.49 5.39
CA ASN A 320 -22.90 33.57 6.56
C ASN A 320 -24.12 32.69 6.31
N ARG A 321 -24.47 31.89 7.33
CA ARG A 321 -25.52 30.91 7.24
C ARG A 321 -26.49 31.10 8.40
N LYS A 322 -27.79 31.20 8.08
CA LYS A 322 -28.89 31.13 9.03
C LYS A 322 -29.08 29.67 9.46
N LYS A 323 -30.08 29.43 10.32
CA LYS A 323 -30.37 28.09 10.85
C LYS A 323 -30.93 27.17 9.75
N GLY A 324 -30.23 26.08 9.49
CA GLY A 324 -30.65 25.05 8.53
C GLY A 324 -30.75 25.59 7.11
N GLU A 325 -29.62 26.11 6.62
CA GLU A 325 -29.48 26.65 5.27
C GLU A 325 -28.45 25.78 4.53
N ARG A 326 -28.60 25.64 3.22
CA ARG A 326 -27.58 24.98 2.40
C ARG A 326 -26.21 25.53 2.80
N ALA A 327 -25.28 24.62 3.15
CA ALA A 327 -23.91 25.01 3.52
C ALA A 327 -23.23 25.72 2.36
N LEU A 328 -23.41 25.22 1.14
CA LEU A 328 -22.84 25.80 -0.08
C LEU A 328 -23.93 25.99 -1.13
N PRO A 329 -24.31 27.26 -1.44
CA PRO A 329 -25.23 27.54 -2.55
C PRO A 329 -24.94 26.68 -3.79
N LEU A 330 -25.99 26.39 -4.56
CA LEU A 330 -25.87 25.45 -5.67
C LEU A 330 -24.86 25.97 -6.70
N VAL A 331 -24.68 27.30 -6.76
CA VAL A 331 -23.75 27.96 -7.69
C VAL A 331 -22.33 27.39 -7.50
N TRP A 332 -22.05 26.83 -6.32
CA TRP A 332 -20.75 26.25 -5.97
C TRP A 332 -20.68 24.80 -6.45
N GLN A 333 -19.53 24.45 -7.06
CA GLN A 333 -19.13 23.07 -7.36
C GLN A 333 -17.60 22.97 -7.14
N TRP A 334 -17.17 21.90 -6.47
CA TRP A 334 -15.75 21.60 -6.27
C TRP A 334 -15.13 21.06 -7.55
N ASN A 335 -13.79 21.13 -7.64
CA ASN A 335 -13.00 20.45 -8.65
C ASN A 335 -12.69 19.04 -8.15
N HIS A 336 -13.29 18.03 -8.81
CA HIS A 336 -13.18 16.63 -8.40
C HIS A 336 -13.80 16.46 -7.01
N ASN A 337 -13.69 15.24 -6.45
CA ASN A 337 -14.30 14.91 -5.17
C ASN A 337 -13.64 15.71 -4.05
N PRO A 338 -14.43 16.50 -3.29
CA PRO A 338 -13.87 17.27 -2.16
C PRO A 338 -13.46 16.34 -1.01
N ASP A 339 -12.47 16.78 -0.23
CA ASP A 339 -12.20 16.20 1.08
C ASP A 339 -12.98 17.03 2.11
N ASN A 340 -14.14 16.50 2.53
CA ASN A 340 -15.13 17.26 3.31
C ASN A 340 -14.66 17.42 4.76
N ALA A 341 -13.56 16.77 5.13
CA ALA A 341 -12.93 16.94 6.46
C ALA A 341 -12.24 18.32 6.55
N LEU A 342 -11.71 18.81 5.42
CA LEU A 342 -10.69 19.87 5.40
C LEU A 342 -11.27 21.26 5.06
N TRP A 343 -12.58 21.37 4.86
CA TRP A 343 -13.22 22.69 4.79
C TRP A 343 -14.30 22.78 5.88
N SER A 344 -14.70 24.01 6.22
CA SER A 344 -15.67 24.24 7.28
C SER A 344 -16.22 25.66 7.21
N LEU A 345 -17.42 25.85 7.74
CA LEU A 345 -18.07 27.15 7.87
C LEU A 345 -18.40 27.47 9.34
N SER A 346 -18.10 26.56 10.27
CA SER A 346 -18.35 26.79 11.69
C SER A 346 -17.03 27.00 12.45
N ALA A 347 -15.90 26.85 11.74
CA ALA A 347 -14.56 27.07 12.29
C ALA A 347 -14.39 28.54 12.67
N ARG A 348 -14.81 29.42 11.75
CA ARG A 348 -14.90 30.86 11.98
C ARG A 348 -16.22 31.33 11.35
N LYS A 349 -17.12 31.87 12.18
CA LYS A 349 -18.46 32.26 11.72
C LYS A 349 -18.33 33.49 10.81
N GLY A 350 -18.88 33.36 9.58
CA GLY A 350 -18.81 34.39 8.55
C GLY A 350 -17.70 34.14 7.53
N TYR A 351 -16.91 33.09 7.78
CA TYR A 351 -15.73 32.76 6.97
C TYR A 351 -15.81 31.29 6.50
N LEU A 352 -15.35 31.06 5.26
CA LEU A 352 -15.03 29.73 4.73
C LEU A 352 -13.56 29.43 5.05
N ARG A 353 -13.28 28.27 5.65
CA ARG A 353 -11.92 27.90 6.03
C ARG A 353 -11.51 26.62 5.32
N LEU A 354 -10.68 26.77 4.28
CA LEU A 354 -10.04 25.66 3.59
C LEU A 354 -8.74 25.32 4.32
N THR A 355 -8.60 24.06 4.74
CA THR A 355 -7.40 23.54 5.42
C THR A 355 -6.73 22.52 4.50
N THR A 356 -5.41 22.40 4.66
CA THR A 356 -4.56 21.51 3.85
C THR A 356 -4.63 20.08 4.39
N GLY A 357 -4.41 19.10 3.50
CA GLY A 357 -4.32 17.68 3.87
C GLY A 357 -3.11 16.96 3.28
N ARG A 358 -2.51 17.51 2.23
CA ARG A 358 -1.56 16.78 1.37
C ARG A 358 -0.63 17.78 0.69
N MET A 359 0.64 17.38 0.51
CA MET A 359 1.65 18.16 -0.24
C MET A 359 1.49 17.87 -1.73
N GLU A 360 1.45 18.93 -2.55
CA GLU A 360 1.18 18.82 -3.98
C GLU A 360 2.43 19.23 -4.79
N THR A 361 2.54 18.69 -6.01
CA THR A 361 3.54 19.10 -7.01
C THR A 361 2.87 19.87 -8.15
N SER A 362 1.54 19.81 -8.20
CA SER A 362 0.73 20.36 -9.26
C SER A 362 -0.48 21.09 -8.65
N PHE A 363 -0.83 22.23 -9.23
CA PHE A 363 -2.04 22.96 -8.85
C PHE A 363 -3.29 22.12 -9.17
N THR A 364 -3.26 21.38 -10.28
CA THR A 364 -4.46 20.69 -10.79
C THR A 364 -4.65 19.33 -10.09
N GLN A 365 -3.69 18.94 -9.24
CA GLN A 365 -3.82 17.75 -8.39
C GLN A 365 -4.18 18.17 -6.94
N ALA A 366 -4.49 19.45 -6.73
CA ALA A 366 -4.90 19.95 -5.43
C ALA A 366 -6.39 19.65 -5.20
N LYS A 367 -6.72 19.37 -3.94
CA LYS A 367 -8.08 19.09 -3.51
C LYS A 367 -8.69 20.37 -2.95
N ASN A 368 -10.03 20.39 -2.92
CA ASN A 368 -10.84 21.43 -2.27
C ASN A 368 -10.62 22.78 -2.96
N ILE A 369 -10.49 22.75 -4.29
CA ILE A 369 -10.60 23.94 -5.12
C ILE A 369 -12.10 24.17 -5.38
N LEU A 370 -12.60 25.32 -4.88
CA LEU A 370 -14.03 25.69 -4.89
C LEU A 370 -14.30 26.64 -6.06
N THR A 371 -15.39 26.44 -6.80
CA THR A 371 -15.56 27.13 -8.09
C THR A 371 -17.00 27.55 -8.38
N GLN A 372 -17.13 28.66 -9.13
CA GLN A 372 -18.32 29.05 -9.86
C GLN A 372 -17.91 29.27 -11.33
N ARG A 373 -18.91 29.43 -12.21
CA ARG A 373 -18.65 29.67 -13.64
C ARG A 373 -18.15 31.11 -13.83
N THR A 374 -17.45 31.35 -14.94
CA THR A 374 -17.25 32.71 -15.44
C THR A 374 -18.45 33.05 -16.33
N ILE A 375 -18.75 34.34 -16.45
CA ILE A 375 -19.91 34.78 -17.20
C ILE A 375 -19.48 35.82 -18.24
N GLY A 376 -20.23 35.90 -19.34
CA GLY A 376 -20.01 36.89 -20.40
C GLY A 376 -21.08 37.98 -20.39
N PRO A 377 -20.83 39.08 -21.13
CA PRO A 377 -19.65 39.24 -21.96
C PRO A 377 -18.35 39.61 -21.20
N VAL A 378 -18.51 40.23 -20.02
CA VAL A 378 -17.40 40.53 -19.10
C VAL A 378 -17.80 40.07 -17.69
N CYS A 379 -16.81 39.88 -16.83
CA CYS A 379 -17.07 39.62 -15.42
C CYS A 379 -15.84 39.93 -14.56
N THR A 380 -16.07 39.91 -13.25
CA THR A 380 -15.07 40.18 -12.27
C THR A 380 -15.43 39.43 -10.98
N GLY A 381 -14.54 38.53 -10.54
CA GLY A 381 -14.62 37.88 -9.23
C GLY A 381 -13.73 38.58 -8.22
N SER A 382 -14.00 38.36 -6.92
CA SER A 382 -13.26 38.98 -5.82
C SER A 382 -13.29 38.09 -4.57
N VAL A 383 -12.33 38.31 -3.67
CA VAL A 383 -12.26 37.64 -2.38
C VAL A 383 -11.66 38.58 -1.32
N SER A 384 -11.90 38.24 -0.06
CA SER A 384 -11.16 38.74 1.09
C SER A 384 -10.66 37.53 1.89
N MET A 385 -9.36 37.54 2.21
CA MET A 385 -8.70 36.39 2.82
C MET A 385 -8.17 36.78 4.20
N ASP A 386 -7.60 35.78 4.89
CA ASP A 386 -6.91 35.94 6.17
C ASP A 386 -5.87 34.83 6.27
N VAL A 387 -4.59 35.22 6.27
CA VAL A 387 -3.46 34.33 5.95
C VAL A 387 -2.75 33.82 7.22
N SER A 388 -3.23 34.25 8.39
CA SER A 388 -2.65 33.87 9.69
C SER A 388 -2.38 32.36 9.75
N GLY A 389 -3.34 31.56 9.24
CA GLY A 389 -3.33 30.10 9.34
C GLY A 389 -2.24 29.43 8.51
N MET A 390 -1.79 30.12 7.45
CA MET A 390 -0.90 29.54 6.44
C MET A 390 0.44 29.11 7.06
N LYS A 391 1.06 28.11 6.43
CA LYS A 391 2.32 27.52 6.86
C LYS A 391 3.35 27.58 5.71
N GLU A 392 4.61 27.27 6.06
CA GLU A 392 5.75 27.26 5.14
C GLU A 392 5.39 26.44 3.89
N GLY A 393 5.24 27.13 2.75
CA GLY A 393 5.09 26.50 1.44
C GLY A 393 3.66 26.43 0.94
N ASP A 394 2.69 26.87 1.76
CA ASP A 394 1.28 26.87 1.37
C ASP A 394 1.03 28.02 0.39
N PHE A 395 -0.04 27.90 -0.39
CA PHE A 395 -0.37 28.84 -1.45
C PHE A 395 -1.89 28.90 -1.62
N ALA A 396 -2.50 30.05 -1.25
CA ALA A 396 -3.94 30.20 -1.18
C ALA A 396 -4.37 31.54 -1.77
N GLY A 397 -5.26 31.51 -2.78
CA GLY A 397 -5.73 32.72 -3.43
C GLY A 397 -6.95 32.47 -4.32
N LEU A 398 -7.04 33.26 -5.38
CA LEU A 398 -8.11 33.21 -6.39
C LEU A 398 -7.48 32.80 -7.73
N SER A 399 -8.21 32.00 -8.52
CA SER A 399 -7.71 31.52 -9.81
C SER A 399 -8.79 31.63 -10.90
N LEU A 400 -8.36 31.97 -12.11
CA LEU A 400 -9.08 31.66 -13.33
C LEU A 400 -8.55 30.30 -13.81
N PHE A 401 -9.42 29.27 -13.76
CA PHE A 401 -8.98 27.89 -13.62
C PHE A 401 -9.34 27.06 -14.86
N GLN A 402 -8.28 26.59 -15.54
CA GLN A 402 -8.33 25.41 -16.40
C GLN A 402 -6.91 24.80 -16.47
N ARG A 403 -6.54 24.19 -17.61
CA ARG A 403 -5.22 23.62 -17.80
C ARG A 403 -4.21 24.76 -17.86
N LYS A 404 -4.53 25.73 -18.74
CA LYS A 404 -3.82 27.00 -18.85
C LYS A 404 -4.48 28.00 -17.91
N TYR A 405 -4.09 27.91 -16.62
CA TYR A 405 -4.73 28.65 -15.52
C TYR A 405 -3.95 29.93 -15.24
N GLY A 406 -4.51 30.75 -14.32
CA GLY A 406 -3.84 31.91 -13.76
C GLY A 406 -4.19 32.08 -12.29
N GLN A 407 -3.17 32.18 -11.44
CA GLN A 407 -3.32 32.29 -9.98
C GLN A 407 -3.03 33.73 -9.53
N VAL A 408 -3.46 34.04 -8.30
CA VAL A 408 -3.03 35.21 -7.55
C VAL A 408 -3.38 34.95 -6.08
N GLY A 409 -2.35 34.94 -5.21
CA GLY A 409 -2.51 34.52 -3.82
C GLY A 409 -1.29 34.80 -2.96
N VAL A 410 -1.43 34.46 -1.67
CA VAL A 410 -0.40 34.65 -0.66
C VAL A 410 0.36 33.32 -0.48
N LYS A 411 1.57 33.27 -1.05
CA LYS A 411 2.50 32.15 -0.84
C LYS A 411 3.42 32.51 0.33
N VAL A 412 3.91 31.48 1.03
CA VAL A 412 4.81 31.66 2.19
C VAL A 412 6.14 30.98 1.89
N LYS A 417 5.72 36.07 4.02
CA LYS A 417 4.51 36.02 3.14
C LYS A 417 4.65 37.02 1.99
N TYR A 418 4.44 36.53 0.76
CA TYR A 418 4.49 37.34 -0.45
C TYR A 418 3.20 37.16 -1.25
N ILE A 419 2.60 38.28 -1.67
CA ILE A 419 1.55 38.29 -2.66
C ILE A 419 2.17 37.95 -4.02
N VAL A 420 1.57 37.01 -4.76
CA VAL A 420 2.18 36.42 -5.95
C VAL A 420 1.09 36.20 -7.02
N MET A 421 1.45 36.42 -8.28
CA MET A 421 0.72 35.92 -9.44
C MET A 421 1.57 34.86 -10.13
N VAL A 422 0.88 33.82 -10.64
CA VAL A 422 1.46 32.83 -11.51
C VAL A 422 0.67 32.83 -12.83
N ASN A 423 1.38 32.56 -13.94
CA ASN A 423 0.76 32.38 -15.26
C ASN A 423 1.13 31.00 -15.79
N GLY A 424 0.14 30.09 -15.83
CA GLY A 424 0.33 28.69 -16.23
C GLY A 424 -0.12 28.41 -17.66
N GLU A 425 -0.12 29.45 -18.52
CA GLU A 425 -0.40 29.30 -19.96
C GLU A 425 0.49 28.20 -20.55
N ASN A 426 1.80 28.37 -20.40
CA ASN A 426 2.82 27.42 -20.86
C ASN A 426 2.90 26.26 -19.85
N GLU A 427 3.68 25.23 -20.20
CA GLU A 427 3.70 23.94 -19.48
C GLU A 427 4.09 24.17 -18.02
N THR A 428 5.27 24.77 -17.81
CA THR A 428 5.74 25.11 -16.47
C THR A 428 5.06 26.39 -16.00
N PRO A 429 4.53 26.43 -14.76
CA PRO A 429 4.01 27.68 -14.19
C PRO A 429 5.12 28.73 -14.01
N ALA A 430 4.72 30.01 -14.09
CA ALA A 430 5.63 31.13 -14.12
C ALA A 430 5.18 32.20 -13.13
N GLU A 431 5.93 32.33 -12.01
CA GLU A 431 5.73 33.43 -11.07
C GLU A 431 6.26 34.70 -11.76
N VAL A 432 5.37 35.68 -11.95
CA VAL A 432 5.62 36.86 -12.77
C VAL A 432 6.14 37.99 -11.88
N GLU A 433 5.31 38.39 -10.92
CA GLU A 433 5.54 39.54 -10.04
C GLU A 433 5.35 39.07 -8.61
N LYS A 434 5.97 39.78 -7.65
CA LYS A 434 5.98 39.38 -6.26
C LYS A 434 6.11 40.60 -5.35
N VAL A 435 5.10 40.83 -4.52
CA VAL A 435 5.08 41.90 -3.53
C VAL A 435 5.10 41.26 -2.14
N PRO A 436 5.88 41.80 -1.17
CA PRO A 436 5.83 41.31 0.21
C PRO A 436 4.51 41.72 0.90
N LEU A 437 4.02 40.87 1.80
CA LEU A 437 2.85 41.18 2.62
C LEU A 437 3.29 41.41 4.07
N ASN A 438 2.81 42.51 4.65
CA ASN A 438 3.07 42.87 6.05
C ASN A 438 1.76 42.98 6.83
N GLN A 439 0.64 42.60 6.20
CA GLN A 439 -0.67 42.39 6.85
C GLN A 439 -1.02 40.90 6.82
N GLN A 440 -2.20 40.56 7.34
CA GLN A 440 -2.70 39.19 7.25
C GLN A 440 -4.04 39.15 6.50
N VAL A 441 -4.85 40.20 6.65
CA VAL A 441 -6.01 40.42 5.76
C VAL A 441 -5.50 40.94 4.42
N VAL A 442 -5.91 40.27 3.34
CA VAL A 442 -5.53 40.60 1.97
C VAL A 442 -6.74 40.36 1.05
N TYR A 443 -6.81 41.13 -0.03
CA TYR A 443 -7.90 41.07 -1.00
C TYR A 443 -7.33 40.66 -2.36
N PHE A 444 -8.19 40.08 -3.20
CA PHE A 444 -7.84 39.70 -4.58
C PHE A 444 -9.04 39.90 -5.51
N LYS A 445 -8.74 40.13 -6.79
CA LYS A 445 -9.72 40.38 -7.84
C LYS A 445 -9.19 39.72 -9.13
N ALA A 446 -10.12 39.19 -9.94
CA ALA A 446 -9.80 38.59 -11.23
C ALA A 446 -10.85 39.03 -12.24
N GLU A 447 -10.41 39.74 -13.28
CA GLU A 447 -11.28 40.27 -14.34
C GLU A 447 -11.21 39.35 -15.56
N CYS A 448 -12.29 39.36 -16.35
CA CYS A 448 -12.42 38.57 -17.57
C CYS A 448 -13.05 39.42 -18.68
N ASP A 449 -12.35 39.51 -19.82
CA ASP A 449 -12.88 40.15 -21.02
C ASP A 449 -13.02 39.07 -22.10
N PHE A 450 -14.27 38.64 -22.31
CA PHE A 450 -14.64 37.71 -23.38
C PHE A 450 -15.14 38.50 -24.60
N ARG A 451 -15.43 39.80 -24.43
CA ARG A 451 -15.94 40.67 -25.50
C ARG A 451 -15.20 40.35 -26.81
N ASN A 452 -15.95 39.82 -27.79
CA ASN A 452 -15.41 39.47 -29.11
C ASN A 452 -14.20 38.54 -28.93
N LYS A 453 -14.30 37.63 -27.96
CA LYS A 453 -13.38 36.52 -27.73
C LYS A 453 -11.93 37.01 -27.56
N VAL A 454 -11.74 38.19 -26.97
CA VAL A 454 -10.39 38.70 -26.68
C VAL A 454 -9.76 37.78 -25.61
N ASP A 455 -10.59 37.32 -24.67
CA ASP A 455 -10.29 36.18 -23.78
C ASP A 455 -9.01 36.46 -22.99
N LYS A 456 -9.07 37.45 -22.11
CA LYS A 456 -7.93 37.90 -21.32
C LYS A 456 -8.36 38.05 -19.85
N GLY A 457 -7.49 37.58 -18.94
CA GLY A 457 -7.72 37.67 -17.49
C GLY A 457 -6.69 38.57 -16.82
N TYR A 458 -7.19 39.65 -16.19
CA TYR A 458 -6.36 40.56 -15.40
C TYR A 458 -6.53 40.23 -13.91
N PHE A 459 -5.40 40.12 -13.20
CA PHE A 459 -5.40 39.88 -11.76
C PHE A 459 -4.93 41.15 -11.02
N TYR A 460 -5.51 41.36 -9.83
CA TYR A 460 -5.14 42.44 -8.92
C TYR A 460 -5.04 41.87 -7.49
N TYR A 461 -4.36 42.62 -6.61
CA TYR A 461 -4.43 42.41 -5.17
C TYR A 461 -4.84 43.73 -4.51
N SER A 462 -5.02 43.69 -3.19
CA SER A 462 -5.41 44.87 -2.41
C SER A 462 -5.28 44.58 -0.90
N LEU A 463 -4.89 45.61 -0.14
CA LEU A 463 -4.70 45.53 1.32
C LEU A 463 -5.87 46.20 2.05
N ASP A 464 -6.89 46.57 1.28
CA ASP A 464 -7.86 47.61 1.62
C ASP A 464 -9.19 47.27 0.93
N GLY A 465 -10.28 47.88 1.39
CA GLY A 465 -11.59 47.74 0.75
C GLY A 465 -11.55 47.99 -0.74
N SER A 466 -10.89 49.09 -1.16
CA SER A 466 -11.16 49.70 -2.48
C SER A 466 -9.92 49.91 -3.35
N ASN A 467 -8.72 50.09 -2.77
CA ASN A 467 -7.53 50.56 -3.53
C ASN A 467 -6.86 49.36 -4.22
N TRP A 468 -7.23 49.12 -5.49
CA TRP A 468 -6.85 47.89 -6.22
C TRP A 468 -5.55 48.09 -6.99
N LYS A 469 -4.51 47.36 -6.56
CA LYS A 469 -3.17 47.37 -7.13
C LYS A 469 -3.03 46.19 -8.11
N ALA A 470 -2.87 46.51 -9.40
CA ALA A 470 -2.65 45.53 -10.47
C ALA A 470 -1.37 44.73 -10.18
N ILE A 471 -1.33 43.46 -10.61
CA ILE A 471 -0.17 42.60 -10.39
C ILE A 471 -0.08 41.52 -11.48
N GLY A 472 1.13 41.37 -12.01
CA GLY A 472 1.50 40.33 -12.96
C GLY A 472 1.05 40.67 -14.38
N ASN A 473 1.20 39.69 -15.28
CA ASN A 473 0.83 39.83 -16.70
C ASN A 473 -0.66 39.52 -16.87
N VAL A 474 -1.12 39.58 -18.12
CA VAL A 474 -2.45 39.14 -18.54
C VAL A 474 -2.41 37.63 -18.79
N LEU A 475 -3.50 36.95 -18.45
CA LEU A 475 -3.69 35.53 -18.74
C LEU A 475 -4.45 35.39 -20.07
N LYS A 476 -3.72 35.06 -21.14
CA LYS A 476 -4.35 34.75 -22.44
C LYS A 476 -5.07 33.40 -22.35
N MET A 477 -6.32 33.44 -21.90
CA MET A 477 -7.15 32.26 -21.72
C MET A 477 -7.29 31.54 -23.07
N GLN A 478 -7.11 30.20 -23.06
CA GLN A 478 -7.42 29.36 -24.21
C GLN A 478 -8.32 28.19 -23.75
N TYR A 479 -9.33 27.89 -24.57
CA TYR A 479 -10.27 26.81 -24.32
C TYR A 479 -9.65 25.49 -24.80
N THR A 480 -8.90 24.84 -23.90
CA THR A 480 -8.14 23.62 -24.19
C THR A 480 -8.98 22.40 -23.79
N MET A 481 -8.59 21.23 -24.30
CA MET A 481 -9.27 19.94 -24.01
C MET A 481 -8.19 18.89 -23.72
N PRO A 482 -8.00 18.52 -22.44
CA PRO A 482 -8.77 18.96 -21.28
C PRO A 482 -8.51 20.43 -20.96
N HIS A 483 -9.28 21.03 -20.03
CA HIS A 483 -10.26 20.36 -19.19
C HIS A 483 -11.64 20.25 -19.87
N PHE A 484 -11.77 20.74 -21.11
CA PHE A 484 -13.01 20.61 -21.91
C PHE A 484 -14.17 21.36 -21.22
N MET A 485 -13.82 22.39 -20.46
CA MET A 485 -14.74 23.13 -19.62
C MET A 485 -14.40 24.63 -19.71
N GLY A 486 -15.38 25.47 -19.37
CA GLY A 486 -15.17 26.91 -19.27
C GLY A 486 -14.21 27.23 -18.14
N TYR A 487 -13.62 28.43 -18.21
CA TYR A 487 -12.80 28.94 -17.14
C TYR A 487 -13.70 29.24 -15.95
N ARG A 488 -13.31 28.74 -14.77
CA ARG A 488 -14.04 28.96 -13.55
C ARG A 488 -13.18 29.82 -12.60
N PHE A 489 -13.87 30.68 -11.83
CA PHE A 489 -13.30 31.26 -10.62
C PHE A 489 -13.05 30.12 -9.64
N ALA A 490 -11.98 30.24 -8.83
CA ALA A 490 -11.51 29.15 -8.00
C ALA A 490 -10.88 29.71 -6.71
N LEU A 491 -11.47 29.36 -5.56
CA LEU A 491 -10.85 29.55 -4.26
C LEU A 491 -9.95 28.33 -4.01
N PHE A 492 -8.68 28.56 -3.65
CA PHE A 492 -7.74 27.45 -3.41
C PHE A 492 -6.86 27.75 -2.19
N ASN A 493 -6.17 26.70 -1.72
CA ASN A 493 -5.25 26.73 -0.59
C ASN A 493 -4.62 25.35 -0.44
N TYR A 494 -3.36 25.20 -0.86
CA TYR A 494 -2.69 23.90 -0.82
C TYR A 494 -1.24 24.05 -0.39
N ALA A 495 -0.66 22.94 0.07
CA ALA A 495 0.69 22.89 0.62
C ALA A 495 1.66 22.23 -0.36
N THR A 496 2.92 22.69 -0.34
CA THR A 496 4.03 22.07 -1.05
C THR A 496 4.99 21.38 -0.07
N LYS A 497 5.05 21.87 1.18
CA LYS A 497 6.06 21.41 2.16
C LYS A 497 5.40 20.89 3.46
N GLU A 498 4.32 21.53 3.92
CA GLU A 498 3.84 21.36 5.30
C GLU A 498 2.31 21.41 5.34
N VAL A 499 1.69 20.33 5.86
CA VAL A 499 0.23 20.18 5.91
C VAL A 499 -0.28 20.68 7.26
N GLY A 500 -1.56 21.08 7.29
CA GLY A 500 -2.27 21.50 8.50
C GLY A 500 -2.69 22.96 8.47
N GLY A 501 -1.91 23.80 7.77
CA GLY A 501 -2.20 25.22 7.61
C GLY A 501 -3.53 25.46 6.92
N TYR A 502 -4.13 26.62 7.19
CA TYR A 502 -5.45 26.99 6.68
C TYR A 502 -5.42 28.44 6.15
N ALA A 503 -6.52 28.82 5.50
CA ALA A 503 -6.74 30.14 4.93
C ALA A 503 -8.23 30.48 4.98
N ASP A 504 -8.59 31.52 5.73
CA ASP A 504 -9.99 31.91 5.85
C ASP A 504 -10.36 32.75 4.63
N PHE A 505 -11.63 32.65 4.19
CA PHE A 505 -12.22 33.53 3.18
C PHE A 505 -13.49 34.16 3.77
N ASP A 506 -13.51 35.50 3.85
CA ASP A 506 -14.67 36.21 4.42
C ASP A 506 -15.85 36.13 3.45
N TYR A 507 -15.56 36.31 2.15
CA TYR A 507 -16.58 36.37 1.11
C TYR A 507 -15.97 36.03 -0.26
N PHE A 508 -16.87 35.66 -1.18
CA PHE A 508 -16.61 35.73 -2.62
C PHE A 508 -17.65 36.66 -3.23
N LYS A 509 -17.22 37.50 -4.16
CA LYS A 509 -18.07 38.50 -4.78
C LYS A 509 -17.87 38.41 -6.29
N ILE A 510 -18.98 38.43 -7.04
CA ILE A 510 -18.95 38.37 -8.50
C ILE A 510 -19.95 39.39 -9.07
N GLU A 511 -19.53 40.05 -10.14
CA GLU A 511 -20.29 41.11 -10.79
C GLU A 511 -20.06 41.04 -12.31
N ASP A 512 -21.09 41.45 -13.06
CA ASP A 512 -21.08 41.39 -14.53
C ASP A 512 -20.54 42.72 -15.10
N LYS A 513 -20.07 43.59 -14.19
CA LYS A 513 -19.35 44.80 -14.54
C LYS A 513 -17.88 44.45 -14.78
N ILE A 514 -17.14 45.42 -15.31
CA ILE A 514 -15.68 45.39 -15.47
C ILE A 514 -15.15 46.82 -15.32
N SER A 515 -13.91 46.95 -14.81
CA SER A 515 -13.29 48.27 -14.59
C SER A 515 -12.93 48.91 -15.94
N ASP A 516 -12.29 48.13 -16.82
CA ASP A 516 -11.72 48.64 -18.05
C ASP A 516 -10.74 49.77 -17.68
N CYS A 517 -9.80 49.42 -16.79
CA CYS A 517 -8.64 50.24 -16.43
C CYS A 517 -7.36 49.50 -16.82
N ARG A 518 -7.50 48.44 -17.63
CA ARG A 518 -6.39 47.57 -18.05
C ARG A 518 -6.76 46.92 -19.38
N TRP A 519 -5.97 47.21 -20.41
CA TRP A 519 -5.94 46.44 -21.64
C TRP A 519 -4.48 46.05 -21.91
N GLU A 520 -4.19 44.74 -21.93
CA GLU A 520 -2.84 44.28 -22.23
C GLU A 520 -2.83 43.61 -23.60
N ASP A 521 -1.62 43.41 -24.14
CA ASP A 521 -1.38 42.79 -25.44
C ASP A 521 -2.33 43.36 -26.50
N ILE A 522 -2.36 44.69 -26.62
CA ILE A 522 -3.05 45.40 -27.69
C ILE A 522 -2.04 45.61 -28.82
N CYS A 523 -2.47 45.35 -30.07
CA CYS A 523 -1.64 45.55 -31.26
C CYS A 523 -1.77 47.00 -31.74
N TYR A 524 -0.64 47.71 -31.81
CA TYR A 524 -0.65 49.13 -32.23
C TYR A 524 -0.36 49.26 -33.73
N ALA A 525 0.22 48.21 -34.32
CA ALA A 525 0.21 47.97 -35.76
C ALA A 525 -0.87 46.92 -36.06
N ASP A 526 -1.09 46.61 -37.34
CA ASP A 526 -2.08 45.61 -37.76
C ASP A 526 -1.36 44.28 -38.03
N ASP A 527 -0.77 43.71 -36.98
CA ASP A 527 -0.02 42.46 -37.06
C ASP A 527 -0.12 41.73 -35.72
N LYS A 528 0.36 40.47 -35.70
CA LYS A 528 0.33 39.61 -34.52
C LYS A 528 1.67 39.68 -33.78
N LEU A 529 2.72 40.16 -34.48
CA LEU A 529 4.07 40.26 -33.93
C LEU A 529 4.03 40.87 -32.52
N GLU A 530 4.78 40.27 -31.60
CA GLU A 530 4.81 40.66 -30.19
C GLU A 530 5.62 41.95 -30.04
N GLY A 531 6.53 42.17 -30.99
CA GLY A 531 7.28 43.41 -31.11
C GLY A 531 6.36 44.63 -31.21
N HIS A 532 5.13 44.43 -31.71
CA HIS A 532 4.20 45.53 -31.91
C HIS A 532 3.00 45.43 -30.96
N LYS A 533 3.28 45.20 -29.67
CA LYS A 533 2.26 45.05 -28.64
C LYS A 533 2.48 46.07 -27.51
N LEU A 534 1.38 46.64 -26.99
CA LEU A 534 1.45 47.58 -25.85
C LEU A 534 0.34 47.26 -24.83
N ASP A 535 0.55 47.71 -23.59
CA ASP A 535 -0.39 47.54 -22.48
C ASP A 535 -0.83 48.91 -21.98
N ILE A 536 -2.16 49.14 -21.94
CA ILE A 536 -2.73 50.41 -21.46
C ILE A 536 -3.17 50.22 -20.00
N TYR A 537 -3.01 51.28 -19.20
CA TYR A 537 -3.40 51.34 -17.79
C TYR A 537 -3.94 52.74 -17.46
N LEU A 538 -5.15 52.81 -16.90
CA LEU A 538 -5.71 54.08 -16.42
C LEU A 538 -5.73 54.11 -14.90
N PRO A 539 -5.68 55.31 -14.26
CA PRO A 539 -5.98 55.43 -12.84
C PRO A 539 -7.46 55.07 -12.61
N ASP A 540 -7.75 54.44 -11.47
CA ASP A 540 -9.09 53.94 -11.17
C ASP A 540 -9.98 55.09 -10.65
N MET A 541 -9.40 56.25 -10.38
CA MET A 541 -10.15 57.48 -10.05
C MET A 541 -10.91 57.94 -11.31
N ASP A 542 -12.26 57.79 -11.29
CA ASP A 542 -13.15 57.98 -12.46
C ASP A 542 -13.09 59.43 -12.95
N GLU A 543 -12.49 59.63 -14.15
CA GLU A 543 -12.32 60.95 -14.78
C GLU A 543 -12.40 60.78 -16.30
N PRO A 544 -13.02 61.73 -17.04
CA PRO A 544 -13.36 61.51 -18.45
C PRO A 544 -12.15 61.18 -19.33
N SER A 545 -11.00 61.79 -19.03
CA SER A 545 -9.78 61.61 -19.81
C SER A 545 -8.55 61.68 -18.91
N TYR A 546 -7.48 61.00 -19.34
CA TYR A 546 -6.20 60.96 -18.62
C TYR A 546 -5.06 61.34 -19.57
N LYS A 547 -4.08 62.08 -19.04
CA LYS A 547 -2.90 62.44 -19.80
C LYS A 547 -1.97 61.22 -19.79
N VAL A 548 -1.21 61.05 -20.88
CA VAL A 548 -0.54 59.79 -21.16
C VAL A 548 0.95 59.90 -20.80
N VAL A 549 1.53 58.79 -20.34
CA VAL A 549 2.99 58.62 -20.26
C VAL A 549 3.33 57.19 -20.68
N VAL A 550 4.28 57.08 -21.64
CA VAL A 550 4.72 55.83 -22.27
C VAL A 550 5.95 55.30 -21.51
N LEU A 551 6.10 53.97 -21.48
CA LEU A 551 7.25 53.31 -20.88
C LEU A 551 7.91 52.39 -21.91
N ILE A 552 9.21 52.62 -22.16
CA ILE A 552 10.04 51.68 -22.92
C ILE A 552 11.03 51.03 -21.97
N TYR A 553 11.37 49.77 -22.27
CA TYR A 553 12.17 48.90 -21.40
C TYR A 553 13.62 48.85 -21.90
N GLY A 554 14.53 48.71 -20.94
CA GLY A 554 15.93 48.41 -21.20
C GLY A 554 16.12 46.97 -21.59
N SER A 555 16.76 46.75 -22.75
CA SER A 555 17.01 45.41 -23.26
C SER A 555 18.35 45.32 -24.01
N ALA A 556 19.07 46.45 -24.15
CA ALA A 556 20.16 46.58 -25.11
C ALA A 556 19.64 46.30 -26.52
N TRP A 557 18.37 46.65 -26.75
CA TRP A 557 17.69 46.47 -28.04
C TRP A 557 17.59 44.98 -28.44
N PHE A 558 17.47 44.08 -27.44
CA PHE A 558 17.48 42.64 -27.71
C PHE A 558 16.11 42.00 -27.41
N ALA A 559 15.22 42.73 -26.73
CA ALA A 559 13.95 42.18 -26.24
C ALA A 559 12.78 42.79 -27.03
N ASN A 560 11.72 42.00 -27.21
CA ASN A 560 10.50 42.46 -27.89
C ASN A 560 9.27 42.18 -27.00
N ASN A 561 9.50 41.95 -25.71
CA ASN A 561 8.54 41.25 -24.87
C ASN A 561 8.64 41.66 -23.39
N MET A 562 9.22 42.82 -23.08
CA MET A 562 9.57 43.16 -21.68
C MET A 562 8.87 44.45 -21.24
N LYS A 563 7.70 44.73 -21.81
CA LYS A 563 6.89 45.88 -21.43
C LYS A 563 6.33 45.71 -20.02
N GLN A 564 6.13 44.45 -19.59
CA GLN A 564 5.64 44.11 -18.25
C GLN A 564 6.66 44.54 -17.19
N ALA A 565 7.96 44.41 -17.50
CA ALA A 565 9.06 44.77 -16.58
C ALA A 565 9.12 46.29 -16.35
N ALA A 566 8.84 47.06 -17.42
CA ALA A 566 8.82 48.51 -17.38
C ALA A 566 7.71 49.02 -16.45
N PHE A 567 6.58 48.31 -16.44
CA PHE A 567 5.41 48.69 -15.64
C PHE A 567 5.73 48.57 -14.14
N GLN A 568 6.39 47.47 -13.76
CA GLN A 568 6.67 47.18 -12.35
C GLN A 568 7.60 48.26 -11.76
N VAL A 569 8.40 48.90 -12.62
CA VAL A 569 9.38 49.92 -12.22
C VAL A 569 8.70 51.28 -12.05
N PHE A 570 7.92 51.71 -13.06
CA PHE A 570 7.32 53.05 -13.11
C PHE A 570 5.83 53.01 -12.74
N GLY A 571 5.09 52.11 -13.42
CA GLY A 571 3.62 52.02 -13.44
C GLY A 571 2.91 52.64 -12.25
N LYS A 572 3.05 52.01 -11.08
CA LYS A 572 2.27 52.35 -9.88
C LYS A 572 2.39 53.84 -9.56
N SER A 573 3.62 54.38 -9.61
CA SER A 573 3.92 55.75 -9.16
C SER A 573 3.29 56.79 -10.08
N LEU A 574 3.34 56.54 -11.40
CA LEU A 574 2.69 57.41 -12.39
C LEU A 574 1.17 57.37 -12.20
N LEU A 575 0.62 56.18 -11.93
CA LEU A 575 -0.83 55.93 -11.83
C LEU A 575 -1.43 56.69 -10.64
N ASP A 576 -0.66 56.82 -9.55
CA ASP A 576 -1.14 57.50 -8.33
C ASP A 576 -1.25 59.02 -8.56
N LYS A 577 -0.43 59.56 -9.46
CA LYS A 577 -0.40 60.99 -9.76
C LYS A 577 -1.59 61.39 -10.65
N GLY A 578 -2.11 60.42 -11.41
CA GLY A 578 -3.29 60.60 -12.28
C GLY A 578 -2.99 60.44 -13.76
N PHE A 579 -1.90 59.72 -14.09
CA PHE A 579 -1.45 59.54 -15.47
C PHE A 579 -1.91 58.18 -16.00
N ALA A 580 -2.45 58.18 -17.23
CA ALA A 580 -2.60 56.95 -17.99
C ALA A 580 -1.21 56.47 -18.39
N VAL A 581 -0.97 55.17 -18.26
CA VAL A 581 0.33 54.58 -18.51
C VAL A 581 0.21 53.64 -19.71
N VAL A 582 1.24 53.64 -20.57
CA VAL A 582 1.28 52.83 -21.79
C VAL A 582 2.69 52.26 -21.97
N SER A 583 2.99 51.13 -21.34
CA SER A 583 4.23 50.42 -21.64
C SER A 583 4.09 49.74 -23.00
N ILE A 584 5.13 49.88 -23.83
CA ILE A 584 5.11 49.40 -25.22
C ILE A 584 6.24 48.40 -25.43
N ASN A 585 6.11 47.59 -26.48
CA ASN A 585 7.18 46.74 -27.00
C ASN A 585 7.76 47.38 -28.26
N HIS A 586 8.97 46.93 -28.62
CA HIS A 586 9.59 47.26 -29.90
C HIS A 586 10.27 46.00 -30.44
N ARG A 587 10.42 45.92 -31.77
CA ARG A 587 11.08 44.78 -32.41
C ARG A 587 12.54 44.72 -31.96
N SER A 588 13.01 43.51 -31.64
CA SER A 588 14.38 43.28 -31.21
C SER A 588 15.35 43.51 -32.37
N SER A 589 16.63 43.66 -32.05
CA SER A 589 17.69 43.83 -33.03
C SER A 589 17.88 42.53 -33.82
N GLY A 590 17.39 41.41 -33.28
CA GLY A 590 17.32 40.13 -33.99
C GLY A 590 16.23 40.12 -35.05
N ASP A 591 15.07 40.70 -34.71
CA ASP A 591 13.90 40.77 -35.59
C ASP A 591 14.20 41.66 -36.80
N ALA A 592 14.47 42.95 -36.53
CA ALA A 592 14.81 43.94 -37.55
C ALA A 592 16.03 44.75 -37.08
N LYS A 593 16.49 45.69 -37.91
CA LYS A 593 17.60 46.58 -37.58
C LYS A 593 17.12 48.04 -37.61
N PHE A 594 17.89 48.93 -36.97
CA PHE A 594 17.60 50.36 -36.92
C PHE A 594 17.45 50.89 -38.35
N PRO A 595 16.43 51.71 -38.59
CA PRO A 595 15.57 52.35 -37.60
C PRO A 595 14.22 51.69 -37.26
N ALA A 596 14.17 50.35 -37.25
CA ALA A 596 12.94 49.61 -36.86
C ALA A 596 12.46 50.03 -35.46
N GLN A 597 13.42 50.19 -34.53
CA GLN A 597 13.13 50.37 -33.10
C GLN A 597 12.46 51.72 -32.85
N ILE A 598 12.88 52.77 -33.56
CA ILE A 598 12.33 54.12 -33.40
C ILE A 598 11.02 54.22 -34.21
N ASN A 599 11.00 53.55 -35.36
CA ASN A 599 9.80 53.37 -36.22
C ASN A 599 8.63 52.80 -35.41
N ASP A 600 8.94 51.89 -34.47
CA ASP A 600 7.94 51.25 -33.65
C ASP A 600 7.41 52.25 -32.61
N VAL A 601 8.33 52.95 -31.94
CA VAL A 601 7.97 53.89 -30.88
C VAL A 601 6.99 54.92 -31.44
N LYS A 602 7.34 55.51 -32.58
CA LYS A 602 6.54 56.54 -33.22
C LYS A 602 5.17 55.97 -33.63
N ALA A 603 5.12 54.68 -33.98
CA ALA A 603 3.87 53.98 -34.37
C ALA A 603 2.96 53.75 -33.16
N ALA A 604 3.55 53.38 -32.01
CA ALA A 604 2.81 53.20 -30.78
C ALA A 604 2.14 54.52 -30.37
N ILE A 605 2.85 55.64 -30.54
CA ILE A 605 2.35 56.97 -30.18
C ILE A 605 1.22 57.37 -31.14
N ARG A 606 1.44 57.14 -32.44
CA ARG A 606 0.43 57.39 -33.46
C ARG A 606 -0.86 56.65 -33.10
N PHE A 607 -0.72 55.40 -32.63
CA PHE A 607 -1.86 54.57 -32.26
C PHE A 607 -2.64 55.22 -31.10
N ILE A 608 -1.91 55.73 -30.12
CA ILE A 608 -2.47 56.28 -28.88
C ILE A 608 -3.42 57.44 -29.19
N ARG A 609 -3.01 58.30 -30.12
CA ARG A 609 -3.78 59.49 -30.46
C ARG A 609 -5.03 59.06 -31.23
N ALA A 610 -4.84 58.13 -32.17
CA ALA A 610 -5.88 57.69 -33.08
C ALA A 610 -6.99 56.94 -32.33
N ASN A 611 -6.62 56.27 -31.24
CA ASN A 611 -7.56 55.48 -30.44
C ASN A 611 -7.77 56.13 -29.07
N ALA A 612 -7.52 57.44 -28.98
CA ALA A 612 -7.51 58.17 -27.70
C ALA A 612 -8.89 58.14 -27.04
N ALA A 613 -9.93 58.54 -27.81
CA ALA A 613 -11.32 58.63 -27.35
C ALA A 613 -11.76 57.31 -26.67
N LYS A 614 -11.32 56.19 -27.24
CA LYS A 614 -11.71 54.84 -26.79
C LYS A 614 -11.23 54.57 -25.37
N TYR A 615 -9.93 54.79 -25.11
CA TYR A 615 -9.26 54.43 -23.83
C TYR A 615 -9.18 55.65 -22.88
N LYS A 616 -9.98 56.69 -23.13
CA LYS A 616 -10.10 57.87 -22.27
C LYS A 616 -8.73 58.56 -22.11
N LEU A 617 -8.00 58.70 -23.23
CA LEU A 617 -6.63 59.26 -23.23
C LEU A 617 -6.66 60.69 -23.78
N ASP A 618 -6.32 61.65 -22.90
CA ASP A 618 -6.10 63.05 -23.24
C ASP A 618 -4.69 63.16 -23.84
N THR A 619 -4.61 63.17 -25.17
CA THR A 619 -3.34 63.23 -25.88
C THR A 619 -2.96 64.69 -26.20
N SER A 620 -3.38 65.62 -25.33
CA SER A 620 -2.82 66.96 -25.30
C SER A 620 -1.43 66.88 -24.63
N PHE A 621 -1.23 65.82 -23.83
CA PHE A 621 0.03 65.50 -23.21
C PHE A 621 0.33 64.00 -23.36
N ILE A 622 1.47 63.69 -23.98
CA ILE A 622 2.06 62.33 -24.00
C ILE A 622 3.54 62.43 -23.55
N GLY A 623 3.80 62.05 -22.29
CA GLY A 623 5.17 61.87 -21.79
C GLY A 623 5.76 60.57 -22.29
N ILE A 624 7.06 60.35 -22.05
CA ILE A 624 7.73 59.10 -22.44
C ILE A 624 9.02 58.97 -21.63
N THR A 625 9.36 57.72 -21.28
CA THR A 625 10.51 57.43 -20.44
C THR A 625 10.96 55.98 -20.65
N GLY A 626 12.12 55.64 -20.11
CA GLY A 626 12.67 54.29 -20.20
C GLY A 626 14.07 54.20 -19.64
N PHE A 627 14.53 52.98 -19.33
CA PHE A 627 15.86 52.75 -18.77
C PHE A 627 16.76 52.15 -19.85
N SER A 628 18.03 52.57 -19.88
CA SER A 628 19.01 52.14 -20.88
C SER A 628 18.42 52.36 -22.28
N SER A 629 18.34 51.29 -23.10
CA SER A 629 17.91 51.38 -24.50
C SER A 629 16.52 52.02 -24.62
N GLY A 630 15.71 51.84 -23.56
CA GLY A 630 14.39 52.48 -23.46
C GLY A 630 14.48 53.98 -23.25
N GLY A 631 15.54 54.41 -22.56
CA GLY A 631 15.92 55.82 -22.44
C GLY A 631 16.44 56.39 -23.74
N HIS A 632 17.31 55.63 -24.42
CA HIS A 632 17.82 55.97 -25.75
C HIS A 632 16.67 56.25 -26.72
N LEU A 633 15.70 55.32 -26.79
CA LEU A 633 14.60 55.39 -27.77
C LEU A 633 13.62 56.50 -27.39
N ALA A 634 13.39 56.67 -26.08
CA ALA A 634 12.57 57.77 -25.57
C ALA A 634 13.22 59.12 -25.90
N SER A 635 14.54 59.20 -25.74
CA SER A 635 15.30 60.42 -26.02
C SER A 635 15.24 60.76 -27.51
N LEU A 636 15.57 59.76 -28.36
CA LEU A 636 15.60 59.90 -29.82
C LEU A 636 14.22 60.30 -30.33
N ALA A 637 13.16 59.79 -29.67
CA ALA A 637 11.78 60.19 -29.91
C ALA A 637 11.59 61.67 -29.56
N GLY A 638 12.17 62.09 -28.42
CA GLY A 638 12.12 63.48 -27.92
C GLY A 638 12.69 64.50 -28.91
N THR A 639 13.84 64.19 -29.51
CA THR A 639 14.54 65.18 -30.32
C THR A 639 14.04 65.16 -31.78
N THR A 640 13.24 64.15 -32.16
CA THR A 640 12.86 63.97 -33.57
C THR A 640 11.36 64.29 -33.82
N ASN A 641 10.72 64.96 -32.86
CA ASN A 641 9.42 65.58 -33.06
C ASN A 641 9.38 66.29 -34.43
N GLY A 642 8.62 65.73 -35.36
CA GLY A 642 8.35 66.37 -36.63
C GLY A 642 9.35 66.01 -37.70
N VAL A 643 10.25 65.07 -37.40
CA VAL A 643 11.30 64.65 -38.33
C VAL A 643 10.85 63.38 -39.06
N LYS A 644 10.74 63.45 -40.39
CA LYS A 644 10.36 62.30 -41.19
C LYS A 644 11.61 61.48 -41.50
N SER A 645 12.67 62.12 -42.01
CA SER A 645 13.93 61.42 -42.32
C SER A 645 15.13 62.30 -41.98
N TYR A 646 16.33 61.74 -42.17
CA TYR A 646 17.59 62.46 -42.01
C TYR A 646 18.72 61.68 -42.71
N THR A 647 19.77 62.42 -43.10
CA THR A 647 20.89 61.90 -43.87
C THR A 647 22.20 62.47 -43.32
N ILE A 648 23.06 61.61 -42.79
CA ILE A 648 24.45 61.95 -42.49
C ILE A 648 25.34 61.11 -43.41
N GLY A 649 26.36 61.76 -43.98
CA GLY A 649 27.25 61.15 -44.94
C GLY A 649 26.47 60.48 -46.06
N ALA A 650 26.69 59.18 -46.23
CA ALA A 650 26.12 58.41 -47.34
C ALA A 650 24.76 57.80 -46.97
N LYS A 651 24.45 57.78 -45.67
CA LYS A 651 23.40 56.95 -45.12
C LYS A 651 22.18 57.79 -44.74
N THR A 652 21.03 57.48 -45.35
CA THR A 652 19.71 58.02 -45.00
C THR A 652 18.97 57.01 -44.12
N VAL A 653 18.02 57.49 -43.30
CA VAL A 653 17.29 56.66 -42.35
C VAL A 653 15.90 57.26 -42.11
N ASP A 654 14.86 56.54 -42.55
CA ASP A 654 13.46 56.89 -42.31
C ASP A 654 13.18 56.78 -40.80
N LEU A 655 12.87 57.91 -40.16
CA LEU A 655 12.78 57.98 -38.70
C LEU A 655 11.35 57.77 -38.20
N GLU A 656 10.34 57.99 -39.04
CA GLU A 656 8.95 57.83 -38.58
C GLU A 656 8.43 56.43 -38.95
N GLY A 657 8.48 56.09 -40.24
CA GLY A 657 8.17 54.74 -40.74
C GLY A 657 6.73 54.61 -41.21
N ASN A 658 6.33 53.36 -41.50
CA ASN A 658 4.99 53.03 -41.99
C ASN A 658 4.48 51.77 -41.30
N VAL A 659 4.65 51.72 -39.97
CA VAL A 659 4.44 50.49 -39.22
C VAL A 659 2.92 50.22 -39.15
N GLY A 660 2.16 51.14 -38.55
CA GLY A 660 0.73 50.93 -38.28
C GLY A 660 -0.15 51.31 -39.46
N LEU A 661 -1.39 51.73 -39.15
CA LEU A 661 -2.35 52.17 -40.16
C LEU A 661 -2.85 53.58 -39.82
N TYR A 662 -2.10 54.32 -38.99
CA TYR A 662 -2.49 55.66 -38.58
C TYR A 662 -1.35 56.64 -38.86
N PRO A 663 -0.91 56.78 -40.13
CA PRO A 663 0.18 57.71 -40.48
C PRO A 663 -0.24 59.18 -40.46
N SER A 664 -1.55 59.41 -40.59
CA SER A 664 -2.23 60.71 -40.50
C SER A 664 -1.86 61.45 -39.20
N PHE A 665 -1.74 60.71 -38.10
CA PHE A 665 -1.72 61.26 -36.74
C PHE A 665 -0.28 61.58 -36.32
N SER A 666 -0.17 62.41 -35.28
CA SER A 666 1.11 62.93 -34.80
C SER A 666 1.81 61.87 -33.92
N SER A 667 3.12 61.75 -34.10
CA SER A 667 3.99 60.87 -33.32
C SER A 667 4.79 61.68 -32.28
N ARG A 668 4.29 62.86 -31.91
CA ARG A 668 5.02 63.77 -31.03
C ARG A 668 4.95 63.27 -29.58
N VAL A 669 5.92 63.73 -28.77
CA VAL A 669 5.91 63.60 -27.33
C VAL A 669 6.21 64.97 -26.72
N ASP A 670 5.75 65.19 -25.49
CA ASP A 670 5.76 66.52 -24.88
C ASP A 670 6.77 66.63 -23.72
N ALA A 671 7.32 65.48 -23.29
CA ALA A 671 8.20 65.44 -22.13
C ALA A 671 8.95 64.10 -22.11
N VAL A 672 10.26 64.16 -21.81
CA VAL A 672 11.12 62.96 -21.78
C VAL A 672 11.83 62.90 -20.44
N VAL A 673 11.94 61.68 -19.90
CA VAL A 673 12.86 61.37 -18.80
C VAL A 673 13.69 60.16 -19.25
N ASN A 674 15.01 60.32 -19.22
CA ASN A 674 15.94 59.34 -19.75
C ASN A 674 16.75 58.76 -18.57
N TRP A 675 16.51 57.49 -18.26
CA TRP A 675 17.20 56.80 -17.19
C TRP A 675 18.43 56.09 -17.75
N PHE A 676 19.59 56.75 -17.58
CA PHE A 676 20.92 56.21 -17.89
C PHE A 676 20.91 55.50 -19.24
N GLY A 677 20.39 56.18 -20.27
CA GLY A 677 20.36 55.67 -21.62
C GLY A 677 21.69 55.87 -22.34
N PRO A 678 22.04 54.97 -23.30
CA PRO A 678 23.14 55.22 -24.22
C PRO A 678 22.71 56.25 -25.26
N ILE A 679 23.64 57.04 -25.78
CA ILE A 679 23.31 58.15 -26.68
C ILE A 679 24.26 58.14 -27.89
N ASP A 680 25.56 58.28 -27.63
CA ASP A 680 26.56 58.42 -28.69
C ASP A 680 27.46 57.18 -28.68
N MET A 681 27.22 56.27 -29.63
CA MET A 681 27.94 54.99 -29.65
C MET A 681 29.32 55.19 -30.29
N THR A 682 29.57 56.39 -30.83
CA THR A 682 30.90 56.75 -31.35
C THR A 682 31.87 56.98 -30.18
N ARG A 683 31.32 57.18 -28.97
CA ARG A 683 32.10 57.38 -27.76
C ARG A 683 31.53 56.53 -26.62
N MET A 684 31.11 55.30 -26.96
CA MET A 684 30.51 54.38 -25.99
C MET A 684 31.60 53.64 -25.21
N GLU A 685 32.77 53.46 -25.84
CA GLU A 685 33.90 52.73 -25.27
C GLU A 685 34.89 53.73 -24.66
N ASN A 686 35.10 53.64 -23.34
CA ASN A 686 36.09 54.47 -22.63
C ASN A 686 35.82 55.95 -22.90
N CYS A 687 34.54 56.30 -23.03
CA CYS A 687 34.03 57.62 -23.44
C CYS A 687 34.83 58.18 -24.63
N ASN A 688 35.25 57.31 -25.57
CA ASN A 688 36.19 57.68 -26.65
C ASN A 688 35.76 57.10 -28.01
N THR A 689 35.75 55.76 -28.12
CA THR A 689 35.67 55.07 -29.41
C THR A 689 34.45 54.15 -29.44
N THR A 690 34.36 53.37 -30.52
CA THR A 690 33.36 52.37 -30.76
C THR A 690 33.73 51.08 -30.04
N LYS A 691 32.83 50.08 -30.13
CA LYS A 691 33.07 48.74 -29.61
C LYS A 691 33.03 47.73 -30.77
N GLY A 692 33.22 46.44 -30.44
CA GLY A 692 33.38 45.36 -31.40
C GLY A 692 32.09 45.08 -32.16
N ALA A 693 32.11 44.05 -33.01
CA ALA A 693 30.95 43.64 -33.78
C ALA A 693 30.00 42.81 -32.91
N ASN A 694 30.36 42.63 -31.63
CA ASN A 694 29.59 41.79 -30.70
C ASN A 694 28.73 42.65 -29.78
N SER A 695 29.06 43.94 -29.64
CA SER A 695 28.35 44.84 -28.71
C SER A 695 26.92 45.06 -29.18
N PRO A 696 25.97 45.37 -28.25
CA PRO A 696 24.56 45.52 -28.61
C PRO A 696 24.24 46.53 -29.73
N GLU A 697 25.07 47.57 -29.87
CA GLU A 697 24.87 48.60 -30.90
C GLU A 697 25.23 48.05 -32.28
N ALA A 698 26.23 47.18 -32.35
CA ALA A 698 26.64 46.50 -33.60
C ALA A 698 25.49 45.61 -34.11
N ALA A 699 24.79 44.95 -33.19
CA ALA A 699 23.64 44.11 -33.51
C ALA A 699 22.46 45.00 -33.95
N LEU A 700 22.35 46.19 -33.36
CA LEU A 700 21.19 47.08 -33.58
C LEU A 700 21.21 47.66 -34.99
N ILE A 701 22.41 47.96 -35.51
CA ILE A 701 22.55 48.56 -36.83
C ILE A 701 22.78 47.47 -37.88
N GLY A 702 23.09 46.26 -37.41
CA GLY A 702 23.46 45.17 -38.30
C GLY A 702 24.69 45.54 -39.11
N GLY A 703 25.78 45.80 -38.40
CA GLY A 703 27.02 46.28 -38.99
C GLY A 703 28.06 46.59 -37.91
N VAL A 704 29.31 46.79 -38.35
CA VAL A 704 30.46 46.88 -37.46
C VAL A 704 30.71 48.36 -37.14
N PRO A 705 30.43 48.82 -35.89
CA PRO A 705 30.38 50.24 -35.55
C PRO A 705 31.46 51.16 -36.14
N ALA A 706 32.73 50.78 -35.99
CA ALA A 706 33.88 51.58 -36.42
C ALA A 706 33.70 52.07 -37.88
N ASP A 707 33.16 51.18 -38.74
CA ASP A 707 33.04 51.43 -40.17
C ASP A 707 31.65 51.98 -40.52
N ASN A 708 30.75 52.04 -39.52
CA ASN A 708 29.39 52.59 -39.66
C ASN A 708 29.24 53.77 -38.70
N LEU A 709 30.12 54.76 -38.87
CA LEU A 709 30.23 55.91 -37.97
C LEU A 709 29.09 56.91 -38.25
N ASP A 710 28.66 56.98 -39.52
CA ASP A 710 27.50 57.75 -39.95
C ASP A 710 26.23 57.27 -39.23
N MET A 711 25.93 55.98 -39.34
CA MET A 711 24.70 55.39 -38.80
C MET A 711 24.64 55.59 -37.28
N LEU A 712 25.79 55.49 -36.60
CA LEU A 712 25.85 55.69 -35.15
C LEU A 712 25.41 57.10 -34.77
N ALA A 713 25.70 58.08 -35.64
CA ALA A 713 25.27 59.47 -35.43
C ALA A 713 23.78 59.62 -35.71
N LEU A 714 23.27 58.86 -36.70
CA LEU A 714 21.87 58.95 -37.09
C LEU A 714 20.97 58.45 -35.96
N LEU A 715 21.46 57.51 -35.13
CA LEU A 715 20.64 56.97 -34.02
C LEU A 715 20.96 57.71 -32.72
N ASN A 716 21.94 58.63 -32.76
CA ASN A 716 22.28 59.51 -31.65
C ASN A 716 21.23 60.62 -31.53
N PRO A 717 20.49 60.72 -30.41
CA PRO A 717 19.51 61.79 -30.22
C PRO A 717 20.05 63.22 -30.30
N ILE A 718 21.31 63.42 -29.89
CA ILE A 718 21.97 64.75 -29.87
C ILE A 718 21.81 65.42 -31.24
N THR A 719 22.02 64.65 -32.32
CA THR A 719 21.93 65.12 -33.70
C THR A 719 20.72 66.06 -33.91
N TYR A 720 19.58 65.75 -33.28
CA TYR A 720 18.29 66.33 -33.66
C TYR A 720 17.78 67.35 -32.65
N ILE A 721 18.65 67.85 -31.76
CA ILE A 721 18.27 68.81 -30.70
C ILE A 721 18.09 70.22 -31.29
N ASP A 722 17.00 70.88 -30.88
CA ASP A 722 16.72 72.26 -31.27
C ASP A 722 15.94 72.90 -30.12
N LYS A 723 15.58 74.19 -30.31
CA LYS A 723 15.04 75.04 -29.24
C LYS A 723 13.59 74.61 -28.90
N ASN A 724 12.89 74.04 -29.89
CA ASN A 724 11.44 73.79 -29.83
C ASN A 724 11.14 72.30 -29.56
N ASP A 725 12.19 71.51 -29.31
CA ASP A 725 12.07 70.14 -28.81
C ASP A 725 11.53 70.21 -27.38
N PRO A 726 11.07 69.09 -26.78
CA PRO A 726 10.53 69.12 -25.42
C PRO A 726 11.59 69.29 -24.31
N LYS A 727 11.11 69.52 -23.09
CA LYS A 727 11.94 69.52 -21.89
C LYS A 727 12.34 68.09 -21.54
N PHE A 728 13.58 67.91 -21.07
CA PHE A 728 14.13 66.60 -20.72
C PHE A 728 14.49 66.55 -19.23
N ILE A 729 14.52 65.35 -18.67
CA ILE A 729 15.20 65.08 -17.41
C ILE A 729 16.05 63.82 -17.60
N VAL A 730 17.37 63.98 -17.56
CA VAL A 730 18.29 62.87 -17.69
C VAL A 730 18.76 62.47 -16.29
N ILE A 731 18.80 61.15 -16.02
CA ILE A 731 19.17 60.60 -14.72
C ILE A 731 20.16 59.43 -14.93
N HIS A 732 21.21 59.38 -14.10
CA HIS A 732 22.30 58.42 -14.28
C HIS A 732 23.14 58.29 -13.00
N GLY A 733 23.43 57.04 -12.63
CA GLY A 733 24.28 56.71 -11.49
C GLY A 733 25.75 56.94 -11.81
N GLU A 734 26.55 57.13 -10.75
CA GLU A 734 27.99 57.39 -10.83
C GLU A 734 28.78 56.06 -10.88
N ALA A 735 28.10 54.94 -10.61
CA ALA A 735 28.71 53.60 -10.60
C ALA A 735 27.92 52.65 -11.51
N ASP A 736 27.59 53.12 -12.71
CA ASP A 736 26.90 52.38 -13.74
C ASP A 736 27.93 51.77 -14.69
N THR A 737 28.03 50.43 -14.71
CA THR A 737 29.17 49.72 -15.27
C THR A 737 28.88 49.17 -16.68
N VAL A 738 27.67 49.38 -17.21
CA VAL A 738 27.36 48.92 -18.59
C VAL A 738 27.18 50.15 -19.49
N VAL A 739 26.47 51.16 -19.00
CA VAL A 739 26.38 52.47 -19.67
C VAL A 739 27.06 53.50 -18.77
N PRO A 740 28.26 54.01 -19.13
CA PRO A 740 28.94 55.02 -18.32
C PRO A 740 28.19 56.35 -18.15
N ASN A 741 28.33 56.92 -16.96
CA ASN A 741 28.15 58.34 -16.56
C ASN A 741 28.14 59.28 -17.78
N CYS A 742 29.23 59.27 -18.55
CA CYS A 742 29.55 60.29 -19.57
C CYS A 742 28.43 60.43 -20.60
N GLN A 743 27.78 59.31 -20.96
CA GLN A 743 26.72 59.30 -21.99
C GLN A 743 25.60 60.28 -21.65
N SER A 744 25.07 60.18 -20.43
CA SER A 744 24.03 61.07 -19.95
C SER A 744 24.51 62.53 -19.97
N ILE A 745 25.77 62.77 -19.57
CA ILE A 745 26.32 64.15 -19.43
C ILE A 745 26.52 64.77 -20.82
N PHE A 746 27.10 64.01 -21.77
CA PHE A 746 27.14 64.41 -23.17
C PHE A 746 25.76 64.94 -23.61
N PHE A 747 24.71 64.19 -23.27
CA PHE A 747 23.35 64.48 -23.71
C PHE A 747 22.81 65.73 -22.99
N SER A 748 22.94 65.78 -21.67
CA SER A 748 22.42 66.90 -20.88
C SER A 748 23.09 68.22 -21.28
N GLU A 749 24.38 68.20 -21.62
CA GLU A 749 25.09 69.42 -22.04
C GLU A 749 24.52 69.90 -23.38
N ALA A 750 24.38 68.98 -24.34
CA ALA A 750 23.89 69.30 -25.66
C ALA A 750 22.51 69.98 -25.54
N LEU A 751 21.66 69.41 -24.69
CA LEU A 751 20.30 69.89 -24.42
C LEU A 751 20.34 71.28 -23.77
N ARG A 752 20.97 71.38 -22.61
CA ARG A 752 20.96 72.60 -21.78
C ARG A 752 21.41 73.81 -22.60
N ALA A 753 22.27 73.57 -23.59
CA ALA A 753 22.81 74.59 -24.50
C ALA A 753 21.68 75.22 -25.31
N GLN A 754 20.59 74.47 -25.53
CA GLN A 754 19.45 74.93 -26.33
C GLN A 754 18.20 74.99 -25.45
N GLY A 755 18.39 74.87 -24.13
CA GLY A 755 17.40 75.23 -23.12
C GLY A 755 16.45 74.11 -22.79
N ARG A 756 16.79 72.89 -23.23
CA ARG A 756 15.88 71.74 -23.23
C ARG A 756 15.97 71.01 -21.88
N LEU A 757 17.19 70.87 -21.35
CA LEU A 757 17.38 70.17 -20.08
C LEU A 757 16.66 70.92 -18.95
N GLU A 758 15.70 70.24 -18.32
CA GLU A 758 15.05 70.69 -17.09
C GLU A 758 15.99 70.44 -15.90
N GLU A 759 16.60 69.26 -15.87
CA GLU A 759 17.39 68.81 -14.73
C GLU A 759 18.23 67.58 -15.11
N PHE A 760 19.52 67.61 -14.75
CA PHE A 760 20.38 66.43 -14.74
C PHE A 760 20.52 65.94 -13.30
N ILE A 761 20.32 64.63 -13.08
CA ILE A 761 20.33 64.02 -11.74
C ILE A 761 21.41 62.94 -11.68
N SER A 762 22.40 63.16 -10.80
CA SER A 762 23.57 62.32 -10.65
C SER A 762 23.52 61.61 -9.28
N VAL A 763 23.02 60.37 -9.28
CA VAL A 763 22.88 59.57 -8.06
C VAL A 763 24.27 59.06 -7.64
N PRO A 764 24.77 59.40 -6.42
CA PRO A 764 26.06 58.90 -5.96
C PRO A 764 26.12 57.37 -5.77
N GLY A 765 24.98 56.78 -5.39
CA GLY A 765 24.86 55.32 -5.29
C GLY A 765 25.36 54.62 -6.54
N GLY A 766 24.63 54.81 -7.64
CA GLY A 766 25.05 54.32 -8.95
C GLY A 766 24.36 53.02 -9.32
N GLN A 767 25.00 52.27 -10.21
CA GLN A 767 24.58 50.93 -10.64
C GLN A 767 23.46 51.07 -11.69
N HIS A 768 23.47 50.17 -12.67
CA HIS A 768 22.52 50.16 -13.80
C HIS A 768 21.14 49.72 -13.31
N GLY A 769 20.44 50.64 -12.64
CA GLY A 769 19.15 50.38 -12.00
C GLY A 769 19.19 50.62 -10.49
N PRO A 770 19.81 49.70 -9.71
CA PRO A 770 20.02 49.94 -8.28
C PRO A 770 20.99 51.11 -8.00
N PHE A 773 17.39 54.33 -9.43
CA PHE A 773 15.94 54.00 -9.24
C PHE A 773 15.62 53.94 -7.74
N ASN A 774 15.15 55.07 -7.19
CA ASN A 774 14.85 55.20 -5.77
C ASN A 774 13.71 56.20 -5.57
N GLU A 775 13.27 56.34 -4.31
CA GLU A 775 12.13 57.17 -3.92
C GLU A 775 12.23 58.56 -4.55
N ASN A 776 13.39 59.20 -4.36
CA ASN A 776 13.60 60.61 -4.67
C ASN A 776 13.66 60.82 -6.19
N THR A 777 14.45 59.98 -6.88
CA THR A 777 14.61 60.04 -8.33
C THR A 777 13.25 59.78 -8.99
N LEU A 778 12.53 58.76 -8.50
CA LEU A 778 11.21 58.39 -9.00
C LEU A 778 10.26 59.59 -8.86
N LYS A 779 10.22 60.18 -7.66
CA LYS A 779 9.31 61.28 -7.31
C LYS A 779 9.54 62.49 -8.24
N LYS A 780 10.79 62.71 -8.66
CA LYS A 780 11.13 63.84 -9.52
C LYS A 780 10.59 63.62 -10.93
N MET A 781 10.57 62.35 -11.37
CA MET A 781 9.99 61.97 -12.66
C MET A 781 8.51 62.37 -12.71
N ILE A 782 7.80 62.03 -11.64
CA ILE A 782 6.36 62.28 -11.50
C ILE A 782 6.11 63.79 -11.50
N ASP A 783 6.84 64.52 -10.64
CA ASP A 783 6.63 65.96 -10.43
C ASP A 783 6.88 66.74 -11.73
N PHE A 784 7.83 66.25 -12.54
CA PHE A 784 8.19 66.87 -13.82
C PHE A 784 7.06 66.65 -14.83
N PHE A 785 6.65 65.39 -15.03
CA PHE A 785 5.56 65.06 -15.96
C PHE A 785 4.29 65.82 -15.56
N ALA A 786 4.05 65.96 -14.26
CA ALA A 786 2.90 66.69 -13.68
C ALA A 786 2.95 68.19 -14.00
N ARG A 787 4.15 68.80 -13.94
CA ARG A 787 4.34 70.24 -14.17
C ARG A 787 4.06 70.58 -15.65
N GLU A 788 4.54 69.71 -16.54
CA GLU A 788 4.43 69.90 -17.99
C GLU A 788 3.00 69.56 -18.46
N ALA A 789 2.23 68.86 -17.63
CA ALA A 789 0.88 68.40 -17.98
C ALA A 789 -0.19 69.26 -17.29
N GLY A 790 -0.09 69.39 -15.96
CA GLY A 790 -1.07 70.10 -15.13
C GLY A 790 -2.26 69.23 -14.76
N LYS B 19 -5.12 10.48 -35.82
CA LYS B 19 -4.58 10.45 -37.23
C LYS B 19 -5.42 9.49 -38.08
N PRO B 20 -5.87 9.90 -39.29
CA PRO B 20 -6.64 9.01 -40.17
C PRO B 20 -5.93 7.69 -40.48
N ALA B 21 -6.72 6.63 -40.66
CA ALA B 21 -6.24 5.27 -40.81
C ALA B 21 -5.34 5.18 -42.04
N THR B 22 -4.22 4.45 -41.91
CA THR B 22 -3.26 4.29 -42.98
C THR B 22 -2.57 2.93 -42.91
N ASN B 23 -1.85 2.61 -43.99
CA ASN B 23 -0.91 1.49 -44.05
C ASN B 23 0.51 2.03 -43.86
N PRO B 24 1.28 1.38 -42.98
CA PRO B 24 0.89 0.18 -42.26
C PRO B 24 -0.11 0.49 -41.13
N VAL B 25 -0.95 -0.48 -40.80
CA VAL B 25 -1.91 -0.33 -39.71
C VAL B 25 -1.19 -0.60 -38.39
N ILE B 26 -0.13 -1.40 -38.47
CA ILE B 26 0.81 -1.61 -37.37
C ILE B 26 2.24 -1.41 -37.91
N TYR B 27 2.83 -0.25 -37.60
CA TYR B 27 4.22 0.07 -37.91
C TYR B 27 5.12 -0.55 -36.82
N ALA B 28 5.09 -1.88 -36.74
CA ALA B 28 5.86 -2.64 -35.76
C ALA B 28 5.97 -4.10 -36.23
N ASP B 29 6.82 -4.88 -35.56
CA ASP B 29 7.11 -6.24 -35.94
C ASP B 29 5.96 -7.14 -35.45
N ALA B 30 5.05 -7.49 -36.37
CA ALA B 30 4.01 -8.48 -36.11
C ALA B 30 3.83 -9.36 -37.34
N PRO B 31 4.81 -10.24 -37.66
CA PRO B 31 4.73 -11.11 -38.83
C PRO B 31 3.86 -12.37 -38.60
N ASP B 32 3.65 -13.12 -39.70
CA ASP B 32 2.90 -14.38 -39.73
C ASP B 32 1.58 -14.21 -38.99
N MET B 33 0.77 -13.26 -39.47
CA MET B 33 -0.52 -12.96 -38.89
C MET B 33 -1.47 -14.10 -39.22
N SER B 34 -2.31 -14.48 -38.26
CA SER B 34 -3.53 -15.27 -38.47
C SER B 34 -4.68 -14.53 -37.80
N MET B 35 -5.65 -14.08 -38.62
CA MET B 35 -6.73 -13.24 -38.14
C MET B 35 -8.06 -13.99 -38.26
N LEU B 36 -9.02 -13.63 -37.39
CA LEU B 36 -10.42 -14.00 -37.56
C LEU B 36 -11.30 -13.01 -36.80
N ARG B 37 -12.56 -12.94 -37.25
CA ARG B 37 -13.61 -12.17 -36.61
C ARG B 37 -14.52 -13.14 -35.86
N VAL B 38 -15.04 -12.68 -34.71
CA VAL B 38 -16.20 -13.28 -34.04
C VAL B 38 -17.08 -12.12 -33.57
N GLY B 39 -18.25 -11.96 -34.21
CA GLY B 39 -19.12 -10.83 -33.98
C GLY B 39 -18.46 -9.51 -34.35
N ASP B 40 -18.35 -8.62 -33.36
CA ASP B 40 -17.85 -7.26 -33.54
C ASP B 40 -16.39 -7.17 -33.05
N THR B 41 -15.70 -8.30 -33.00
CA THR B 41 -14.37 -8.43 -32.40
C THR B 41 -13.46 -9.14 -33.40
N TYR B 42 -12.21 -8.66 -33.48
CA TYR B 42 -11.20 -9.26 -34.32
C TYR B 42 -10.08 -9.79 -33.41
N TYR B 43 -9.62 -11.00 -33.70
CA TYR B 43 -8.47 -11.58 -33.02
C TYR B 43 -7.41 -11.90 -34.07
N MET B 44 -6.16 -11.77 -33.63
CA MET B 44 -5.00 -11.97 -34.45
C MET B 44 -3.95 -12.66 -33.56
N SER B 45 -3.35 -13.74 -34.07
CA SER B 45 -2.12 -14.32 -33.51
C SER B 45 -0.93 -13.85 -34.37
N SER B 46 0.29 -13.97 -33.87
CA SER B 46 1.49 -13.60 -34.65
C SER B 46 2.73 -14.31 -34.10
N THR B 47 3.82 -14.24 -34.88
CA THR B 47 5.08 -14.93 -34.58
C THR B 47 6.02 -14.01 -33.80
N THR B 48 6.56 -14.50 -32.68
CA THR B 48 7.64 -13.82 -31.94
C THR B 48 8.81 -14.77 -31.65
N MET B 49 8.81 -15.96 -32.24
CA MET B 49 9.98 -16.84 -32.28
C MET B 49 10.50 -17.10 -30.86
N HIS B 50 11.79 -16.76 -30.63
CA HIS B 50 12.59 -17.18 -29.45
C HIS B 50 12.22 -16.37 -28.20
N MET B 51 11.29 -15.43 -28.34
CA MET B 51 10.78 -14.65 -27.22
C MET B 51 9.87 -15.52 -26.34
N SER B 52 9.75 -15.12 -25.07
CA SER B 52 8.97 -15.82 -24.06
C SER B 52 8.31 -14.80 -23.12
N PRO B 53 6.96 -14.75 -23.08
CA PRO B 53 6.07 -15.75 -23.65
C PRO B 53 5.96 -15.68 -25.19
N GLY B 54 5.25 -16.66 -25.76
CA GLY B 54 5.21 -16.89 -27.21
C GLY B 54 3.80 -16.99 -27.78
N VAL B 55 3.70 -16.72 -29.09
CA VAL B 55 2.46 -16.68 -29.84
C VAL B 55 1.54 -15.64 -29.21
N PRO B 56 1.81 -14.33 -29.43
CA PRO B 56 0.95 -13.26 -28.91
C PRO B 56 -0.41 -13.15 -29.61
N ILE B 57 -1.48 -13.06 -28.81
CA ILE B 57 -2.77 -12.74 -29.32
C ILE B 57 -3.00 -11.24 -29.09
N MET B 58 -3.48 -10.57 -30.15
CA MET B 58 -3.97 -9.19 -30.08
C MET B 58 -5.48 -9.20 -30.37
N LYS B 59 -6.14 -8.07 -30.06
CA LYS B 59 -7.57 -7.88 -30.23
C LYS B 59 -7.85 -6.47 -30.77
N SER B 60 -8.89 -6.35 -31.59
CA SER B 60 -9.30 -5.07 -32.16
C SER B 60 -10.82 -5.03 -32.30
N ASN B 61 -11.38 -3.82 -32.30
CA ASN B 61 -12.79 -3.58 -32.54
C ASN B 61 -13.01 -3.04 -33.95
N ASP B 62 -11.94 -2.57 -34.62
CA ASP B 62 -12.07 -1.79 -35.85
C ASP B 62 -11.04 -2.19 -36.93
N LEU B 63 -10.07 -3.06 -36.59
CA LEU B 63 -9.02 -3.54 -37.52
C LEU B 63 -7.87 -2.53 -37.63
N VAL B 64 -8.02 -1.36 -37.02
CA VAL B 64 -7.04 -0.27 -37.06
C VAL B 64 -6.30 -0.19 -35.72
N ASN B 65 -7.04 -0.37 -34.62
CA ASN B 65 -6.53 -0.17 -33.27
C ASN B 65 -6.51 -1.52 -32.54
N TRP B 66 -5.28 -1.98 -32.22
CA TRP B 66 -5.02 -3.28 -31.63
C TRP B 66 -4.37 -3.11 -30.24
N LYS B 67 -4.48 -4.16 -29.43
CA LYS B 67 -3.84 -4.25 -28.11
C LYS B 67 -3.65 -5.73 -27.76
N LEU B 68 -2.50 -6.07 -27.18
CA LEU B 68 -2.23 -7.45 -26.78
C LEU B 68 -3.20 -7.84 -25.65
N VAL B 69 -3.63 -9.11 -25.65
CA VAL B 69 -4.60 -9.62 -24.66
C VAL B 69 -4.11 -10.92 -24.01
N ASN B 70 -3.29 -11.71 -24.72
CA ASN B 70 -2.86 -12.99 -24.18
C ASN B 70 -1.73 -13.55 -25.04
N TYR B 71 -1.01 -14.53 -24.45
CA TYR B 71 -0.03 -15.40 -25.10
C TYR B 71 -0.46 -16.87 -24.94
N ALA B 72 -0.10 -17.71 -25.90
CA ALA B 72 -0.48 -19.13 -25.93
C ALA B 72 0.28 -19.93 -24.86
N TYR B 73 1.58 -19.66 -24.73
CA TYR B 73 2.48 -20.38 -23.82
C TYR B 73 3.50 -19.42 -23.17
N ASP B 74 4.10 -19.85 -22.05
CA ASP B 74 5.15 -19.13 -21.31
C ASP B 74 6.53 -19.51 -21.86
N THR B 75 6.86 -20.80 -21.79
CA THR B 75 8.10 -21.34 -22.34
C THR B 75 7.79 -22.54 -23.24
N LEU B 76 8.56 -22.65 -24.33
CA LEU B 76 8.33 -23.60 -25.41
C LEU B 76 8.90 -24.97 -25.03
N ALA B 77 10.05 -24.97 -24.33
CA ALA B 77 10.77 -26.20 -23.99
C ALA B 77 11.83 -25.90 -22.92
N ASN B 78 12.11 -26.90 -22.09
CA ASN B 78 13.16 -26.85 -21.09
C ASN B 78 14.39 -27.58 -21.65
N ILE B 79 15.04 -26.95 -22.62
CA ILE B 79 16.24 -27.49 -23.30
C ILE B 79 17.25 -26.36 -23.44
N PRO B 80 18.57 -26.68 -23.55
CA PRO B 80 19.61 -25.65 -23.54
C PRO B 80 19.40 -24.50 -24.55
N THR B 81 19.12 -24.84 -25.81
CA THR B 81 18.92 -23.87 -26.90
C THR B 81 17.85 -22.83 -26.54
N MET B 82 16.82 -23.27 -25.80
CA MET B 82 15.68 -22.46 -25.42
C MET B 82 15.96 -21.73 -24.09
N ASN B 83 16.84 -22.31 -23.25
CA ASN B 83 17.20 -21.77 -21.93
C ASN B 83 18.49 -20.92 -22.00
N LEU B 84 19.10 -20.80 -23.18
CA LEU B 84 20.38 -20.11 -23.39
C LEU B 84 21.46 -20.69 -22.45
N ASP B 85 21.50 -22.02 -22.35
CA ASP B 85 22.51 -22.73 -21.55
C ASP B 85 23.52 -23.37 -22.49
N ASP B 86 24.74 -23.60 -21.97
CA ASP B 86 25.84 -24.26 -22.69
C ASP B 86 26.17 -23.53 -23.99
N GLY B 87 25.99 -22.19 -23.98
CA GLY B 87 26.33 -21.32 -25.11
C GLY B 87 25.46 -21.53 -26.34
N LYS B 88 24.34 -22.27 -26.19
CA LYS B 88 23.45 -22.54 -27.30
C LYS B 88 22.23 -21.64 -27.17
N ASN B 89 21.58 -21.39 -28.31
CA ASN B 89 20.45 -20.48 -28.41
C ASN B 89 19.60 -20.90 -29.60
N THR B 90 18.41 -20.33 -29.72
CA THR B 90 17.49 -20.68 -30.79
C THR B 90 16.96 -19.40 -31.45
N TYR B 91 17.81 -18.36 -31.50
CA TYR B 91 17.49 -17.12 -32.19
C TYR B 91 16.95 -17.43 -33.59
N GLY B 92 15.86 -16.75 -33.97
CA GLY B 92 15.31 -16.81 -35.32
C GLY B 92 14.60 -18.12 -35.61
N ARG B 93 14.33 -18.90 -34.56
CA ARG B 93 13.59 -20.14 -34.61
C ARG B 93 12.44 -20.04 -33.61
N GLY B 94 12.42 -20.90 -32.58
CA GLY B 94 11.29 -20.97 -31.63
C GLY B 94 9.96 -21.13 -32.33
N SER B 95 8.92 -20.49 -31.77
CA SER B 95 7.55 -20.58 -32.25
C SER B 95 7.38 -19.77 -33.54
N TRP B 96 6.96 -20.46 -34.62
CA TRP B 96 6.90 -19.89 -35.98
C TRP B 96 5.44 -19.60 -36.35
N ALA B 97 5.16 -19.52 -37.66
CA ALA B 97 3.83 -19.14 -38.18
C ALA B 97 2.72 -19.97 -37.50
N SER B 98 1.63 -19.28 -37.14
CA SER B 98 0.55 -19.83 -36.31
C SER B 98 -0.76 -19.85 -37.10
N CYS B 99 -1.74 -20.58 -36.57
CA CYS B 99 -3.07 -20.68 -37.16
C CYS B 99 -4.12 -20.50 -36.07
N LEU B 100 -5.04 -19.57 -36.30
CA LEU B 100 -6.07 -19.21 -35.35
C LEU B 100 -7.44 -19.53 -35.97
N ARG B 101 -8.26 -20.26 -35.21
CA ARG B 101 -9.61 -20.60 -35.64
C ARG B 101 -10.56 -20.41 -34.46
N TYR B 102 -11.85 -20.24 -34.81
CA TYR B 102 -12.98 -20.33 -33.90
C TYR B 102 -13.97 -21.32 -34.50
N HIS B 103 -14.35 -22.33 -33.71
CA HIS B 103 -15.26 -23.40 -34.17
C HIS B 103 -16.13 -23.89 -33.02
N GLU B 104 -17.46 -23.74 -33.20
CA GLU B 104 -18.46 -24.31 -32.30
C GLU B 104 -18.09 -24.04 -30.85
N GLY B 105 -17.92 -22.75 -30.53
CA GLY B 105 -17.80 -22.24 -29.17
C GLY B 105 -16.36 -22.19 -28.66
N VAL B 106 -15.41 -22.73 -29.43
CA VAL B 106 -14.04 -22.91 -28.93
C VAL B 106 -13.04 -22.28 -29.90
N TYR B 107 -12.08 -21.53 -29.33
CA TYR B 107 -10.96 -20.94 -30.05
C TYR B 107 -9.84 -21.98 -30.17
N TYR B 108 -9.33 -22.16 -31.39
CA TYR B 108 -8.25 -23.10 -31.68
C TYR B 108 -7.07 -22.33 -32.26
N LEU B 109 -5.89 -22.54 -31.65
CA LEU B 109 -4.66 -21.83 -31.96
C LEU B 109 -3.51 -22.84 -32.02
N SER B 110 -2.87 -22.96 -33.19
CA SER B 110 -1.69 -23.83 -33.37
C SER B 110 -0.44 -23.00 -33.72
N THR B 111 0.73 -23.60 -33.50
CA THR B 111 2.01 -23.15 -34.03
C THR B 111 2.94 -24.37 -34.17
N PHE B 112 4.20 -24.10 -34.52
CA PHE B 112 5.23 -25.14 -34.62
C PHE B 112 6.61 -24.51 -34.38
N ALA B 113 7.65 -25.35 -34.35
CA ALA B 113 8.99 -24.88 -34.03
C ALA B 113 10.05 -25.88 -34.51
N GLN B 114 11.07 -25.35 -35.21
CA GLN B 114 12.24 -26.10 -35.59
C GLN B 114 13.05 -26.44 -34.32
N THR B 115 12.98 -25.56 -33.31
CA THR B 115 13.70 -25.73 -32.06
C THR B 115 13.48 -27.15 -31.52
N THR B 116 12.22 -27.53 -31.32
CA THR B 116 11.83 -28.81 -30.72
C THR B 116 11.44 -29.85 -31.78
N GLY B 117 11.16 -29.39 -33.01
CA GLY B 117 10.70 -30.26 -34.09
C GLY B 117 9.32 -30.82 -33.80
N LYS B 118 8.42 -29.93 -33.35
CA LYS B 118 7.08 -30.29 -32.91
C LYS B 118 6.06 -29.26 -33.41
N THR B 119 4.80 -29.71 -33.44
CA THR B 119 3.63 -28.89 -33.66
C THR B 119 2.90 -28.78 -32.31
N TYR B 120 2.28 -27.62 -32.06
CA TYR B 120 1.59 -27.36 -30.78
C TYR B 120 0.16 -26.89 -31.05
N PHE B 121 -0.80 -27.41 -30.27
CA PHE B 121 -2.21 -27.00 -30.34
C PHE B 121 -2.69 -26.53 -28.96
N TYR B 122 -3.31 -25.34 -28.96
CA TYR B 122 -3.84 -24.68 -27.77
C TYR B 122 -5.34 -24.44 -27.99
N THR B 123 -6.17 -24.77 -27.00
CA THR B 123 -7.65 -24.60 -27.08
C THR B 123 -8.16 -23.88 -25.82
N THR B 124 -9.18 -23.03 -26.03
CA THR B 124 -9.86 -22.36 -24.93
C THR B 124 -11.21 -21.83 -25.41
N LYS B 125 -12.11 -21.56 -24.45
CA LYS B 125 -13.40 -20.95 -24.70
C LYS B 125 -13.30 -19.43 -24.58
N ASN B 126 -12.34 -18.94 -23.79
CA ASN B 126 -12.02 -17.50 -23.65
C ASN B 126 -10.58 -17.26 -24.11
N LEU B 127 -10.44 -16.60 -25.27
CA LEU B 127 -9.14 -16.43 -25.92
C LEU B 127 -8.28 -15.45 -25.11
N GLU B 128 -8.93 -14.48 -24.46
CA GLU B 128 -8.27 -13.46 -23.66
C GLU B 128 -7.82 -14.06 -22.32
N LYS B 129 -8.78 -14.42 -21.47
CA LYS B 129 -8.51 -14.81 -20.08
C LYS B 129 -7.92 -16.23 -19.99
N GLY B 130 -8.16 -17.08 -21.01
CA GLY B 130 -7.79 -18.49 -20.95
C GLY B 130 -8.82 -19.27 -20.11
N PRO B 131 -8.45 -20.44 -19.57
CA PRO B 131 -7.16 -21.08 -19.73
C PRO B 131 -7.06 -21.95 -20.99
N TRP B 132 -5.84 -22.40 -21.32
CA TRP B 132 -5.56 -23.22 -22.49
C TRP B 132 -5.59 -24.71 -22.14
N LYS B 133 -6.06 -25.53 -23.10
CA LYS B 133 -5.83 -26.97 -23.11
C LYS B 133 -4.80 -27.25 -24.22
N CYS B 134 -3.80 -28.08 -23.90
CA CYS B 134 -2.58 -28.15 -24.69
C CYS B 134 -2.33 -29.58 -25.18
N THR B 135 -2.07 -29.71 -26.49
CA THR B 135 -1.59 -30.94 -27.10
C THR B 135 -0.39 -30.62 -27.99
N GLU B 136 0.51 -31.59 -28.16
CA GLU B 136 1.69 -31.42 -28.99
C GLU B 136 2.18 -32.77 -29.52
N PHE B 137 2.78 -32.75 -30.71
CA PHE B 137 3.20 -33.96 -31.41
C PHE B 137 4.25 -33.62 -32.46
N SER B 138 4.93 -34.65 -32.97
CA SER B 138 5.96 -34.55 -34.00
C SER B 138 5.42 -35.01 -35.35
N PRO B 139 6.06 -34.61 -36.45
CA PRO B 139 7.08 -33.58 -36.51
C PRO B 139 6.47 -32.16 -36.55
N ALA B 140 7.29 -31.17 -36.91
CA ALA B 140 6.83 -29.80 -37.14
C ALA B 140 6.25 -29.69 -38.55
N TYR B 141 4.96 -29.36 -38.65
CA TYR B 141 4.29 -29.18 -39.93
C TYR B 141 4.50 -27.74 -40.39
N HIS B 142 5.20 -27.58 -41.52
CA HIS B 142 5.76 -26.31 -41.96
C HIS B 142 4.67 -25.42 -42.57
N ASP B 143 4.38 -24.31 -41.88
CA ASP B 143 3.41 -23.32 -42.32
C ASP B 143 2.09 -24.02 -42.63
N HIS B 144 1.56 -24.69 -41.59
CA HIS B 144 0.33 -25.42 -41.68
C HIS B 144 -0.86 -24.48 -41.54
N SER B 145 -1.99 -24.88 -42.15
CA SER B 145 -3.29 -24.33 -41.87
C SER B 145 -4.23 -25.49 -41.59
N PHE B 146 -4.84 -25.52 -40.40
CA PHE B 146 -5.84 -26.51 -40.04
C PHE B 146 -7.22 -25.89 -40.21
N PHE B 147 -8.19 -26.72 -40.62
CA PHE B 147 -9.51 -26.27 -41.05
C PHE B 147 -10.56 -27.34 -40.70
N PHE B 148 -11.65 -26.90 -40.04
CA PHE B 148 -12.81 -27.73 -39.70
C PHE B 148 -13.76 -27.74 -40.90
N ASP B 149 -13.92 -28.89 -41.55
CA ASP B 149 -14.66 -29.00 -42.81
C ASP B 149 -16.04 -29.61 -42.57
N GLU B 150 -16.95 -29.27 -43.49
CA GLU B 150 -18.36 -29.64 -43.40
C GLU B 150 -18.57 -31.10 -43.79
N ASP B 151 -17.54 -31.75 -44.35
CA ASP B 151 -17.59 -33.20 -44.61
C ASP B 151 -17.18 -33.99 -43.35
N GLY B 152 -16.96 -33.28 -42.24
CA GLY B 152 -16.81 -33.89 -40.92
C GLY B 152 -15.36 -34.22 -40.54
N HIS B 153 -14.39 -33.82 -41.37
CA HIS B 153 -12.97 -34.08 -41.07
C HIS B 153 -12.24 -32.77 -40.71
N ILE B 154 -11.20 -32.87 -39.88
CA ILE B 154 -10.28 -31.74 -39.59
C ILE B 154 -9.03 -31.90 -40.46
N TYR B 155 -8.87 -31.01 -41.45
CA TYR B 155 -7.79 -31.12 -42.45
C TYR B 155 -6.61 -30.21 -42.07
N MET B 156 -5.43 -30.52 -42.63
CA MET B 156 -4.25 -29.69 -42.47
C MET B 156 -3.51 -29.60 -43.81
N ILE B 157 -3.35 -28.37 -44.31
CA ILE B 157 -2.53 -28.06 -45.49
C ILE B 157 -1.22 -27.45 -45.02
N TYR B 158 -0.09 -27.95 -45.54
CA TYR B 158 1.24 -27.60 -45.02
C TYR B 158 2.32 -27.86 -46.07
N GLY B 159 3.49 -27.27 -45.83
CA GLY B 159 4.68 -27.48 -46.64
C GLY B 159 5.09 -26.25 -47.43
N ASN B 160 6.05 -26.47 -48.35
CA ASN B 160 6.71 -25.49 -49.18
C ASN B 160 7.38 -26.23 -50.33
N GLY B 161 7.24 -25.78 -51.58
CA GLY B 161 6.02 -25.27 -52.17
C GLY B 161 5.25 -26.40 -52.87
N LYS B 162 5.68 -27.64 -52.61
CA LYS B 162 4.78 -28.78 -52.68
C LYS B 162 3.97 -28.78 -51.39
N LEU B 163 2.65 -28.67 -51.53
CA LEU B 163 1.76 -28.56 -50.40
C LEU B 163 1.03 -29.90 -50.21
N PHE B 164 1.02 -30.36 -48.95
CA PHE B 164 0.42 -31.61 -48.56
C PHE B 164 -0.90 -31.33 -47.84
N LEU B 165 -1.80 -32.33 -47.89
CA LEU B 165 -3.02 -32.37 -47.13
C LEU B 165 -3.03 -33.66 -46.31
N ALA B 166 -3.39 -33.52 -45.03
CA ALA B 166 -3.58 -34.62 -44.12
C ALA B 166 -4.77 -34.33 -43.21
N GLU B 167 -5.17 -35.35 -42.44
CA GLU B 167 -6.26 -35.26 -41.48
C GLU B 167 -5.69 -35.35 -40.06
N LEU B 168 -6.13 -34.41 -39.21
CA LEU B 168 -5.83 -34.40 -37.80
C LEU B 168 -6.81 -35.33 -37.07
N LYS B 169 -6.31 -35.99 -36.02
CA LYS B 169 -7.13 -36.71 -35.07
C LYS B 169 -8.07 -35.71 -34.41
N PRO B 170 -9.32 -36.12 -34.04
CA PRO B 170 -10.30 -35.18 -33.52
C PRO B 170 -9.96 -34.59 -32.15
N ASP B 171 -9.00 -35.19 -31.44
CA ASP B 171 -8.55 -34.67 -30.12
C ASP B 171 -7.24 -33.87 -30.29
N LEU B 172 -6.86 -33.57 -31.54
CA LEU B 172 -5.74 -32.70 -31.88
C LEU B 172 -4.45 -33.17 -31.22
N SER B 173 -4.31 -34.49 -31.04
CA SER B 173 -3.14 -35.06 -30.39
C SER B 173 -2.17 -35.64 -31.43
N GLY B 174 -2.46 -35.44 -32.71
CA GLY B 174 -1.63 -35.99 -33.80
C GLY B 174 -2.33 -35.94 -35.15
N VAL B 175 -1.62 -36.45 -36.16
CA VAL B 175 -2.12 -36.59 -37.51
C VAL B 175 -2.56 -38.05 -37.68
N LYS B 176 -3.75 -38.26 -38.28
CA LYS B 176 -4.24 -39.60 -38.49
C LYS B 176 -3.23 -40.32 -39.37
N PRO B 177 -2.86 -41.58 -39.06
CA PRO B 177 -1.86 -42.31 -39.84
C PRO B 177 -2.34 -42.59 -41.28
N GLY B 178 -1.47 -42.31 -42.25
CA GLY B 178 -1.67 -42.66 -43.64
C GLY B 178 -2.65 -41.73 -44.36
N THR B 179 -3.00 -40.60 -43.75
CA THR B 179 -3.95 -39.67 -44.35
C THR B 179 -3.23 -38.61 -45.21
N GLU B 180 -1.88 -38.58 -45.17
CA GLU B 180 -1.03 -37.58 -45.88
C GLU B 180 -1.11 -37.85 -47.39
N ARG B 181 -1.26 -36.76 -48.16
CA ARG B 181 -1.31 -36.81 -49.65
C ARG B 181 -0.83 -35.47 -50.20
N VAL B 182 -0.28 -35.51 -51.42
CA VAL B 182 0.19 -34.32 -52.12
C VAL B 182 -1.03 -33.56 -52.66
N LEU B 183 -1.33 -32.39 -52.10
CA LEU B 183 -2.46 -31.58 -52.54
C LEU B 183 -2.09 -30.87 -53.85
N ILE B 184 -1.13 -29.95 -53.81
CA ILE B 184 -0.64 -29.27 -55.01
C ILE B 184 0.84 -29.63 -55.19
N GLU B 185 1.18 -30.07 -56.41
CA GLU B 185 2.54 -30.43 -56.77
C GLU B 185 3.48 -29.22 -56.59
N ASN B 186 3.07 -28.07 -57.15
CA ASN B 186 3.91 -26.89 -57.23
C ASN B 186 3.04 -25.62 -57.17
N ALA B 187 2.72 -25.19 -55.94
CA ALA B 187 1.82 -24.06 -55.70
C ALA B 187 2.50 -22.73 -56.07
N SER B 188 3.83 -22.74 -56.24
CA SER B 188 4.64 -21.56 -56.63
C SER B 188 4.37 -21.19 -58.09
N ALA B 189 3.96 -22.18 -58.89
CA ALA B 189 3.94 -22.15 -60.37
C ALA B 189 3.38 -20.85 -60.95
N PRO B 190 2.24 -20.31 -60.46
CA PRO B 190 1.63 -19.12 -61.06
C PRO B 190 2.54 -17.89 -61.10
N ALA B 191 3.66 -17.93 -60.36
CA ALA B 191 4.62 -16.82 -60.27
C ALA B 191 5.90 -17.13 -61.08
N GLY B 192 5.82 -18.04 -62.05
CA GLY B 192 6.91 -18.31 -62.99
C GLY B 192 7.68 -19.58 -62.68
N ASP B 193 8.76 -19.81 -63.44
CA ASP B 193 9.59 -21.03 -63.38
C ASP B 193 10.84 -20.81 -62.51
N ASN B 194 11.18 -19.54 -62.19
CA ASN B 194 12.41 -19.25 -61.47
C ASN B 194 12.07 -18.65 -60.09
N ILE B 195 12.03 -19.52 -59.07
CA ILE B 195 11.50 -19.22 -57.72
C ILE B 195 12.62 -19.34 -56.67
N MET B 196 12.68 -18.37 -55.76
CA MET B 196 13.68 -18.35 -54.69
C MET B 196 13.09 -18.99 -53.43
N LEU B 197 11.91 -18.53 -53.03
CA LEU B 197 11.19 -19.06 -51.88
C LEU B 197 9.90 -19.71 -52.37
N GLY B 198 9.81 -21.03 -52.17
CA GLY B 198 8.66 -21.81 -52.59
C GLY B 198 7.43 -21.44 -51.79
N ALA B 199 6.26 -21.58 -52.43
CA ALA B 199 4.95 -21.33 -51.83
C ALA B 199 4.92 -21.79 -50.36
N GLU B 200 4.75 -20.82 -49.46
CA GLU B 200 4.83 -20.96 -48.02
C GLU B 200 3.65 -20.22 -47.42
N GLY B 201 3.60 -20.17 -46.09
CA GLY B 201 2.63 -19.37 -45.33
C GLY B 201 1.18 -19.65 -45.73
N SER B 202 0.86 -20.94 -45.88
CA SER B 202 -0.48 -21.39 -46.26
C SER B 202 -1.51 -20.89 -45.23
N GLN B 203 -2.60 -20.33 -45.74
CA GLN B 203 -3.77 -19.96 -44.93
C GLN B 203 -5.03 -20.25 -45.75
N LEU B 204 -5.78 -21.28 -45.33
CA LEU B 204 -6.97 -21.78 -46.06
C LEU B 204 -8.22 -21.11 -45.51
N PHE B 205 -9.02 -20.54 -46.43
CA PHE B 205 -10.33 -20.02 -46.10
C PHE B 205 -11.39 -20.66 -46.99
N LYS B 206 -12.61 -20.78 -46.46
CA LYS B 206 -13.74 -21.10 -47.28
C LYS B 206 -14.73 -19.94 -47.20
N VAL B 207 -14.96 -19.30 -48.34
CA VAL B 207 -15.90 -18.22 -48.46
C VAL B 207 -16.92 -18.62 -49.53
N ASN B 208 -18.19 -18.63 -49.14
CA ASN B 208 -19.29 -18.65 -50.10
C ASN B 208 -19.20 -19.94 -50.95
N GLY B 209 -18.87 -21.05 -50.29
CA GLY B 209 -18.89 -22.38 -50.89
C GLY B 209 -17.64 -22.70 -51.70
N LYS B 210 -16.67 -21.78 -51.77
CA LYS B 210 -15.43 -21.97 -52.51
C LYS B 210 -14.25 -21.92 -51.54
N TYR B 211 -13.27 -22.80 -51.75
CA TYR B 211 -12.06 -22.87 -50.94
C TYR B 211 -10.97 -21.99 -51.55
N TYR B 212 -10.39 -21.12 -50.72
CA TYR B 212 -9.36 -20.16 -51.12
C TYR B 212 -8.10 -20.36 -50.26
N LEU B 213 -7.05 -20.90 -50.89
CA LEU B 213 -5.75 -21.12 -50.23
C LEU B 213 -4.79 -19.98 -50.60
N PHE B 214 -4.48 -19.13 -49.60
CA PHE B 214 -3.48 -18.04 -49.74
C PHE B 214 -2.07 -18.57 -49.47
N ASN B 215 -1.10 -18.06 -50.22
CA ASN B 215 0.30 -18.45 -50.09
C ASN B 215 1.22 -17.23 -50.34
N ILE B 216 2.50 -17.38 -49.97
CA ILE B 216 3.57 -16.42 -50.28
C ILE B 216 4.61 -17.16 -51.11
N THR B 217 4.98 -16.60 -52.27
CA THR B 217 6.15 -17.06 -53.03
C THR B 217 7.04 -15.87 -53.39
N TRP B 218 8.34 -16.14 -53.56
CA TRP B 218 9.34 -15.12 -53.89
C TRP B 218 10.07 -15.55 -55.16
N PRO B 219 9.64 -15.10 -56.36
CA PRO B 219 10.41 -15.39 -57.59
C PRO B 219 11.72 -14.60 -57.60
N ARG B 220 12.82 -15.26 -58.02
CA ARG B 220 14.14 -14.62 -58.05
C ARG B 220 14.04 -13.29 -58.82
N GLY B 221 14.59 -12.23 -58.23
CA GLY B 221 14.65 -10.91 -58.85
C GLY B 221 13.34 -10.15 -58.72
N GLY B 222 12.27 -10.84 -58.31
CA GLY B 222 10.95 -10.23 -58.09
C GLY B 222 10.67 -10.07 -56.62
N VAL B 223 9.48 -9.52 -56.30
CA VAL B 223 9.05 -9.24 -54.93
C VAL B 223 8.29 -10.45 -54.37
N ARG B 224 8.04 -10.41 -53.06
CA ARG B 224 7.19 -11.37 -52.37
C ARG B 224 5.77 -11.25 -52.94
N THR B 225 5.31 -12.33 -53.60
CA THR B 225 4.03 -12.37 -54.31
C THR B 225 2.99 -13.10 -53.47
N VAL B 226 1.72 -12.71 -53.66
CA VAL B 226 0.57 -13.41 -53.08
C VAL B 226 -0.04 -14.33 -54.15
N ILE B 227 -0.18 -15.61 -53.80
CA ILE B 227 -0.80 -16.59 -54.68
C ILE B 227 -2.07 -17.09 -53.99
N VAL B 228 -3.13 -17.25 -54.79
CA VAL B 228 -4.39 -17.84 -54.35
C VAL B 228 -4.70 -19.04 -55.24
N HIS B 229 -4.90 -20.20 -54.61
CA HIS B 229 -5.48 -21.37 -55.25
C HIS B 229 -6.94 -21.52 -54.81
N ARG B 230 -7.85 -21.63 -55.78
CA ARG B 230 -9.28 -21.77 -55.55
C ARG B 230 -9.71 -23.17 -56.00
N ALA B 231 -10.69 -23.74 -55.29
CA ALA B 231 -11.22 -25.09 -55.57
C ALA B 231 -12.63 -25.24 -54.99
N ASP B 232 -13.39 -26.20 -55.53
CA ASP B 232 -14.76 -26.50 -55.11
C ASP B 232 -14.75 -27.46 -53.91
N LYS B 233 -13.74 -28.34 -53.85
CA LYS B 233 -13.53 -29.29 -52.75
C LYS B 233 -12.11 -29.10 -52.21
N ILE B 234 -11.92 -29.42 -50.92
CA ILE B 234 -10.67 -29.17 -50.24
C ILE B 234 -9.56 -30.05 -50.84
N THR B 235 -9.91 -31.28 -51.25
CA THR B 235 -9.01 -32.19 -51.96
C THR B 235 -8.90 -31.79 -53.43
N GLY B 236 -10.03 -31.27 -53.96
CA GLY B 236 -10.33 -31.25 -55.40
C GLY B 236 -9.32 -30.40 -56.15
N PRO B 237 -9.38 -30.37 -57.50
CA PRO B 237 -8.40 -29.66 -58.31
C PRO B 237 -8.47 -28.15 -58.01
N TYR B 238 -7.30 -27.53 -57.82
CA TYR B 238 -7.19 -26.12 -57.52
C TYR B 238 -6.83 -25.36 -58.81
N GLU B 239 -7.16 -24.06 -58.83
CA GLU B 239 -6.69 -23.11 -59.84
C GLU B 239 -5.90 -21.99 -59.16
N GLY B 240 -4.60 -21.90 -59.49
CA GLY B 240 -3.70 -20.91 -58.92
C GLY B 240 -3.65 -19.62 -59.75
N ARG B 241 -3.69 -18.48 -59.06
CA ARG B 241 -3.42 -17.18 -59.68
C ARG B 241 -2.54 -16.32 -58.76
N VAL B 242 -1.90 -15.33 -59.39
CA VAL B 242 -1.25 -14.22 -58.70
C VAL B 242 -2.32 -13.14 -58.50
N VAL B 243 -2.48 -12.68 -57.25
CA VAL B 243 -3.55 -11.72 -56.92
C VAL B 243 -2.97 -10.42 -56.33
N PHE B 244 -1.69 -10.42 -55.96
CA PHE B 244 -1.05 -9.23 -55.38
C PHE B 244 0.48 -9.32 -55.48
N GLN B 245 1.08 -8.27 -56.06
CA GLN B 245 2.52 -8.20 -56.29
C GLN B 245 2.97 -6.73 -56.17
N ASP B 246 3.14 -6.26 -54.93
CA ASP B 246 3.39 -4.83 -54.66
C ASP B 246 4.28 -4.66 -53.42
N ARG B 247 5.57 -4.38 -53.66
CA ARG B 247 6.55 -4.01 -52.61
C ARG B 247 6.76 -5.17 -51.61
N GLY B 248 6.53 -6.40 -52.07
CA GLY B 248 6.74 -7.59 -51.25
C GLY B 248 5.76 -7.70 -50.09
N ILE B 249 4.62 -7.00 -50.18
CA ILE B 249 3.54 -7.14 -49.21
C ILE B 249 2.81 -8.46 -49.51
N ALA B 250 2.90 -9.40 -48.56
CA ALA B 250 2.44 -10.79 -48.76
C ALA B 250 2.42 -11.58 -47.44
N GLN B 251 1.73 -12.73 -47.50
CA GLN B 251 1.56 -13.72 -46.43
C GLN B 251 0.45 -13.27 -45.47
N GLY B 252 -0.65 -14.04 -45.47
CA GLY B 252 -1.82 -13.79 -44.66
C GLY B 252 -3.06 -14.35 -45.31
N GLY B 253 -4.17 -13.60 -45.22
CA GLY B 253 -5.44 -14.08 -45.72
C GLY B 253 -6.54 -13.05 -45.58
N LEU B 254 -7.78 -13.53 -45.73
CA LEU B 254 -8.97 -12.70 -45.77
C LEU B 254 -9.55 -12.52 -44.37
N VAL B 255 -10.13 -11.35 -44.16
CA VAL B 255 -11.00 -11.03 -43.06
C VAL B 255 -12.16 -10.22 -43.63
N ASP B 256 -13.32 -10.26 -42.95
CA ASP B 256 -14.50 -9.52 -43.36
C ASP B 256 -15.02 -8.70 -42.17
N THR B 257 -15.76 -7.63 -42.47
CA THR B 257 -16.47 -6.83 -41.46
C THR B 257 -17.89 -7.35 -41.30
N PRO B 258 -18.59 -7.05 -40.18
CA PRO B 258 -19.99 -7.43 -40.01
C PRO B 258 -20.91 -6.89 -41.11
N ASP B 259 -20.55 -5.74 -41.71
CA ASP B 259 -21.35 -5.09 -42.76
C ASP B 259 -20.96 -5.64 -44.15
N GLY B 260 -19.98 -6.54 -44.20
CA GLY B 260 -19.72 -7.38 -45.39
C GLY B 260 -18.65 -6.84 -46.33
N ARG B 261 -17.85 -5.87 -45.88
CA ARG B 261 -16.63 -5.43 -46.60
C ARG B 261 -15.49 -6.43 -46.31
N TRP B 262 -14.61 -6.63 -47.29
CA TRP B 262 -13.53 -7.60 -47.19
C TRP B 262 -12.17 -6.90 -47.26
N PHE B 263 -11.21 -7.43 -46.51
CA PHE B 263 -9.82 -7.01 -46.51
C PHE B 263 -8.92 -8.24 -46.54
N ALA B 264 -7.78 -8.13 -47.22
CA ALA B 264 -6.68 -9.07 -47.11
C ALA B 264 -5.64 -8.47 -46.16
N TYR B 265 -5.24 -9.24 -45.15
CA TYR B 265 -4.20 -8.81 -44.19
C TYR B 265 -2.87 -9.47 -44.59
N LEU B 266 -1.83 -8.65 -44.72
CA LEU B 266 -0.51 -9.10 -45.16
C LEU B 266 0.57 -8.36 -44.36
N PHE B 267 1.85 -8.57 -44.71
CA PHE B 267 2.94 -7.78 -44.13
C PHE B 267 4.06 -7.57 -45.16
N GLU B 268 4.88 -6.54 -44.85
CA GLU B 268 6.02 -6.10 -45.67
C GLU B 268 7.31 -6.31 -44.87
N ASP B 269 8.39 -6.71 -45.57
CA ASP B 269 9.75 -6.60 -45.06
C ASP B 269 10.16 -5.11 -45.05
N CYS B 270 10.35 -4.54 -43.86
CA CYS B 270 10.47 -3.10 -43.72
C CYS B 270 11.76 -2.72 -42.97
N GLY B 271 12.84 -3.46 -43.21
CA GLY B 271 14.14 -3.19 -42.58
C GLY B 271 14.10 -3.46 -41.08
N ALA B 272 14.75 -2.58 -40.31
CA ALA B 272 15.14 -2.87 -38.92
C ALA B 272 13.95 -2.81 -37.97
N VAL B 273 12.87 -2.13 -38.35
CA VAL B 273 11.66 -2.04 -37.52
C VAL B 273 10.95 -3.40 -37.50
N GLY B 274 11.10 -4.16 -38.60
CA GLY B 274 10.69 -5.56 -38.69
C GLY B 274 9.76 -5.82 -39.87
N ARG B 275 8.82 -6.75 -39.66
CA ARG B 275 7.90 -7.17 -40.69
C ARG B 275 6.49 -6.70 -40.28
N ILE B 276 5.97 -5.72 -41.02
CA ILE B 276 4.93 -4.84 -40.52
C ILE B 276 3.60 -5.16 -41.23
N PRO B 277 2.52 -5.39 -40.45
CA PRO B 277 1.17 -5.55 -40.98
C PRO B 277 0.62 -4.46 -41.92
N TYR B 278 0.09 -4.90 -43.06
CA TYR B 278 -0.71 -4.09 -43.97
C TYR B 278 -2.14 -4.64 -44.01
N LEU B 279 -3.03 -3.83 -44.59
CA LEU B 279 -4.44 -4.11 -44.71
C LEU B 279 -4.87 -3.63 -46.09
N VAL B 280 -5.11 -4.58 -47.01
CA VAL B 280 -5.43 -4.29 -48.41
C VAL B 280 -6.91 -4.59 -48.64
N PRO B 281 -7.71 -3.63 -49.15
CA PRO B 281 -9.10 -3.89 -49.54
C PRO B 281 -9.24 -5.01 -50.59
N VAL B 282 -10.38 -5.71 -50.55
CA VAL B 282 -10.64 -6.85 -51.41
C VAL B 282 -12.00 -6.64 -52.10
N GLU B 283 -12.00 -6.79 -53.43
CA GLU B 283 -13.21 -6.81 -54.24
C GLU B 283 -13.34 -8.23 -54.82
N TRP B 284 -14.57 -8.77 -54.85
CA TRP B 284 -14.86 -10.02 -55.52
C TRP B 284 -15.38 -9.72 -56.93
N LYS B 285 -14.80 -10.39 -57.93
CA LYS B 285 -15.09 -10.10 -59.33
C LYS B 285 -15.83 -11.27 -59.96
N ASP B 286 -15.10 -12.37 -60.19
CA ASP B 286 -15.67 -13.59 -60.74
C ASP B 286 -15.32 -14.74 -59.80
N GLY B 287 -15.71 -14.57 -58.53
CA GLY B 287 -15.38 -15.49 -57.47
C GLY B 287 -13.89 -15.50 -57.17
N TRP B 288 -13.20 -14.39 -57.49
CA TRP B 288 -11.79 -14.16 -57.18
C TRP B 288 -11.67 -12.91 -56.31
N PRO B 289 -10.76 -12.87 -55.31
CA PRO B 289 -10.44 -11.64 -54.61
C PRO B 289 -9.54 -10.78 -55.51
N VAL B 290 -9.87 -9.48 -55.61
CA VAL B 290 -9.10 -8.52 -56.40
C VAL B 290 -8.49 -7.51 -55.41
N LEU B 291 -7.31 -7.86 -54.90
CA LEU B 291 -6.63 -7.09 -53.86
C LEU B 291 -6.19 -5.73 -54.42
N GLY B 292 -6.43 -4.68 -53.64
CA GLY B 292 -5.78 -3.40 -53.80
C GLY B 292 -6.33 -2.56 -54.95
N VAL B 293 -6.38 -1.25 -54.72
CA VAL B 293 -6.73 -0.26 -55.73
C VAL B 293 -5.57 -0.16 -56.72
N ASN B 294 -5.86 -0.29 -58.02
CA ASN B 294 -4.86 -0.27 -59.11
C ASN B 294 -3.81 -1.37 -58.92
N GLY B 295 -4.15 -2.43 -58.15
CA GLY B 295 -3.23 -3.51 -57.80
C GLY B 295 -2.19 -3.10 -56.75
N ARG B 296 -2.48 -2.01 -56.03
CA ARG B 296 -1.56 -1.44 -55.03
C ARG B 296 -2.22 -1.49 -53.65
N ALA B 297 -1.39 -1.71 -52.62
CA ALA B 297 -1.76 -1.45 -51.23
C ALA B 297 -1.92 0.05 -51.05
N PRO B 298 -3.13 0.57 -50.73
CA PRO B 298 -3.35 2.01 -50.65
C PRO B 298 -2.67 2.61 -49.41
N ALA B 299 -2.43 3.92 -49.46
CA ALA B 299 -1.84 4.65 -48.34
C ALA B 299 -2.91 4.87 -47.26
N LYS B 300 -4.12 5.24 -47.69
CA LYS B 300 -5.22 5.57 -46.80
C LYS B 300 -6.25 4.42 -46.81
N LEU B 301 -6.87 4.20 -45.65
CA LEU B 301 -7.86 3.15 -45.45
C LEU B 301 -9.17 3.78 -44.96
N GLU B 302 -10.28 3.35 -45.56
CA GLU B 302 -11.61 3.81 -45.18
C GLU B 302 -12.05 3.05 -43.93
N LEU B 303 -11.42 3.36 -42.80
CA LEU B 303 -11.67 2.71 -41.52
C LEU B 303 -11.55 3.74 -40.41
N PRO B 304 -12.01 3.46 -39.17
CA PRO B 304 -11.88 4.41 -38.06
C PRO B 304 -10.43 4.88 -37.84
N ASP B 305 -10.28 6.09 -37.28
CA ASP B 305 -8.98 6.68 -36.99
C ASP B 305 -8.15 5.72 -36.13
N SER B 306 -6.82 5.93 -36.14
CA SER B 306 -5.87 5.17 -35.32
C SER B 306 -5.43 6.01 -34.12
N ARG B 307 -5.16 5.33 -32.99
CA ARG B 307 -4.68 5.95 -31.74
C ARG B 307 -3.22 5.55 -31.48
N GLY B 308 -2.55 5.00 -32.50
CA GLY B 308 -1.16 4.56 -32.42
C GLY B 308 -1.01 3.27 -31.62
N LEU B 309 0.23 2.85 -31.44
CA LEU B 309 0.57 1.55 -30.85
C LEU B 309 0.77 1.67 -29.33
N ILE B 310 0.75 2.89 -28.77
CA ILE B 310 0.84 3.10 -27.31
C ILE B 310 -0.57 3.34 -26.77
N PRO B 311 -1.01 2.52 -25.79
CA PRO B 311 -0.22 1.51 -25.10
C PRO B 311 -0.55 0.04 -25.42
N GLY B 312 -1.20 -0.21 -26.56
CA GLY B 312 -1.67 -1.55 -26.94
C GLY B 312 -0.52 -2.53 -27.19
N ILE B 313 0.42 -2.12 -28.06
CA ILE B 313 1.52 -2.97 -28.55
C ILE B 313 2.76 -2.76 -27.68
N VAL B 314 3.06 -1.48 -27.41
CA VAL B 314 4.19 -1.06 -26.59
C VAL B 314 3.69 -0.03 -25.59
N ALA B 315 4.31 0.02 -24.41
CA ALA B 315 3.88 0.92 -23.36
C ALA B 315 5.01 1.20 -22.37
N SER B 316 4.90 2.35 -21.69
CA SER B 316 5.77 2.72 -20.59
C SER B 316 5.39 1.89 -19.36
N ASP B 317 6.34 1.75 -18.43
CA ASP B 317 6.11 0.99 -17.20
C ASP B 317 6.92 1.63 -16.06
N ASP B 318 6.20 2.16 -15.07
CA ASP B 318 6.79 2.76 -13.87
C ASP B 318 7.14 1.66 -12.85
N PHE B 319 6.67 0.43 -13.10
CA PHE B 319 6.93 -0.78 -12.29
C PHE B 319 6.24 -0.69 -10.92
N ASN B 320 5.23 0.20 -10.81
CA ASN B 320 4.28 0.22 -9.72
C ASN B 320 3.18 -0.80 -10.03
N ARG B 321 2.90 -1.69 -9.07
CA ARG B 321 1.92 -2.76 -9.24
C ARG B 321 0.92 -2.72 -8.08
N LYS B 322 -0.37 -2.69 -8.41
CA LYS B 322 -1.43 -2.87 -7.42
C LYS B 322 -1.51 -4.36 -7.07
N LYS B 323 -1.96 -4.66 -5.85
CA LYS B 323 -2.18 -6.04 -5.41
C LYS B 323 -3.22 -6.68 -6.33
N GLY B 324 -2.80 -7.71 -7.07
CA GLY B 324 -3.65 -8.41 -8.01
C GLY B 324 -3.22 -8.17 -9.45
N GLU B 325 -2.73 -6.95 -9.74
CA GLU B 325 -2.25 -6.58 -11.10
C GLU B 325 -1.21 -7.59 -11.57
N ARG B 326 -1.24 -7.93 -12.86
CA ARG B 326 -0.27 -8.86 -13.42
C ARG B 326 1.12 -8.24 -13.35
N ALA B 327 2.12 -9.09 -13.08
CA ALA B 327 3.49 -8.68 -12.82
C ALA B 327 4.04 -7.84 -13.99
N LEU B 328 4.11 -8.44 -15.19
CA LEU B 328 4.64 -7.78 -16.39
C LEU B 328 3.52 -7.54 -17.39
N PRO B 329 3.20 -6.27 -17.75
CA PRO B 329 2.28 -6.01 -18.86
C PRO B 329 2.56 -6.91 -20.08
N LEU B 330 1.51 -7.15 -20.88
CA LEU B 330 1.59 -8.07 -22.01
C LEU B 330 2.60 -7.55 -23.05
N VAL B 331 2.90 -6.24 -23.02
CA VAL B 331 3.86 -5.63 -23.97
C VAL B 331 5.26 -6.23 -23.76
N TRP B 332 5.58 -6.61 -22.51
CA TRP B 332 6.89 -7.18 -22.17
C TRP B 332 7.02 -8.61 -22.71
N GLN B 333 8.25 -8.97 -23.08
CA GLN B 333 8.61 -10.27 -23.59
C GLN B 333 10.10 -10.49 -23.34
N TRP B 334 10.45 -11.57 -22.63
CA TRP B 334 11.85 -11.94 -22.37
C TRP B 334 12.48 -12.47 -23.66
N ASN B 335 13.81 -12.31 -23.77
CA ASN B 335 14.63 -12.97 -24.77
C ASN B 335 14.96 -14.37 -24.25
N HIS B 336 14.42 -15.40 -24.92
CA HIS B 336 14.54 -16.81 -24.50
C HIS B 336 13.86 -17.00 -23.13
N ASN B 337 14.00 -18.20 -22.55
CA ASN B 337 13.36 -18.53 -21.28
C ASN B 337 13.98 -17.69 -20.16
N PRO B 338 13.18 -16.87 -19.43
CA PRO B 338 13.68 -16.15 -18.27
C PRO B 338 14.05 -17.04 -17.08
N ASP B 339 15.15 -16.70 -16.40
CA ASP B 339 15.43 -17.18 -15.06
C ASP B 339 14.58 -16.34 -14.11
N ASN B 340 13.49 -16.92 -13.60
CA ASN B 340 12.45 -16.22 -12.88
C ASN B 340 12.87 -15.94 -11.43
N ALA B 341 13.98 -16.58 -11.02
CA ALA B 341 14.53 -16.41 -9.67
C ALA B 341 15.36 -15.11 -9.57
N LEU B 342 15.73 -14.52 -10.71
CA LEU B 342 16.72 -13.46 -10.81
C LEU B 342 16.10 -12.11 -11.18
N TRP B 343 14.76 -12.03 -11.26
CA TRP B 343 14.07 -10.75 -11.47
C TRP B 343 12.93 -10.62 -10.46
N SER B 344 12.64 -9.38 -10.05
CA SER B 344 11.71 -9.13 -8.96
C SER B 344 11.17 -7.70 -9.06
N LEU B 345 9.90 -7.53 -8.66
CA LEU B 345 9.22 -6.23 -8.57
C LEU B 345 8.89 -5.89 -7.11
N SER B 346 9.02 -6.87 -6.19
CA SER B 346 8.63 -6.72 -4.79
C SER B 346 9.86 -6.73 -3.86
N ALA B 347 11.05 -6.75 -4.45
CA ALA B 347 12.29 -6.52 -3.72
C ALA B 347 12.31 -5.05 -3.29
N ARG B 348 12.39 -4.16 -4.28
CA ARG B 348 12.29 -2.72 -4.11
C ARG B 348 11.03 -2.25 -4.84
N LYS B 349 10.08 -1.68 -4.09
CA LYS B 349 8.79 -1.29 -4.64
C LYS B 349 8.94 -0.03 -5.47
N GLY B 350 8.35 -0.06 -6.67
CA GLY B 350 8.45 0.99 -7.68
C GLY B 350 9.58 0.72 -8.66
N TYR B 351 10.28 -0.41 -8.45
CA TYR B 351 11.52 -0.72 -9.12
C TYR B 351 11.54 -2.18 -9.60
N LEU B 352 11.98 -2.37 -10.85
CA LEU B 352 12.32 -3.67 -11.41
C LEU B 352 13.79 -3.98 -11.11
N ARG B 353 14.03 -5.04 -10.32
CA ARG B 353 15.38 -5.47 -9.97
C ARG B 353 15.75 -6.69 -10.82
N LEU B 354 16.80 -6.55 -11.64
CA LEU B 354 17.43 -7.66 -12.35
C LEU B 354 18.75 -8.00 -11.64
N THR B 355 18.86 -9.24 -11.16
CA THR B 355 20.03 -9.76 -10.48
C THR B 355 20.86 -10.60 -11.46
N THR B 356 22.15 -10.74 -11.15
CA THR B 356 23.07 -11.58 -11.88
C THR B 356 22.92 -13.03 -11.41
N GLY B 357 23.12 -13.98 -12.33
CA GLY B 357 23.10 -15.42 -12.02
C GLY B 357 24.34 -16.14 -12.50
N ARG B 358 24.72 -15.89 -13.77
CA ARG B 358 25.77 -16.59 -14.48
C ARG B 358 26.77 -15.57 -15.05
N MET B 359 28.05 -15.96 -15.10
CA MET B 359 29.10 -15.18 -15.76
C MET B 359 28.99 -15.43 -17.29
N GLU B 360 29.08 -14.35 -18.06
CA GLU B 360 28.80 -14.35 -19.49
C GLU B 360 30.00 -13.85 -20.30
N THR B 361 29.95 -14.11 -21.61
CA THR B 361 30.96 -13.73 -22.58
C THR B 361 30.30 -12.96 -23.74
N SER B 362 29.24 -13.55 -24.30
CA SER B 362 28.41 -12.90 -25.31
C SER B 362 27.17 -12.31 -24.65
N PHE B 363 26.85 -11.05 -25.00
CA PHE B 363 25.59 -10.38 -24.62
C PHE B 363 24.39 -11.26 -24.98
N THR B 364 24.47 -11.88 -26.16
CA THR B 364 23.37 -12.61 -26.77
C THR B 364 23.09 -13.94 -26.03
N GLN B 365 24.01 -14.36 -25.13
CA GLN B 365 23.84 -15.56 -24.30
C GLN B 365 23.44 -15.19 -22.86
N ALA B 366 23.32 -13.88 -22.58
CA ALA B 366 22.91 -13.40 -21.25
C ALA B 366 21.40 -13.59 -21.06
N LYS B 367 20.99 -13.86 -19.82
CA LYS B 367 19.62 -14.16 -19.49
C LYS B 367 18.91 -12.88 -19.04
N ASN B 368 17.57 -12.91 -19.06
CA ASN B 368 16.72 -11.90 -18.44
C ASN B 368 16.95 -10.52 -19.08
N ILE B 369 17.08 -10.53 -20.41
CA ILE B 369 16.93 -9.32 -21.22
C ILE B 369 15.42 -9.13 -21.47
N LEU B 370 14.88 -8.05 -20.91
CA LEU B 370 13.44 -7.76 -20.94
C LEU B 370 13.17 -6.74 -22.07
N THR B 371 12.29 -7.09 -23.00
CA THR B 371 12.18 -6.34 -24.26
C THR B 371 10.74 -5.87 -24.55
N GLN B 372 10.66 -5.00 -25.57
CA GLN B 372 9.44 -4.57 -26.23
C GLN B 372 9.80 -4.27 -27.70
N ARG B 373 8.78 -4.18 -28.55
CA ARG B 373 8.99 -3.86 -29.97
C ARG B 373 9.52 -2.42 -30.07
N THR B 374 10.28 -2.14 -31.13
CA THR B 374 10.45 -0.77 -31.60
C THR B 374 9.27 -0.44 -32.51
N ILE B 375 8.95 0.86 -32.62
CA ILE B 375 7.85 1.34 -33.46
C ILE B 375 8.39 2.38 -34.45
N GLY B 376 7.61 2.62 -35.51
CA GLY B 376 7.97 3.54 -36.58
C GLY B 376 6.94 4.64 -36.75
N PRO B 377 7.25 5.64 -37.58
CA PRO B 377 8.53 5.77 -38.28
C PRO B 377 9.70 6.16 -37.36
N VAL B 378 9.39 6.69 -36.17
CA VAL B 378 10.37 7.09 -35.17
C VAL B 378 9.87 6.67 -33.78
N CYS B 379 10.81 6.36 -32.89
CA CYS B 379 10.51 6.16 -31.47
C CYS B 379 11.75 6.45 -30.61
N THR B 380 11.49 6.76 -29.34
CA THR B 380 12.51 6.99 -28.32
C THR B 380 12.18 6.13 -27.10
N GLY B 381 13.17 5.40 -26.59
CA GLY B 381 13.03 4.58 -25.39
C GLY B 381 14.04 4.96 -24.33
N SER B 382 13.57 5.14 -23.09
CA SER B 382 14.39 5.67 -22.00
C SER B 382 14.14 4.90 -20.70
N VAL B 383 15.14 4.93 -19.81
CA VAL B 383 15.07 4.34 -18.46
C VAL B 383 15.79 5.24 -17.45
N SER B 384 15.31 5.19 -16.20
CA SER B 384 16.03 5.63 -15.01
C SER B 384 16.53 4.38 -14.27
N MET B 385 17.84 4.36 -13.96
CA MET B 385 18.49 3.20 -13.35
C MET B 385 19.04 3.58 -11.98
N ASP B 386 19.46 2.57 -11.21
CA ASP B 386 20.16 2.71 -9.94
C ASP B 386 21.22 1.62 -9.87
N VAL B 387 22.49 2.04 -9.91
CA VAL B 387 23.66 1.18 -10.13
C VAL B 387 24.32 0.81 -8.79
N SER B 388 23.70 1.18 -7.67
CA SER B 388 24.24 0.94 -6.33
C SER B 388 24.75 -0.51 -6.20
N GLY B 389 23.89 -1.48 -6.54
CA GLY B 389 24.10 -2.88 -6.23
C GLY B 389 24.94 -3.65 -7.24
N MET B 390 25.52 -2.95 -8.22
CA MET B 390 26.35 -3.60 -9.27
C MET B 390 27.68 -4.08 -8.67
N LYS B 391 28.31 -5.02 -9.38
CA LYS B 391 29.58 -5.64 -8.98
C LYS B 391 30.60 -5.55 -10.12
N GLU B 392 31.88 -5.71 -9.75
CA GLU B 392 33.00 -5.86 -10.68
C GLU B 392 32.57 -6.76 -11.86
N GLY B 393 32.64 -6.18 -13.07
CA GLY B 393 32.45 -6.91 -14.32
C GLY B 393 30.99 -6.97 -14.75
N ASP B 394 30.14 -6.11 -14.17
CA ASP B 394 28.70 -6.13 -14.44
C ASP B 394 28.33 -4.96 -15.37
N PHE B 395 27.53 -5.28 -16.39
CA PHE B 395 27.14 -4.33 -17.42
C PHE B 395 25.62 -4.34 -17.54
N ALA B 396 25.00 -3.23 -17.12
CA ALA B 396 23.54 -3.08 -17.07
C ALA B 396 23.14 -1.76 -17.71
N GLY B 397 22.11 -1.80 -18.55
CA GLY B 397 21.67 -0.66 -19.32
C GLY B 397 20.54 -0.98 -20.28
N LEU B 398 20.30 -0.03 -21.20
CA LEU B 398 19.31 -0.09 -22.27
C LEU B 398 20.01 -0.48 -23.56
N SER B 399 19.31 -1.16 -24.47
CA SER B 399 19.88 -1.71 -25.70
C SER B 399 18.90 -1.60 -26.87
N LEU B 400 19.45 -1.61 -28.08
CA LEU B 400 18.71 -1.88 -29.29
C LEU B 400 19.14 -3.27 -29.78
N PHE B 401 18.24 -4.24 -29.63
CA PHE B 401 18.62 -5.64 -29.56
C PHE B 401 18.29 -6.39 -30.87
N GLN B 402 19.35 -6.91 -31.50
CA GLN B 402 19.38 -8.04 -32.42
C GLN B 402 20.84 -8.52 -32.49
N ARG B 403 21.23 -9.26 -33.53
CA ARG B 403 22.60 -9.71 -33.75
C ARG B 403 23.53 -8.49 -33.79
N LYS B 404 23.21 -7.53 -34.65
CA LYS B 404 23.94 -6.25 -34.77
C LYS B 404 23.32 -5.22 -33.83
N TYR B 405 23.65 -5.34 -32.54
CA TYR B 405 22.98 -4.63 -31.45
C TYR B 405 23.75 -3.36 -31.05
N GLY B 406 23.02 -2.47 -30.36
CA GLY B 406 23.56 -1.32 -29.67
C GLY B 406 23.30 -1.43 -28.18
N GLN B 407 24.23 -0.89 -27.38
CA GLN B 407 24.17 -0.90 -25.93
C GLN B 407 24.57 0.49 -25.41
N VAL B 408 23.88 0.94 -24.36
CA VAL B 408 24.32 2.08 -23.56
C VAL B 408 24.03 1.73 -22.11
N GLY B 409 25.06 1.82 -21.25
CA GLY B 409 24.92 1.36 -19.87
C GLY B 409 26.16 1.65 -19.02
N VAL B 410 26.16 1.05 -17.82
CA VAL B 410 27.16 1.25 -16.81
C VAL B 410 27.96 -0.06 -16.68
N LYS B 411 29.26 0.00 -17.01
CA LYS B 411 30.21 -1.06 -16.70
C LYS B 411 30.92 -0.71 -15.39
N VAL B 412 31.35 -1.74 -14.65
CA VAL B 412 32.09 -1.60 -13.41
C VAL B 412 33.48 -2.23 -13.63
N THR B 413 34.52 -1.40 -13.54
CA THR B 413 35.89 -1.82 -13.81
C THR B 413 36.81 -1.36 -12.66
N ASP B 414 37.75 -2.25 -12.29
CA ASP B 414 38.67 -2.04 -11.18
C ASP B 414 37.87 -1.60 -9.95
N GLY B 415 37.79 -0.30 -9.70
CA GLY B 415 36.97 0.25 -8.62
C GLY B 415 35.70 0.88 -9.15
N LYS B 416 35.85 1.71 -10.19
CA LYS B 416 34.93 2.80 -10.52
C LYS B 416 33.86 2.35 -11.52
N LYS B 417 32.83 3.17 -11.68
CA LYS B 417 31.71 2.93 -12.59
C LYS B 417 31.77 3.91 -13.77
N TYR B 418 31.68 3.38 -14.99
CA TYR B 418 31.76 4.18 -16.23
C TYR B 418 30.52 3.99 -17.09
N ILE B 419 29.88 5.10 -17.49
CA ILE B 419 28.87 5.09 -18.54
C ILE B 419 29.57 4.79 -19.86
N VAL B 420 28.98 3.90 -20.67
CA VAL B 420 29.63 3.35 -21.85
C VAL B 420 28.55 3.09 -22.91
N MET B 421 28.94 3.27 -24.19
CA MET B 421 28.23 2.69 -25.33
C MET B 421 29.08 1.57 -25.93
N VAL B 422 28.40 0.53 -26.44
CA VAL B 422 29.00 -0.50 -27.25
C VAL B 422 28.22 -0.62 -28.56
N ASN B 423 28.97 -0.68 -29.68
CA ASN B 423 28.42 -0.87 -31.01
C ASN B 423 28.77 -2.29 -31.47
N GLY B 424 27.73 -3.08 -31.79
CA GLY B 424 27.84 -4.52 -32.06
C GLY B 424 27.64 -4.88 -33.52
N GLU B 425 27.86 -3.90 -34.42
CA GLU B 425 27.61 -4.07 -35.86
C GLU B 425 28.56 -5.13 -36.46
N ASN B 426 29.73 -5.31 -35.82
CA ASN B 426 30.78 -6.18 -36.32
C ASN B 426 30.90 -7.41 -35.41
N GLU B 427 31.74 -8.37 -35.84
CA GLU B 427 31.95 -9.64 -35.14
C GLU B 427 32.33 -9.34 -33.68
N THR B 428 33.42 -8.59 -33.52
CA THR B 428 33.93 -8.15 -32.24
C THR B 428 33.17 -6.89 -31.84
N PRO B 429 32.59 -6.82 -30.61
CA PRO B 429 31.93 -5.60 -30.14
C PRO B 429 32.95 -4.50 -29.81
N ALA B 430 32.52 -3.24 -29.92
CA ALA B 430 33.41 -2.07 -29.83
C ALA B 430 32.89 -1.10 -28.76
N GLU B 431 33.67 -0.96 -27.67
CA GLU B 431 33.47 0.10 -26.70
C GLU B 431 33.87 1.42 -27.38
N VAL B 432 32.87 2.21 -27.79
CA VAL B 432 33.09 3.35 -28.69
C VAL B 432 33.43 4.61 -27.87
N GLU B 433 32.71 4.80 -26.76
CA GLU B 433 32.94 5.91 -25.83
C GLU B 433 32.93 5.33 -24.41
N LYS B 434 33.24 6.18 -23.43
CA LYS B 434 33.38 5.82 -22.02
C LYS B 434 33.47 7.12 -21.22
N VAL B 435 32.72 7.23 -20.12
CA VAL B 435 32.61 8.47 -19.33
C VAL B 435 32.49 8.08 -17.85
N PRO B 436 33.34 8.62 -16.94
CA PRO B 436 33.26 8.26 -15.53
C PRO B 436 31.89 8.62 -14.92
N LEU B 437 31.41 7.78 -13.99
CA LEU B 437 30.14 8.01 -13.31
C LEU B 437 30.38 8.10 -11.80
N ASN B 438 29.85 9.15 -11.19
CA ASN B 438 30.05 9.42 -9.77
C ASN B 438 28.71 9.53 -9.03
N GLN B 439 27.61 9.17 -9.73
CA GLN B 439 26.30 9.04 -9.13
C GLN B 439 25.90 7.56 -9.13
N GLN B 440 24.85 7.24 -8.38
CA GLN B 440 24.36 5.88 -8.39
C GLN B 440 22.98 5.81 -9.06
N VAL B 441 22.40 6.96 -9.43
CA VAL B 441 21.25 7.05 -10.33
C VAL B 441 21.76 7.57 -11.68
N VAL B 442 21.29 6.94 -12.77
CA VAL B 442 21.69 7.33 -14.13
C VAL B 442 20.52 7.04 -15.08
N TYR B 443 20.34 7.92 -16.07
CA TYR B 443 19.27 7.83 -17.05
C TYR B 443 19.87 7.46 -18.41
N PHE B 444 19.11 6.72 -19.23
CA PHE B 444 19.50 6.37 -20.60
C PHE B 444 18.34 6.57 -21.57
N LYS B 445 18.68 6.84 -22.83
CA LYS B 445 17.74 7.10 -23.92
C LYS B 445 18.28 6.45 -25.20
N ALA B 446 17.38 5.86 -25.98
CA ALA B 446 17.68 5.29 -27.27
C ALA B 446 16.61 5.75 -28.27
N GLU B 447 17.02 6.58 -29.23
CA GLU B 447 16.17 7.00 -30.34
C GLU B 447 16.29 5.98 -31.48
N CYS B 448 15.20 5.78 -32.22
CA CYS B 448 15.22 5.02 -33.45
C CYS B 448 14.68 5.91 -34.57
N ASP B 449 15.40 5.95 -35.68
CA ASP B 449 14.93 6.61 -36.89
C ASP B 449 14.78 5.54 -37.99
N PHE B 450 13.52 5.21 -38.32
CA PHE B 450 13.18 4.22 -39.34
C PHE B 450 12.60 4.90 -40.59
N ARG B 451 12.51 6.24 -40.57
CA ARG B 451 12.05 7.03 -41.73
C ARG B 451 12.82 6.57 -42.99
N ASN B 452 12.08 6.25 -44.06
CA ASN B 452 12.67 5.76 -45.32
C ASN B 452 13.79 4.75 -45.04
N LYS B 453 13.58 3.91 -44.02
CA LYS B 453 14.46 2.81 -43.64
C LYS B 453 15.94 3.23 -43.54
N VAL B 454 16.25 4.48 -43.12
CA VAL B 454 17.68 4.86 -42.86
C VAL B 454 18.20 4.00 -41.70
N ASP B 455 17.28 3.62 -40.81
CA ASP B 455 17.50 2.61 -39.77
C ASP B 455 18.75 2.99 -38.97
N LYS B 456 18.65 4.12 -38.28
CA LYS B 456 19.72 4.64 -37.44
C LYS B 456 19.22 4.68 -35.99
N GLY B 457 20.07 4.20 -35.07
CA GLY B 457 19.87 4.33 -33.63
C GLY B 457 20.88 5.29 -33.02
N TYR B 458 20.41 6.07 -32.04
CA TYR B 458 21.23 7.07 -31.36
C TYR B 458 21.07 6.90 -29.84
N PHE B 459 22.20 6.90 -29.12
CA PHE B 459 22.23 6.66 -27.67
C PHE B 459 22.69 7.93 -26.92
N TYR B 460 22.08 8.15 -25.75
CA TYR B 460 22.39 9.26 -24.85
C TYR B 460 22.45 8.75 -23.41
N TYR B 461 23.08 9.53 -22.53
CA TYR B 461 23.01 9.32 -21.08
C TYR B 461 22.55 10.62 -20.41
N SER B 462 22.29 10.55 -19.11
CA SER B 462 21.94 11.73 -18.33
C SER B 462 22.07 11.43 -16.84
N LEU B 463 22.58 12.42 -16.09
CA LEU B 463 22.70 12.36 -14.64
C LEU B 463 21.44 12.95 -14.01
N ASP B 464 20.48 13.29 -14.88
CA ASP B 464 19.47 14.30 -14.62
C ASP B 464 18.19 13.86 -15.38
N GLY B 465 17.05 14.46 -15.00
CA GLY B 465 15.79 14.22 -15.70
C GLY B 465 15.92 14.44 -17.21
N SER B 466 16.32 15.66 -17.60
CA SER B 466 16.06 16.23 -18.94
C SER B 466 17.30 16.82 -19.62
N ASN B 467 18.50 16.59 -19.10
CA ASN B 467 19.75 17.07 -19.73
C ASN B 467 20.51 15.88 -20.33
N TRP B 468 20.39 15.71 -21.65
CA TRP B 468 20.80 14.50 -22.35
C TRP B 468 22.11 14.73 -23.12
N LYS B 469 23.00 13.72 -23.04
CA LYS B 469 24.34 13.81 -23.59
C LYS B 469 24.62 12.60 -24.49
N ALA B 470 24.63 12.86 -25.80
CA ALA B 470 25.07 11.91 -26.82
C ALA B 470 26.34 11.20 -26.35
N ILE B 471 26.42 9.89 -26.63
CA ILE B 471 27.56 9.06 -26.29
C ILE B 471 27.58 7.86 -27.24
N GLY B 472 28.78 7.56 -27.73
CA GLY B 472 29.00 6.57 -28.76
C GLY B 472 28.60 7.10 -30.13
N ASN B 473 28.60 6.20 -31.12
CA ASN B 473 28.27 6.50 -32.50
C ASN B 473 26.84 6.05 -32.78
N VAL B 474 26.45 6.17 -34.06
CA VAL B 474 25.16 5.72 -34.56
C VAL B 474 25.19 4.20 -34.76
N LEU B 475 24.07 3.56 -34.39
CA LEU B 475 23.86 2.14 -34.67
C LEU B 475 23.16 2.04 -36.03
N LYS B 476 23.90 1.57 -37.04
CA LYS B 476 23.34 1.21 -38.31
C LYS B 476 22.60 -0.13 -38.16
N MET B 477 21.30 -0.06 -37.82
CA MET B 477 20.48 -1.24 -37.58
C MET B 477 20.24 -1.96 -38.91
N GLN B 478 20.43 -3.29 -38.91
CA GLN B 478 20.18 -4.10 -40.10
C GLN B 478 19.37 -5.34 -39.72
N TYR B 479 18.28 -5.57 -40.47
CA TYR B 479 17.45 -6.76 -40.28
C TYR B 479 18.18 -7.99 -40.81
N THR B 480 18.80 -8.76 -39.91
CA THR B 480 19.55 -9.96 -40.29
C THR B 480 18.81 -11.22 -39.85
N MET B 481 19.30 -12.36 -40.35
CA MET B 481 18.76 -13.68 -40.07
C MET B 481 19.93 -14.61 -39.74
N PRO B 482 20.14 -14.94 -38.46
CA PRO B 482 19.37 -14.50 -37.31
C PRO B 482 19.55 -13.00 -37.02
N HIS B 483 18.76 -12.41 -36.11
CA HIS B 483 17.78 -13.06 -35.25
C HIS B 483 16.41 -13.16 -35.95
N PHE B 484 16.29 -12.65 -37.19
CA PHE B 484 15.07 -12.80 -37.99
C PHE B 484 13.91 -12.06 -37.32
N MET B 485 14.25 -11.00 -36.58
CA MET B 485 13.28 -10.26 -35.82
C MET B 485 13.56 -8.77 -35.98
N GLY B 486 12.55 -7.95 -35.70
CA GLY B 486 12.71 -6.53 -35.60
C GLY B 486 13.55 -6.19 -34.39
N TYR B 487 14.13 -4.99 -34.42
CA TYR B 487 14.95 -4.48 -33.33
C TYR B 487 14.05 -4.17 -32.13
N ARG B 488 14.46 -4.63 -30.95
CA ARG B 488 13.67 -4.46 -29.75
C ARG B 488 14.43 -3.56 -28.77
N PHE B 489 13.68 -2.67 -28.09
CA PHE B 489 14.14 -2.02 -26.86
C PHE B 489 14.35 -3.12 -25.82
N ALA B 490 15.46 -3.06 -25.09
CA ALA B 490 15.86 -4.14 -24.20
C ALA B 490 16.53 -3.55 -22.95
N LEU B 491 16.03 -3.93 -21.77
CA LEU B 491 16.75 -3.69 -20.52
C LEU B 491 17.61 -4.92 -20.24
N PHE B 492 18.85 -4.71 -19.80
CA PHE B 492 19.75 -5.82 -19.53
C PHE B 492 20.60 -5.51 -18.29
N ASN B 493 21.28 -6.55 -17.79
CA ASN B 493 22.14 -6.53 -16.61
C ASN B 493 22.76 -7.93 -16.47
N TYR B 494 24.01 -8.09 -16.91
CA TYR B 494 24.72 -9.36 -16.84
C TYR B 494 26.14 -9.16 -16.32
N ALA B 495 26.75 -10.28 -15.90
CA ALA B 495 28.02 -10.32 -15.23
C ALA B 495 29.08 -10.97 -16.13
N THR B 496 30.35 -10.55 -15.95
CA THR B 496 31.49 -11.16 -16.63
C THR B 496 32.46 -11.79 -15.62
N LYS B 497 32.30 -11.52 -14.32
CA LYS B 497 33.33 -11.89 -13.32
C LYS B 497 32.73 -12.26 -11.95
N GLU B 498 31.63 -11.61 -11.55
CA GLU B 498 31.09 -11.77 -10.20
C GLU B 498 29.55 -11.79 -10.27
N VAL B 499 28.95 -12.79 -9.61
CA VAL B 499 27.49 -12.98 -9.63
C VAL B 499 26.91 -12.48 -8.30
N GLY B 500 25.60 -12.20 -8.32
CA GLY B 500 24.88 -11.66 -7.16
C GLY B 500 24.44 -10.21 -7.38
N GLY B 501 25.23 -9.45 -8.14
CA GLY B 501 24.99 -8.02 -8.36
C GLY B 501 23.67 -7.78 -9.07
N TYR B 502 23.08 -6.60 -8.85
CA TYR B 502 21.75 -6.26 -9.37
C TYR B 502 21.69 -4.80 -9.81
N ALA B 503 20.66 -4.49 -10.61
CA ALA B 503 20.43 -3.15 -11.13
C ALA B 503 18.93 -2.85 -11.12
N ASP B 504 18.53 -1.78 -10.42
CA ASP B 504 17.14 -1.36 -10.31
C ASP B 504 16.82 -0.38 -11.45
N PHE B 505 15.58 -0.48 -11.95
CA PHE B 505 15.02 0.39 -13.00
C PHE B 505 13.72 1.00 -12.47
N ASP B 506 13.70 2.33 -12.25
CA ASP B 506 12.50 2.98 -11.69
C ASP B 506 11.39 2.98 -12.73
N TYR B 507 11.76 3.10 -14.02
CA TYR B 507 10.80 3.12 -15.11
C TYR B 507 11.48 2.79 -16.44
N PHE B 508 10.65 2.34 -17.39
CA PHE B 508 10.93 2.40 -18.82
C PHE B 508 9.88 3.34 -19.43
N LYS B 509 10.28 4.13 -20.42
CA LYS B 509 9.35 5.06 -21.09
C LYS B 509 9.56 4.96 -22.60
N ILE B 510 8.45 4.86 -23.33
CA ILE B 510 8.45 4.88 -24.78
C ILE B 510 7.49 5.98 -25.25
N GLU B 511 7.92 6.69 -26.30
CA GLU B 511 7.15 7.73 -26.95
C GLU B 511 7.39 7.64 -28.46
N ASP B 512 6.46 8.20 -29.23
CA ASP B 512 6.46 8.06 -30.70
C ASP B 512 7.09 9.32 -31.32
N LYS B 513 8.06 9.90 -30.62
CA LYS B 513 8.72 11.13 -30.99
C LYS B 513 10.22 10.84 -31.15
N ILE B 514 10.92 11.76 -31.82
CA ILE B 514 12.38 11.79 -31.89
C ILE B 514 12.82 13.25 -31.80
N SER B 515 13.92 13.51 -31.09
CA SER B 515 14.38 14.88 -30.84
C SER B 515 14.75 15.57 -32.17
N ASP B 516 15.51 14.85 -33.00
CA ASP B 516 16.10 15.38 -34.23
C ASP B 516 17.10 16.48 -33.87
N CYS B 517 18.00 16.15 -32.92
CA CYS B 517 19.18 16.93 -32.59
C CYS B 517 20.45 16.27 -33.16
N ARG B 518 20.33 15.03 -33.63
CA ARG B 518 21.42 14.26 -34.22
C ARG B 518 21.03 13.77 -35.62
N TRP B 519 22.02 13.77 -36.52
CA TRP B 519 21.97 13.07 -37.78
C TRP B 519 23.39 12.56 -38.06
N GLU B 520 23.55 11.24 -38.21
CA GLU B 520 24.87 10.67 -38.47
C GLU B 520 24.84 9.87 -39.77
N ASP B 521 26.02 9.69 -40.37
CA ASP B 521 26.21 9.00 -41.64
C ASP B 521 25.26 9.58 -42.68
N ILE B 522 25.31 10.91 -42.86
CA ILE B 522 24.68 11.59 -43.99
C ILE B 522 25.68 11.58 -45.15
N CYS B 523 25.23 11.26 -46.36
CA CYS B 523 26.06 11.38 -47.56
C CYS B 523 25.96 12.81 -48.09
N TYR B 524 27.11 13.50 -48.23
CA TYR B 524 27.12 14.87 -48.76
C TYR B 524 27.35 14.85 -50.28
N ALA B 525 28.02 13.81 -50.79
CA ALA B 525 27.95 13.47 -52.22
C ALA B 525 26.79 12.49 -52.42
N ASP B 526 26.56 12.11 -53.68
CA ASP B 526 25.59 11.07 -54.02
C ASP B 526 26.37 9.77 -54.29
N ASP B 527 26.83 9.15 -53.20
CA ASP B 527 27.51 7.86 -53.22
C ASP B 527 27.42 7.23 -51.84
N LYS B 528 27.96 6.02 -51.69
CA LYS B 528 27.88 5.24 -50.45
C LYS B 528 29.24 5.20 -49.75
N LEU B 529 30.23 5.92 -50.31
CA LEU B 529 31.60 5.91 -49.84
C LEU B 529 31.64 6.45 -48.40
N GLU B 530 32.41 5.78 -47.54
CA GLU B 530 32.47 6.10 -46.11
C GLU B 530 33.06 7.51 -45.93
N GLY B 531 34.07 7.83 -46.74
CA GLY B 531 34.79 9.09 -46.66
C GLY B 531 33.98 10.29 -47.14
N HIS B 532 32.76 10.06 -47.63
CA HIS B 532 31.85 11.15 -48.01
C HIS B 532 30.62 11.18 -47.07
N LYS B 533 30.80 10.80 -45.80
CA LYS B 533 29.75 10.91 -44.80
C LYS B 533 30.11 11.98 -43.77
N LEU B 534 29.09 12.53 -43.10
CA LEU B 534 29.27 13.54 -42.05
C LEU B 534 28.15 13.40 -41.02
N ASP B 535 28.33 14.05 -39.87
CA ASP B 535 27.42 13.98 -38.74
C ASP B 535 27.06 15.41 -38.31
N ILE B 536 25.78 15.66 -38.08
CA ILE B 536 25.26 16.97 -37.71
C ILE B 536 24.71 16.89 -36.29
N TYR B 537 25.09 17.85 -35.46
CA TYR B 537 24.66 17.93 -34.06
C TYR B 537 24.04 19.31 -33.81
N LEU B 538 22.96 19.36 -33.03
CA LEU B 538 22.32 20.62 -32.63
C LEU B 538 22.29 20.71 -31.11
N PRO B 539 22.40 21.93 -30.53
CA PRO B 539 22.15 22.13 -29.11
C PRO B 539 20.69 21.84 -28.76
N ASP B 540 20.46 21.44 -27.50
CA ASP B 540 19.14 21.08 -27.01
C ASP B 540 18.32 22.34 -26.66
N MET B 541 18.92 23.52 -26.82
CA MET B 541 18.20 24.79 -26.72
C MET B 541 17.20 24.87 -27.88
N ASP B 542 16.13 25.68 -27.70
CA ASP B 542 15.08 25.80 -28.71
C ASP B 542 15.22 27.16 -29.42
N GLU B 543 16.08 27.18 -30.45
CA GLU B 543 16.31 28.34 -31.32
C GLU B 543 16.06 27.94 -32.76
N PRO B 544 15.60 28.88 -33.64
CA PRO B 544 15.18 28.53 -35.00
C PRO B 544 16.31 28.02 -35.90
N SER B 545 17.50 28.64 -35.82
CA SER B 545 18.70 28.12 -36.51
C SER B 545 19.93 28.24 -35.61
N TYR B 546 21.00 27.55 -36.01
CA TYR B 546 22.27 27.54 -35.29
C TYR B 546 23.43 27.77 -36.27
N LYS B 547 24.40 28.59 -35.84
CA LYS B 547 25.64 28.86 -36.57
C LYS B 547 26.58 27.66 -36.41
N VAL B 548 27.39 27.41 -37.45
CA VAL B 548 28.01 26.10 -37.65
C VAL B 548 29.51 26.17 -37.36
N VAL B 549 30.05 25.07 -36.82
CA VAL B 549 31.48 24.78 -36.82
C VAL B 549 31.67 23.36 -37.36
N VAL B 550 32.51 23.23 -38.40
CA VAL B 550 32.91 21.96 -38.99
C VAL B 550 34.12 21.41 -38.21
N LEU B 551 34.21 20.08 -38.10
CA LEU B 551 35.33 19.39 -37.48
C LEU B 551 35.96 18.45 -38.50
N ILE B 552 37.30 18.33 -38.46
CA ILE B 552 38.00 17.34 -39.24
C ILE B 552 38.97 16.60 -38.31
N TYR B 553 39.18 15.31 -38.58
CA TYR B 553 40.00 14.45 -37.74
C TYR B 553 41.43 14.41 -38.28
N GLY B 554 42.34 14.01 -37.39
CA GLY B 554 43.75 13.87 -37.70
C GLY B 554 44.09 12.41 -37.90
N SER B 555 44.60 12.08 -39.10
CA SER B 555 44.82 10.70 -39.49
C SER B 555 46.00 10.56 -40.47
N ALA B 556 46.84 11.59 -40.57
CA ALA B 556 47.85 11.66 -41.63
C ALA B 556 47.21 11.32 -42.99
N TRP B 557 45.98 11.81 -43.18
CA TRP B 557 45.18 11.63 -44.41
C TRP B 557 44.93 10.15 -44.73
N PHE B 558 45.20 9.24 -43.78
CA PHE B 558 45.10 7.80 -44.04
C PHE B 558 43.67 7.29 -43.73
N ALA B 559 42.99 7.91 -42.78
CA ALA B 559 41.68 7.47 -42.32
C ALA B 559 40.57 8.19 -43.08
N ASN B 560 39.49 7.45 -43.39
CA ASN B 560 38.33 7.97 -44.07
C ASN B 560 37.08 7.79 -43.20
N ASN B 561 37.26 7.65 -41.88
CA ASN B 561 36.21 7.11 -41.03
C ASN B 561 36.44 7.44 -39.54
N MET B 562 36.78 8.70 -39.23
CA MET B 562 37.13 9.03 -37.83
C MET B 562 36.52 10.36 -37.39
N LYS B 563 35.32 10.65 -37.88
CA LYS B 563 34.54 11.82 -37.46
C LYS B 563 34.07 11.67 -36.00
N GLN B 564 33.85 10.42 -35.54
CA GLN B 564 33.33 10.17 -34.18
C GLN B 564 34.41 10.54 -33.16
N ALA B 565 35.69 10.36 -33.53
CA ALA B 565 36.82 10.77 -32.71
C ALA B 565 36.81 12.29 -32.56
N ALA B 566 36.84 12.99 -33.70
CA ALA B 566 36.85 14.44 -33.77
C ALA B 566 35.77 15.02 -32.85
N PHE B 567 34.57 14.45 -32.92
CA PHE B 567 33.42 14.95 -32.18
C PHE B 567 33.62 14.78 -30.67
N GLN B 568 34.22 13.65 -30.27
CA GLN B 568 34.44 13.34 -28.85
C GLN B 568 35.30 14.44 -28.21
N VAL B 569 36.23 15.02 -29.00
CA VAL B 569 37.16 16.04 -28.54
C VAL B 569 36.45 17.39 -28.41
N PHE B 570 35.85 17.85 -29.52
CA PHE B 570 35.36 19.24 -29.67
C PHE B 570 33.87 19.37 -29.35
N GLY B 571 33.07 18.39 -29.79
CA GLY B 571 31.59 18.46 -29.81
C GLY B 571 30.99 19.03 -28.53
N LYS B 572 31.31 18.40 -27.40
CA LYS B 572 30.76 18.77 -26.07
C LYS B 572 30.77 20.30 -25.92
N SER B 573 31.99 20.87 -25.98
CA SER B 573 32.22 22.26 -25.60
C SER B 573 31.66 23.22 -26.66
N LEU B 574 31.64 22.79 -27.93
CA LEU B 574 31.13 23.64 -29.01
C LEU B 574 29.59 23.73 -28.92
N LEU B 575 28.94 22.61 -28.60
CA LEU B 575 27.49 22.54 -28.43
C LEU B 575 27.07 23.37 -27.22
N ASP B 576 27.80 23.24 -26.11
CA ASP B 576 27.50 23.95 -24.87
C ASP B 576 27.44 25.47 -25.11
N LYS B 577 28.21 25.96 -26.09
CA LYS B 577 28.27 27.37 -26.43
C LYS B 577 26.99 27.79 -27.19
N GLY B 578 26.52 26.91 -28.10
CA GLY B 578 25.32 27.14 -28.90
C GLY B 578 25.58 27.08 -30.41
N PHE B 579 26.63 26.36 -30.81
CA PHE B 579 26.94 26.08 -32.20
C PHE B 579 26.37 24.70 -32.57
N ALA B 580 25.87 24.58 -33.80
CA ALA B 580 25.69 23.28 -34.43
C ALA B 580 27.09 22.74 -34.80
N VAL B 581 27.31 21.45 -34.62
CA VAL B 581 28.60 20.82 -34.90
C VAL B 581 28.42 19.86 -36.07
N VAL B 582 29.37 19.90 -37.03
CA VAL B 582 29.34 19.08 -38.24
C VAL B 582 30.71 18.42 -38.42
N SER B 583 30.85 17.21 -37.87
CA SER B 583 32.08 16.42 -38.00
C SER B 583 32.05 15.67 -39.33
N ILE B 584 33.09 15.85 -40.17
CA ILE B 584 33.09 15.33 -41.54
C ILE B 584 34.17 14.25 -41.68
N ASN B 585 33.91 13.32 -42.62
CA ASN B 585 34.91 12.41 -43.14
C ASN B 585 35.47 12.98 -44.44
N HIS B 586 36.66 12.50 -44.82
CA HIS B 586 37.25 12.77 -46.13
C HIS B 586 37.81 11.45 -46.70
N ARG B 587 37.96 11.38 -48.03
CA ARG B 587 38.56 10.21 -48.67
C ARG B 587 39.99 10.06 -48.19
N SER B 588 40.40 8.81 -47.93
CA SER B 588 41.76 8.47 -47.53
C SER B 588 42.73 8.73 -48.69
N SER B 589 44.03 8.75 -48.36
CA SER B 589 45.10 8.81 -49.36
C SER B 589 45.11 7.50 -50.16
N GLY B 590 44.70 6.40 -49.52
CA GLY B 590 44.50 5.12 -50.19
C GLY B 590 43.43 5.20 -51.26
N ASP B 591 42.26 5.72 -50.88
CA ASP B 591 41.12 5.90 -51.78
C ASP B 591 41.54 6.73 -53.00
N ALA B 592 41.93 7.99 -52.76
CA ALA B 592 42.29 8.94 -53.82
C ALA B 592 43.33 9.93 -53.29
N LYS B 593 44.18 10.43 -54.21
CA LYS B 593 45.25 11.36 -53.91
C LYS B 593 44.72 12.79 -53.92
N PHE B 594 45.50 13.73 -53.36
CA PHE B 594 45.24 15.17 -53.43
C PHE B 594 44.98 15.53 -54.90
N PRO B 595 43.99 16.39 -55.19
CA PRO B 595 43.24 17.20 -54.24
C PRO B 595 41.91 16.63 -53.75
N ALA B 596 41.76 15.29 -53.79
CA ALA B 596 40.55 14.61 -53.36
C ALA B 596 40.13 15.11 -51.98
N GLN B 597 41.10 15.17 -51.05
CA GLN B 597 40.83 15.40 -49.63
C GLN B 597 40.21 16.78 -49.41
N ILE B 598 40.72 17.80 -50.11
CA ILE B 598 40.21 19.19 -49.95
C ILE B 598 38.94 19.37 -50.79
N ASN B 599 38.88 18.66 -51.94
CA ASN B 599 37.67 18.59 -52.77
C ASN B 599 36.48 18.16 -51.91
N ASP B 600 36.75 17.22 -50.99
CA ASP B 600 35.74 16.66 -50.12
C ASP B 600 35.34 17.71 -49.06
N VAL B 601 36.32 18.23 -48.32
CA VAL B 601 36.06 19.25 -47.30
C VAL B 601 35.14 20.33 -47.91
N LYS B 602 35.50 20.82 -49.10
CA LYS B 602 34.74 21.86 -49.79
C LYS B 602 33.34 21.36 -50.13
N ALA B 603 33.22 20.11 -50.58
CA ALA B 603 31.92 19.50 -50.96
C ALA B 603 31.00 19.39 -49.73
N ALA B 604 31.57 19.06 -48.57
CA ALA B 604 30.83 18.98 -47.31
C ALA B 604 30.19 20.33 -46.99
N ILE B 605 30.96 21.42 -47.13
CA ILE B 605 30.51 22.78 -46.85
C ILE B 605 29.38 23.13 -47.83
N ARG B 606 29.58 22.78 -49.11
CA ARG B 606 28.58 23.04 -50.15
C ARG B 606 27.25 22.38 -49.77
N PHE B 607 27.32 21.13 -49.33
CA PHE B 607 26.15 20.36 -48.91
C PHE B 607 25.47 21.04 -47.72
N ILE B 608 26.29 21.53 -46.77
CA ILE B 608 25.84 22.15 -45.52
C ILE B 608 25.04 23.43 -45.82
N ARG B 609 25.53 24.24 -46.76
CA ARG B 609 24.82 25.46 -47.21
C ARG B 609 23.59 25.06 -48.03
N ALA B 610 23.70 23.95 -48.77
CA ALA B 610 22.65 23.48 -49.69
C ALA B 610 21.43 22.97 -48.90
N ASN B 611 21.67 22.28 -47.77
CA ASN B 611 20.63 21.71 -46.93
C ASN B 611 20.58 22.42 -45.58
N ALA B 612 20.82 23.74 -45.58
CA ALA B 612 20.86 24.52 -44.34
C ALA B 612 19.52 24.43 -43.60
N ALA B 613 18.45 24.87 -44.28
CA ALA B 613 17.11 24.98 -43.69
C ALA B 613 16.70 23.67 -43.00
N LYS B 614 17.02 22.53 -43.63
CA LYS B 614 16.60 21.21 -43.17
C LYS B 614 17.14 20.92 -41.77
N TYR B 615 18.40 21.28 -41.53
CA TYR B 615 19.12 20.91 -40.30
C TYR B 615 19.20 22.11 -39.33
N LYS B 616 18.38 23.13 -39.57
CA LYS B 616 18.29 24.32 -38.72
C LYS B 616 19.68 24.96 -38.59
N LEU B 617 20.41 25.03 -39.71
CA LEU B 617 21.74 25.61 -39.77
C LEU B 617 21.64 27.04 -40.33
N ASP B 618 22.03 28.01 -39.50
CA ASP B 618 22.36 29.37 -39.92
C ASP B 618 23.80 29.32 -40.46
N THR B 619 23.94 29.45 -41.77
CA THR B 619 25.24 29.29 -42.44
C THR B 619 25.84 30.66 -42.79
N SER B 620 25.37 31.73 -42.12
CA SER B 620 26.03 33.03 -42.19
C SER B 620 27.42 32.91 -41.57
N PHE B 621 27.55 32.00 -40.59
CA PHE B 621 28.84 31.61 -40.02
C PHE B 621 29.05 30.09 -40.10
N ILE B 622 30.02 29.68 -40.93
CA ILE B 622 30.60 28.34 -40.90
C ILE B 622 32.06 28.46 -40.47
N GLY B 623 32.33 28.10 -39.20
CA GLY B 623 33.68 27.95 -38.69
C GLY B 623 34.23 26.59 -39.07
N ILE B 624 35.54 26.37 -38.87
CA ILE B 624 36.16 25.07 -39.12
C ILE B 624 37.42 24.93 -38.26
N THR B 625 37.69 23.69 -37.83
CA THR B 625 38.83 23.36 -36.98
C THR B 625 39.17 21.88 -37.17
N GLY B 626 40.39 21.50 -36.80
CA GLY B 626 40.84 20.11 -36.86
C GLY B 626 42.19 19.93 -36.18
N PHE B 627 42.57 18.67 -35.92
CA PHE B 627 43.87 18.36 -35.33
C PHE B 627 44.73 17.64 -36.38
N SER B 628 46.01 18.04 -36.44
CA SER B 628 47.01 17.46 -37.32
C SER B 628 46.54 17.57 -38.77
N SER B 629 46.33 16.44 -39.47
CA SER B 629 46.02 16.45 -40.90
C SER B 629 44.67 17.14 -41.15
N GLY B 630 43.79 17.13 -40.15
CA GLY B 630 42.51 17.86 -40.16
C GLY B 630 42.72 19.35 -39.95
N GLY B 631 43.75 19.67 -39.16
CA GLY B 631 44.29 21.02 -39.05
C GLY B 631 44.76 21.54 -40.40
N HIS B 632 45.53 20.71 -41.11
CA HIS B 632 46.05 21.05 -42.44
C HIS B 632 44.91 21.33 -43.42
N LEU B 633 43.89 20.46 -43.43
CA LEU B 633 42.77 20.56 -44.38
C LEU B 633 41.85 21.74 -44.01
N ALA B 634 41.64 21.97 -42.71
CA ALA B 634 40.89 23.13 -42.24
C ALA B 634 41.60 24.42 -42.68
N SER B 635 42.93 24.43 -42.46
CA SER B 635 43.79 25.57 -42.76
C SER B 635 43.77 25.86 -44.27
N LEU B 636 43.83 24.79 -45.08
CA LEU B 636 43.85 24.93 -46.54
C LEU B 636 42.50 25.49 -47.02
N ALA B 637 41.41 25.08 -46.36
CA ALA B 637 40.08 25.55 -46.70
C ALA B 637 39.98 27.06 -46.44
N GLY B 638 40.46 27.49 -45.26
CA GLY B 638 40.50 28.91 -44.87
C GLY B 638 41.19 29.81 -45.90
N THR B 639 42.40 29.43 -46.31
CA THR B 639 43.22 30.28 -47.17
C THR B 639 42.66 30.29 -48.60
N THR B 640 41.98 29.20 -49.01
CA THR B 640 41.58 28.97 -50.41
C THR B 640 40.10 29.29 -50.65
N ASN B 641 39.48 30.17 -49.84
CA ASN B 641 38.15 30.69 -50.15
C ASN B 641 38.19 31.37 -51.53
N GLY B 642 37.27 30.99 -52.41
CA GLY B 642 37.07 31.64 -53.71
C GLY B 642 37.94 31.09 -54.81
N VAL B 643 38.80 30.12 -54.48
CA VAL B 643 39.79 29.59 -55.42
C VAL B 643 39.25 28.28 -56.00
N LYS B 644 39.07 28.27 -57.33
CA LYS B 644 38.63 27.10 -58.07
C LYS B 644 39.83 26.19 -58.29
N SER B 645 40.89 26.73 -58.92
CA SER B 645 42.11 25.99 -59.24
C SER B 645 43.33 26.90 -59.06
N TYR B 646 44.52 26.29 -59.01
CA TYR B 646 45.78 27.02 -58.96
C TYR B 646 46.86 26.23 -59.70
N THR B 647 47.90 26.95 -60.14
CA THR B 647 49.00 26.40 -60.93
C THR B 647 50.34 26.87 -60.35
N ILE B 648 51.26 25.91 -60.18
CA ILE B 648 52.67 26.14 -59.90
C ILE B 648 53.46 25.21 -60.83
N GLY B 649 54.32 25.81 -61.66
CA GLY B 649 55.16 25.09 -62.59
C GLY B 649 54.32 24.28 -63.57
N ALA B 650 54.62 22.98 -63.64
CA ALA B 650 53.98 22.09 -64.59
C ALA B 650 52.71 21.47 -63.99
N LYS B 651 52.50 21.67 -62.68
CA LYS B 651 51.41 21.02 -61.94
C LYS B 651 50.28 22.02 -61.70
N THR B 652 49.08 21.67 -62.19
CA THR B 652 47.81 22.33 -61.85
C THR B 652 47.07 21.44 -60.85
N VAL B 653 46.08 22.01 -60.16
CA VAL B 653 45.28 21.28 -59.18
C VAL B 653 43.94 22.01 -59.03
N ASP B 654 42.83 21.27 -59.19
CA ASP B 654 41.48 21.80 -58.94
C ASP B 654 41.15 21.67 -57.45
N LEU B 655 41.06 22.83 -56.78
CA LEU B 655 40.98 22.90 -55.34
C LEU B 655 39.53 22.71 -54.88
N GLU B 656 38.56 23.21 -55.66
CA GLU B 656 37.16 23.16 -55.21
C GLU B 656 36.54 21.79 -55.50
N GLY B 657 36.62 21.34 -56.75
CA GLY B 657 36.21 19.97 -57.16
C GLY B 657 34.81 19.94 -57.79
N ASN B 658 34.28 18.73 -57.96
CA ASN B 658 32.98 18.50 -58.59
C ASN B 658 32.23 17.37 -57.89
N VAL B 659 32.44 17.24 -56.57
CA VAL B 659 32.20 16.01 -55.87
C VAL B 659 30.69 15.80 -55.69
N GLY B 660 30.03 16.75 -55.01
CA GLY B 660 28.60 16.58 -54.71
C GLY B 660 27.70 16.86 -55.91
N LEU B 661 26.46 17.25 -55.61
CA LEU B 661 25.51 17.75 -56.60
C LEU B 661 25.03 19.15 -56.18
N TYR B 662 25.91 19.93 -55.55
CA TYR B 662 25.60 21.29 -55.12
C TYR B 662 26.71 22.25 -55.53
N PRO B 663 27.17 22.23 -56.79
CA PRO B 663 28.34 23.02 -57.19
C PRO B 663 28.11 24.54 -57.04
N SER B 664 26.84 24.95 -57.10
CA SER B 664 26.38 26.35 -57.16
C SER B 664 26.46 27.04 -55.79
N PHE B 665 26.90 26.33 -54.75
CA PHE B 665 26.84 26.84 -53.37
C PHE B 665 28.26 27.21 -52.93
N SER B 666 28.37 28.19 -52.02
CA SER B 666 29.65 28.63 -51.51
C SER B 666 30.30 27.51 -50.70
N SER B 667 31.61 27.33 -50.88
CA SER B 667 32.44 26.43 -50.05
C SER B 667 33.31 27.26 -49.10
N ARG B 668 32.86 28.48 -48.76
CA ARG B 668 33.66 29.42 -47.98
C ARG B 668 33.55 29.09 -46.49
N VAL B 669 34.64 29.37 -45.77
CA VAL B 669 34.70 29.25 -44.31
C VAL B 669 34.97 30.64 -43.72
N ASP B 670 34.53 30.85 -42.48
CA ASP B 670 34.48 32.19 -41.89
C ASP B 670 35.54 32.37 -40.78
N ALA B 671 36.00 31.27 -40.19
CA ALA B 671 37.07 31.28 -39.18
C ALA B 671 37.71 29.90 -39.10
N VAL B 672 38.97 29.84 -38.65
CA VAL B 672 39.74 28.61 -38.61
C VAL B 672 40.51 28.53 -37.28
N VAL B 673 40.57 27.33 -36.71
CA VAL B 673 41.44 27.02 -35.59
C VAL B 673 42.23 25.75 -35.95
N ASN B 674 43.54 25.91 -36.16
CA ASN B 674 44.42 24.87 -36.67
C ASN B 674 45.23 24.29 -35.50
N TRP B 675 44.86 23.08 -35.06
CA TRP B 675 45.59 22.37 -34.02
C TRP B 675 46.73 21.56 -34.66
N PHE B 676 47.95 22.11 -34.60
CA PHE B 676 49.21 21.43 -34.95
C PHE B 676 49.09 20.63 -36.25
N GLY B 677 48.54 21.26 -37.29
CA GLY B 677 48.50 20.69 -38.62
C GLY B 677 49.86 20.80 -39.32
N PRO B 678 50.25 19.83 -40.18
CA PRO B 678 51.38 20.01 -41.08
C PRO B 678 50.94 20.98 -42.20
N ILE B 679 51.85 21.86 -42.63
CA ILE B 679 51.50 22.96 -43.54
C ILE B 679 52.40 22.91 -44.77
N ASP B 680 53.72 23.00 -44.55
CA ASP B 680 54.71 23.06 -45.61
C ASP B 680 55.58 21.80 -45.55
N MET B 681 55.24 20.82 -46.42
CA MET B 681 55.88 19.50 -46.44
C MET B 681 57.29 19.58 -47.02
N THR B 682 57.59 20.64 -47.78
CA THR B 682 58.92 20.82 -48.40
C THR B 682 59.98 21.03 -47.30
N ARG B 683 59.54 21.48 -46.12
CA ARG B 683 60.40 21.71 -44.96
C ARG B 683 59.79 21.01 -43.74
N MET B 684 59.50 19.71 -43.89
CA MET B 684 58.88 18.90 -42.84
C MET B 684 59.98 18.23 -42.00
N GLU B 685 61.05 17.77 -42.67
CA GLU B 685 62.13 17.04 -42.02
C GLU B 685 63.23 18.03 -41.59
N ASN B 686 63.52 18.04 -40.28
CA ASN B 686 64.52 18.93 -39.67
C ASN B 686 64.15 20.40 -39.89
N CYS B 687 62.87 20.64 -40.19
CA CYS B 687 62.33 21.96 -40.54
C CYS B 687 63.05 22.56 -41.75
N ASN B 688 63.57 21.74 -42.69
CA ASN B 688 64.24 22.30 -43.88
C ASN B 688 64.35 21.33 -45.07
N THR B 689 63.63 20.20 -45.08
CA THR B 689 63.58 19.36 -46.30
C THR B 689 62.36 18.44 -46.29
N THR B 690 62.22 17.69 -47.40
CA THR B 690 61.14 16.71 -47.60
C THR B 690 61.48 15.40 -46.89
N LYS B 691 60.45 14.57 -46.70
CA LYS B 691 60.61 13.26 -46.09
C LYS B 691 60.78 12.21 -47.19
N GLY B 692 60.94 10.95 -46.77
CA GLY B 692 61.15 9.81 -47.66
C GLY B 692 59.89 9.42 -48.42
N ALA B 693 59.98 8.31 -49.16
CA ALA B 693 58.93 7.84 -50.06
C ALA B 693 57.76 7.25 -49.26
N ASN B 694 58.05 6.76 -48.05
CA ASN B 694 57.09 6.03 -47.21
C ASN B 694 56.43 6.99 -46.20
N SER B 695 56.50 8.30 -46.45
CA SER B 695 55.91 9.30 -45.57
C SER B 695 54.41 9.41 -45.86
N PRO B 696 53.57 9.86 -44.88
CA PRO B 696 52.15 10.08 -45.12
C PRO B 696 51.83 11.06 -46.25
N GLU B 697 52.78 11.95 -46.55
CA GLU B 697 52.63 13.03 -47.52
C GLU B 697 52.89 12.49 -48.93
N ALA B 698 53.75 11.47 -49.04
CA ALA B 698 54.02 10.77 -50.29
C ALA B 698 52.79 9.96 -50.69
N ALA B 699 52.13 9.36 -49.69
CA ALA B 699 50.89 8.61 -49.84
C ALA B 699 49.77 9.54 -50.31
N LEU B 700 49.76 10.76 -49.74
CA LEU B 700 48.76 11.79 -50.03
C LEU B 700 48.83 12.24 -51.49
N ILE B 701 50.02 12.67 -51.95
CA ILE B 701 50.22 13.25 -53.29
C ILE B 701 50.36 12.13 -54.35
N GLY B 702 50.91 10.98 -53.96
CA GLY B 702 51.02 9.79 -54.83
C GLY B 702 52.34 9.73 -55.59
N GLY B 703 53.41 10.21 -54.96
CA GLY B 703 54.74 10.28 -55.54
C GLY B 703 55.77 10.69 -54.51
N VAL B 704 57.06 10.52 -54.86
CA VAL B 704 58.16 10.90 -53.98
C VAL B 704 58.08 12.41 -53.71
N PRO B 705 57.95 12.85 -52.44
CA PRO B 705 57.83 14.26 -52.12
C PRO B 705 58.98 15.13 -52.67
N ALA B 706 60.21 14.64 -52.55
CA ALA B 706 61.42 15.34 -53.01
C ALA B 706 61.32 15.70 -54.50
N ASP B 707 60.62 14.88 -55.29
CA ASP B 707 60.52 15.01 -56.74
C ASP B 707 59.22 15.73 -57.14
N ASN B 708 58.48 16.28 -56.17
CA ASN B 708 57.18 16.91 -56.41
C ASN B 708 57.05 18.17 -55.54
N LEU B 709 58.12 18.97 -55.49
CA LEU B 709 58.19 20.12 -54.59
C LEU B 709 57.12 21.13 -54.97
N ASP B 710 56.79 21.19 -56.26
CA ASP B 710 55.70 22.02 -56.78
C ASP B 710 54.37 21.62 -56.13
N MET B 711 54.08 20.31 -56.08
CA MET B 711 52.78 19.80 -55.58
C MET B 711 52.64 20.05 -54.08
N LEU B 712 53.75 19.89 -53.33
CA LEU B 712 53.75 20.11 -51.88
C LEU B 712 53.43 21.58 -51.57
N ALA B 713 53.81 22.45 -52.51
CA ALA B 713 53.54 23.87 -52.43
C ALA B 713 52.05 24.13 -52.70
N LEU B 714 51.49 23.39 -53.65
CA LEU B 714 50.07 23.52 -54.01
C LEU B 714 49.18 23.13 -52.82
N LEU B 715 49.58 22.13 -52.02
CA LEU B 715 48.76 21.73 -50.87
C LEU B 715 49.23 22.44 -49.59
N ASN B 716 50.16 23.41 -49.72
CA ASN B 716 50.65 24.26 -48.64
C ASN B 716 49.71 25.44 -48.45
N PRO B 717 48.97 25.53 -47.32
CA PRO B 717 48.05 26.64 -47.09
C PRO B 717 48.66 28.05 -47.28
N ILE B 718 49.94 28.22 -46.93
CA ILE B 718 50.66 29.53 -47.00
C ILE B 718 50.46 30.14 -48.39
N THR B 719 50.67 29.31 -49.42
CA THR B 719 50.60 29.67 -50.83
C THR B 719 49.45 30.66 -51.10
N TYR B 720 48.30 30.46 -50.45
CA TYR B 720 47.02 31.08 -50.84
C TYR B 720 46.57 32.19 -49.88
N ILE B 721 47.46 32.60 -48.96
CA ILE B 721 47.12 33.63 -47.95
C ILE B 721 47.02 34.99 -48.64
N ASP B 722 45.98 35.75 -48.25
CA ASP B 722 45.77 37.10 -48.70
C ASP B 722 45.06 37.84 -47.56
N LYS B 723 44.94 39.18 -47.69
CA LYS B 723 44.46 40.02 -46.61
C LYS B 723 43.00 39.71 -46.25
N ASN B 724 42.21 39.21 -47.22
CA ASN B 724 40.76 39.11 -47.07
C ASN B 724 40.31 37.74 -46.53
N ASP B 725 41.25 36.79 -46.38
CA ASP B 725 40.95 35.44 -45.89
C ASP B 725 40.46 35.54 -44.43
N PRO B 726 39.89 34.47 -43.83
CA PRO B 726 39.45 34.49 -42.44
C PRO B 726 40.57 34.62 -41.40
N LYS B 727 40.20 34.96 -40.16
CA LYS B 727 41.09 35.01 -39.02
C LYS B 727 41.45 33.57 -38.60
N PHE B 728 42.69 33.37 -38.13
CA PHE B 728 43.19 32.08 -37.72
C PHE B 728 43.67 32.10 -36.26
N ILE B 729 43.46 30.98 -35.57
CA ILE B 729 44.15 30.69 -34.33
C ILE B 729 44.92 29.38 -34.54
N VAL B 730 46.25 29.47 -34.52
CA VAL B 730 47.11 28.31 -34.61
C VAL B 730 47.55 27.91 -33.20
N ILE B 731 47.55 26.60 -32.93
CA ILE B 731 47.91 26.03 -31.62
C ILE B 731 48.82 24.83 -31.86
N HIS B 732 49.94 24.76 -31.13
CA HIS B 732 50.90 23.69 -31.31
C HIS B 732 51.69 23.47 -30.01
N GLY B 733 51.94 22.20 -29.70
CA GLY B 733 52.71 21.79 -28.54
C GLY B 733 54.20 21.93 -28.79
N GLU B 734 54.93 22.22 -27.71
CA GLU B 734 56.38 22.42 -27.74
C GLU B 734 57.12 21.10 -27.51
N ALA B 735 56.41 19.97 -27.60
CA ALA B 735 57.04 18.65 -27.51
C ALA B 735 56.35 17.69 -28.48
N ASP B 736 55.95 18.18 -29.66
CA ASP B 736 55.26 17.35 -30.63
C ASP B 736 56.29 16.51 -31.39
N THR B 737 56.20 15.18 -31.22
CA THR B 737 57.08 14.20 -31.85
C THR B 737 56.80 14.11 -33.35
N VAL B 738 55.50 14.19 -33.70
CA VAL B 738 54.97 13.75 -34.99
C VAL B 738 55.09 14.88 -36.02
N VAL B 739 54.51 16.04 -35.68
CA VAL B 739 54.62 17.25 -36.49
C VAL B 739 55.36 18.30 -35.67
N PRO B 740 56.54 18.79 -36.13
CA PRO B 740 57.31 19.74 -35.33
C PRO B 740 56.54 21.06 -35.18
N ASN B 741 56.91 21.85 -34.17
CA ASN B 741 56.26 23.13 -33.88
C ASN B 741 56.57 24.15 -35.01
N CYS B 742 57.64 23.94 -35.78
CA CYS B 742 58.10 24.90 -36.79
C CYS B 742 57.02 25.11 -37.86
N GLN B 743 56.24 24.06 -38.16
CA GLN B 743 55.15 24.10 -39.18
C GLN B 743 54.11 25.17 -38.81
N SER B 744 53.69 25.17 -37.54
CA SER B 744 52.72 26.14 -37.04
C SER B 744 53.28 27.57 -37.17
N ILE B 745 54.55 27.74 -36.79
CA ILE B 745 55.24 29.02 -36.78
C ILE B 745 55.48 29.49 -38.22
N PHE B 746 55.89 28.58 -39.11
CA PHE B 746 55.96 28.86 -40.54
C PHE B 746 54.63 29.49 -41.00
N PHE B 747 53.53 28.85 -40.59
CA PHE B 747 52.18 29.20 -41.04
C PHE B 747 51.71 30.50 -40.40
N SER B 748 51.97 30.66 -39.11
CA SER B 748 51.50 31.79 -38.32
C SER B 748 52.21 33.09 -38.71
N GLU B 749 53.51 33.01 -39.03
CA GLU B 749 54.28 34.20 -39.42
C GLU B 749 53.75 34.72 -40.76
N ALA B 750 53.40 33.80 -41.66
CA ALA B 750 52.95 34.14 -43.00
C ALA B 750 51.56 34.79 -42.91
N LEU B 751 50.72 34.25 -42.01
CA LEU B 751 49.39 34.78 -41.70
C LEU B 751 49.51 36.20 -41.14
N ARG B 752 50.32 36.35 -40.09
CA ARG B 752 50.43 37.59 -39.33
C ARG B 752 50.95 38.72 -40.23
N ALA B 753 51.83 38.39 -41.18
CA ALA B 753 52.27 39.32 -42.21
C ALA B 753 51.07 39.96 -42.93
N GLN B 754 49.95 39.23 -43.02
CA GLN B 754 48.75 39.66 -43.74
C GLN B 754 47.58 39.96 -42.78
N GLY B 755 47.84 39.90 -41.47
CA GLY B 755 46.84 40.25 -40.44
C GLY B 755 45.73 39.23 -40.29
N ARG B 756 46.03 37.96 -40.58
CA ARG B 756 45.02 36.89 -40.50
C ARG B 756 45.23 36.04 -39.24
N LEU B 757 46.25 36.36 -38.43
CA LEU B 757 46.49 35.65 -37.17
C LEU B 757 45.77 36.39 -36.04
N GLU B 758 44.82 35.70 -35.42
CA GLU B 758 44.18 36.14 -34.19
C GLU B 758 45.14 35.87 -33.02
N GLU B 759 45.76 34.68 -33.02
CA GLU B 759 46.66 34.27 -31.96
C GLU B 759 47.33 32.93 -32.31
N PHE B 760 48.66 32.88 -32.11
CA PHE B 760 49.42 31.63 -32.05
C PHE B 760 49.64 31.25 -30.59
N ILE B 761 49.32 30.00 -30.24
CA ILE B 761 49.41 29.51 -28.87
C ILE B 761 50.39 28.34 -28.81
N SER B 762 51.57 28.60 -28.25
CA SER B 762 52.53 27.59 -27.90
C SER B 762 52.17 27.02 -26.53
N VAL B 763 52.09 25.69 -26.44
CA VAL B 763 51.82 24.98 -25.20
C VAL B 763 53.12 24.32 -24.76
N PRO B 764 53.70 24.70 -23.59
CA PRO B 764 55.02 24.18 -23.20
C PRO B 764 55.05 22.68 -22.93
N GLY B 765 53.93 22.10 -22.48
CA GLY B 765 53.79 20.65 -22.31
C GLY B 765 53.80 19.93 -23.65
N GLY B 766 52.76 20.18 -24.45
CA GLY B 766 52.76 19.90 -25.88
C GLY B 766 52.26 18.50 -26.21
N GLN B 767 53.12 17.73 -26.89
CA GLN B 767 52.80 16.42 -27.49
C GLN B 767 51.72 16.59 -28.55
N HIS B 768 51.52 15.52 -29.34
CA HIS B 768 50.60 15.51 -30.48
C HIS B 768 49.19 15.15 -30.00
N GLY B 769 48.63 16.03 -29.16
CA GLY B 769 47.28 15.86 -28.62
C GLY B 769 47.22 16.09 -27.11
N PRO B 770 47.62 15.08 -26.29
CA PRO B 770 47.25 15.03 -24.87
C PRO B 770 47.33 16.33 -24.06
N VAL B 771 48.46 17.04 -24.13
CA VAL B 771 48.71 18.21 -23.29
C VAL B 771 48.26 19.49 -24.03
N THR B 772 48.28 19.45 -25.36
CA THR B 772 47.98 20.63 -26.19
C THR B 772 46.47 20.90 -26.18
N PHE B 773 45.65 19.87 -26.44
CA PHE B 773 44.25 19.90 -26.03
C PHE B 773 44.24 20.05 -24.51
N ASN B 774 43.55 21.07 -24.00
CA ASN B 774 43.37 21.26 -22.55
C ASN B 774 42.24 22.26 -22.33
N GLU B 775 41.88 22.47 -21.05
CA GLU B 775 40.74 23.28 -20.62
C GLU B 775 40.86 24.73 -21.16
N ASN B 776 42.09 25.26 -21.19
CA ASN B 776 42.34 26.66 -21.57
C ASN B 776 42.30 26.83 -23.09
N THR B 777 43.09 26.01 -23.80
CA THR B 777 43.21 26.09 -25.27
C THR B 777 41.85 25.86 -25.93
N LEU B 778 41.04 24.98 -25.34
CA LEU B 778 39.70 24.63 -25.85
C LEU B 778 38.75 25.83 -25.71
N LYS B 779 38.89 26.59 -24.62
CA LYS B 779 38.03 27.74 -24.33
C LYS B 779 38.34 28.89 -25.30
N LYS B 780 39.60 29.00 -25.72
CA LYS B 780 40.02 30.07 -26.62
C LYS B 780 39.56 29.77 -28.05
N MET B 781 39.43 28.48 -28.39
CA MET B 781 38.77 28.06 -29.63
C MET B 781 37.31 28.53 -29.62
N ILE B 782 36.59 28.18 -28.55
CA ILE B 782 35.16 28.51 -28.39
C ILE B 782 35.00 30.04 -28.46
N ASP B 783 35.73 30.76 -27.59
CA ASP B 783 35.55 32.21 -27.43
C ASP B 783 35.81 32.94 -28.75
N PHE B 784 36.72 32.40 -29.57
CA PHE B 784 37.11 33.00 -30.84
C PHE B 784 35.94 32.87 -31.84
N PHE B 785 35.49 31.63 -32.06
CA PHE B 785 34.35 31.35 -32.95
C PHE B 785 33.13 32.17 -32.51
N ALA B 786 32.93 32.29 -31.20
CA ALA B 786 31.86 33.09 -30.59
C ALA B 786 31.96 34.55 -31.03
N ARG B 787 33.18 35.12 -30.96
CA ARG B 787 33.44 36.51 -31.35
C ARG B 787 33.15 36.68 -32.85
N GLU B 788 33.67 35.76 -33.66
CA GLU B 788 33.58 35.85 -35.12
C GLU B 788 32.14 35.55 -35.59
N ALA B 789 31.40 34.71 -34.84
CA ALA B 789 30.05 34.27 -35.24
C ALA B 789 28.99 35.32 -34.92
N GLY B 790 29.14 36.01 -33.78
CA GLY B 790 28.22 37.07 -33.34
C GLY B 790 27.02 36.49 -32.59
N SER C 17 -13.99 -20.22 24.14
CA SER C 17 -13.68 -21.35 23.20
C SER C 17 -14.57 -22.56 23.52
N GLN C 18 -14.50 -23.01 24.77
CA GLN C 18 -14.98 -24.33 25.16
C GLN C 18 -15.92 -24.28 26.37
N LYS C 19 -16.54 -23.14 26.65
CA LYS C 19 -17.42 -23.06 27.82
C LYS C 19 -18.75 -23.72 27.48
N PRO C 20 -19.21 -24.74 28.24
CA PRO C 20 -20.53 -25.35 28.00
C PRO C 20 -21.64 -24.29 28.02
N ALA C 21 -22.70 -24.52 27.24
CA ALA C 21 -23.79 -23.57 27.09
C ALA C 21 -24.37 -23.22 28.46
N THR C 22 -24.51 -21.90 28.72
CA THR C 22 -25.17 -21.40 29.93
C THR C 22 -26.03 -20.18 29.58
N ASN C 23 -26.92 -19.81 30.52
CA ASN C 23 -27.56 -18.49 30.54
C ASN C 23 -26.70 -17.54 31.39
N PRO C 24 -26.61 -16.27 30.97
CA PRO C 24 -27.20 -15.76 29.75
C PRO C 24 -26.44 -16.29 28.52
N VAL C 25 -27.14 -16.41 27.39
CA VAL C 25 -26.55 -16.94 26.15
C VAL C 25 -25.81 -15.82 25.42
N ILE C 26 -26.27 -14.59 25.61
CA ILE C 26 -25.55 -13.39 25.22
C ILE C 26 -25.46 -12.47 26.44
N TYR C 27 -24.27 -12.44 27.07
CA TYR C 27 -24.03 -11.56 28.21
C TYR C 27 -23.70 -10.15 27.69
N ALA C 28 -24.73 -9.47 27.20
CA ALA C 28 -24.60 -8.15 26.58
C ALA C 28 -26.00 -7.63 26.16
N ASP C 29 -26.07 -6.33 25.89
CA ASP C 29 -27.31 -5.62 25.61
C ASP C 29 -27.77 -5.99 24.19
N ALA C 30 -28.75 -6.90 24.13
CA ALA C 30 -29.47 -7.26 22.91
C ALA C 30 -30.95 -7.43 23.25
N PRO C 31 -31.63 -6.31 23.62
CA PRO C 31 -33.03 -6.38 24.04
C PRO C 31 -34.01 -6.52 22.87
N ASP C 32 -35.26 -6.80 23.20
CA ASP C 32 -36.37 -6.88 22.26
C ASP C 32 -36.01 -7.82 21.09
N MET C 33 -35.61 -9.04 21.43
CA MET C 33 -35.31 -10.05 20.44
C MET C 33 -36.61 -10.47 19.73
N SER C 34 -36.53 -10.61 18.41
CA SER C 34 -37.52 -11.32 17.62
C SER C 34 -36.76 -12.34 16.76
N MET C 35 -36.97 -13.63 17.06
CA MET C 35 -36.17 -14.71 16.51
C MET C 35 -37.04 -15.58 15.59
N LEU C 36 -36.39 -16.23 14.62
CA LEU C 36 -37.00 -17.28 13.84
C LEU C 36 -35.96 -18.28 13.35
N ARG C 37 -36.45 -19.41 12.85
CA ARG C 37 -35.66 -20.46 12.23
C ARG C 37 -36.09 -20.63 10.77
N VAL C 38 -35.09 -20.76 9.89
CA VAL C 38 -35.23 -21.19 8.52
C VAL C 38 -34.19 -22.29 8.28
N GLY C 39 -34.66 -23.52 8.07
CA GLY C 39 -33.81 -24.68 7.96
C GLY C 39 -33.01 -24.91 9.23
N ASP C 40 -31.68 -24.92 9.08
CA ASP C 40 -30.75 -25.10 10.20
C ASP C 40 -30.01 -23.78 10.48
N THR C 41 -30.73 -22.66 10.34
CA THR C 41 -30.19 -21.33 10.56
C THR C 41 -31.18 -20.53 11.40
N TYR C 42 -30.68 -19.93 12.49
CA TYR C 42 -31.46 -19.05 13.35
C TYR C 42 -31.17 -17.59 12.99
N TYR C 43 -32.21 -16.75 13.05
CA TYR C 43 -32.10 -15.33 12.82
C TYR C 43 -32.83 -14.59 13.95
N MET C 44 -32.32 -13.42 14.31
CA MET C 44 -32.80 -12.66 15.45
C MET C 44 -32.53 -11.17 15.20
N SER C 45 -33.61 -10.39 15.09
CA SER C 45 -33.53 -8.94 15.10
C SER C 45 -33.53 -8.47 16.55
N SER C 46 -33.20 -7.20 16.76
CA SER C 46 -33.06 -6.65 18.10
C SER C 46 -33.25 -5.13 18.07
N THR C 47 -33.24 -4.52 19.26
CA THR C 47 -33.35 -3.06 19.46
C THR C 47 -31.96 -2.48 19.78
N THR C 48 -31.60 -1.36 19.13
CA THR C 48 -30.47 -0.46 19.54
C THR C 48 -30.83 1.02 19.39
N MET C 49 -32.12 1.35 19.46
CA MET C 49 -32.62 2.71 19.64
C MET C 49 -31.85 3.71 18.76
N HIS C 50 -31.06 4.58 19.40
CA HIS C 50 -30.50 5.81 18.80
C HIS C 50 -29.22 5.51 18.02
N MET C 51 -28.71 4.27 18.13
CA MET C 51 -27.48 3.87 17.47
C MET C 51 -27.72 3.71 15.96
N SER C 52 -26.69 4.09 15.19
CA SER C 52 -26.66 4.03 13.73
C SER C 52 -25.47 3.20 13.28
N PRO C 53 -25.69 2.11 12.52
CA PRO C 53 -26.97 1.69 11.98
C PRO C 53 -27.87 1.03 13.02
N GLY C 54 -29.10 0.69 12.62
CA GLY C 54 -30.19 0.30 13.53
C GLY C 54 -30.88 -1.00 13.14
N VAL C 55 -31.53 -1.61 14.13
CA VAL C 55 -32.20 -2.92 14.03
C VAL C 55 -31.16 -3.97 13.65
N PRO C 56 -30.27 -4.34 14.59
CA PRO C 56 -29.26 -5.36 14.32
C PRO C 56 -29.87 -6.76 14.16
N ILE C 57 -29.54 -7.40 13.03
CA ILE C 57 -29.86 -8.79 12.78
C ILE C 57 -28.63 -9.63 13.08
N MET C 58 -28.84 -10.77 13.75
CA MET C 58 -27.79 -11.72 14.09
C MET C 58 -28.20 -13.11 13.58
N LYS C 59 -27.18 -13.95 13.36
CA LYS C 59 -27.32 -15.28 12.80
C LYS C 59 -26.72 -16.28 13.78
N SER C 60 -27.24 -17.51 13.77
CA SER C 60 -26.70 -18.62 14.56
C SER C 60 -27.05 -19.95 13.90
N ASN C 61 -26.30 -21.01 14.25
CA ASN C 61 -26.55 -22.37 13.78
C ASN C 61 -26.97 -23.29 14.94
N ASP C 62 -26.98 -22.77 16.18
CA ASP C 62 -27.18 -23.63 17.35
C ASP C 62 -27.88 -22.89 18.51
N LEU C 63 -28.20 -21.61 18.34
CA LEU C 63 -28.89 -20.77 19.35
C LEU C 63 -27.94 -20.32 20.48
N VAL C 64 -26.63 -20.59 20.33
CA VAL C 64 -25.65 -20.37 21.42
C VAL C 64 -24.58 -19.36 20.96
N ASN C 65 -23.93 -19.68 19.83
CA ASN C 65 -22.94 -18.82 19.19
C ASN C 65 -23.62 -17.95 18.12
N TRP C 66 -23.77 -16.66 18.42
CA TRP C 66 -24.40 -15.69 17.52
C TRP C 66 -23.34 -14.81 16.86
N LYS C 67 -23.75 -14.04 15.84
CA LYS C 67 -22.89 -13.07 15.16
C LYS C 67 -23.77 -12.11 14.33
N LEU C 68 -23.38 -10.84 14.29
CA LEU C 68 -24.10 -9.82 13.51
C LEU C 68 -23.80 -10.03 12.02
N VAL C 69 -24.81 -9.78 11.18
CA VAL C 69 -24.72 -10.06 9.73
C VAL C 69 -25.29 -8.90 8.91
N ASN C 70 -26.14 -8.05 9.50
CA ASN C 70 -26.80 -6.97 8.78
C ASN C 70 -27.57 -6.07 9.75
N TYR C 71 -28.08 -4.96 9.20
CA TYR C 71 -28.87 -3.95 9.90
C TYR C 71 -30.01 -3.55 8.95
N ALA C 72 -31.15 -3.12 9.51
CA ALA C 72 -32.34 -2.82 8.68
C ALA C 72 -32.11 -1.52 7.89
N TYR C 73 -31.64 -0.47 8.58
CA TYR C 73 -31.44 0.85 7.98
C TYR C 73 -30.12 1.46 8.47
N ASP C 74 -29.61 2.43 7.69
CA ASP C 74 -28.38 3.19 8.03
C ASP C 74 -28.72 4.34 8.98
N THR C 75 -29.59 5.25 8.51
CA THR C 75 -30.06 6.37 9.33
C THR C 75 -31.59 6.40 9.28
N LEU C 76 -32.19 6.53 10.47
CA LEU C 76 -33.63 6.48 10.67
C LEU C 76 -34.31 7.70 10.05
N ALA C 77 -33.66 8.86 10.15
CA ALA C 77 -34.20 10.12 9.66
C ALA C 77 -33.08 11.16 9.58
N ASN C 78 -33.25 12.12 8.67
CA ASN C 78 -32.45 13.34 8.58
C ASN C 78 -33.25 14.47 9.22
N ILE C 79 -33.34 14.44 10.56
CA ILE C 79 -33.92 15.52 11.37
C ILE C 79 -32.99 15.80 12.55
N PRO C 80 -33.04 17.02 13.15
CA PRO C 80 -32.06 17.43 14.16
C PRO C 80 -31.95 16.51 15.39
N THR C 81 -33.06 15.87 15.78
CA THR C 81 -33.09 14.97 16.94
C THR C 81 -32.23 13.74 16.68
N MET C 82 -32.25 13.26 15.42
CA MET C 82 -31.55 12.06 15.00
C MET C 82 -30.09 12.40 14.68
N ASN C 83 -29.85 13.66 14.29
CA ASN C 83 -28.55 14.16 13.81
C ASN C 83 -27.76 14.86 14.92
N LEU C 84 -28.29 14.87 16.15
CA LEU C 84 -27.69 15.61 17.29
C LEU C 84 -27.43 17.07 16.88
N ASP C 85 -28.48 17.74 16.39
CA ASP C 85 -28.38 19.13 15.94
C ASP C 85 -29.29 20.00 16.83
N ASP C 86 -28.76 21.17 17.24
CA ASP C 86 -29.52 22.21 17.95
C ASP C 86 -29.86 21.75 19.37
N GLY C 87 -28.91 21.05 20.01
CA GLY C 87 -29.06 20.56 21.39
C GLY C 87 -30.24 19.60 21.54
N LYS C 88 -30.70 19.04 20.42
CA LYS C 88 -31.79 18.10 20.41
C LYS C 88 -31.20 16.71 20.21
N ASN C 89 -31.78 15.71 20.90
CA ASN C 89 -31.32 14.32 20.88
C ASN C 89 -32.54 13.40 20.82
N THR C 90 -32.31 12.09 20.93
CA THR C 90 -33.39 11.11 20.96
C THR C 90 -32.91 9.85 21.70
N TYR C 91 -32.20 10.05 22.82
CA TYR C 91 -31.69 8.97 23.64
C TYR C 91 -32.86 8.19 24.25
N GLY C 92 -32.80 6.85 24.13
CA GLY C 92 -33.78 5.94 24.70
C GLY C 92 -35.06 5.89 23.90
N ARG C 93 -35.00 6.38 22.65
CA ARG C 93 -36.07 6.30 21.68
C ARG C 93 -35.47 5.68 20.41
N GLY C 94 -35.69 6.29 19.24
CA GLY C 94 -35.28 5.69 17.96
C GLY C 94 -36.04 4.40 17.66
N SER C 95 -35.36 3.47 16.98
CA SER C 95 -35.90 2.18 16.60
C SER C 95 -36.12 1.30 17.84
N TRP C 96 -37.38 0.91 18.09
CA TRP C 96 -37.78 0.15 19.29
C TRP C 96 -38.05 -1.31 18.89
N ALA C 97 -38.77 -2.05 19.76
CA ALA C 97 -39.12 -3.47 19.57
C ALA C 97 -39.52 -3.74 18.10
N SER C 98 -38.95 -4.82 17.55
CA SER C 98 -39.07 -5.17 16.15
C SER C 98 -39.71 -6.56 16.03
N CYS C 99 -40.27 -6.85 14.85
CA CYS C 99 -40.86 -8.14 14.49
C CYS C 99 -40.12 -8.70 13.27
N LEU C 100 -39.61 -9.93 13.39
CA LEU C 100 -38.90 -10.64 12.30
C LEU C 100 -39.69 -11.88 11.86
N ARG C 101 -40.10 -11.92 10.58
CA ARG C 101 -40.83 -13.05 9.98
C ARG C 101 -40.20 -13.44 8.64
N TYR C 102 -40.32 -14.74 8.31
CA TYR C 102 -40.00 -15.29 7.00
C TYR C 102 -41.28 -15.89 6.40
N HIS C 103 -41.60 -15.49 5.17
CA HIS C 103 -42.83 -15.92 4.51
C HIS C 103 -42.63 -15.98 2.98
N GLU C 104 -42.70 -17.21 2.45
CA GLU C 104 -42.79 -17.51 1.03
C GLU C 104 -41.65 -16.82 0.29
N GLY C 105 -40.41 -17.16 0.68
CA GLY C 105 -39.16 -16.77 -0.02
C GLY C 105 -38.59 -15.44 0.43
N VAL C 106 -39.37 -14.68 1.22
CA VAL C 106 -39.07 -13.30 1.55
C VAL C 106 -38.99 -13.18 3.08
N TYR C 107 -37.99 -12.43 3.56
CA TYR C 107 -37.85 -12.07 4.96
C TYR C 107 -38.54 -10.72 5.19
N TYR C 108 -39.29 -10.62 6.28
CA TYR C 108 -40.04 -9.41 6.64
C TYR C 108 -39.56 -8.91 7.99
N LEU C 109 -39.21 -7.62 8.05
CA LEU C 109 -38.64 -6.99 9.25
C LEU C 109 -39.32 -5.63 9.47
N SER C 110 -39.80 -5.38 10.68
CA SER C 110 -40.53 -4.16 11.01
C SER C 110 -40.07 -3.62 12.36
N THR C 111 -40.02 -2.29 12.45
CA THR C 111 -39.74 -1.55 13.69
C THR C 111 -40.68 -0.33 13.73
N PHE C 112 -40.56 0.45 14.81
CA PHE C 112 -41.25 1.72 14.97
C PHE C 112 -40.40 2.66 15.82
N ALA C 113 -40.63 3.97 15.67
CA ALA C 113 -39.85 4.99 16.33
C ALA C 113 -40.75 6.12 16.84
N GLN C 114 -40.65 6.39 18.15
CA GLN C 114 -41.30 7.55 18.76
C GLN C 114 -40.68 8.82 18.16
N THR C 115 -39.42 8.70 17.75
CA THR C 115 -38.63 9.77 17.14
C THR C 115 -39.35 10.37 15.93
N THR C 116 -39.99 9.53 15.11
CA THR C 116 -40.64 9.97 13.87
C THR C 116 -42.17 9.76 13.93
N GLY C 117 -42.65 9.00 14.92
CA GLY C 117 -44.05 8.59 14.96
C GLY C 117 -44.45 7.77 13.76
N LYS C 118 -43.49 6.99 13.23
CA LYS C 118 -43.69 6.15 12.05
C LYS C 118 -43.36 4.69 12.39
N THR C 119 -43.93 3.79 11.57
CA THR C 119 -43.66 2.37 11.56
C THR C 119 -42.99 2.02 10.23
N TYR C 120 -41.96 1.18 10.29
CA TYR C 120 -41.13 0.86 9.13
C TYR C 120 -41.27 -0.62 8.81
N PHE C 121 -41.27 -0.94 7.50
CA PHE C 121 -41.27 -2.30 7.01
C PHE C 121 -40.12 -2.49 6.00
N TYR C 122 -39.27 -3.48 6.27
CA TYR C 122 -38.14 -3.87 5.43
C TYR C 122 -38.34 -5.33 4.99
N THR C 123 -37.95 -5.63 3.75
CA THR C 123 -38.15 -6.96 3.16
C THR C 123 -36.97 -7.29 2.24
N THR C 124 -36.51 -8.54 2.29
CA THR C 124 -35.42 -9.00 1.45
C THR C 124 -35.51 -10.51 1.23
N LYS C 125 -34.76 -11.01 0.23
CA LYS C 125 -34.59 -12.45 -0.01
C LYS C 125 -33.35 -12.96 0.75
N ASN C 126 -32.31 -12.12 0.83
CA ASN C 126 -31.09 -12.43 1.58
C ASN C 126 -31.04 -11.52 2.81
N LEU C 127 -31.32 -12.11 3.99
CA LEU C 127 -31.35 -11.36 5.26
C LEU C 127 -29.94 -10.87 5.61
N GLU C 128 -28.92 -11.58 5.14
CA GLU C 128 -27.52 -11.29 5.46
C GLU C 128 -26.95 -10.20 4.55
N LYS C 129 -27.27 -10.24 3.26
CA LYS C 129 -26.64 -9.37 2.25
C LYS C 129 -27.60 -8.26 1.78
N GLY C 130 -28.92 -8.50 1.89
CA GLY C 130 -29.92 -7.61 1.31
C GLY C 130 -29.95 -7.73 -0.21
N PRO C 131 -30.48 -6.72 -0.91
CA PRO C 131 -30.92 -5.45 -0.34
C PRO C 131 -32.36 -5.51 0.21
N TRP C 132 -32.74 -4.45 0.92
CA TRP C 132 -34.09 -4.28 1.46
C TRP C 132 -34.96 -3.51 0.46
N LYS C 133 -36.26 -3.80 0.47
CA LYS C 133 -37.28 -2.89 -0.06
C LYS C 133 -38.00 -2.28 1.16
N CYS C 134 -38.32 -0.98 1.07
CA CYS C 134 -38.69 -0.19 2.24
C CYS C 134 -40.07 0.45 2.07
N THR C 135 -40.88 0.36 3.12
CA THR C 135 -42.16 1.02 3.20
C THR C 135 -42.28 1.60 4.60
N GLU C 136 -43.01 2.72 4.72
CA GLU C 136 -43.19 3.39 6.00
C GLU C 136 -44.49 4.20 5.94
N PHE C 137 -45.12 4.35 7.11
CA PHE C 137 -46.40 5.04 7.25
C PHE C 137 -46.55 5.52 8.70
N SER C 138 -47.64 6.24 8.96
CA SER C 138 -48.02 6.69 10.29
C SER C 138 -49.30 5.98 10.73
N PRO C 139 -49.53 5.85 12.04
CA PRO C 139 -48.64 6.27 13.12
C PRO C 139 -47.55 5.23 13.40
N ALA C 140 -46.88 5.38 14.54
CA ALA C 140 -45.93 4.39 15.08
C ALA C 140 -46.70 3.41 15.98
N TYR C 141 -46.98 2.22 15.43
CA TYR C 141 -47.76 1.21 16.13
C TYR C 141 -46.89 0.57 17.22
N HIS C 142 -47.36 0.71 18.47
CA HIS C 142 -46.57 0.43 19.66
C HIS C 142 -46.47 -1.08 19.92
N ASP C 143 -45.23 -1.59 19.86
CA ASP C 143 -44.85 -2.95 20.25
C ASP C 143 -45.72 -3.94 19.47
N HIS C 144 -45.44 -4.05 18.17
CA HIS C 144 -46.36 -4.66 17.24
C HIS C 144 -45.81 -5.99 16.72
N SER C 145 -46.72 -6.90 16.35
CA SER C 145 -46.43 -8.23 15.81
C SER C 145 -47.29 -8.47 14.57
N PHE C 146 -46.63 -8.50 13.39
CA PHE C 146 -47.33 -8.77 12.14
C PHE C 146 -47.22 -10.27 11.86
N PHE C 147 -48.22 -10.78 11.14
CA PHE C 147 -48.43 -12.22 11.02
C PHE C 147 -49.18 -12.53 9.72
N PHE C 148 -48.55 -13.36 8.88
CA PHE C 148 -49.15 -13.85 7.64
C PHE C 148 -50.02 -15.08 7.95
N ASP C 149 -51.35 -14.91 7.87
CA ASP C 149 -52.31 -15.91 8.34
C ASP C 149 -52.81 -16.76 7.17
N GLU C 150 -53.44 -17.89 7.51
CA GLU C 150 -53.93 -18.87 6.55
C GLU C 150 -55.34 -18.50 6.05
N ASP C 151 -55.89 -17.36 6.51
CA ASP C 151 -57.14 -16.81 6.00
C ASP C 151 -56.87 -15.85 4.82
N GLY C 152 -55.60 -15.62 4.49
CA GLY C 152 -55.19 -14.81 3.34
C GLY C 152 -55.15 -13.32 3.65
N HIS C 153 -55.02 -12.99 4.94
CA HIS C 153 -54.88 -11.60 5.41
C HIS C 153 -53.64 -11.48 6.29
N ILE C 154 -52.91 -10.38 6.13
CA ILE C 154 -51.80 -10.03 7.01
C ILE C 154 -52.37 -9.22 8.19
N TYR C 155 -52.21 -9.75 9.40
CA TYR C 155 -52.71 -9.13 10.62
C TYR C 155 -51.54 -8.47 11.37
N MET C 156 -51.86 -7.47 12.19
CA MET C 156 -50.90 -6.79 13.08
C MET C 156 -51.58 -6.58 14.44
N ILE C 157 -50.93 -7.07 15.51
CA ILE C 157 -51.39 -6.87 16.88
C ILE C 157 -50.44 -5.87 17.56
N TYR C 158 -51.00 -4.94 18.35
CA TYR C 158 -50.25 -3.79 18.84
C TYR C 158 -50.97 -3.09 19.98
N GLY C 159 -50.19 -2.41 20.85
CA GLY C 159 -50.69 -1.52 21.90
C GLY C 159 -50.17 -1.88 23.28
N ASN C 160 -50.88 -1.41 24.31
CA ASN C 160 -50.45 -1.52 25.70
C ASN C 160 -51.53 -0.96 26.63
N GLY C 161 -52.07 -1.75 27.55
CA GLY C 161 -52.16 -3.21 27.49
C GLY C 161 -53.55 -3.64 27.05
N LYS C 162 -54.36 -2.66 26.63
CA LYS C 162 -55.47 -2.91 25.74
C LYS C 162 -54.90 -3.08 24.34
N LEU C 163 -54.78 -4.35 23.91
CA LEU C 163 -54.14 -4.69 22.65
C LEU C 163 -55.18 -4.58 21.53
N PHE C 164 -54.72 -4.12 20.36
CA PHE C 164 -55.54 -3.93 19.17
C PHE C 164 -55.10 -4.93 18.10
N LEU C 165 -56.04 -5.30 17.22
CA LEU C 165 -55.76 -6.07 16.02
C LEU C 165 -56.21 -5.26 14.80
N ALA C 166 -55.36 -5.23 13.78
CA ALA C 166 -55.63 -4.54 12.51
C ALA C 166 -55.14 -5.40 11.34
N GLU C 167 -55.35 -4.91 10.12
CA GLU C 167 -54.99 -5.63 8.91
C GLU C 167 -54.07 -4.74 8.06
N LEU C 168 -52.91 -5.27 7.71
CA LEU C 168 -51.94 -4.56 6.90
C LEU C 168 -52.29 -4.74 5.41
N LYS C 169 -52.21 -3.64 4.65
CA LYS C 169 -52.29 -3.70 3.19
C LYS C 169 -51.24 -4.68 2.67
N PRO C 170 -51.49 -5.37 1.53
CA PRO C 170 -50.55 -6.38 1.04
C PRO C 170 -49.17 -5.81 0.64
N ASP C 171 -49.13 -4.54 0.24
CA ASP C 171 -47.89 -3.86 -0.18
C ASP C 171 -47.19 -3.24 1.04
N LEU C 172 -47.80 -3.34 2.23
CA LEU C 172 -47.24 -2.92 3.52
C LEU C 172 -46.99 -1.40 3.53
N SER C 173 -47.90 -0.65 2.91
CA SER C 173 -47.86 0.80 2.87
C SER C 173 -48.69 1.41 4.02
N GLY C 174 -49.23 0.54 4.88
CA GLY C 174 -50.07 0.96 5.99
C GLY C 174 -51.12 -0.08 6.34
N VAL C 175 -51.94 0.26 7.34
CA VAL C 175 -53.10 -0.52 7.76
C VAL C 175 -54.27 -0.21 6.83
N LYS C 176 -55.03 -1.25 6.46
CA LYS C 176 -56.27 -1.10 5.69
C LYS C 176 -57.29 -0.34 6.54
N PRO C 177 -57.89 0.75 6.02
CA PRO C 177 -58.85 1.54 6.80
C PRO C 177 -60.12 0.72 7.07
N GLY C 178 -60.62 0.79 8.31
CA GLY C 178 -61.83 0.09 8.74
C GLY C 178 -61.53 -1.10 9.65
N THR C 179 -60.31 -1.63 9.56
CA THR C 179 -59.98 -2.97 10.05
C THR C 179 -59.61 -2.94 11.55
N GLU C 180 -59.18 -1.77 12.06
CA GLU C 180 -58.70 -1.59 13.45
C GLU C 180 -59.83 -1.91 14.44
N ARG C 181 -59.56 -2.86 15.36
CA ARG C 181 -60.52 -3.24 16.42
C ARG C 181 -59.74 -3.67 17.66
N VAL C 182 -60.40 -3.55 18.84
CA VAL C 182 -59.87 -4.06 20.11
C VAL C 182 -59.75 -5.58 20.01
N LEU C 183 -58.69 -6.17 20.60
CA LEU C 183 -58.47 -7.61 20.55
C LEU C 183 -58.60 -8.20 21.96
N ILE C 184 -57.90 -7.61 22.94
CA ILE C 184 -58.09 -7.94 24.34
C ILE C 184 -58.33 -6.64 25.12
N GLU C 185 -59.43 -6.60 25.88
CA GLU C 185 -59.81 -5.45 26.69
C GLU C 185 -58.62 -5.07 27.60
N ASN C 186 -58.15 -6.03 28.40
CA ASN C 186 -56.99 -5.85 29.30
C ASN C 186 -56.11 -7.11 29.31
N ALA C 187 -54.99 -7.05 28.59
CA ALA C 187 -54.05 -8.17 28.44
C ALA C 187 -53.21 -8.38 29.72
N SER C 188 -53.18 -7.39 30.61
CA SER C 188 -52.43 -7.43 31.88
C SER C 188 -53.12 -8.30 32.93
N ALA C 189 -54.43 -8.54 32.74
CA ALA C 189 -55.34 -9.12 33.76
C ALA C 189 -54.72 -10.30 34.51
N PRO C 190 -54.10 -11.29 33.83
CA PRO C 190 -53.54 -12.46 34.53
C PRO C 190 -52.49 -12.17 35.62
N ALA C 191 -51.70 -11.11 35.44
CA ALA C 191 -50.57 -10.80 36.31
C ALA C 191 -51.02 -10.09 37.60
N GLY C 192 -52.33 -9.93 37.75
CA GLY C 192 -52.94 -9.32 38.91
C GLY C 192 -53.68 -8.05 38.53
N ASP C 193 -54.07 -7.30 39.56
CA ASP C 193 -54.86 -6.10 39.42
C ASP C 193 -53.97 -4.86 39.53
N ASN C 194 -52.93 -4.93 40.37
CA ASN C 194 -51.98 -3.84 40.57
C ASN C 194 -50.87 -3.93 39.52
N ILE C 195 -51.10 -3.28 38.36
CA ILE C 195 -50.19 -3.34 37.20
C ILE C 195 -49.49 -1.98 37.02
N MET C 196 -48.15 -2.04 36.89
CA MET C 196 -47.30 -0.86 36.71
C MET C 196 -47.13 -0.60 35.20
N LEU C 197 -46.68 -1.63 34.47
CA LEU C 197 -46.51 -1.56 33.02
C LEU C 197 -47.52 -2.49 32.34
N GLY C 198 -48.45 -1.89 31.58
CA GLY C 198 -49.44 -2.62 30.80
C GLY C 198 -48.78 -3.59 29.84
N ALA C 199 -49.56 -4.59 29.40
CA ALA C 199 -49.08 -5.69 28.56
C ALA C 199 -48.49 -5.14 27.25
N GLU C 200 -47.25 -5.53 26.97
CA GLU C 200 -46.38 -5.00 25.91
C GLU C 200 -45.66 -6.17 25.21
N GLY C 201 -44.73 -5.84 24.31
CA GLY C 201 -43.80 -6.81 23.69
C GLY C 201 -44.52 -7.95 23.01
N SER C 202 -45.57 -7.60 22.25
CA SER C 202 -46.45 -8.56 21.59
C SER C 202 -45.65 -9.34 20.53
N GLN C 203 -45.63 -10.67 20.68
CA GLN C 203 -45.08 -11.59 19.68
C GLN C 203 -46.06 -12.78 19.54
N LEU C 204 -46.77 -12.79 18.42
CA LEU C 204 -47.73 -13.83 18.12
C LEU C 204 -47.01 -15.00 17.43
N PHE C 205 -47.47 -16.23 17.75
CA PHE C 205 -47.01 -17.45 17.10
C PHE C 205 -48.21 -18.39 16.89
N LYS C 206 -48.20 -19.12 15.77
CA LYS C 206 -49.18 -20.16 15.52
C LYS C 206 -48.46 -21.51 15.52
N VAL C 207 -48.68 -22.27 16.59
CA VAL C 207 -48.09 -23.58 16.79
C VAL C 207 -49.21 -24.61 16.91
N ASN C 208 -49.45 -25.35 15.81
CA ASN C 208 -50.16 -26.63 15.87
C ASN C 208 -51.67 -26.39 16.04
N GLY C 209 -52.21 -25.42 15.29
CA GLY C 209 -53.65 -25.11 15.29
C GLY C 209 -54.04 -24.02 16.28
N LYS C 210 -53.10 -23.58 17.13
CA LYS C 210 -53.40 -22.65 18.24
C LYS C 210 -52.53 -21.39 18.12
N TYR C 211 -53.15 -20.24 18.40
CA TYR C 211 -52.50 -18.93 18.37
C TYR C 211 -52.03 -18.57 19.79
N TYR C 212 -50.71 -18.42 19.96
CA TYR C 212 -50.09 -18.05 21.23
C TYR C 212 -49.54 -16.62 21.14
N LEU C 213 -50.12 -15.70 21.91
CA LEU C 213 -49.67 -14.31 21.99
C LEU C 213 -48.88 -14.10 23.29
N PHE C 214 -47.56 -13.92 23.13
CA PHE C 214 -46.63 -13.63 24.24
C PHE C 214 -46.60 -12.12 24.49
N ASN C 215 -46.74 -11.75 25.77
CA ASN C 215 -46.67 -10.36 26.20
C ASN C 215 -45.71 -10.26 27.40
N ILE C 216 -45.41 -9.00 27.76
CA ILE C 216 -44.68 -8.65 28.99
C ILE C 216 -45.58 -7.71 29.79
N THR C 217 -45.62 -7.90 31.11
CA THR C 217 -46.33 -7.01 32.03
C THR C 217 -45.53 -6.91 33.33
N TRP C 218 -45.66 -5.79 34.05
CA TRP C 218 -44.89 -5.55 35.27
C TRP C 218 -45.87 -5.19 36.39
N PRO C 219 -46.34 -6.17 37.19
CA PRO C 219 -47.18 -5.88 38.34
C PRO C 219 -46.36 -5.20 39.45
N ARG C 220 -46.94 -4.17 40.08
CA ARG C 220 -46.21 -3.31 41.03
C ARG C 220 -45.88 -4.11 42.29
N GLY C 221 -44.59 -4.24 42.60
CA GLY C 221 -44.10 -5.02 43.73
C GLY C 221 -43.37 -6.26 43.26
N GLY C 222 -43.90 -6.89 42.20
CA GLY C 222 -43.37 -8.11 41.59
C GLY C 222 -42.43 -7.80 40.43
N VAL C 223 -42.19 -8.83 39.59
CA VAL C 223 -41.17 -8.78 38.52
C VAL C 223 -41.87 -8.74 37.15
N ARG C 224 -41.06 -8.48 36.12
CA ARG C 224 -41.47 -8.57 34.72
C ARG C 224 -41.97 -10.00 34.44
N THR C 225 -43.26 -10.10 34.15
CA THR C 225 -43.97 -11.38 33.99
C THR C 225 -44.25 -11.62 32.49
N VAL C 226 -44.16 -12.89 32.09
CA VAL C 226 -44.56 -13.37 30.75
C VAL C 226 -46.03 -13.82 30.83
N ILE C 227 -46.82 -13.42 29.83
CA ILE C 227 -48.25 -13.73 29.74
C ILE C 227 -48.58 -14.22 28.33
N VAL C 228 -48.91 -15.51 28.21
CA VAL C 228 -49.42 -16.10 26.98
C VAL C 228 -50.95 -15.94 26.94
N HIS C 229 -51.47 -15.55 25.77
CA HIS C 229 -52.89 -15.58 25.45
C HIS C 229 -53.13 -16.61 24.33
N ARG C 230 -54.01 -17.59 24.57
CA ARG C 230 -54.27 -18.66 23.58
C ARG C 230 -55.63 -18.43 22.91
N ALA C 231 -55.70 -18.72 21.61
CA ALA C 231 -56.91 -18.57 20.82
C ALA C 231 -56.91 -19.56 19.66
N ASP C 232 -58.11 -19.88 19.16
CA ASP C 232 -58.29 -20.73 17.98
C ASP C 232 -58.33 -19.87 16.72
N LYS C 233 -58.93 -18.68 16.84
CA LYS C 233 -58.93 -17.68 15.77
C LYS C 233 -58.10 -16.46 16.24
N ILE C 234 -57.27 -15.95 15.31
CA ILE C 234 -56.44 -14.78 15.54
C ILE C 234 -57.31 -13.62 16.02
N THR C 235 -58.54 -13.55 15.49
CA THR C 235 -59.53 -12.58 15.91
C THR C 235 -60.24 -13.07 17.18
N GLY C 236 -60.47 -14.39 17.24
CA GLY C 236 -61.41 -15.02 18.19
C GLY C 236 -60.92 -14.96 19.63
N PRO C 237 -61.82 -15.20 20.62
CA PRO C 237 -61.54 -14.88 22.02
C PRO C 237 -60.29 -15.58 22.57
N TYR C 238 -59.49 -14.84 23.34
CA TYR C 238 -58.22 -15.32 23.89
C TYR C 238 -58.39 -15.63 25.38
N GLU C 239 -57.76 -16.73 25.83
CA GLU C 239 -57.54 -17.03 27.24
C GLU C 239 -56.09 -16.70 27.58
N GLY C 240 -55.87 -16.00 28.71
CA GLY C 240 -54.54 -15.56 29.14
C GLY C 240 -54.08 -16.26 30.40
N ARG C 241 -52.81 -16.70 30.40
CA ARG C 241 -52.19 -17.32 31.58
C ARG C 241 -50.80 -16.70 31.83
N VAL C 242 -50.39 -16.75 33.09
CA VAL C 242 -49.03 -16.47 33.52
C VAL C 242 -48.21 -17.75 33.30
N VAL C 243 -47.15 -17.63 32.50
CA VAL C 243 -46.30 -18.78 32.14
C VAL C 243 -44.91 -18.67 32.81
N PHE C 244 -44.42 -17.44 33.04
CA PHE C 244 -43.08 -17.22 33.60
C PHE C 244 -43.05 -15.96 34.49
N GLN C 245 -42.46 -16.11 35.68
CA GLN C 245 -42.41 -15.04 36.69
C GLN C 245 -41.13 -15.19 37.53
N ASP C 246 -39.98 -15.08 36.86
CA ASP C 246 -38.68 -15.40 37.47
C ASP C 246 -37.67 -14.30 37.10
N ARG C 247 -37.23 -13.56 38.13
CA ARG C 247 -36.08 -12.64 38.08
C ARG C 247 -36.22 -11.61 36.95
N GLY C 248 -37.47 -11.23 36.63
CA GLY C 248 -37.77 -10.26 35.58
C GLY C 248 -37.37 -10.72 34.18
N ILE C 249 -37.17 -12.04 33.99
CA ILE C 249 -36.86 -12.63 32.68
C ILE C 249 -38.16 -12.71 31.88
N ALA C 250 -38.25 -11.96 30.78
CA ALA C 250 -39.50 -11.74 30.06
C ALA C 250 -39.26 -10.98 28.75
N GLN C 251 -40.34 -10.88 27.97
CA GLN C 251 -40.40 -10.30 26.62
C GLN C 251 -39.60 -11.17 25.64
N GLY C 252 -40.29 -11.62 24.58
CA GLY C 252 -39.77 -12.55 23.61
C GLY C 252 -40.85 -13.49 23.10
N GLY C 253 -40.45 -14.71 22.74
CA GLY C 253 -41.37 -15.69 22.14
C GLY C 253 -40.79 -17.08 22.04
N LEU C 254 -41.36 -17.88 21.14
CA LEU C 254 -40.98 -19.28 20.96
C LEU C 254 -40.04 -19.44 19.76
N VAL C 255 -39.05 -20.32 19.94
CA VAL C 255 -38.25 -20.84 18.85
C VAL C 255 -38.16 -22.36 19.03
N ASP C 256 -38.01 -23.09 17.92
CA ASP C 256 -37.85 -24.54 17.94
C ASP C 256 -36.58 -24.95 17.17
N THR C 257 -36.01 -26.08 17.57
CA THR C 257 -34.90 -26.72 16.85
C THR C 257 -35.48 -27.48 15.67
N PRO C 258 -34.68 -27.82 14.64
CA PRO C 258 -35.15 -28.71 13.57
C PRO C 258 -35.54 -30.11 14.06
N ASP C 259 -34.99 -30.53 15.22
CA ASP C 259 -35.21 -31.87 15.79
C ASP C 259 -36.32 -31.85 16.85
N GLY C 260 -37.15 -30.80 16.86
CA GLY C 260 -38.43 -30.79 17.59
C GLY C 260 -38.37 -30.28 19.03
N ARG C 261 -37.18 -29.86 19.50
CA ARG C 261 -37.05 -29.31 20.86
C ARG C 261 -37.51 -27.86 20.85
N TRP C 262 -38.08 -27.39 21.97
CA TRP C 262 -38.65 -26.05 22.03
C TRP C 262 -37.95 -25.22 23.11
N PHE C 263 -37.80 -23.92 22.82
CA PHE C 263 -37.20 -22.94 23.72
C PHE C 263 -38.02 -21.64 23.67
N ALA C 264 -38.04 -20.94 24.80
CA ALA C 264 -38.54 -19.57 24.90
C ALA C 264 -37.34 -18.64 25.07
N TYR C 265 -37.22 -17.67 24.14
CA TYR C 265 -36.18 -16.66 24.15
C TYR C 265 -36.73 -15.41 24.85
N LEU C 266 -36.00 -14.90 25.85
CA LEU C 266 -36.40 -13.76 26.69
C LEU C 266 -35.15 -12.96 27.09
N PHE C 267 -35.33 -11.89 27.87
CA PHE C 267 -34.17 -11.12 28.37
C PHE C 267 -34.42 -10.61 29.79
N GLU C 268 -33.31 -10.33 30.49
CA GLU C 268 -33.31 -9.87 31.88
C GLU C 268 -32.70 -8.46 31.97
N ASP C 269 -33.42 -7.56 32.65
CA ASP C 269 -32.84 -6.28 33.08
C ASP C 269 -31.74 -6.58 34.10
N CYS C 270 -30.47 -6.45 33.67
CA CYS C 270 -29.31 -6.90 34.44
C CYS C 270 -28.31 -5.75 34.67
N GLY C 271 -28.81 -4.62 35.18
CA GLY C 271 -27.96 -3.49 35.54
C GLY C 271 -27.24 -2.88 34.35
N ALA C 272 -25.94 -2.61 34.53
CA ALA C 272 -25.18 -1.68 33.69
C ALA C 272 -24.81 -2.29 32.33
N VAL C 273 -24.59 -3.62 32.30
CA VAL C 273 -24.28 -4.34 31.05
C VAL C 273 -25.48 -4.25 30.08
N GLY C 274 -26.68 -4.06 30.64
CA GLY C 274 -27.92 -3.83 29.89
C GLY C 274 -28.90 -5.00 30.00
N ARG C 275 -29.70 -5.18 28.95
CA ARG C 275 -30.78 -6.15 28.95
C ARG C 275 -30.33 -7.34 28.11
N ILE C 276 -30.12 -8.48 28.78
CA ILE C 276 -29.33 -9.59 28.27
C ILE C 276 -30.24 -10.77 27.91
N PRO C 277 -30.11 -11.35 26.68
CA PRO C 277 -30.84 -12.54 26.29
C PRO C 277 -30.69 -13.81 27.15
N TYR C 278 -31.84 -14.44 27.45
CA TYR C 278 -31.94 -15.73 28.10
C TYR C 278 -32.68 -16.71 27.16
N LEU C 279 -32.51 -18.00 27.45
CA LEU C 279 -33.00 -19.10 26.62
C LEU C 279 -33.57 -20.18 27.54
N VAL C 280 -34.90 -20.19 27.70
CA VAL C 280 -35.60 -21.05 28.67
C VAL C 280 -36.21 -22.24 27.94
N PRO C 281 -35.89 -23.50 28.33
CA PRO C 281 -36.53 -24.68 27.76
C PRO C 281 -38.07 -24.70 27.91
N VAL C 282 -38.75 -25.22 26.88
CA VAL C 282 -40.20 -25.26 26.80
C VAL C 282 -40.65 -26.72 26.69
N GLU C 283 -41.63 -27.08 27.53
CA GLU C 283 -42.39 -28.32 27.45
C GLU C 283 -43.88 -27.96 27.26
N TRP C 284 -44.62 -28.82 26.55
CA TRP C 284 -46.04 -28.61 26.26
C TRP C 284 -46.88 -29.69 26.98
N LYS C 285 -47.98 -29.26 27.63
CA LYS C 285 -48.81 -30.19 28.41
C LYS C 285 -50.21 -30.31 27.77
N ASP C 286 -51.00 -29.23 27.84
CA ASP C 286 -52.39 -29.24 27.37
C ASP C 286 -52.59 -28.06 26.41
N GLY C 287 -51.75 -28.01 25.36
CA GLY C 287 -51.71 -26.87 24.45
C GLY C 287 -51.25 -25.59 25.14
N TRP C 288 -50.29 -25.74 26.07
CA TRP C 288 -49.70 -24.60 26.79
C TRP C 288 -48.19 -24.80 26.91
N PRO C 289 -47.35 -23.77 26.64
CA PRO C 289 -45.92 -23.86 26.90
C PRO C 289 -45.67 -23.77 28.40
N VAL C 290 -44.69 -24.54 28.89
CA VAL C 290 -44.31 -24.60 30.30
C VAL C 290 -42.83 -24.23 30.40
N LEU C 291 -42.58 -22.94 30.65
CA LEU C 291 -41.25 -22.35 30.59
C LEU C 291 -40.47 -22.76 31.84
N GLY C 292 -39.37 -23.49 31.63
CA GLY C 292 -38.31 -23.66 32.61
C GLY C 292 -38.56 -24.81 33.57
N VAL C 293 -37.47 -25.21 34.26
CA VAL C 293 -37.50 -26.25 35.29
C VAL C 293 -37.95 -25.61 36.60
N ASN C 294 -38.96 -26.22 37.23
CA ASN C 294 -39.57 -25.76 38.49
C ASN C 294 -39.80 -24.25 38.46
N GLY C 295 -40.27 -23.74 37.32
CA GLY C 295 -40.76 -22.38 37.19
C GLY C 295 -39.67 -21.34 36.89
N ARG C 296 -38.39 -21.73 36.99
CA ARG C 296 -37.25 -20.79 36.86
C ARG C 296 -36.36 -21.21 35.68
N ALA C 297 -35.62 -20.23 35.14
CA ALA C 297 -34.70 -20.44 34.02
C ALA C 297 -33.47 -21.19 34.50
N PRO C 298 -33.02 -22.25 33.77
CA PRO C 298 -31.83 -23.01 34.17
C PRO C 298 -30.54 -22.22 33.94
N ALA C 299 -29.49 -22.58 34.68
CA ALA C 299 -28.16 -22.02 34.50
C ALA C 299 -27.50 -22.64 33.27
N LYS C 300 -27.49 -23.98 33.24
CA LYS C 300 -26.90 -24.76 32.16
C LYS C 300 -27.98 -25.03 31.10
N LEU C 301 -27.58 -25.00 29.82
CA LEU C 301 -28.45 -25.35 28.68
C LEU C 301 -27.94 -26.65 28.05
N GLU C 302 -28.86 -27.39 27.42
CA GLU C 302 -28.56 -28.66 26.75
C GLU C 302 -28.34 -28.40 25.26
N LEU C 303 -27.30 -27.63 24.95
CA LEU C 303 -27.00 -27.15 23.60
C LEU C 303 -25.48 -27.11 23.39
N PRO C 304 -24.99 -26.98 22.14
CA PRO C 304 -23.54 -26.91 21.88
C PRO C 304 -22.80 -25.85 22.72
N ASP C 305 -21.47 -26.00 22.79
CA ASP C 305 -20.62 -25.14 23.63
C ASP C 305 -20.64 -23.70 23.11
N SER C 306 -20.13 -22.77 23.94
CA SER C 306 -20.08 -21.35 23.63
C SER C 306 -18.64 -20.93 23.28
N ARG C 307 -18.52 -20.17 22.18
CA ARG C 307 -17.27 -19.53 21.78
C ARG C 307 -17.26 -18.05 22.20
N GLY C 308 -18.20 -17.64 23.06
CA GLY C 308 -18.27 -16.28 23.58
C GLY C 308 -18.61 -15.25 22.51
N LEU C 309 -18.49 -13.97 22.87
CA LEU C 309 -19.08 -12.88 22.10
C LEU C 309 -18.08 -12.25 21.12
N ILE C 310 -16.78 -12.57 21.26
CA ILE C 310 -15.72 -12.12 20.33
C ILE C 310 -15.48 -13.20 19.29
N PRO C 311 -15.56 -12.86 17.99
CA PRO C 311 -15.72 -11.52 17.44
C PRO C 311 -17.09 -11.25 16.79
N GLY C 312 -18.13 -11.93 17.26
CA GLY C 312 -19.45 -11.93 16.65
C GLY C 312 -20.28 -10.71 17.04
N ILE C 313 -20.28 -10.37 18.33
CA ILE C 313 -21.07 -9.27 18.88
C ILE C 313 -20.17 -8.03 19.07
N VAL C 314 -19.03 -8.24 19.74
CA VAL C 314 -17.95 -7.26 19.86
C VAL C 314 -16.71 -7.89 19.25
N ALA C 315 -15.81 -7.05 18.74
CA ALA C 315 -14.55 -7.50 18.17
C ALA C 315 -13.54 -6.35 18.15
N SER C 316 -12.26 -6.73 18.20
CA SER C 316 -11.17 -5.80 18.05
C SER C 316 -11.08 -5.38 16.58
N ASP C 317 -10.67 -4.12 16.37
CA ASP C 317 -10.41 -3.56 15.04
C ASP C 317 -9.08 -2.80 15.09
N ASP C 318 -8.18 -3.14 14.15
CA ASP C 318 -6.89 -2.47 14.01
C ASP C 318 -6.98 -1.42 12.90
N PHE C 319 -8.18 -1.26 12.32
CA PHE C 319 -8.53 -0.23 11.35
C PHE C 319 -7.72 -0.39 10.04
N ASN C 320 -7.11 -1.56 9.85
CA ASN C 320 -6.50 -1.95 8.58
C ASN C 320 -7.56 -2.61 7.71
N ARG C 321 -7.68 -2.16 6.45
CA ARG C 321 -8.68 -2.67 5.52
C ARG C 321 -7.97 -3.19 4.26
N LYS C 322 -8.60 -4.19 3.63
CA LYS C 322 -8.16 -4.76 2.37
C LYS C 322 -9.01 -4.15 1.24
N LYS C 323 -8.68 -4.51 0.00
CA LYS C 323 -9.31 -3.93 -1.19
C LYS C 323 -10.76 -4.43 -1.30
N GLY C 324 -11.71 -3.53 -1.03
CA GLY C 324 -13.15 -3.81 -1.13
C GLY C 324 -13.73 -4.38 0.17
N GLU C 325 -12.93 -4.33 1.25
CA GLU C 325 -13.37 -4.79 2.59
C GLU C 325 -14.44 -3.82 3.10
N ARG C 326 -15.30 -4.30 4.01
CA ARG C 326 -16.29 -3.45 4.68
C ARG C 326 -15.54 -2.38 5.50
N ALA C 327 -16.04 -1.14 5.44
CA ALA C 327 -15.37 0.02 6.06
C ALA C 327 -15.38 -0.09 7.58
N LEU C 328 -16.54 -0.40 8.17
CA LEU C 328 -16.70 -0.65 9.61
C LEU C 328 -17.28 -2.05 9.84
N PRO C 329 -16.59 -2.96 10.56
CA PRO C 329 -17.23 -4.16 11.08
C PRO C 329 -18.62 -3.88 11.66
N LEU C 330 -19.52 -4.86 11.54
CA LEU C 330 -20.93 -4.75 11.93
C LEU C 330 -21.05 -4.53 13.45
N VAL C 331 -20.02 -4.95 14.20
CA VAL C 331 -19.97 -4.77 15.66
C VAL C 331 -20.08 -3.27 16.00
N TRP C 332 -19.51 -2.41 15.14
CA TRP C 332 -19.47 -0.96 15.37
C TRP C 332 -20.85 -0.34 15.13
N GLN C 333 -21.24 0.59 16.01
CA GLN C 333 -22.41 1.46 15.85
C GLN C 333 -22.09 2.87 16.35
N TRP C 334 -22.62 3.88 15.65
CA TRP C 334 -22.48 5.30 16.00
C TRP C 334 -23.54 5.70 17.03
N ASN C 335 -23.18 6.55 17.98
CA ASN C 335 -24.14 7.23 18.82
C ASN C 335 -24.83 8.31 17.99
N HIS C 336 -26.12 8.09 17.69
CA HIS C 336 -26.93 8.92 16.78
C HIS C 336 -26.29 8.90 15.39
N ASN C 337 -26.85 9.70 14.46
CA ASN C 337 -26.37 9.76 13.08
C ASN C 337 -24.94 10.29 13.04
N PRO C 338 -24.04 9.66 12.25
CA PRO C 338 -22.69 10.16 12.08
C PRO C 338 -22.64 11.32 11.08
N ASP C 339 -21.48 11.97 10.98
CA ASP C 339 -21.16 12.94 9.93
C ASP C 339 -20.00 12.34 9.12
N ASN C 340 -20.33 11.75 7.97
CA ASN C 340 -19.42 10.88 7.22
C ASN C 340 -18.19 11.65 6.73
N ALA C 341 -18.28 13.00 6.68
CA ALA C 341 -17.16 13.87 6.31
C ALA C 341 -16.07 13.83 7.38
N LEU C 342 -16.45 13.63 8.64
CA LEU C 342 -15.59 13.86 9.80
C LEU C 342 -15.01 12.56 10.37
N TRP C 343 -15.11 11.45 9.63
CA TRP C 343 -14.34 10.22 9.94
C TRP C 343 -13.77 9.63 8.64
N SER C 344 -12.67 8.89 8.77
CA SER C 344 -11.95 8.32 7.62
C SER C 344 -10.91 7.30 8.09
N LEU C 345 -10.81 6.20 7.33
CA LEU C 345 -9.76 5.19 7.50
C LEU C 345 -8.67 5.37 6.43
N SER C 346 -8.94 6.22 5.43
CA SER C 346 -8.09 6.37 4.25
C SER C 346 -7.09 7.54 4.42
N ALA C 347 -7.47 8.59 5.14
CA ALA C 347 -6.61 9.78 5.36
C ALA C 347 -5.22 9.32 5.81
N ARG C 348 -5.19 8.47 6.83
CA ARG C 348 -4.01 7.74 7.28
C ARG C 348 -4.36 6.24 7.33
N LYS C 349 -3.59 5.41 6.62
CA LYS C 349 -3.81 3.95 6.56
C LYS C 349 -3.37 3.28 7.86
N GLY C 350 -4.23 2.38 8.36
CA GLY C 350 -4.04 1.66 9.62
C GLY C 350 -4.64 2.40 10.81
N TYR C 351 -5.25 3.56 10.53
CA TYR C 351 -5.69 4.50 11.57
C TYR C 351 -7.09 5.03 11.24
N LEU C 352 -7.97 4.98 12.26
CA LEU C 352 -9.24 5.71 12.25
C LEU C 352 -8.97 7.14 12.71
N ARG C 353 -9.45 8.12 11.93
CA ARG C 353 -9.25 9.53 12.20
C ARG C 353 -10.61 10.23 12.34
N LEU C 354 -10.92 10.68 13.57
CA LEU C 354 -12.10 11.51 13.84
C LEU C 354 -11.69 12.99 13.81
N THR C 355 -12.20 13.72 12.82
CA THR C 355 -11.98 15.16 12.68
C THR C 355 -13.12 15.94 13.35
N THR C 356 -12.76 16.87 14.23
CA THR C 356 -13.70 17.78 14.87
C THR C 356 -14.39 18.65 13.80
N GLY C 357 -15.68 18.97 14.01
CA GLY C 357 -16.46 19.73 13.01
C GLY C 357 -17.36 20.81 13.60
N ARG C 358 -17.60 20.78 14.91
CA ARG C 358 -18.53 21.70 15.58
C ARG C 358 -18.19 21.75 17.07
N MET C 359 -18.18 22.96 17.64
CA MET C 359 -17.91 23.21 19.06
C MET C 359 -19.10 22.78 19.91
N GLU C 360 -18.79 22.12 21.04
CA GLU C 360 -19.76 21.45 21.90
C GLU C 360 -19.65 21.97 23.34
N THR C 361 -20.75 21.81 24.08
CA THR C 361 -20.81 22.04 25.52
C THR C 361 -20.95 20.68 26.24
N SER C 362 -21.93 19.88 25.81
CA SER C 362 -22.17 18.56 26.35
C SER C 362 -21.36 17.52 25.58
N PHE C 363 -20.92 16.47 26.30
CA PHE C 363 -20.27 15.29 25.71
C PHE C 363 -21.33 14.51 24.91
N THR C 364 -22.58 14.55 25.39
CA THR C 364 -23.68 13.73 24.90
C THR C 364 -24.32 14.35 23.65
N GLN C 365 -23.88 15.55 23.23
CA GLN C 365 -24.36 16.17 21.97
C GLN C 365 -23.22 16.20 20.93
N ALA C 366 -22.13 15.47 21.20
CA ALA C 366 -21.02 15.33 20.25
C ALA C 366 -21.35 14.25 19.22
N LYS C 367 -20.92 14.50 17.98
CA LYS C 367 -21.14 13.64 16.84
C LYS C 367 -20.01 12.61 16.74
N ASN C 368 -20.26 11.52 16.00
CA ASN C 368 -19.26 10.53 15.61
C ASN C 368 -18.59 9.94 16.85
N ILE C 369 -19.39 9.52 17.84
CA ILE C 369 -18.89 8.77 18.99
C ILE C 369 -19.03 7.28 18.64
N LEU C 370 -17.98 6.72 18.02
CA LEU C 370 -17.97 5.32 17.56
C LEU C 370 -18.02 4.39 18.78
N THR C 371 -18.68 3.23 18.63
CA THR C 371 -19.20 2.50 19.80
C THR C 371 -19.36 1.00 19.52
N GLN C 372 -19.16 0.20 20.58
CA GLN C 372 -19.43 -1.24 20.66
C GLN C 372 -19.94 -1.56 22.06
N ARG C 373 -20.64 -2.70 22.21
CA ARG C 373 -21.28 -3.11 23.47
C ARG C 373 -20.21 -3.51 24.49
N THR C 374 -20.51 -3.33 25.79
CA THR C 374 -19.74 -3.99 26.84
C THR C 374 -20.26 -5.44 26.96
N ILE C 375 -19.47 -6.30 27.60
CA ILE C 375 -19.81 -7.70 27.74
C ILE C 375 -19.54 -8.15 29.19
N GLY C 376 -20.38 -9.05 29.69
CA GLY C 376 -20.26 -9.63 31.02
C GLY C 376 -19.56 -10.98 30.99
N PRO C 377 -19.14 -11.49 32.15
CA PRO C 377 -19.24 -10.77 33.43
C PRO C 377 -18.18 -9.68 33.61
N VAL C 378 -17.07 -9.78 32.85
CA VAL C 378 -16.01 -8.75 32.81
C VAL C 378 -15.55 -8.53 31.36
N CYS C 379 -15.04 -7.32 31.10
CA CYS C 379 -14.33 -7.00 29.85
C CYS C 379 -13.38 -5.82 30.06
N THR C 380 -12.44 -5.69 29.11
CA THR C 380 -11.45 -4.64 29.05
C THR C 380 -11.41 -4.09 27.62
N GLY C 381 -11.61 -2.77 27.48
CA GLY C 381 -11.44 -2.05 26.21
C GLY C 381 -10.24 -1.11 26.24
N SER C 382 -9.55 -0.98 25.10
CA SER C 382 -8.33 -0.20 25.00
C SER C 382 -8.15 0.35 23.59
N VAL C 383 -7.38 1.44 23.50
CA VAL C 383 -7.05 2.09 22.23
C VAL C 383 -5.59 2.55 22.29
N SER C 384 -4.99 2.72 21.10
CA SER C 384 -3.76 3.49 20.89
C SER C 384 -4.10 4.72 20.05
N MET C 385 -3.59 5.88 20.46
CA MET C 385 -4.05 7.16 19.94
C MET C 385 -2.85 8.07 19.61
N ASP C 386 -3.08 8.99 18.66
CA ASP C 386 -2.09 9.98 18.26
C ASP C 386 -2.72 11.38 18.39
N VAL C 387 -2.20 12.17 19.33
CA VAL C 387 -2.79 13.45 19.73
C VAL C 387 -2.18 14.60 18.92
N SER C 388 -1.36 14.28 17.92
CA SER C 388 -0.59 15.27 17.17
C SER C 388 -1.50 16.39 16.63
N GLY C 389 -2.60 16.00 15.99
CA GLY C 389 -3.47 16.91 15.25
C GLY C 389 -4.49 17.63 16.12
N MET C 390 -4.49 17.37 17.43
CA MET C 390 -5.46 17.98 18.36
C MET C 390 -5.21 19.49 18.48
N LYS C 391 -6.20 20.21 19.01
CA LYS C 391 -6.22 21.67 19.05
C LYS C 391 -6.80 22.15 20.39
N GLU C 392 -6.50 23.41 20.74
CA GLU C 392 -6.92 24.06 21.99
C GLU C 392 -8.40 23.78 22.28
N GLY C 393 -8.66 23.08 23.40
CA GLY C 393 -10.02 22.80 23.87
C GLY C 393 -10.66 21.59 23.23
N ASP C 394 -9.86 20.69 22.64
CA ASP C 394 -10.32 19.41 22.11
C ASP C 394 -10.12 18.33 23.18
N PHE C 395 -11.04 17.37 23.24
CA PHE C 395 -10.98 16.23 24.13
C PHE C 395 -11.22 14.96 23.32
N ALA C 396 -10.29 14.00 23.42
CA ALA C 396 -10.36 12.78 22.64
C ALA C 396 -9.84 11.59 23.48
N GLY C 397 -10.64 10.52 23.55
CA GLY C 397 -10.30 9.36 24.36
C GLY C 397 -11.28 8.21 24.23
N LEU C 398 -11.40 7.47 25.34
CA LEU C 398 -12.17 6.26 25.45
C LEU C 398 -13.16 6.43 26.60
N SER C 399 -14.47 6.32 26.29
CA SER C 399 -15.53 6.48 27.27
C SER C 399 -16.19 5.13 27.56
N LEU C 400 -16.64 4.97 28.81
CA LEU C 400 -17.74 4.07 29.14
C LEU C 400 -19.03 4.88 29.09
N PHE C 401 -19.83 4.61 28.06
CA PHE C 401 -20.82 5.55 27.58
C PHE C 401 -22.23 5.17 28.04
N GLN C 402 -22.83 6.07 28.83
CA GLN C 402 -24.27 6.23 28.95
C GLN C 402 -24.53 7.64 29.50
N ARG C 403 -25.70 7.88 30.09
CA ARG C 403 -26.02 9.17 30.70
C ARG C 403 -24.95 9.52 31.74
N LYS C 404 -24.78 8.61 32.72
CA LYS C 404 -23.77 8.73 33.76
C LYS C 404 -22.46 8.13 33.25
N TYR C 405 -21.77 8.90 32.39
CA TYR C 405 -20.62 8.41 31.64
C TYR C 405 -19.33 8.56 32.46
N GLY C 406 -18.28 7.90 31.96
CA GLY C 406 -16.92 8.09 32.37
C GLY C 406 -16.01 8.20 31.15
N GLN C 407 -15.11 9.19 31.14
CA GLN C 407 -14.18 9.44 30.04
C GLN C 407 -12.74 9.28 30.55
N VAL C 408 -11.85 8.91 29.64
CA VAL C 408 -10.40 9.05 29.83
C VAL C 408 -9.80 9.42 28.46
N GLY C 409 -8.93 10.44 28.43
CA GLY C 409 -8.40 10.95 27.18
C GLY C 409 -7.46 12.14 27.36
N VAL C 410 -7.32 12.92 26.27
CA VAL C 410 -6.34 14.00 26.19
C VAL C 410 -7.07 15.32 25.93
N LYS C 411 -7.12 16.19 26.96
CA LYS C 411 -7.57 17.58 26.85
C LYS C 411 -6.35 18.46 26.53
N VAL C 412 -6.55 19.45 25.66
CA VAL C 412 -5.54 20.45 25.31
C VAL C 412 -5.95 21.78 25.97
N THR C 413 -5.19 22.20 26.98
CA THR C 413 -5.52 23.36 27.80
C THR C 413 -4.39 24.38 27.76
N ASP C 414 -4.73 25.61 27.35
CA ASP C 414 -3.89 26.82 27.45
C ASP C 414 -2.46 26.56 26.96
N GLY C 415 -2.25 25.62 26.04
CA GLY C 415 -0.93 25.42 25.44
C GLY C 415 -0.57 23.96 25.22
N LYS C 416 -0.73 23.12 26.26
CA LYS C 416 -0.16 21.77 26.24
C LYS C 416 -1.22 20.75 26.69
N LYS C 417 -0.84 19.47 26.58
CA LYS C 417 -1.74 18.33 26.60
C LYS C 417 -1.64 17.60 27.94
N TYR C 418 -2.80 17.24 28.49
CA TYR C 418 -2.88 16.50 29.74
C TYR C 418 -3.78 15.28 29.56
N ILE C 419 -3.39 14.16 30.20
CA ILE C 419 -4.20 12.98 30.30
C ILE C 419 -5.21 13.19 31.45
N VAL C 420 -6.49 13.00 31.14
CA VAL C 420 -7.58 13.39 32.02
C VAL C 420 -8.63 12.27 32.07
N MET C 421 -9.18 12.05 33.26
CA MET C 421 -10.41 11.30 33.46
C MET C 421 -11.53 12.27 33.84
N VAL C 422 -12.75 11.96 33.39
CA VAL C 422 -13.96 12.70 33.75
C VAL C 422 -15.01 11.70 34.26
N ASN C 423 -15.70 12.07 35.34
CA ASN C 423 -16.72 11.25 35.97
C ASN C 423 -18.07 11.97 35.88
N GLY C 424 -19.01 11.39 35.12
CA GLY C 424 -20.27 12.04 34.74
C GLY C 424 -21.49 11.48 35.47
N GLU C 425 -21.29 10.95 36.68
CA GLU C 425 -22.37 10.42 37.50
C GLU C 425 -23.35 11.55 37.89
N ASN C 426 -22.83 12.77 38.07
CA ASN C 426 -23.61 13.92 38.54
C ASN C 426 -24.07 14.79 37.35
N GLU C 427 -24.98 15.73 37.65
CA GLU C 427 -25.48 16.72 36.68
C GLU C 427 -24.30 17.39 35.98
N THR C 428 -23.30 17.79 36.78
CA THR C 428 -22.12 18.50 36.32
C THR C 428 -20.92 17.56 36.32
N PRO C 429 -20.25 17.34 35.16
CA PRO C 429 -19.09 16.45 35.12
C PRO C 429 -17.97 16.93 36.04
N ALA C 430 -17.07 16.01 36.40
CA ALA C 430 -16.03 16.24 37.36
C ALA C 430 -14.73 15.63 36.83
N GLU C 431 -13.75 16.49 36.51
CA GLU C 431 -12.39 16.08 36.21
C GLU C 431 -11.76 15.62 37.53
N VAL C 432 -11.43 14.34 37.63
CA VAL C 432 -11.06 13.74 38.92
C VAL C 432 -9.55 13.78 39.10
N GLU C 433 -8.81 13.50 38.01
CA GLU C 433 -7.37 13.47 37.98
C GLU C 433 -6.88 14.07 36.66
N LYS C 434 -5.66 14.60 36.67
CA LYS C 434 -5.03 15.24 35.54
C LYS C 434 -3.55 14.88 35.58
N VAL C 435 -2.95 14.61 34.41
CA VAL C 435 -1.52 14.29 34.28
C VAL C 435 -1.00 14.92 32.99
N PRO C 436 0.13 15.66 33.01
CA PRO C 436 0.73 16.17 31.78
C PRO C 436 1.14 15.05 30.81
N LEU C 437 1.04 15.33 29.51
CA LEU C 437 1.45 14.40 28.45
C LEU C 437 2.58 15.04 27.62
N ASN C 438 3.72 14.35 27.52
CA ASN C 438 4.90 14.82 26.79
C ASN C 438 5.34 13.76 25.77
N GLN C 439 4.33 13.07 25.21
CA GLN C 439 4.44 12.26 23.99
C GLN C 439 3.24 12.62 23.10
N GLN C 440 3.24 12.14 21.86
CA GLN C 440 2.11 12.37 20.99
C GLN C 440 1.36 11.05 20.68
N VAL C 441 1.96 9.92 21.04
CA VAL C 441 1.26 8.62 21.12
C VAL C 441 0.92 8.35 22.59
N VAL C 442 -0.28 7.80 22.83
CA VAL C 442 -0.74 7.51 24.20
C VAL C 442 -1.79 6.40 24.13
N TYR C 443 -1.84 5.55 25.16
CA TYR C 443 -2.78 4.44 25.24
C TYR C 443 -3.81 4.68 26.36
N PHE C 444 -4.99 4.09 26.19
CA PHE C 444 -6.04 4.13 27.18
C PHE C 444 -6.71 2.76 27.29
N LYS C 445 -7.38 2.54 28.42
CA LYS C 445 -7.90 1.26 28.80
C LYS C 445 -9.03 1.48 29.80
N ALA C 446 -10.17 0.81 29.57
CA ALA C 446 -11.32 0.84 30.45
C ALA C 446 -11.72 -0.60 30.78
N GLU C 447 -11.81 -0.92 32.08
CA GLU C 447 -12.25 -2.22 32.58
C GLU C 447 -13.71 -2.11 33.05
N CYS C 448 -14.49 -3.18 32.82
CA CYS C 448 -15.82 -3.29 33.40
C CYS C 448 -15.88 -4.52 34.31
N ASP C 449 -16.41 -4.33 35.51
CA ASP C 449 -16.73 -5.43 36.40
C ASP C 449 -18.26 -5.47 36.59
N PHE C 450 -18.89 -6.43 35.91
CA PHE C 450 -20.33 -6.63 36.01
C PHE C 450 -20.66 -7.80 36.95
N ARG C 451 -19.63 -8.47 37.48
CA ARG C 451 -19.78 -9.61 38.40
C ARG C 451 -20.70 -9.20 39.56
N ASN C 452 -21.82 -9.93 39.72
CA ASN C 452 -22.82 -9.70 40.76
C ASN C 452 -23.33 -8.26 40.70
N LYS C 453 -23.30 -7.66 39.51
CA LYS C 453 -23.82 -6.32 39.24
C LYS C 453 -23.26 -5.25 40.20
N VAL C 454 -21.98 -5.38 40.59
CA VAL C 454 -21.29 -4.31 41.32
C VAL C 454 -21.14 -3.09 40.38
N ASP C 455 -21.01 -3.39 39.08
CA ASP C 455 -21.16 -2.43 38.00
C ASP C 455 -20.19 -1.27 38.21
N LYS C 456 -18.89 -1.63 38.22
CA LYS C 456 -17.79 -0.72 38.44
C LYS C 456 -16.90 -0.72 37.19
N GLY C 457 -16.49 0.48 36.77
CA GLY C 457 -15.57 0.69 35.66
C GLY C 457 -14.33 1.45 36.09
N TYR C 458 -13.17 1.03 35.55
CA TYR C 458 -11.85 1.56 35.92
C TYR C 458 -11.08 1.97 34.67
N PHE C 459 -10.50 3.18 34.70
CA PHE C 459 -9.72 3.72 33.59
C PHE C 459 -8.23 3.73 33.95
N TYR C 460 -7.40 3.54 32.93
CA TYR C 460 -5.94 3.59 33.03
C TYR C 460 -5.38 4.24 31.76
N TYR C 461 -4.29 5.01 31.93
CA TYR C 461 -3.47 5.47 30.82
C TYR C 461 -2.16 4.68 30.81
N SER C 462 -1.41 4.86 29.73
CA SER C 462 -0.16 4.18 29.51
C SER C 462 0.61 4.88 28.38
N LEU C 463 1.88 5.21 28.65
CA LEU C 463 2.77 5.85 27.69
C LEU C 463 3.48 4.78 26.87
N ASP C 464 3.39 3.54 27.35
CA ASP C 464 4.16 2.39 26.90
C ASP C 464 3.17 1.33 26.39
N GLY C 465 3.70 0.33 25.66
CA GLY C 465 2.91 -0.80 25.16
C GLY C 465 2.15 -1.52 26.26
N SER C 466 2.82 -1.81 27.39
CA SER C 466 2.34 -2.80 28.36
C SER C 466 2.16 -2.22 29.77
N ASN C 467 2.85 -1.12 30.12
CA ASN C 467 2.80 -0.54 31.48
C ASN C 467 1.59 0.39 31.60
N TRP C 468 0.61 0.01 32.43
CA TRP C 468 -0.64 0.78 32.64
C TRP C 468 -0.67 1.36 34.07
N LYS C 469 -1.22 2.57 34.19
CA LYS C 469 -1.30 3.31 35.47
C LYS C 469 -2.72 3.84 35.64
N ALA C 470 -3.25 3.73 36.86
CA ALA C 470 -4.63 4.14 37.17
C ALA C 470 -4.75 5.65 37.05
N ILE C 471 -5.92 6.13 36.59
CA ILE C 471 -6.17 7.57 36.49
C ILE C 471 -7.67 7.86 36.74
N GLY C 472 -7.96 8.44 37.91
CA GLY C 472 -9.31 8.86 38.26
C GLY C 472 -9.92 7.94 39.30
N ASN C 473 -11.23 8.08 39.51
CA ASN C 473 -11.97 7.23 40.46
C ASN C 473 -12.61 6.09 39.68
N VAL C 474 -13.35 5.24 40.40
CA VAL C 474 -14.26 4.25 39.81
C VAL C 474 -15.47 4.99 39.23
N LEU C 475 -15.98 4.47 38.11
CA LEU C 475 -17.28 4.84 37.57
C LEU C 475 -18.32 3.86 38.15
N LYS C 476 -19.20 4.36 39.02
CA LYS C 476 -20.32 3.59 39.53
C LYS C 476 -21.43 3.61 38.48
N MET C 477 -21.28 2.76 37.47
CA MET C 477 -22.24 2.61 36.36
C MET C 477 -23.65 2.42 36.93
N GLN C 478 -24.63 3.01 36.24
CA GLN C 478 -26.04 2.90 36.58
C GLN C 478 -26.88 2.94 35.29
N TYR C 479 -27.71 1.90 35.09
CA TYR C 479 -28.64 1.83 33.97
C TYR C 479 -29.79 2.81 34.23
N THR C 480 -29.74 3.97 33.57
CA THR C 480 -30.76 4.99 33.68
C THR C 480 -31.54 5.07 32.34
N MET C 481 -32.71 5.71 32.41
CA MET C 481 -33.60 5.90 31.28
C MET C 481 -33.92 7.40 31.20
N PRO C 482 -33.30 8.12 30.26
CA PRO C 482 -32.39 7.64 29.22
C PRO C 482 -30.99 7.29 29.75
N HIS C 483 -30.14 6.67 28.92
CA HIS C 483 -30.32 6.42 27.49
C HIS C 483 -31.14 5.15 27.20
N PHE C 484 -31.56 4.43 28.26
CA PHE C 484 -32.33 3.18 28.12
C PHE C 484 -31.48 2.14 27.37
N MET C 485 -30.17 2.10 27.66
CA MET C 485 -29.24 1.26 26.92
C MET C 485 -28.13 0.78 27.85
N GLY C 486 -27.48 -0.32 27.47
CA GLY C 486 -26.33 -0.83 28.19
C GLY C 486 -25.14 0.09 28.04
N TYR C 487 -24.19 0.00 28.95
CA TYR C 487 -22.97 0.79 28.81
C TYR C 487 -22.20 0.24 27.60
N ARG C 488 -21.56 1.14 26.87
CA ARG C 488 -20.83 0.82 25.66
C ARG C 488 -19.44 1.47 25.72
N PHE C 489 -18.45 0.81 25.12
CA PHE C 489 -17.14 1.40 24.84
C PHE C 489 -17.32 2.42 23.71
N ALA C 490 -16.55 3.51 23.78
CA ALA C 490 -16.75 4.64 22.89
C ALA C 490 -15.43 5.36 22.60
N LEU C 491 -15.08 5.43 21.32
CA LEU C 491 -14.05 6.30 20.79
C LEU C 491 -14.68 7.66 20.49
N PHE C 492 -14.16 8.74 21.11
CA PHE C 492 -14.70 10.08 20.90
C PHE C 492 -13.56 11.05 20.56
N ASN C 493 -13.96 12.18 19.97
CA ASN C 493 -13.13 13.38 19.80
C ASN C 493 -14.07 14.55 19.48
N TYR C 494 -14.19 15.49 20.42
CA TYR C 494 -14.97 16.70 20.21
C TYR C 494 -14.19 17.92 20.69
N ALA C 495 -14.69 19.10 20.29
CA ALA C 495 -14.06 20.37 20.52
C ALA C 495 -14.97 21.27 21.37
N THR C 496 -14.34 22.16 22.15
CA THR C 496 -15.05 23.13 22.96
C THR C 496 -14.85 24.54 22.41
N LYS C 497 -13.73 24.81 21.71
CA LYS C 497 -13.27 26.20 21.45
C LYS C 497 -12.72 26.40 20.03
N GLU C 498 -12.20 25.35 19.38
CA GLU C 498 -11.66 25.43 18.01
C GLU C 498 -11.96 24.13 17.26
N VAL C 499 -12.33 24.25 15.97
CA VAL C 499 -12.80 23.11 15.16
C VAL C 499 -11.83 22.86 14.00
N GLY C 500 -11.73 21.59 13.58
CA GLY C 500 -10.82 21.14 12.54
C GLY C 500 -9.76 20.19 13.08
N GLY C 501 -9.62 20.15 14.42
CA GLY C 501 -8.70 19.26 15.11
C GLY C 501 -9.07 17.80 14.89
N TYR C 502 -8.07 16.91 14.98
CA TYR C 502 -8.29 15.51 14.70
C TYR C 502 -7.44 14.63 15.64
N ALA C 503 -7.93 13.41 15.86
CA ALA C 503 -7.24 12.35 16.58
C ALA C 503 -7.18 11.09 15.71
N ASP C 504 -6.11 10.30 15.84
CA ASP C 504 -5.89 9.07 15.06
C ASP C 504 -5.75 7.87 15.99
N PHE C 505 -6.71 6.94 15.91
CA PHE C 505 -6.72 5.70 16.69
C PHE C 505 -6.13 4.56 15.83
N ASP C 506 -5.11 3.87 16.35
CA ASP C 506 -4.38 2.83 15.62
C ASP C 506 -5.19 1.52 15.66
N TYR C 507 -5.90 1.32 16.77
CA TYR C 507 -6.69 0.14 16.99
C TYR C 507 -7.69 0.36 18.13
N PHE C 508 -8.64 -0.57 18.22
CA PHE C 508 -9.46 -0.82 19.41
C PHE C 508 -9.38 -2.32 19.74
N LYS C 509 -9.10 -2.63 21.00
CA LYS C 509 -8.85 -4.00 21.44
C LYS C 509 -9.81 -4.32 22.59
N ILE C 510 -10.55 -5.42 22.44
CA ILE C 510 -11.46 -5.91 23.46
C ILE C 510 -11.10 -7.36 23.80
N GLU C 511 -11.30 -7.70 25.08
CA GLU C 511 -10.92 -8.96 25.67
C GLU C 511 -11.85 -9.18 26.87
N ASP C 512 -12.17 -10.44 27.18
CA ASP C 512 -13.17 -10.76 28.21
C ASP C 512 -12.45 -11.05 29.54
N LYS C 513 -11.43 -10.24 29.84
CA LYS C 513 -10.60 -10.41 31.04
C LYS C 513 -10.50 -9.06 31.76
N ILE C 514 -9.93 -9.10 32.97
CA ILE C 514 -9.83 -7.93 33.84
C ILE C 514 -8.56 -8.12 34.70
N SER C 515 -7.96 -7.01 35.15
CA SER C 515 -6.67 -7.06 35.86
C SER C 515 -6.85 -7.58 37.29
N ASP C 516 -7.93 -7.14 37.95
CA ASP C 516 -8.14 -7.35 39.39
C ASP C 516 -6.92 -6.80 40.14
N CYS C 517 -6.57 -5.54 39.82
CA CYS C 517 -5.54 -4.75 40.50
C CYS C 517 -6.16 -3.55 41.24
N ARG C 518 -7.45 -3.29 40.99
CA ARG C 518 -8.23 -2.25 41.69
C ARG C 518 -9.57 -2.82 42.12
N TRP C 519 -9.86 -2.68 43.41
CA TRP C 519 -11.22 -2.75 43.92
C TRP C 519 -11.52 -1.43 44.65
N GLU C 520 -12.59 -0.76 44.22
CA GLU C 520 -13.03 0.49 44.82
C GLU C 520 -14.45 0.31 45.36
N ASP C 521 -14.82 1.14 46.34
CA ASP C 521 -16.12 1.08 47.00
C ASP C 521 -16.39 -0.35 47.49
N ILE C 522 -15.48 -0.85 48.33
CA ILE C 522 -15.53 -2.14 48.98
C ILE C 522 -15.97 -1.95 50.44
N CYS C 523 -17.18 -2.43 50.77
CA CYS C 523 -17.68 -2.41 52.16
C CYS C 523 -16.81 -3.32 53.02
N TYR C 524 -16.23 -2.77 54.11
CA TYR C 524 -15.36 -3.52 55.01
C TYR C 524 -16.09 -3.87 56.32
N ALA C 525 -17.29 -3.31 56.51
CA ALA C 525 -18.11 -3.53 57.70
C ALA C 525 -19.39 -4.29 57.35
N ASP C 526 -19.69 -4.45 56.06
CA ASP C 526 -20.88 -5.16 55.56
C ASP C 526 -22.17 -4.41 55.96
N ASP C 527 -22.16 -3.09 55.75
CA ASP C 527 -23.36 -2.24 55.72
C ASP C 527 -23.35 -1.47 54.39
N LYS C 528 -24.25 -0.49 54.23
CA LYS C 528 -24.39 0.24 52.98
C LYS C 528 -23.92 1.68 53.16
N LEU C 529 -23.23 1.95 54.28
CA LEU C 529 -22.73 3.27 54.65
C LEU C 529 -21.47 3.59 53.84
N GLU C 530 -21.39 4.83 53.32
CA GLU C 530 -20.26 5.29 52.50
C GLU C 530 -18.99 5.35 53.35
N GLY C 531 -19.15 5.68 54.64
CA GLY C 531 -18.04 5.82 55.57
C GLY C 531 -17.36 4.50 55.92
N HIS C 532 -17.91 3.38 55.43
CA HIS C 532 -17.37 2.05 55.70
C HIS C 532 -16.94 1.35 54.41
N LYS C 533 -16.51 2.12 53.40
CA LYS C 533 -15.96 1.58 52.16
C LYS C 533 -14.45 1.90 52.08
N LEU C 534 -13.73 1.08 51.30
CA LEU C 534 -12.30 1.30 51.07
C LEU C 534 -11.96 0.90 49.63
N ASP C 535 -10.77 1.33 49.19
CA ASP C 535 -10.23 1.03 47.88
C ASP C 535 -8.88 0.32 48.06
N ILE C 536 -8.68 -0.74 47.29
CA ILE C 536 -7.48 -1.57 47.35
C ILE C 536 -6.84 -1.54 45.97
N TYR C 537 -5.63 -0.98 45.89
CA TYR C 537 -4.83 -0.92 44.67
C TYR C 537 -3.61 -1.83 44.82
N LEU C 538 -3.33 -2.63 43.79
CA LEU C 538 -2.16 -3.49 43.73
C LEU C 538 -1.17 -2.95 42.70
N PRO C 539 0.15 -3.07 42.94
CA PRO C 539 1.11 -3.00 41.84
C PRO C 539 0.82 -4.10 40.80
N ASP C 540 1.22 -3.86 39.55
CA ASP C 540 1.18 -4.88 38.50
C ASP C 540 2.59 -5.44 38.32
N MET C 541 3.09 -6.16 39.35
CA MET C 541 4.47 -6.70 39.37
C MET C 541 4.49 -8.24 39.32
N ASP C 542 3.31 -8.85 39.10
CA ASP C 542 3.17 -10.30 38.93
C ASP C 542 3.73 -11.05 40.15
N GLU C 543 3.52 -10.49 41.34
CA GLU C 543 3.91 -11.10 42.63
C GLU C 543 2.69 -11.78 43.25
N PRO C 544 2.87 -12.83 44.08
CA PRO C 544 1.74 -13.55 44.67
C PRO C 544 0.98 -12.75 45.74
N SER C 545 1.71 -11.93 46.50
CA SER C 545 1.13 -11.04 47.52
C SER C 545 1.95 -9.74 47.59
N TYR C 546 1.37 -8.75 48.29
CA TYR C 546 1.95 -7.43 48.41
C TYR C 546 1.81 -6.92 49.85
N LYS C 547 2.90 -6.36 50.39
CA LYS C 547 2.87 -5.71 51.70
C LYS C 547 2.00 -4.45 51.59
N VAL C 548 1.28 -4.12 52.66
CA VAL C 548 0.19 -3.16 52.62
C VAL C 548 0.60 -1.86 53.32
N VAL C 549 0.14 -0.73 52.76
CA VAL C 549 0.16 0.57 53.40
C VAL C 549 -1.25 1.18 53.31
N VAL C 550 -1.81 1.59 54.46
CA VAL C 550 -3.16 2.13 54.56
C VAL C 550 -3.09 3.66 54.52
N LEU C 551 -4.07 4.29 53.84
CA LEU C 551 -4.16 5.74 53.71
C LEU C 551 -5.45 6.22 54.40
N ILE C 552 -5.35 7.33 55.15
CA ILE C 552 -6.52 7.99 55.72
C ILE C 552 -6.50 9.47 55.30
N TYR C 553 -7.56 9.89 54.64
CA TYR C 553 -7.79 11.28 54.29
C TYR C 553 -7.98 12.10 55.57
N GLY C 554 -7.64 13.39 55.45
CA GLY C 554 -7.92 14.38 56.47
C GLY C 554 -9.13 15.21 56.09
N SER C 555 -10.01 15.44 57.07
CA SER C 555 -11.26 16.14 56.85
C SER C 555 -11.68 16.96 58.07
N ALA C 556 -10.80 17.03 59.09
CA ALA C 556 -11.19 17.45 60.44
C ALA C 556 -12.35 16.57 60.93
N TRP C 557 -12.27 15.29 60.60
CA TRP C 557 -13.22 14.25 61.02
C TRP C 557 -14.62 14.46 60.42
N PHE C 558 -14.78 15.37 59.45
CA PHE C 558 -16.12 15.82 59.00
C PHE C 558 -16.63 14.98 57.82
N ALA C 559 -15.73 14.29 57.10
CA ALA C 559 -16.07 13.61 55.84
C ALA C 559 -16.23 12.10 56.05
N ASN C 560 -16.70 11.41 55.01
CA ASN C 560 -16.88 9.96 55.02
C ASN C 560 -16.57 9.35 53.65
N ASN C 561 -15.89 10.11 52.77
CA ASN C 561 -15.90 9.78 51.35
C ASN C 561 -14.76 10.48 50.57
N MET C 562 -13.64 10.77 51.24
CA MET C 562 -12.56 11.47 50.56
C MET C 562 -11.33 10.55 50.43
N LYS C 563 -11.56 9.25 50.49
CA LYS C 563 -10.52 8.22 50.34
C LYS C 563 -9.75 8.38 49.01
N GLN C 564 -10.44 8.87 47.97
CA GLN C 564 -9.84 9.04 46.63
C GLN C 564 -8.87 10.23 46.65
N ALA C 565 -9.23 11.29 47.38
CA ALA C 565 -8.34 12.45 47.62
C ALA C 565 -7.00 11.96 48.16
N ALA C 566 -7.05 11.00 49.10
CA ALA C 566 -5.87 10.50 49.80
C ALA C 566 -5.01 9.66 48.86
N PHE C 567 -5.65 8.83 48.01
CA PHE C 567 -4.91 7.96 47.09
C PHE C 567 -4.06 8.79 46.12
N GLN C 568 -4.64 9.88 45.60
CA GLN C 568 -4.02 10.68 44.54
C GLN C 568 -2.74 11.38 45.04
N VAL C 569 -2.60 11.48 46.37
CA VAL C 569 -1.44 12.08 47.02
C VAL C 569 -0.35 11.01 47.21
N PHE C 570 -0.70 9.94 47.95
CA PHE C 570 0.27 8.95 48.44
C PHE C 570 0.37 7.77 47.46
N GLY C 571 -0.79 7.23 47.07
CA GLY C 571 -0.94 5.96 46.34
C GLY C 571 0.15 5.70 45.32
N LYS C 572 0.25 6.61 44.33
CA LYS C 572 1.11 6.40 43.17
C LYS C 572 2.52 6.02 43.63
N SER C 573 3.13 6.88 44.45
CA SER C 573 4.53 6.74 44.89
C SER C 573 4.71 5.51 45.80
N LEU C 574 3.63 5.09 46.48
CA LEU C 574 3.63 3.88 47.30
C LEU C 574 3.58 2.64 46.41
N LEU C 575 2.77 2.70 45.34
CA LEU C 575 2.57 1.57 44.44
C LEU C 575 3.86 1.25 43.68
N ASP C 576 4.66 2.29 43.40
CA ASP C 576 5.83 2.14 42.54
C ASP C 576 6.93 1.35 43.28
N LYS C 577 6.94 1.38 44.61
CA LYS C 577 7.91 0.60 45.41
C LYS C 577 7.30 -0.76 45.81
N GLY C 578 6.08 -1.04 45.31
CA GLY C 578 5.49 -2.38 45.35
C GLY C 578 4.61 -2.63 46.57
N PHE C 579 4.09 -1.54 47.16
CA PHE C 579 3.14 -1.64 48.26
C PHE C 579 1.72 -1.69 47.67
N ALA C 580 0.90 -2.59 48.21
CA ALA C 580 -0.53 -2.50 48.03
C ALA C 580 -1.03 -1.29 48.83
N VAL C 581 -1.89 -0.48 48.21
CA VAL C 581 -2.42 0.69 48.83
C VAL C 581 -3.90 0.46 49.13
N VAL C 582 -4.28 0.63 50.40
CA VAL C 582 -5.66 0.53 50.84
C VAL C 582 -6.11 1.89 51.39
N SER C 583 -6.83 2.68 50.58
CA SER C 583 -7.41 3.95 51.06
C SER C 583 -8.81 3.67 51.61
N ILE C 584 -9.06 4.17 52.83
CA ILE C 584 -10.25 3.82 53.62
C ILE C 584 -11.04 5.10 53.95
N ASN C 585 -12.35 4.91 54.13
CA ASN C 585 -13.24 5.91 54.67
C ASN C 585 -13.43 5.63 56.16
N HIS C 586 -14.07 6.59 56.84
CA HIS C 586 -14.54 6.46 58.21
C HIS C 586 -15.73 7.41 58.39
N ARG C 587 -16.68 7.02 59.25
CA ARG C 587 -17.89 7.81 59.49
C ARG C 587 -17.52 9.26 59.86
N SER C 588 -18.36 10.18 59.38
CA SER C 588 -18.31 11.58 59.75
C SER C 588 -18.62 11.75 61.24
N SER C 589 -18.01 12.76 61.87
CA SER C 589 -18.34 13.15 63.25
C SER C 589 -19.84 13.44 63.35
N GLY C 590 -20.36 14.18 62.36
CA GLY C 590 -21.78 14.49 62.26
C GLY C 590 -22.63 13.24 62.38
N ASP C 591 -22.22 12.18 61.67
CA ASP C 591 -22.90 10.89 61.66
C ASP C 591 -22.75 10.20 63.02
N ALA C 592 -21.52 9.86 63.40
CA ALA C 592 -21.24 9.10 64.65
C ALA C 592 -20.12 9.78 65.46
N LYS C 593 -20.28 9.83 66.79
CA LYS C 593 -19.33 10.50 67.71
C LYS C 593 -18.26 9.51 68.18
N PHE C 594 -17.09 10.05 68.55
CA PHE C 594 -15.93 9.25 69.01
C PHE C 594 -16.38 8.32 70.13
N PRO C 595 -15.88 7.07 70.15
CA PRO C 595 -14.76 6.59 69.38
C PRO C 595 -15.10 5.85 68.06
N ALA C 596 -16.17 6.30 67.39
CA ALA C 596 -16.58 5.76 66.09
C ALA C 596 -15.42 5.72 65.11
N GLN C 597 -14.64 6.80 65.04
CA GLN C 597 -13.74 7.05 63.93
C GLN C 597 -12.54 6.08 63.97
N ILE C 598 -12.13 5.66 65.17
CA ILE C 598 -11.01 4.71 65.32
C ILE C 598 -11.54 3.27 65.15
N ASN C 599 -12.73 3.00 65.71
CA ASN C 599 -13.46 1.72 65.54
C ASN C 599 -13.49 1.33 64.06
N ASP C 600 -13.78 2.33 63.21
CA ASP C 600 -13.87 2.16 61.77
C ASP C 600 -12.49 1.79 61.21
N VAL C 601 -11.45 2.54 61.60
CA VAL C 601 -10.09 2.34 61.09
C VAL C 601 -9.62 0.92 61.43
N LYS C 602 -9.77 0.55 62.69
CA LYS C 602 -9.31 -0.76 63.18
C LYS C 602 -10.04 -1.88 62.43
N ALA C 603 -11.33 -1.66 62.12
CA ALA C 603 -12.14 -2.63 61.39
C ALA C 603 -11.61 -2.80 59.96
N ALA C 604 -11.30 -1.68 59.30
CA ALA C 604 -10.68 -1.72 57.98
C ALA C 604 -9.52 -2.72 57.98
N ILE C 605 -8.64 -2.61 58.99
CA ILE C 605 -7.41 -3.41 59.09
C ILE C 605 -7.79 -4.88 59.30
N ARG C 606 -8.79 -5.14 60.15
CA ARG C 606 -9.29 -6.51 60.39
C ARG C 606 -9.75 -7.14 59.07
N PHE C 607 -10.50 -6.38 58.27
CA PHE C 607 -11.08 -6.85 57.00
C PHE C 607 -9.96 -7.22 56.02
N ILE C 608 -8.84 -6.51 56.12
CA ILE C 608 -7.71 -6.64 55.19
C ILE C 608 -6.95 -7.94 55.47
N ARG C 609 -6.78 -8.29 56.75
CA ARG C 609 -6.18 -9.56 57.10
C ARG C 609 -7.14 -10.69 56.70
N ALA C 610 -8.41 -10.56 57.13
CA ALA C 610 -9.45 -11.58 56.90
C ALA C 610 -9.56 -11.92 55.40
N ASN C 611 -9.56 -10.89 54.55
CA ASN C 611 -9.71 -11.06 53.10
C ASN C 611 -8.37 -10.88 52.40
N ALA C 612 -7.27 -11.24 53.09
CA ALA C 612 -5.92 -11.02 52.56
C ALA C 612 -5.72 -11.87 51.31
N ALA C 613 -5.88 -13.19 51.48
CA ALA C 613 -5.82 -14.18 50.40
C ALA C 613 -6.55 -13.69 49.14
N LYS C 614 -7.79 -13.23 49.29
CA LYS C 614 -8.65 -12.89 48.15
C LYS C 614 -8.02 -11.73 47.35
N TYR C 615 -7.58 -10.68 48.05
CA TYR C 615 -7.02 -9.46 47.44
C TYR C 615 -5.48 -9.52 47.38
N LYS C 616 -4.91 -10.74 47.49
CA LYS C 616 -3.47 -11.02 47.35
C LYS C 616 -2.65 -9.93 48.06
N LEU C 617 -2.94 -9.77 49.36
CA LEU C 617 -2.18 -8.89 50.26
C LEU C 617 -1.33 -9.75 51.19
N ASP C 618 -0.20 -9.18 51.61
CA ASP C 618 0.70 -9.73 52.61
C ASP C 618 0.61 -8.85 53.86
N THR C 619 -0.21 -9.27 54.83
CA THR C 619 -0.49 -8.47 56.02
C THR C 619 0.57 -8.71 57.11
N SER C 620 1.71 -9.32 56.76
CA SER C 620 2.87 -9.39 57.66
C SER C 620 3.36 -7.97 57.97
N PHE C 621 3.25 -7.08 56.98
CA PHE C 621 3.46 -5.65 57.15
C PHE C 621 2.23 -4.87 56.66
N ILE C 622 1.54 -4.22 57.61
CA ILE C 622 0.55 -3.18 57.32
C ILE C 622 1.07 -1.86 57.92
N GLY C 623 1.51 -0.94 57.04
CA GLY C 623 1.82 0.44 57.40
C GLY C 623 0.57 1.32 57.28
N ILE C 624 0.60 2.50 57.90
CA ILE C 624 -0.54 3.41 57.89
C ILE C 624 -0.02 4.86 57.92
N THR C 625 -0.66 5.72 57.12
CA THR C 625 -0.31 7.13 57.06
C THR C 625 -1.56 7.94 56.74
N GLY C 626 -1.48 9.24 57.01
CA GLY C 626 -2.57 10.18 56.75
C GLY C 626 -2.20 11.60 57.14
N PHE C 627 -2.98 12.55 56.61
CA PHE C 627 -2.75 13.97 56.78
C PHE C 627 -3.91 14.59 57.56
N SER C 628 -3.58 15.47 58.51
CA SER C 628 -4.56 16.19 59.32
C SER C 628 -5.28 15.19 60.23
N SER C 629 -6.62 15.18 60.23
CA SER C 629 -7.39 14.25 61.09
C SER C 629 -7.05 12.80 60.74
N GLY C 630 -6.65 12.57 59.48
CA GLY C 630 -6.21 11.27 59.00
C GLY C 630 -4.97 10.79 59.73
N GLY C 631 -4.01 11.71 59.92
CA GLY C 631 -2.77 11.46 60.66
C GLY C 631 -3.01 11.18 62.13
N HIS C 632 -4.03 11.84 62.70
CA HIS C 632 -4.46 11.61 64.07
C HIS C 632 -4.88 10.14 64.22
N LEU C 633 -5.87 9.73 63.42
CA LEU C 633 -6.42 8.38 63.46
C LEU C 633 -5.31 7.37 63.17
N ALA C 634 -4.44 7.69 62.20
CA ALA C 634 -3.27 6.89 61.86
C ALA C 634 -2.39 6.69 63.10
N SER C 635 -2.19 7.78 63.84
CA SER C 635 -1.29 7.81 65.01
C SER C 635 -1.95 7.11 66.19
N LEU C 636 -3.26 7.35 66.37
CA LEU C 636 -4.09 6.68 67.40
C LEU C 636 -4.13 5.18 67.12
N ALA C 637 -4.17 4.80 65.84
CA ALA C 637 -4.08 3.40 65.44
C ALA C 637 -2.77 2.80 65.96
N GLY C 638 -1.65 3.47 65.64
CA GLY C 638 -0.28 3.02 65.93
C GLY C 638 0.01 2.85 67.41
N THR C 639 -0.50 3.76 68.24
CA THR C 639 -0.18 3.77 69.65
C THR C 639 -1.03 2.74 70.41
N THR C 640 -2.22 2.44 69.88
CA THR C 640 -3.23 1.58 70.57
C THR C 640 -3.29 0.16 69.98
N ASN C 641 -2.20 -0.32 69.36
CA ASN C 641 -2.09 -1.72 68.98
C ASN C 641 -2.38 -2.60 70.19
N GLY C 642 -3.41 -3.46 70.09
CA GLY C 642 -3.68 -4.48 71.09
C GLY C 642 -4.43 -3.94 72.29
N VAL C 643 -4.94 -2.71 72.22
CA VAL C 643 -5.76 -2.13 73.28
C VAL C 643 -7.23 -2.31 72.89
N LYS C 644 -7.96 -3.03 73.73
CA LYS C 644 -9.41 -3.13 73.67
C LYS C 644 -9.99 -1.77 74.08
N SER C 645 -9.68 -1.35 75.32
CA SER C 645 -10.34 -0.20 75.96
C SER C 645 -9.39 0.47 76.95
N TYR C 646 -9.82 1.63 77.46
CA TYR C 646 -9.02 2.44 78.39
C TYR C 646 -9.92 3.45 79.12
N THR C 647 -9.47 3.87 80.30
CA THR C 647 -10.24 4.73 81.19
C THR C 647 -9.34 5.84 81.73
N ILE C 648 -9.80 7.10 81.65
CA ILE C 648 -9.16 8.24 82.32
C ILE C 648 -10.25 9.06 83.04
N GLY C 649 -10.27 8.97 84.37
CA GLY C 649 -11.13 9.78 85.22
C GLY C 649 -12.58 9.33 85.14
N ALA C 650 -13.43 10.23 84.66
CA ALA C 650 -14.87 9.98 84.52
C ALA C 650 -15.13 9.00 83.37
N LYS C 651 -14.70 9.38 82.17
CA LYS C 651 -15.11 8.71 80.92
C LYS C 651 -14.24 7.47 80.66
N THR C 652 -14.79 6.60 79.79
CA THR C 652 -14.21 5.33 79.36
C THR C 652 -14.50 5.17 77.86
N VAL C 653 -13.60 4.48 77.14
CA VAL C 653 -13.69 4.43 75.70
C VAL C 653 -13.27 3.05 75.20
N ASP C 654 -14.09 2.50 74.29
CA ASP C 654 -13.78 1.29 73.55
C ASP C 654 -13.02 1.72 72.29
N LEU C 655 -11.74 1.32 72.21
CA LEU C 655 -10.89 1.72 71.10
C LEU C 655 -11.05 0.75 69.92
N GLU C 656 -11.00 -0.56 70.17
CA GLU C 656 -11.07 -1.55 69.08
C GLU C 656 -12.47 -1.57 68.46
N GLY C 657 -13.49 -1.59 69.32
CA GLY C 657 -14.88 -1.52 68.91
C GLY C 657 -15.34 -2.76 68.17
N ASN C 658 -16.66 -2.85 67.98
CA ASN C 658 -17.32 -3.99 67.37
C ASN C 658 -18.04 -3.50 66.11
N VAL C 659 -17.25 -3.29 65.05
CA VAL C 659 -17.76 -2.89 63.74
C VAL C 659 -17.21 -3.88 62.71
N GLY C 660 -18.09 -4.27 61.77
CA GLY C 660 -17.82 -5.38 60.85
C GLY C 660 -17.99 -6.72 61.56
N LEU C 661 -17.78 -7.81 60.82
CA LEU C 661 -18.01 -9.18 61.32
C LEU C 661 -16.72 -10.02 61.23
N TYR C 662 -15.57 -9.38 61.51
CA TYR C 662 -14.28 -10.06 61.57
C TYR C 662 -13.57 -9.73 62.89
N PRO C 663 -14.20 -9.96 64.07
CA PRO C 663 -13.60 -9.54 65.35
C PRO C 663 -12.34 -10.34 65.72
N SER C 664 -12.22 -11.56 65.18
CA SER C 664 -11.14 -12.50 65.51
C SER C 664 -9.79 -11.99 65.00
N PHE C 665 -9.79 -11.12 63.99
CA PHE C 665 -8.58 -10.77 63.27
C PHE C 665 -7.90 -9.54 63.89
N SER C 666 -6.59 -9.42 63.64
CA SER C 666 -5.72 -8.43 64.28
C SER C 666 -5.94 -7.02 63.70
N SER C 667 -6.06 -6.02 64.58
CA SER C 667 -6.24 -4.61 64.21
C SER C 667 -4.90 -3.85 64.14
N ARG C 668 -3.77 -4.58 64.16
CA ARG C 668 -2.47 -3.99 64.49
C ARG C 668 -1.78 -3.44 63.23
N VAL C 669 -1.08 -2.30 63.40
CA VAL C 669 -0.29 -1.65 62.33
C VAL C 669 1.19 -1.69 62.72
N ASP C 670 2.06 -1.89 61.72
CA ASP C 670 3.48 -2.18 61.93
C ASP C 670 4.34 -0.91 61.82
N ALA C 671 3.79 0.16 61.26
CA ALA C 671 4.51 1.43 61.09
C ALA C 671 3.52 2.57 60.81
N VAL C 672 3.94 3.80 61.11
CA VAL C 672 3.08 4.98 61.04
C VAL C 672 3.90 6.16 60.50
N VAL C 673 3.29 6.92 59.56
CA VAL C 673 3.77 8.24 59.20
C VAL C 673 2.58 9.20 59.32
N ASN C 674 2.72 10.17 60.24
CA ASN C 674 1.68 11.13 60.59
C ASN C 674 2.04 12.48 59.95
N TRP C 675 1.18 12.95 59.03
CA TRP C 675 1.32 14.25 58.40
C TRP C 675 0.42 15.27 59.13
N PHE C 676 1.06 16.20 59.85
CA PHE C 676 0.45 17.39 60.48
C PHE C 676 -0.93 17.06 61.09
N GLY C 677 -0.99 15.98 61.87
CA GLY C 677 -2.20 15.57 62.57
C GLY C 677 -2.34 16.28 63.91
N PRO C 678 -3.58 16.61 64.35
CA PRO C 678 -3.82 17.05 65.72
C PRO C 678 -3.80 15.85 66.68
N ILE C 679 -3.30 16.06 67.91
CA ILE C 679 -2.94 14.97 68.82
C ILE C 679 -3.48 15.24 70.22
N ASP C 680 -3.21 16.44 70.76
CA ASP C 680 -3.62 16.83 72.10
C ASP C 680 -4.55 18.04 72.00
N MET C 681 -5.86 17.80 72.17
CA MET C 681 -6.91 18.80 71.96
C MET C 681 -7.06 19.70 73.20
N THR C 682 -6.40 19.33 74.31
CA THR C 682 -6.43 20.13 75.53
C THR C 682 -5.51 21.35 75.39
N ARG C 683 -4.66 21.34 74.34
CA ARG C 683 -3.66 22.37 74.07
C ARG C 683 -3.68 22.68 72.56
N MET C 684 -4.86 22.96 72.02
CA MET C 684 -5.08 23.14 70.57
C MET C 684 -5.33 24.62 70.23
N GLU C 685 -5.71 25.42 71.23
CA GLU C 685 -5.64 26.90 71.16
C GLU C 685 -4.34 27.38 71.81
N ASN C 686 -3.60 28.23 71.09
CA ASN C 686 -2.38 28.90 71.59
C ASN C 686 -1.39 27.87 72.15
N CYS C 687 -1.57 26.60 71.75
CA CYS C 687 -0.73 25.49 72.18
C CYS C 687 -0.83 25.23 73.70
N ASN C 688 -1.92 25.67 74.35
CA ASN C 688 -2.04 25.40 75.82
C ASN C 688 -3.49 25.39 76.36
N THR C 689 -4.54 25.59 75.53
CA THR C 689 -5.94 25.51 76.02
C THR C 689 -6.82 24.83 74.96
N THR C 690 -8.04 24.44 75.38
CA THR C 690 -9.07 23.90 74.49
C THR C 690 -9.63 25.00 73.57
N LYS C 691 -10.00 24.58 72.35
CA LYS C 691 -10.75 25.41 71.42
C LYS C 691 -12.20 25.54 71.93
N GLY C 692 -12.97 26.44 71.30
CA GLY C 692 -14.37 26.70 71.65
C GLY C 692 -15.28 25.51 71.36
N ALA C 693 -16.59 25.78 71.36
CA ALA C 693 -17.63 24.73 71.29
C ALA C 693 -18.15 24.55 69.85
N ASN C 694 -17.60 25.33 68.89
CA ASN C 694 -17.91 25.20 67.47
C ASN C 694 -16.76 24.50 66.74
N SER C 695 -15.75 24.06 67.50
CA SER C 695 -14.53 23.47 66.95
C SER C 695 -14.80 22.08 66.37
N PRO C 696 -13.95 21.59 65.44
CA PRO C 696 -14.05 20.22 64.94
C PRO C 696 -14.00 19.13 66.04
N GLU C 697 -13.22 19.40 67.10
CA GLU C 697 -13.01 18.46 68.21
C GLU C 697 -14.32 18.27 68.98
N ALA C 698 -15.01 19.39 69.26
CA ALA C 698 -16.28 19.41 69.97
C ALA C 698 -17.33 18.63 69.18
N ALA C 699 -17.22 18.68 67.84
CA ALA C 699 -18.06 17.93 66.94
C ALA C 699 -17.71 16.44 67.00
N LEU C 700 -16.41 16.13 67.14
CA LEU C 700 -15.89 14.77 67.13
C LEU C 700 -16.33 14.01 68.39
N ILE C 701 -16.34 14.70 69.54
CA ILE C 701 -16.62 14.04 70.84
C ILE C 701 -18.07 14.28 71.27
N GLY C 702 -18.77 15.21 70.60
CA GLY C 702 -20.18 15.49 70.83
C GLY C 702 -20.43 16.19 72.16
N GLY C 703 -19.63 17.22 72.46
CA GLY C 703 -19.75 18.00 73.68
C GLY C 703 -18.70 19.10 73.75
N VAL C 704 -18.76 19.90 74.82
CA VAL C 704 -17.82 21.02 75.03
C VAL C 704 -16.45 20.45 75.39
N PRO C 705 -15.36 20.82 74.68
CA PRO C 705 -14.04 20.26 74.94
C PRO C 705 -13.46 20.66 76.30
N ALA C 706 -13.71 21.90 76.73
CA ALA C 706 -13.22 22.44 77.99
C ALA C 706 -13.88 21.70 79.17
N ASP C 707 -15.16 21.36 79.02
CA ASP C 707 -15.92 20.69 80.07
C ASP C 707 -15.67 19.18 80.03
N ASN C 708 -14.73 18.72 79.19
CA ASN C 708 -14.57 17.29 78.91
C ASN C 708 -13.11 16.97 78.58
N LEU C 709 -12.20 17.33 79.50
CA LEU C 709 -10.75 17.15 79.32
C LEU C 709 -10.39 15.65 79.35
N ASP C 710 -11.20 14.85 80.06
CA ASP C 710 -10.92 13.44 80.26
C ASP C 710 -10.85 12.70 78.91
N MET C 711 -11.82 12.94 78.03
CA MET C 711 -11.89 12.15 76.81
C MET C 711 -10.91 12.69 75.76
N LEU C 712 -10.60 14.00 75.81
CA LEU C 712 -9.59 14.55 74.91
C LEU C 712 -8.28 13.79 75.12
N ALA C 713 -8.01 13.41 76.37
CA ALA C 713 -6.86 12.59 76.74
C ALA C 713 -7.00 11.18 76.15
N LEU C 714 -8.22 10.64 76.20
CA LEU C 714 -8.50 9.29 75.70
C LEU C 714 -8.28 9.21 74.17
N LEU C 715 -8.51 10.31 73.44
CA LEU C 715 -8.31 10.30 71.97
C LEU C 715 -6.94 10.89 71.62
N ASN C 716 -6.11 11.11 72.65
CA ASN C 716 -4.74 11.61 72.50
C ASN C 716 -3.79 10.42 72.32
N PRO C 717 -3.23 10.20 71.12
CA PRO C 717 -2.33 9.07 70.90
C PRO C 717 -1.15 8.99 71.89
N ILE C 718 -0.70 10.12 72.44
CA ILE C 718 0.43 10.16 73.38
C ILE C 718 0.13 9.26 74.58
N THR C 719 -1.14 9.20 74.99
CA THR C 719 -1.60 8.41 76.14
C THR C 719 -1.10 6.97 76.09
N TYR C 720 -1.11 6.36 74.90
CA TYR C 720 -0.98 4.90 74.74
C TYR C 720 0.43 4.49 74.28
N ILE C 721 1.37 5.44 74.22
CA ILE C 721 2.77 5.20 73.78
C ILE C 721 3.43 4.20 74.74
N ASP C 722 4.11 3.21 74.18
CA ASP C 722 4.91 2.26 74.95
C ASP C 722 6.14 1.90 74.10
N LYS C 723 7.09 1.19 74.71
CA LYS C 723 8.41 0.92 74.11
C LYS C 723 8.26 -0.05 72.91
N ASN C 724 7.18 -0.85 72.90
CA ASN C 724 7.00 -1.93 71.94
C ASN C 724 6.03 -1.55 70.81
N ASP C 725 5.41 -0.37 70.91
CA ASP C 725 4.57 0.18 69.83
C ASP C 725 5.43 0.38 68.59
N PRO C 726 4.84 0.67 67.40
CA PRO C 726 5.61 0.76 66.16
C PRO C 726 6.40 2.08 66.07
N LYS C 727 7.26 2.17 65.05
CA LYS C 727 8.05 3.37 64.80
C LYS C 727 7.19 4.36 64.00
N PHE C 728 7.41 5.65 64.27
CA PHE C 728 6.65 6.76 63.70
C PHE C 728 7.59 7.76 63.01
N ILE C 729 7.16 8.28 61.86
CA ILE C 729 7.67 9.51 61.31
C ILE C 729 6.55 10.55 61.42
N VAL C 730 6.92 11.74 61.93
CA VAL C 730 6.00 12.84 62.07
C VAL C 730 6.50 13.98 61.17
N ILE C 731 5.58 14.56 60.40
CA ILE C 731 5.88 15.60 59.42
C ILE C 731 4.88 16.74 59.61
N HIS C 732 5.37 17.98 59.69
CA HIS C 732 4.51 19.14 59.94
C HIS C 732 5.16 20.43 59.43
N GLY C 733 4.41 21.21 58.66
CA GLY C 733 4.84 22.51 58.17
C GLY C 733 4.98 23.51 59.31
N GLU C 734 6.00 24.37 59.21
CA GLU C 734 6.29 25.40 60.21
C GLU C 734 5.34 26.58 60.06
N ALA C 735 4.63 26.65 58.92
CA ALA C 735 3.69 27.74 58.61
C ALA C 735 2.27 27.21 58.45
N ASP C 736 1.90 26.24 59.30
CA ASP C 736 0.61 25.56 59.23
C ASP C 736 -0.44 26.41 59.97
N THR C 737 -1.35 27.00 59.18
CA THR C 737 -2.38 27.91 59.68
C THR C 737 -3.50 27.14 60.41
N VAL C 738 -3.70 25.86 60.06
CA VAL C 738 -4.89 25.10 60.49
C VAL C 738 -4.59 24.32 61.77
N VAL C 739 -3.52 23.53 61.76
CA VAL C 739 -3.10 22.74 62.91
C VAL C 739 -1.68 23.17 63.29
N PRO C 740 -1.44 23.69 64.51
CA PRO C 740 -0.13 24.22 64.88
C PRO C 740 0.95 23.13 65.05
N ASN C 741 2.18 23.45 64.65
CA ASN C 741 3.30 22.49 64.62
C ASN C 741 3.66 22.05 66.04
N CYS C 742 3.20 22.79 67.06
CA CYS C 742 3.31 22.38 68.46
C CYS C 742 2.70 20.99 68.68
N GLN C 743 1.62 20.66 67.97
CA GLN C 743 0.95 19.34 68.07
C GLN C 743 1.93 18.21 67.70
N SER C 744 2.58 18.34 66.55
CA SER C 744 3.53 17.35 66.06
C SER C 744 4.73 17.20 67.01
N ILE C 745 5.23 18.34 67.52
CA ILE C 745 6.39 18.34 68.39
C ILE C 745 6.02 17.71 69.73
N PHE C 746 4.82 18.02 70.24
CA PHE C 746 4.29 17.38 71.45
C PHE C 746 4.43 15.86 71.32
N PHE C 747 3.99 15.35 70.17
CA PHE C 747 3.84 13.93 69.91
C PHE C 747 5.21 13.28 69.77
N SER C 748 6.03 13.83 68.86
CA SER C 748 7.38 13.35 68.60
C SER C 748 8.25 13.36 69.87
N GLU C 749 8.05 14.35 70.75
CA GLU C 749 8.84 14.44 71.98
C GLU C 749 8.43 13.32 72.95
N ALA C 750 7.15 12.98 72.98
CA ALA C 750 6.65 11.88 73.82
C ALA C 750 7.06 10.53 73.24
N LEU C 751 7.18 10.47 71.90
CA LEU C 751 7.51 9.25 71.18
C LEU C 751 8.97 8.86 71.47
N ARG C 752 9.89 9.80 71.27
CA ARG C 752 11.33 9.47 71.31
C ARG C 752 11.76 9.28 72.77
N ALA C 753 10.96 9.79 73.71
CA ALA C 753 11.13 9.48 75.12
C ALA C 753 11.03 7.97 75.34
N GLN C 754 10.36 7.24 74.43
CA GLN C 754 10.17 5.79 74.51
C GLN C 754 10.83 5.06 73.32
N GLY C 755 11.42 5.83 72.39
CA GLY C 755 12.32 5.30 71.35
C GLY C 755 11.60 4.97 70.06
N ARG C 756 10.40 5.55 69.90
CA ARG C 756 9.46 5.13 68.88
C ARG C 756 9.47 6.10 67.69
N LEU C 757 10.12 7.26 67.87
CA LEU C 757 10.24 8.24 66.81
C LEU C 757 11.39 7.81 65.89
N GLU C 758 11.10 7.68 64.61
CA GLU C 758 12.10 7.42 63.58
C GLU C 758 12.74 8.76 63.21
N GLU C 759 11.88 9.73 62.88
CA GLU C 759 12.31 11.03 62.39
C GLU C 759 11.13 12.01 62.48
N PHE C 760 11.34 13.11 63.23
CA PHE C 760 10.47 14.28 63.14
C PHE C 760 11.02 15.20 62.05
N ILE C 761 10.24 15.37 60.99
CA ILE C 761 10.61 16.19 59.84
C ILE C 761 9.87 17.52 59.96
N SER C 762 10.62 18.63 60.03
CA SER C 762 10.06 19.98 60.02
C SER C 762 10.34 20.63 58.66
N VAL C 763 9.26 21.01 57.95
CA VAL C 763 9.36 21.53 56.59
C VAL C 763 9.29 23.05 56.68
N PRO C 764 10.40 23.76 56.34
CA PRO C 764 10.51 25.20 56.63
C PRO C 764 9.47 26.05 55.90
N GLY C 765 9.16 25.68 54.65
CA GLY C 765 8.14 26.36 53.85
C GLY C 765 6.77 26.28 54.50
N GLY C 766 6.31 25.05 54.75
CA GLY C 766 5.28 24.77 55.75
C GLY C 766 3.94 24.41 55.13
N GLN C 767 2.87 24.89 55.77
CA GLN C 767 1.49 24.93 55.24
C GLN C 767 0.81 23.55 55.32
N HIS C 768 -0.53 23.58 55.29
CA HIS C 768 -1.38 22.44 55.64
C HIS C 768 -1.64 21.57 54.40
N GLY C 769 -0.56 20.99 53.86
CA GLY C 769 -0.60 20.22 52.61
C GLY C 769 0.47 20.72 51.64
N PRO C 770 0.26 21.88 50.96
CA PRO C 770 1.24 22.39 50.01
C PRO C 770 2.60 22.67 50.69
N VAL C 771 3.69 22.41 49.95
CA VAL C 771 5.08 22.60 50.40
C VAL C 771 5.50 21.44 51.32
N THR C 772 4.64 21.06 52.28
CA THR C 772 4.91 19.95 53.20
C THR C 772 5.00 18.64 52.40
N PHE C 773 3.98 18.38 51.57
CA PHE C 773 4.05 17.32 50.55
C PHE C 773 5.00 17.77 49.45
N ASN C 774 6.24 17.25 49.49
CA ASN C 774 7.26 17.52 48.48
C ASN C 774 8.00 16.19 48.19
N GLU C 775 8.91 16.23 47.19
CA GLU C 775 9.67 15.06 46.76
C GLU C 775 10.35 14.41 47.97
N ASN C 776 11.09 15.23 48.72
CA ASN C 776 11.97 14.78 49.82
C ASN C 776 11.14 14.16 50.94
N THR C 777 10.01 14.80 51.30
CA THR C 777 9.15 14.32 52.37
C THR C 777 8.49 13.00 51.97
N LEU C 778 7.94 12.94 50.75
CA LEU C 778 7.30 11.72 50.24
C LEU C 778 8.32 10.58 50.19
N LYS C 779 9.56 10.86 49.74
CA LYS C 779 10.59 9.83 49.65
C LYS C 779 10.92 9.27 51.04
N LYS C 780 11.01 10.16 52.03
CA LYS C 780 11.28 9.77 53.42
C LYS C 780 10.20 8.79 53.89
N MET C 781 8.95 9.03 53.49
CA MET C 781 7.82 8.17 53.83
C MET C 781 8.01 6.78 53.21
N ILE C 782 8.15 6.75 51.86
CA ILE C 782 8.23 5.51 51.08
C ILE C 782 9.36 4.61 51.64
N ASP C 783 10.54 5.20 51.84
CA ASP C 783 11.75 4.48 52.22
C ASP C 783 11.63 3.94 53.65
N PHE C 784 10.87 4.64 54.50
CA PHE C 784 10.66 4.24 55.90
C PHE C 784 9.72 3.02 55.98
N PHE C 785 8.71 2.99 55.12
CA PHE C 785 7.85 1.84 55.03
C PHE C 785 8.65 0.64 54.51
N ALA C 786 9.55 0.89 53.55
CA ALA C 786 10.40 -0.15 52.96
C ALA C 786 11.33 -0.75 54.04
N ARG C 787 11.97 0.14 54.82
CA ARG C 787 12.90 -0.26 55.89
C ARG C 787 12.18 -1.12 56.93
N GLU C 788 10.98 -0.68 57.36
CA GLU C 788 10.23 -1.30 58.45
C GLU C 788 9.55 -2.61 57.99
N ALA C 789 9.48 -2.82 56.66
CA ALA C 789 8.84 -4.01 56.08
C ALA C 789 9.90 -5.06 55.69
N GLY C 790 11.17 -4.81 56.04
CA GLY C 790 12.30 -5.72 55.78
C GLY C 790 12.80 -5.59 54.36
N LYS D 19 13.76 -57.54 8.02
CA LYS D 19 13.05 -57.90 9.30
C LYS D 19 11.77 -58.66 8.97
N PRO D 20 11.33 -59.65 9.79
CA PRO D 20 10.03 -60.31 9.59
C PRO D 20 8.85 -59.35 9.60
N ALA D 21 7.86 -59.60 8.72
CA ALA D 21 6.67 -58.77 8.60
C ALA D 21 6.02 -58.59 9.97
N THR D 22 5.78 -57.32 10.34
CA THR D 22 5.09 -56.96 11.57
C THR D 22 4.11 -55.82 11.30
N ASN D 23 3.21 -55.58 12.25
CA ASN D 23 2.32 -54.43 12.28
C ASN D 23 2.96 -53.31 13.13
N PRO D 24 2.89 -52.06 12.67
CA PRO D 24 2.25 -51.64 11.42
C PRO D 24 3.13 -51.88 10.19
N VAL D 25 2.51 -52.25 9.06
CA VAL D 25 3.23 -52.58 7.83
C VAL D 25 3.94 -51.32 7.29
N ILE D 26 3.34 -50.16 7.57
CA ILE D 26 3.94 -48.85 7.25
C ILE D 26 3.89 -48.00 8.52
N TYR D 27 5.03 -47.87 9.20
CA TYR D 27 5.16 -47.01 10.37
C TYR D 27 5.43 -45.57 9.89
N ALA D 28 4.37 -44.91 9.40
CA ALA D 28 4.45 -43.60 8.78
C ALA D 28 3.05 -43.16 8.34
N ASP D 29 2.81 -41.84 8.33
CA ASP D 29 1.52 -41.27 7.99
C ASP D 29 1.16 -41.63 6.54
N ALA D 30 0.22 -42.57 6.39
CA ALA D 30 -0.45 -42.89 5.11
C ALA D 30 -1.92 -43.15 5.39
N PRO D 31 -2.68 -42.14 5.89
CA PRO D 31 -4.08 -42.34 6.28
C PRO D 31 -5.03 -42.44 5.08
N ASP D 32 -6.28 -42.84 5.38
CA ASP D 32 -7.36 -42.96 4.41
C ASP D 32 -6.88 -43.82 3.23
N MET D 33 -6.46 -45.05 3.53
CA MET D 33 -6.03 -45.99 2.51
C MET D 33 -7.25 -46.42 1.68
N SER D 34 -7.02 -46.59 0.38
CA SER D 34 -7.93 -47.25 -0.56
C SER D 34 -7.09 -48.16 -1.47
N MET D 35 -7.29 -49.47 -1.32
CA MET D 35 -6.39 -50.50 -1.84
C MET D 35 -7.14 -51.39 -2.87
N LEU D 36 -6.38 -52.04 -3.75
CA LEU D 36 -6.93 -53.05 -4.64
C LEU D 36 -5.81 -53.95 -5.16
N ARG D 37 -6.18 -55.08 -5.78
CA ARG D 37 -5.24 -56.01 -6.39
C ARG D 37 -5.62 -56.22 -7.87
N VAL D 38 -4.64 -56.04 -8.75
CA VAL D 38 -4.76 -56.40 -10.15
C VAL D 38 -3.62 -57.38 -10.45
N GLY D 39 -3.99 -58.66 -10.63
CA GLY D 39 -3.05 -59.73 -10.83
C GLY D 39 -2.24 -59.99 -9.58
N ASP D 40 -0.91 -59.95 -9.73
CA ASP D 40 0.02 -60.18 -8.62
C ASP D 40 0.53 -58.83 -8.10
N THR D 41 -0.25 -57.76 -8.27
CA THR D 41 0.17 -56.41 -7.92
C THR D 41 -0.92 -55.71 -7.11
N TYR D 42 -0.50 -55.11 -5.99
CA TYR D 42 -1.36 -54.30 -5.16
C TYR D 42 -1.10 -52.82 -5.43
N TYR D 43 -2.17 -52.03 -5.41
CA TYR D 43 -2.11 -50.58 -5.51
C TYR D 43 -2.89 -49.98 -4.34
N MET D 44 -2.61 -48.72 -4.05
CA MET D 44 -3.07 -48.07 -2.84
C MET D 44 -2.94 -46.56 -3.01
N SER D 45 -4.05 -45.84 -2.85
CA SER D 45 -4.05 -44.40 -2.75
C SER D 45 -4.20 -44.01 -1.28
N SER D 46 -3.71 -42.81 -0.93
CA SER D 46 -3.75 -42.32 0.45
C SER D 46 -3.99 -40.81 0.43
N THR D 47 -4.21 -40.24 1.63
CA THR D 47 -4.51 -38.80 1.82
C THR D 47 -3.24 -38.04 2.26
N THR D 48 -2.97 -36.90 1.60
CA THR D 48 -1.92 -35.96 2.05
C THR D 48 -2.45 -34.51 2.18
N MET D 49 -3.75 -34.32 1.94
CA MET D 49 -4.42 -33.05 2.21
C MET D 49 -3.71 -31.93 1.43
N HIS D 50 -3.03 -31.04 2.16
CA HIS D 50 -2.59 -29.73 1.64
C HIS D 50 -1.22 -29.83 0.95
N MET D 51 -0.71 -31.05 0.74
CA MET D 51 0.58 -31.29 0.13
C MET D 51 0.47 -31.33 -1.41
N SER D 52 1.55 -30.94 -2.08
CA SER D 52 1.67 -30.92 -3.55
C SER D 52 2.92 -31.70 -3.96
N PRO D 53 2.79 -32.71 -4.84
CA PRO D 53 1.54 -33.17 -5.43
C PRO D 53 0.62 -33.90 -4.45
N GLY D 54 -0.60 -34.21 -4.90
CA GLY D 54 -1.67 -34.77 -4.05
C GLY D 54 -2.18 -36.11 -4.53
N VAL D 55 -2.77 -36.85 -3.59
CA VAL D 55 -3.29 -38.20 -3.79
C VAL D 55 -2.14 -39.11 -4.19
N PRO D 56 -1.28 -39.51 -3.23
CA PRO D 56 -0.22 -40.47 -3.50
C PRO D 56 -0.70 -41.90 -3.79
N ILE D 57 -0.22 -42.47 -4.90
CA ILE D 57 -0.36 -43.89 -5.20
C ILE D 57 0.93 -44.61 -4.82
N MET D 58 0.78 -45.78 -4.19
CA MET D 58 1.87 -46.69 -3.89
C MET D 58 1.57 -48.07 -4.51
N LYS D 59 2.61 -48.89 -4.58
CA LYS D 59 2.59 -50.20 -5.22
C LYS D 59 3.35 -51.20 -4.33
N SER D 60 2.85 -52.44 -4.27
CA SER D 60 3.50 -53.54 -3.52
C SER D 60 3.27 -54.86 -4.27
N ASN D 61 4.19 -55.82 -4.04
CA ASN D 61 4.16 -57.15 -4.64
C ASN D 61 3.90 -58.21 -3.56
N ASP D 62 3.72 -57.77 -2.31
CA ASP D 62 3.65 -58.71 -1.18
C ASP D 62 2.77 -58.18 -0.04
N LEU D 63 2.19 -56.98 -0.20
CA LEU D 63 1.37 -56.30 0.84
C LEU D 63 2.25 -55.80 2.00
N VAL D 64 3.58 -55.92 1.89
CA VAL D 64 4.51 -55.59 3.00
C VAL D 64 5.42 -54.42 2.61
N ASN D 65 6.09 -54.55 1.46
CA ASN D 65 7.05 -53.57 0.94
C ASN D 65 6.36 -52.64 -0.06
N TRP D 66 6.22 -51.36 0.31
CA TRP D 66 5.51 -50.38 -0.51
C TRP D 66 6.48 -49.33 -1.05
N LYS D 67 6.12 -48.72 -2.18
CA LYS D 67 6.87 -47.61 -2.78
C LYS D 67 5.93 -46.73 -3.60
N LEU D 68 6.18 -45.42 -3.58
CA LEU D 68 5.40 -44.44 -4.33
C LEU D 68 5.69 -44.59 -5.82
N VAL D 69 4.66 -44.35 -6.65
CA VAL D 69 4.75 -44.55 -8.10
C VAL D 69 4.15 -43.37 -8.87
N ASN D 70 3.14 -42.69 -8.31
CA ASN D 70 2.41 -41.66 -9.02
C ASN D 70 1.60 -40.81 -8.03
N TYR D 71 1.06 -39.70 -8.54
CA TYR D 71 0.12 -38.84 -7.85
C TYR D 71 -1.03 -38.52 -8.82
N ALA D 72 -2.22 -38.24 -8.29
CA ALA D 72 -3.39 -37.93 -9.11
C ALA D 72 -3.24 -36.55 -9.77
N TYR D 73 -2.77 -35.56 -9.00
CA TYR D 73 -2.68 -34.18 -9.50
C TYR D 73 -1.38 -33.52 -9.04
N ASP D 74 -1.08 -32.34 -9.63
CA ASP D 74 0.05 -31.48 -9.22
C ASP D 74 -0.44 -30.47 -8.17
N THR D 75 -1.28 -29.52 -8.60
CA THR D 75 -1.88 -28.53 -7.72
C THR D 75 -3.41 -28.68 -7.77
N LEU D 76 -4.06 -28.57 -6.61
CA LEU D 76 -5.50 -28.83 -6.46
C LEU D 76 -6.32 -27.65 -6.99
N ALA D 77 -5.85 -26.42 -6.74
CA ALA D 77 -6.55 -25.21 -7.16
C ALA D 77 -5.56 -24.04 -7.20
N ASN D 78 -5.86 -23.04 -8.05
CA ASN D 78 -5.10 -21.80 -8.13
C ASN D 78 -5.91 -20.70 -7.43
N ILE D 79 -5.97 -20.79 -6.11
CA ILE D 79 -6.71 -19.84 -5.26
C ILE D 79 -5.87 -19.52 -4.03
N PRO D 80 -6.10 -18.35 -3.39
CA PRO D 80 -5.35 -17.94 -2.19
C PRO D 80 -5.04 -19.03 -1.16
N THR D 81 -6.06 -19.80 -0.75
CA THR D 81 -5.94 -20.80 0.32
C THR D 81 -4.95 -21.92 -0.06
N MET D 82 -4.86 -22.25 -1.35
CA MET D 82 -4.03 -23.37 -1.82
C MET D 82 -2.64 -22.87 -2.21
N ASN D 83 -2.50 -21.56 -2.41
CA ASN D 83 -1.25 -20.92 -2.86
C ASN D 83 -0.50 -20.25 -1.70
N LEU D 84 -1.03 -20.34 -0.47
CA LEU D 84 -0.50 -19.68 0.74
C LEU D 84 -0.47 -18.15 0.58
N ASP D 85 -1.42 -17.60 -0.20
CA ASP D 85 -1.45 -16.17 -0.52
C ASP D 85 -2.43 -15.45 0.41
N ASP D 86 -2.15 -14.16 0.65
CA ASP D 86 -2.95 -13.25 1.48
C ASP D 86 -3.08 -13.82 2.91
N GLY D 87 -2.01 -14.45 3.41
CA GLY D 87 -1.97 -15.06 4.74
C GLY D 87 -3.12 -16.04 4.97
N LYS D 88 -3.47 -16.80 3.92
CA LYS D 88 -4.54 -17.79 3.97
C LYS D 88 -3.94 -19.15 3.65
N ASN D 89 -4.60 -20.21 4.12
CA ASN D 89 -4.08 -21.56 3.96
C ASN D 89 -5.25 -22.56 3.90
N THR D 90 -4.92 -23.85 3.78
CA THR D 90 -5.92 -24.91 3.82
C THR D 90 -5.36 -26.11 4.60
N TYR D 91 -4.58 -25.80 5.65
CA TYR D 91 -4.00 -26.81 6.51
C TYR D 91 -5.10 -27.74 7.05
N GLY D 92 -4.86 -29.05 6.95
CA GLY D 92 -5.77 -30.06 7.47
C GLY D 92 -7.01 -30.23 6.62
N ARG D 93 -6.92 -29.80 5.36
CA ARG D 93 -8.00 -29.90 4.38
C ARG D 93 -7.41 -30.48 3.07
N GLY D 94 -7.43 -29.72 1.98
CA GLY D 94 -6.92 -30.18 0.70
C GLY D 94 -7.65 -31.44 0.26
N SER D 95 -6.91 -32.38 -0.35
CA SER D 95 -7.44 -33.66 -0.81
C SER D 95 -7.65 -34.60 0.38
N TRP D 96 -8.90 -35.04 0.58
CA TRP D 96 -9.24 -35.97 1.65
C TRP D 96 -9.30 -37.40 1.10
N ALA D 97 -9.89 -38.32 1.89
CA ALA D 97 -9.99 -39.74 1.56
C ALA D 97 -10.34 -39.96 0.09
N SER D 98 -9.58 -40.85 -0.55
CA SER D 98 -9.73 -41.23 -1.94
C SER D 98 -10.38 -42.62 -2.05
N CYS D 99 -10.90 -42.92 -3.24
CA CYS D 99 -11.38 -44.24 -3.65
C CYS D 99 -10.65 -44.65 -4.93
N LEU D 100 -10.11 -45.89 -4.95
CA LEU D 100 -9.35 -46.45 -6.08
C LEU D 100 -9.97 -47.78 -6.52
N ARG D 101 -10.33 -47.87 -7.80
CA ARG D 101 -10.92 -49.08 -8.39
C ARG D 101 -10.25 -49.40 -9.72
N TYR D 102 -10.36 -50.67 -10.13
CA TYR D 102 -10.00 -51.17 -11.45
C TYR D 102 -11.23 -51.77 -12.12
N HIS D 103 -11.37 -51.52 -13.43
CA HIS D 103 -12.55 -51.94 -14.17
C HIS D 103 -12.27 -51.93 -15.68
N GLU D 104 -12.32 -53.14 -16.26
CA GLU D 104 -12.29 -53.36 -17.71
C GLU D 104 -11.23 -52.46 -18.35
N GLY D 105 -9.97 -52.69 -17.94
CA GLY D 105 -8.77 -52.16 -18.57
C GLY D 105 -8.44 -50.74 -18.15
N VAL D 106 -9.17 -50.20 -17.16
CA VAL D 106 -9.06 -48.80 -16.79
C VAL D 106 -9.03 -48.66 -15.27
N TYR D 107 -8.17 -47.74 -14.79
CA TYR D 107 -8.07 -47.38 -13.38
C TYR D 107 -8.87 -46.11 -13.13
N TYR D 108 -9.70 -46.15 -12.07
CA TYR D 108 -10.55 -45.03 -11.67
C TYR D 108 -10.18 -44.62 -10.24
N LEU D 109 -9.81 -43.34 -10.07
CA LEU D 109 -9.35 -42.76 -8.80
C LEU D 109 -10.16 -41.51 -8.51
N SER D 110 -10.64 -41.36 -7.28
CA SER D 110 -11.49 -40.23 -6.90
C SER D 110 -11.03 -39.65 -5.56
N THR D 111 -11.25 -38.34 -5.40
CA THR D 111 -11.05 -37.65 -4.13
C THR D 111 -12.01 -36.44 -4.07
N PHE D 112 -12.06 -35.81 -2.90
CA PHE D 112 -12.82 -34.60 -2.67
C PHE D 112 -11.99 -33.64 -1.79
N ALA D 113 -12.45 -32.39 -1.70
CA ALA D 113 -11.74 -31.35 -0.98
C ALA D 113 -12.73 -30.31 -0.47
N GLN D 114 -12.60 -29.97 0.82
CA GLN D 114 -13.33 -28.85 1.42
C GLN D 114 -12.72 -27.52 0.93
N THR D 115 -11.44 -27.55 0.55
CA THR D 115 -10.74 -26.39 0.01
C THR D 115 -11.52 -25.78 -1.15
N THR D 116 -12.06 -26.63 -2.04
CA THR D 116 -12.74 -26.18 -3.27
C THR D 116 -14.22 -26.57 -3.29
N GLY D 117 -14.63 -27.47 -2.39
CA GLY D 117 -16.00 -27.98 -2.34
C GLY D 117 -16.37 -28.72 -3.62
N LYS D 118 -15.48 -29.62 -4.05
CA LYS D 118 -15.62 -30.38 -5.29
C LYS D 118 -15.23 -31.84 -5.07
N THR D 119 -15.81 -32.71 -5.90
CA THR D 119 -15.37 -34.09 -6.04
C THR D 119 -14.60 -34.21 -7.37
N TYR D 120 -13.46 -34.90 -7.34
CA TYR D 120 -12.55 -35.04 -8.49
C TYR D 120 -12.42 -36.51 -8.88
N PHE D 121 -12.52 -36.80 -10.18
CA PHE D 121 -12.31 -38.14 -10.75
C PHE D 121 -11.12 -38.13 -11.70
N TYR D 122 -10.30 -39.19 -11.62
CA TYR D 122 -9.14 -39.40 -12.48
C TYR D 122 -9.17 -40.82 -13.05
N THR D 123 -8.96 -40.94 -14.36
CA THR D 123 -8.95 -42.22 -15.05
C THR D 123 -7.66 -42.37 -15.85
N THR D 124 -7.12 -43.60 -15.90
CA THR D 124 -5.94 -43.89 -16.69
C THR D 124 -5.89 -45.39 -16.95
N LYS D 125 -5.30 -45.79 -18.09
CA LYS D 125 -5.02 -47.19 -18.39
C LYS D 125 -3.74 -47.63 -17.67
N ASN D 126 -2.99 -46.66 -17.12
CA ASN D 126 -1.69 -46.91 -16.51
C ASN D 126 -1.58 -46.08 -15.22
N LEU D 127 -1.86 -46.72 -14.07
CA LEU D 127 -1.91 -46.03 -12.77
C LEU D 127 -0.52 -45.51 -12.39
N GLU D 128 0.52 -46.22 -12.83
CA GLU D 128 1.91 -45.90 -12.49
C GLU D 128 2.37 -44.62 -13.22
N LYS D 129 2.04 -44.50 -14.52
CA LYS D 129 2.63 -43.46 -15.37
C LYS D 129 1.59 -42.44 -15.87
N GLY D 130 0.31 -42.82 -15.92
CA GLY D 130 -0.73 -41.98 -16.51
C GLY D 130 -0.75 -42.11 -18.03
N PRO D 131 -1.13 -41.05 -18.74
CA PRO D 131 -1.61 -39.80 -18.19
C PRO D 131 -3.04 -39.93 -17.64
N TRP D 132 -3.49 -38.89 -16.91
CA TRP D 132 -4.81 -38.86 -16.30
C TRP D 132 -5.79 -38.13 -17.21
N LYS D 133 -7.05 -38.54 -17.14
CA LYS D 133 -8.18 -37.86 -17.74
C LYS D 133 -9.10 -37.44 -16.59
N CYS D 134 -9.46 -36.15 -16.55
CA CYS D 134 -9.98 -35.54 -15.34
C CYS D 134 -11.38 -34.95 -15.59
N THR D 135 -12.27 -35.25 -14.65
CA THR D 135 -13.56 -34.62 -14.53
C THR D 135 -13.70 -34.17 -13.09
N GLU D 136 -14.57 -33.18 -12.87
CA GLU D 136 -14.82 -32.70 -11.53
C GLU D 136 -16.18 -32.00 -11.48
N PHE D 137 -16.80 -32.06 -10.31
CA PHE D 137 -18.09 -31.46 -10.07
C PHE D 137 -18.25 -31.11 -8.59
N SER D 138 -19.28 -30.32 -8.31
CA SER D 138 -19.69 -29.96 -6.95
C SER D 138 -20.95 -30.74 -6.61
N PRO D 139 -21.25 -30.91 -5.30
CA PRO D 139 -20.40 -30.53 -4.18
C PRO D 139 -19.31 -31.59 -3.92
N ALA D 140 -18.64 -31.47 -2.76
CA ALA D 140 -17.73 -32.49 -2.25
C ALA D 140 -18.55 -33.58 -1.54
N TYR D 141 -18.53 -34.80 -2.06
CA TYR D 141 -19.26 -35.93 -1.46
C TYR D 141 -18.38 -36.58 -0.39
N HIS D 142 -18.76 -36.42 0.88
CA HIS D 142 -17.91 -36.70 2.03
C HIS D 142 -17.63 -38.20 2.13
N ASP D 143 -16.34 -38.55 2.25
CA ASP D 143 -15.86 -39.92 2.44
C ASP D 143 -16.67 -40.86 1.55
N HIS D 144 -16.63 -40.59 0.24
CA HIS D 144 -17.41 -41.32 -0.75
C HIS D 144 -16.64 -42.59 -1.16
N SER D 145 -17.41 -43.58 -1.61
CA SER D 145 -16.91 -44.73 -2.35
C SER D 145 -17.79 -44.94 -3.59
N PHE D 146 -17.15 -45.17 -4.74
CA PHE D 146 -17.85 -45.45 -5.98
C PHE D 146 -17.57 -46.91 -6.35
N PHE D 147 -18.44 -47.47 -7.20
CA PHE D 147 -18.49 -48.92 -7.42
C PHE D 147 -19.19 -49.23 -8.74
N PHE D 148 -18.55 -50.06 -9.56
CA PHE D 148 -19.13 -50.56 -10.80
C PHE D 148 -19.88 -51.87 -10.52
N ASP D 149 -21.20 -51.87 -10.80
CA ASP D 149 -22.08 -53.00 -10.45
C ASP D 149 -22.52 -53.75 -11.71
N GLU D 150 -23.07 -54.94 -11.48
CA GLU D 150 -23.39 -55.92 -12.53
C GLU D 150 -24.67 -55.49 -13.30
N ASP D 151 -25.49 -54.63 -12.68
CA ASP D 151 -26.66 -54.05 -13.34
C ASP D 151 -26.25 -52.88 -14.25
N GLY D 152 -24.94 -52.61 -14.35
CA GLY D 152 -24.41 -51.67 -15.33
C GLY D 152 -24.61 -50.22 -14.94
N HIS D 153 -24.87 -49.98 -13.66
CA HIS D 153 -24.88 -48.64 -13.07
C HIS D 153 -23.63 -48.44 -12.21
N ILE D 154 -23.14 -47.19 -12.19
CA ILE D 154 -22.02 -46.77 -11.34
C ILE D 154 -22.60 -46.04 -10.11
N TYR D 155 -22.47 -46.68 -8.94
CA TYR D 155 -23.06 -46.20 -7.69
C TYR D 155 -22.01 -45.48 -6.85
N MET D 156 -22.48 -44.65 -5.91
CA MET D 156 -21.60 -43.95 -4.98
C MET D 156 -22.30 -43.82 -3.64
N ILE D 157 -21.63 -44.33 -2.59
CA ILE D 157 -22.07 -44.17 -1.20
C ILE D 157 -21.24 -43.06 -0.57
N TYR D 158 -21.81 -42.31 0.38
CA TYR D 158 -21.10 -41.18 1.00
C TYR D 158 -21.86 -40.64 2.22
N GLY D 159 -21.18 -39.82 3.04
CA GLY D 159 -21.82 -39.06 4.11
C GLY D 159 -21.27 -39.44 5.50
N ASN D 160 -22.09 -39.14 6.52
CA ASN D 160 -21.74 -39.34 7.93
C ASN D 160 -22.91 -38.83 8.78
N GLY D 161 -23.44 -39.65 9.71
CA GLY D 161 -23.39 -41.10 9.68
C GLY D 161 -24.65 -41.67 9.06
N LYS D 162 -25.54 -40.78 8.60
CA LYS D 162 -26.60 -41.09 7.65
C LYS D 162 -25.96 -41.18 6.26
N LEU D 163 -25.94 -42.39 5.69
CA LEU D 163 -25.26 -42.65 4.43
C LEU D 163 -26.26 -42.58 3.28
N PHE D 164 -25.88 -41.84 2.23
CA PHE D 164 -26.67 -41.70 1.02
C PHE D 164 -26.07 -42.60 -0.07
N LEU D 165 -26.94 -43.14 -0.93
CA LEU D 165 -26.57 -43.82 -2.17
C LEU D 165 -27.05 -42.96 -3.34
N ALA D 166 -26.23 -42.90 -4.40
CA ALA D 166 -26.60 -42.19 -5.62
C ALA D 166 -25.91 -42.85 -6.81
N GLU D 167 -26.32 -42.44 -8.02
CA GLU D 167 -25.78 -42.98 -9.26
C GLU D 167 -24.95 -41.91 -9.96
N LEU D 168 -23.72 -42.26 -10.32
CA LEU D 168 -22.86 -41.41 -11.09
C LEU D 168 -23.26 -41.49 -12.57
N LYS D 169 -23.02 -40.41 -13.32
CA LYS D 169 -23.16 -40.44 -14.77
C LYS D 169 -22.01 -41.25 -15.34
N PRO D 170 -22.20 -41.94 -16.48
CA PRO D 170 -21.16 -42.82 -17.03
C PRO D 170 -19.95 -42.11 -17.65
N ASP D 171 -19.96 -40.77 -17.66
CA ASP D 171 -18.79 -39.97 -18.04
C ASP D 171 -18.18 -39.28 -16.81
N LEU D 172 -18.69 -39.65 -15.63
CA LEU D 172 -18.14 -39.22 -14.33
C LEU D 172 -18.08 -37.69 -14.24
N SER D 173 -19.09 -37.02 -14.84
CA SER D 173 -19.15 -35.56 -14.93
C SER D 173 -20.08 -34.98 -13.86
N GLY D 174 -20.61 -35.83 -12.97
CA GLY D 174 -21.63 -35.42 -11.99
C GLY D 174 -22.53 -36.59 -11.59
N VAL D 175 -23.58 -36.27 -10.82
CA VAL D 175 -24.51 -37.27 -10.30
C VAL D 175 -25.82 -37.18 -11.08
N LYS D 176 -26.39 -38.34 -11.39
CA LYS D 176 -27.63 -38.46 -12.15
C LYS D 176 -28.79 -37.95 -11.30
N PRO D 177 -29.57 -36.98 -11.82
CA PRO D 177 -30.69 -36.42 -11.05
C PRO D 177 -31.79 -37.45 -10.73
N GLY D 178 -32.20 -37.47 -9.46
CA GLY D 178 -33.28 -38.34 -8.98
C GLY D 178 -32.79 -39.69 -8.49
N THR D 179 -31.46 -39.85 -8.41
CA THR D 179 -30.84 -41.09 -7.97
C THR D 179 -30.31 -40.93 -6.54
N GLU D 180 -30.40 -39.72 -5.99
CA GLU D 180 -29.92 -39.44 -4.63
C GLU D 180 -30.98 -39.94 -3.64
N ARG D 181 -30.59 -40.89 -2.79
CA ARG D 181 -31.51 -41.53 -1.85
C ARG D 181 -30.77 -41.86 -0.55
N VAL D 182 -31.52 -41.86 0.57
CA VAL D 182 -30.99 -42.22 1.88
C VAL D 182 -30.84 -43.74 1.92
N LEU D 183 -29.63 -44.24 2.19
CA LEU D 183 -29.35 -45.69 2.22
C LEU D 183 -29.50 -46.21 3.66
N ILE D 184 -28.57 -45.85 4.54
CA ILE D 184 -28.66 -46.12 5.98
C ILE D 184 -28.92 -44.78 6.70
N GLU D 185 -29.81 -44.81 7.70
CA GLU D 185 -30.23 -43.59 8.44
C GLU D 185 -29.22 -43.31 9.56
N ASN D 186 -28.92 -44.35 10.35
CA ASN D 186 -27.85 -44.32 11.36
C ASN D 186 -26.96 -45.55 11.15
N ALA D 187 -25.74 -45.32 10.64
CA ALA D 187 -24.75 -46.38 10.42
C ALA D 187 -23.86 -46.52 11.66
N SER D 188 -24.05 -45.63 12.65
CA SER D 188 -23.30 -45.61 13.91
C SER D 188 -24.01 -46.43 15.00
N ALA D 189 -25.22 -46.89 14.71
CA ALA D 189 -26.11 -47.54 15.68
C ALA D 189 -25.49 -48.84 16.22
N PRO D 190 -24.90 -49.71 15.37
CA PRO D 190 -24.29 -50.96 15.85
C PRO D 190 -23.24 -50.80 16.96
N ALA D 191 -22.74 -49.57 17.16
CA ALA D 191 -21.68 -49.28 18.13
C ALA D 191 -22.22 -48.47 19.32
N GLY D 192 -23.55 -48.28 19.39
CA GLY D 192 -24.20 -47.56 20.50
C GLY D 192 -24.90 -46.29 20.03
N ASP D 193 -25.30 -45.46 21.00
CA ASP D 193 -26.07 -44.23 20.74
C ASP D 193 -25.28 -42.97 21.16
N ASN D 194 -24.37 -43.10 22.14
CA ASN D 194 -23.49 -42.00 22.50
C ASN D 194 -22.33 -41.96 21.50
N ILE D 195 -22.56 -41.29 20.36
CA ILE D 195 -21.67 -41.33 19.20
C ILE D 195 -20.99 -39.96 19.03
N MET D 196 -19.66 -39.94 19.23
CA MET D 196 -18.82 -38.74 19.03
C MET D 196 -18.73 -38.44 17.53
N LEU D 197 -18.13 -39.36 16.75
CA LEU D 197 -17.99 -39.23 15.29
C LEU D 197 -18.86 -40.30 14.63
N GLY D 198 -19.79 -39.86 13.77
CA GLY D 198 -20.74 -40.72 13.06
C GLY D 198 -20.04 -41.53 11.97
N ALA D 199 -20.73 -42.57 11.50
CA ALA D 199 -20.18 -43.52 10.52
C ALA D 199 -19.57 -42.77 9.34
N GLU D 200 -18.34 -43.16 8.98
CA GLU D 200 -17.53 -42.47 7.98
C GLU D 200 -16.69 -43.49 7.21
N GLY D 201 -15.84 -42.98 6.31
CA GLY D 201 -14.79 -43.74 5.64
C GLY D 201 -15.33 -44.92 4.84
N SER D 202 -16.50 -44.72 4.22
CA SER D 202 -17.23 -45.78 3.51
C SER D 202 -16.35 -46.35 2.39
N GLN D 203 -16.13 -47.66 2.43
CA GLN D 203 -15.51 -48.38 1.32
C GLN D 203 -16.37 -49.62 1.06
N LEU D 204 -16.94 -49.69 -0.14
CA LEU D 204 -17.83 -50.77 -0.51
C LEU D 204 -17.03 -51.84 -1.27
N PHE D 205 -17.28 -53.10 -0.91
CA PHE D 205 -16.78 -54.26 -1.63
C PHE D 205 -17.93 -55.23 -1.90
N LYS D 206 -17.78 -56.02 -2.98
CA LYS D 206 -18.67 -57.15 -3.24
C LYS D 206 -17.83 -58.43 -3.30
N VAL D 207 -17.89 -59.19 -2.20
CA VAL D 207 -17.16 -60.43 -2.04
C VAL D 207 -18.18 -61.57 -2.07
N ASN D 208 -18.17 -62.35 -3.16
CA ASN D 208 -18.91 -63.61 -3.26
C ASN D 208 -20.42 -63.37 -3.11
N GLY D 209 -20.96 -62.52 -3.98
CA GLY D 209 -22.40 -62.26 -4.08
C GLY D 209 -22.97 -61.41 -2.97
N LYS D 210 -22.13 -60.94 -2.03
CA LYS D 210 -22.56 -60.12 -0.87
C LYS D 210 -21.80 -58.77 -0.86
N TYR D 211 -22.53 -57.70 -0.55
CA TYR D 211 -22.01 -56.33 -0.51
C TYR D 211 -21.60 -55.99 0.94
N TYR D 212 -20.31 -55.69 1.15
CA TYR D 212 -19.78 -55.35 2.47
C TYR D 212 -19.34 -53.88 2.48
N LEU D 213 -20.00 -53.09 3.34
CA LEU D 213 -19.75 -51.66 3.50
C LEU D 213 -19.07 -51.41 4.85
N PHE D 214 -17.75 -51.17 4.79
CA PHE D 214 -16.95 -50.87 5.96
C PHE D 214 -17.10 -49.38 6.29
N ASN D 215 -17.17 -49.05 7.59
CA ASN D 215 -17.21 -47.67 8.05
C ASN D 215 -16.30 -47.51 9.27
N ILE D 216 -16.09 -46.24 9.66
CA ILE D 216 -15.40 -45.87 10.90
C ILE D 216 -16.40 -45.09 11.75
N THR D 217 -16.43 -45.37 13.07
CA THR D 217 -17.22 -44.63 14.05
C THR D 217 -16.41 -44.47 15.33
N TRP D 218 -16.73 -43.41 16.09
CA TRP D 218 -16.12 -43.16 17.39
C TRP D 218 -17.21 -42.92 18.42
N PRO D 219 -17.56 -43.92 19.27
CA PRO D 219 -18.42 -43.69 20.42
C PRO D 219 -17.65 -43.01 21.57
N ARG D 220 -18.34 -42.18 22.35
CA ARG D 220 -17.70 -41.42 23.43
C ARG D 220 -17.23 -42.41 24.51
N GLY D 221 -16.03 -42.15 25.05
CA GLY D 221 -15.40 -43.01 26.03
C GLY D 221 -14.88 -44.31 25.42
N GLY D 222 -14.74 -44.34 24.09
CA GLY D 222 -14.38 -45.53 23.34
C GLY D 222 -13.18 -45.31 22.42
N VAL D 223 -13.07 -46.17 21.39
CA VAL D 223 -12.00 -46.12 20.41
C VAL D 223 -12.62 -46.17 19.00
N ARG D 224 -11.79 -45.85 18.00
CA ARG D 224 -12.18 -45.91 16.60
C ARG D 224 -12.55 -47.35 16.26
N THR D 225 -13.80 -47.54 15.80
CA THR D 225 -14.46 -48.84 15.70
C THR D 225 -14.86 -49.12 14.25
N VAL D 226 -14.58 -50.34 13.80
CA VAL D 226 -14.92 -50.80 12.45
C VAL D 226 -16.35 -51.36 12.45
N ILE D 227 -17.12 -50.93 11.45
CA ILE D 227 -18.53 -51.27 11.31
C ILE D 227 -18.77 -51.71 9.86
N VAL D 228 -19.06 -53.00 9.70
CA VAL D 228 -19.43 -53.58 8.42
C VAL D 228 -20.96 -53.69 8.37
N HIS D 229 -21.54 -53.13 7.30
CA HIS D 229 -22.91 -53.38 6.88
C HIS D 229 -22.90 -54.45 5.78
N ARG D 230 -23.97 -55.22 5.66
CA ARG D 230 -24.05 -56.34 4.72
C ARG D 230 -25.41 -56.34 4.03
N ALA D 231 -25.40 -56.59 2.71
CA ALA D 231 -26.61 -56.57 1.88
C ALA D 231 -26.46 -57.57 0.72
N ASP D 232 -27.61 -57.98 0.16
CA ASP D 232 -27.66 -58.88 -0.98
C ASP D 232 -27.96 -58.10 -2.26
N LYS D 233 -28.58 -56.92 -2.12
CA LYS D 233 -28.64 -55.87 -3.13
C LYS D 233 -27.86 -54.65 -2.63
N ILE D 234 -27.30 -53.85 -3.55
CA ILE D 234 -26.55 -52.62 -3.18
C ILE D 234 -27.50 -51.57 -2.60
N THR D 235 -28.75 -51.57 -3.08
CA THR D 235 -29.82 -50.73 -2.57
C THR D 235 -30.40 -51.35 -1.30
N GLY D 236 -30.80 -52.63 -1.44
CA GLY D 236 -31.63 -53.40 -0.48
C GLY D 236 -31.10 -53.27 0.95
N PRO D 237 -31.89 -53.70 1.96
CA PRO D 237 -31.58 -53.38 3.36
C PRO D 237 -30.19 -53.87 3.79
N TYR D 238 -29.56 -53.16 4.72
CA TYR D 238 -28.23 -53.50 5.24
C TYR D 238 -28.35 -53.92 6.71
N GLU D 239 -27.55 -54.91 7.10
CA GLU D 239 -27.40 -55.28 8.50
C GLU D 239 -25.99 -54.91 8.97
N GLY D 240 -25.90 -54.14 10.06
CA GLY D 240 -24.64 -53.64 10.59
C GLY D 240 -24.19 -54.40 11.82
N ARG D 241 -22.88 -54.64 11.93
CA ARG D 241 -22.24 -55.20 13.12
C ARG D 241 -20.88 -54.54 13.33
N VAL D 242 -20.42 -54.56 14.59
CA VAL D 242 -19.10 -54.12 15.01
C VAL D 242 -18.13 -55.29 14.81
N VAL D 243 -17.27 -55.20 13.77
CA VAL D 243 -16.41 -56.31 13.37
C VAL D 243 -15.01 -56.16 14.01
N PHE D 244 -14.64 -54.96 14.44
CA PHE D 244 -13.30 -54.70 14.99
C PHE D 244 -13.30 -53.43 15.84
N GLN D 245 -12.63 -53.52 17.00
CA GLN D 245 -12.59 -52.48 18.02
C GLN D 245 -11.34 -52.68 18.88
N ASP D 246 -10.17 -52.49 18.24
CA ASP D 246 -8.85 -52.70 18.87
C ASP D 246 -8.00 -51.44 18.68
N ARG D 247 -7.67 -50.79 19.81
CA ARG D 247 -6.69 -49.69 19.89
C ARG D 247 -6.96 -48.64 18.80
N GLY D 248 -8.24 -48.36 18.54
CA GLY D 248 -8.65 -47.36 17.57
C GLY D 248 -8.10 -47.62 16.17
N ILE D 249 -7.82 -48.90 15.86
CA ILE D 249 -7.40 -49.33 14.52
C ILE D 249 -8.68 -49.52 13.69
N ALA D 250 -8.82 -48.75 12.61
CA ALA D 250 -10.07 -48.64 11.89
C ALA D 250 -9.90 -47.80 10.62
N GLN D 251 -10.97 -47.82 9.80
CA GLN D 251 -11.11 -47.15 8.50
C GLN D 251 -10.23 -47.87 7.47
N GLY D 252 -10.87 -48.25 6.36
CA GLY D 252 -10.27 -49.08 5.33
C GLY D 252 -11.27 -50.10 4.80
N GLY D 253 -10.74 -51.24 4.34
CA GLY D 253 -11.53 -52.27 3.67
C GLY D 253 -10.79 -53.60 3.57
N LEU D 254 -11.15 -54.37 2.54
CA LEU D 254 -10.66 -55.72 2.36
C LEU D 254 -9.75 -55.78 1.14
N VAL D 255 -8.72 -56.61 1.26
CA VAL D 255 -7.85 -57.01 0.15
C VAL D 255 -7.66 -58.52 0.23
N ASP D 256 -7.41 -59.14 -0.92
CA ASP D 256 -7.15 -60.58 -1.00
C ASP D 256 -5.86 -60.83 -1.78
N THR D 257 -5.12 -61.86 -1.38
CA THR D 257 -4.01 -62.39 -2.13
C THR D 257 -4.55 -63.32 -3.22
N PRO D 258 -3.78 -63.58 -4.31
CA PRO D 258 -4.23 -64.47 -5.37
C PRO D 258 -4.35 -65.96 -4.99
N ASP D 259 -3.99 -66.32 -3.75
CA ASP D 259 -4.06 -67.69 -3.26
C ASP D 259 -5.11 -67.79 -2.13
N GLY D 260 -5.99 -66.79 -2.02
CA GLY D 260 -7.26 -66.90 -1.28
C GLY D 260 -7.21 -66.37 0.14
N ARG D 261 -6.06 -65.84 0.57
CA ARG D 261 -5.92 -65.24 1.93
C ARG D 261 -6.52 -63.83 1.90
N TRP D 262 -7.28 -63.49 2.96
CA TRP D 262 -7.95 -62.19 3.06
C TRP D 262 -7.35 -61.39 4.22
N PHE D 263 -7.21 -60.08 3.98
CA PHE D 263 -6.72 -59.11 4.95
C PHE D 263 -7.64 -57.88 4.97
N ALA D 264 -7.73 -57.24 6.15
CA ALA D 264 -8.33 -55.92 6.29
C ALA D 264 -7.21 -54.90 6.48
N TYR D 265 -7.20 -53.88 5.62
CA TYR D 265 -6.26 -52.79 5.68
C TYR D 265 -6.91 -51.63 6.44
N LEU D 266 -6.32 -51.25 7.58
CA LEU D 266 -6.83 -50.19 8.47
C LEU D 266 -5.66 -49.31 8.92
N PHE D 267 -5.95 -48.26 9.71
CA PHE D 267 -4.89 -47.40 10.26
C PHE D 267 -5.26 -46.92 11.67
N GLU D 268 -4.21 -46.58 12.43
CA GLU D 268 -4.30 -46.13 13.83
C GLU D 268 -3.75 -44.71 13.94
N ASP D 269 -4.45 -43.86 14.71
CA ASP D 269 -3.92 -42.57 15.16
C ASP D 269 -2.79 -42.86 16.15
N CYS D 270 -1.56 -42.49 15.78
CA CYS D 270 -0.37 -42.90 16.52
C CYS D 270 0.51 -41.69 16.86
N GLY D 271 -0.10 -40.68 17.49
CA GLY D 271 0.63 -39.50 17.92
C GLY D 271 1.32 -38.80 16.77
N ALA D 272 2.56 -38.37 17.00
CA ALA D 272 3.25 -37.35 16.19
C ALA D 272 3.67 -37.89 14.82
N VAL D 273 4.01 -39.19 14.74
CA VAL D 273 4.44 -39.78 13.47
C VAL D 273 3.23 -39.80 12.51
N GLY D 274 2.02 -39.91 13.08
CA GLY D 274 0.77 -39.70 12.33
C GLY D 274 -0.20 -40.88 12.41
N ARG D 275 -0.82 -41.19 11.27
CA ARG D 275 -1.88 -42.18 11.17
C ARG D 275 -1.41 -43.34 10.28
N ILE D 276 -1.06 -44.48 10.89
CA ILE D 276 -0.17 -45.47 10.28
C ILE D 276 -0.95 -46.71 9.82
N PRO D 277 -0.70 -47.22 8.59
CA PRO D 277 -1.33 -48.45 8.10
C PRO D 277 -1.06 -49.75 8.88
N TYR D 278 -2.16 -50.46 9.21
CA TYR D 278 -2.15 -51.80 9.79
C TYR D 278 -2.71 -52.81 8.78
N LEU D 279 -2.39 -54.09 9.01
CA LEU D 279 -2.84 -55.18 8.17
C LEU D 279 -3.38 -56.30 9.08
N VAL D 280 -4.70 -56.53 9.03
CA VAL D 280 -5.40 -57.43 9.95
C VAL D 280 -5.92 -58.64 9.16
N PRO D 281 -5.47 -59.87 9.48
CA PRO D 281 -6.01 -61.07 8.83
C PRO D 281 -7.54 -61.19 9.02
N VAL D 282 -8.20 -61.84 8.06
CA VAL D 282 -9.66 -61.94 8.03
C VAL D 282 -10.05 -63.40 7.76
N GLU D 283 -10.98 -63.91 8.58
CA GLU D 283 -11.64 -65.22 8.37
C GLU D 283 -13.12 -64.98 8.06
N TRP D 284 -13.80 -66.02 7.59
CA TRP D 284 -15.22 -65.95 7.25
C TRP D 284 -15.97 -67.04 8.03
N LYS D 285 -17.03 -66.65 8.77
CA LYS D 285 -17.79 -67.58 9.63
C LYS D 285 -19.14 -67.91 8.98
N ASP D 286 -19.96 -66.88 8.75
CA ASP D 286 -21.36 -67.01 8.32
C ASP D 286 -21.68 -65.85 7.37
N GLY D 287 -20.83 -65.67 6.34
CA GLY D 287 -20.91 -64.52 5.45
C GLY D 287 -20.62 -63.22 6.18
N TRP D 288 -19.63 -63.27 7.09
CA TRP D 288 -19.18 -62.13 7.89
C TRP D 288 -17.66 -62.14 7.99
N PRO D 289 -16.99 -60.97 7.87
CA PRO D 289 -15.57 -60.88 8.13
C PRO D 289 -15.28 -60.81 9.64
N VAL D 290 -14.52 -61.79 10.16
CA VAL D 290 -13.97 -61.73 11.50
C VAL D 290 -12.50 -61.31 11.37
N LEU D 291 -12.15 -60.20 12.05
CA LEU D 291 -10.88 -59.51 11.87
C LEU D 291 -9.95 -59.83 13.05
N GLY D 292 -8.81 -60.46 12.73
CA GLY D 292 -7.70 -60.65 13.67
C GLY D 292 -7.93 -61.81 14.62
N VAL D 293 -6.90 -62.07 15.44
CA VAL D 293 -6.92 -63.10 16.49
C VAL D 293 -7.40 -62.45 17.80
N ASN D 294 -8.31 -63.13 18.51
CA ASN D 294 -8.92 -62.64 19.76
C ASN D 294 -9.56 -61.26 19.53
N GLY D 295 -10.03 -61.01 18.30
CA GLY D 295 -10.54 -59.69 17.91
C GLY D 295 -9.54 -58.57 18.14
N ARG D 296 -8.25 -58.87 17.93
CA ARG D 296 -7.13 -57.94 18.11
C ARG D 296 -6.12 -58.16 16.97
N ALA D 297 -5.60 -57.05 16.42
CA ALA D 297 -4.67 -57.08 15.28
C ALA D 297 -3.33 -57.67 15.70
N PRO D 298 -2.77 -58.66 14.96
CA PRO D 298 -1.57 -59.37 15.42
C PRO D 298 -0.29 -58.52 15.35
N ALA D 299 0.73 -58.93 16.11
CA ALA D 299 2.05 -58.33 16.05
C ALA D 299 2.76 -58.78 14.77
N LYS D 300 2.84 -60.10 14.57
CA LYS D 300 3.49 -60.71 13.40
C LYS D 300 2.45 -60.91 12.30
N LEU D 301 2.94 -61.22 11.09
CA LEU D 301 2.10 -61.43 9.91
C LEU D 301 2.69 -62.55 9.05
N GLU D 302 1.84 -63.47 8.58
CA GLU D 302 2.26 -64.59 7.73
C GLU D 302 2.47 -64.06 6.29
N LEU D 303 3.42 -63.13 6.14
CA LEU D 303 3.70 -62.43 4.89
C LEU D 303 5.21 -62.33 4.68
N PRO D 304 5.70 -62.11 3.43
CA PRO D 304 7.14 -61.96 3.18
C PRO D 304 7.81 -60.83 3.99
N ASP D 305 9.14 -60.86 4.04
CA ASP D 305 9.92 -59.97 4.89
C ASP D 305 9.85 -58.52 4.39
N SER D 306 9.99 -57.59 5.34
CA SER D 306 9.97 -56.15 5.11
C SER D 306 11.39 -55.63 4.90
N ARG D 307 11.58 -54.79 3.87
CA ARG D 307 12.86 -54.15 3.55
C ARG D 307 12.91 -52.72 4.13
N GLY D 308 11.84 -52.32 4.84
CA GLY D 308 11.74 -50.99 5.45
C GLY D 308 11.16 -49.97 4.49
N LEU D 309 11.03 -48.72 4.96
CA LEU D 309 10.35 -47.67 4.22
C LEU D 309 11.33 -46.86 3.36
N ILE D 310 12.63 -47.23 3.37
CA ILE D 310 13.66 -46.53 2.58
C ILE D 310 14.13 -47.45 1.45
N PRO D 311 14.03 -46.99 0.19
CA PRO D 311 13.68 -45.63 -0.20
C PRO D 311 12.28 -45.46 -0.84
N GLY D 312 11.38 -46.43 -0.60
CA GLY D 312 10.06 -46.49 -1.23
C GLY D 312 9.14 -45.35 -0.81
N ILE D 313 9.10 -45.05 0.49
CA ILE D 313 8.21 -44.02 1.07
C ILE D 313 9.01 -42.72 1.35
N VAL D 314 10.20 -42.88 1.94
CA VAL D 314 11.13 -41.78 2.24
C VAL D 314 12.49 -42.15 1.67
N ALA D 315 13.25 -41.17 1.17
CA ALA D 315 14.54 -41.42 0.52
C ALA D 315 15.50 -40.25 0.72
N SER D 316 16.79 -40.58 0.78
CA SER D 316 17.90 -39.61 0.68
C SER D 316 17.98 -39.09 -0.76
N ASP D 317 18.40 -37.83 -0.92
CA ASP D 317 18.52 -37.19 -2.23
C ASP D 317 19.79 -36.33 -2.25
N ASP D 318 20.72 -36.68 -3.15
CA ASP D 318 21.97 -35.96 -3.33
C ASP D 318 21.78 -34.82 -4.35
N PHE D 319 20.56 -34.72 -4.91
CA PHE D 319 20.16 -33.64 -5.83
C PHE D 319 21.04 -33.64 -7.09
N ASN D 320 21.68 -34.77 -7.38
CA ASN D 320 22.37 -35.00 -8.64
C ASN D 320 21.40 -35.67 -9.60
N ARG D 321 21.35 -35.17 -10.83
CA ARG D 321 20.34 -35.59 -11.79
C ARG D 321 21.01 -36.05 -13.08
N LYS D 322 20.64 -37.26 -13.53
CA LYS D 322 20.92 -37.76 -14.88
C LYS D 322 19.94 -37.09 -15.86
N LYS D 323 20.22 -37.25 -17.16
CA LYS D 323 19.34 -36.78 -18.22
C LYS D 323 18.05 -37.62 -18.20
N GLY D 324 16.92 -36.96 -18.42
CA GLY D 324 15.59 -37.60 -18.51
C GLY D 324 15.14 -38.25 -17.21
N GLU D 325 15.76 -37.85 -16.08
CA GLU D 325 15.45 -38.34 -14.74
C GLU D 325 14.46 -37.36 -14.09
N ARG D 326 13.65 -37.85 -13.14
CA ARG D 326 12.61 -37.04 -12.49
C ARG D 326 13.28 -35.93 -11.65
N ALA D 327 12.68 -34.73 -11.71
CA ALA D 327 13.18 -33.53 -11.04
C ALA D 327 13.24 -33.74 -9.51
N LEU D 328 12.12 -34.21 -8.94
CA LEU D 328 12.02 -34.49 -7.51
C LEU D 328 11.50 -35.91 -7.33
N PRO D 329 12.29 -36.83 -6.72
CA PRO D 329 11.78 -38.15 -6.35
C PRO D 329 10.39 -38.05 -5.72
N LEU D 330 9.56 -39.07 -5.95
CA LEU D 330 8.14 -39.03 -5.60
C LEU D 330 7.95 -38.86 -4.08
N VAL D 331 8.99 -39.18 -3.31
CA VAL D 331 8.93 -39.10 -1.84
C VAL D 331 8.77 -37.64 -1.37
N TRP D 332 9.25 -36.70 -2.20
CA TRP D 332 9.15 -35.26 -1.91
C TRP D 332 7.74 -34.74 -2.19
N GLN D 333 7.18 -34.04 -1.21
CA GLN D 333 5.97 -33.25 -1.39
C GLN D 333 6.19 -31.84 -0.80
N TRP D 334 5.77 -30.83 -1.56
CA TRP D 334 5.73 -29.43 -1.13
C TRP D 334 4.60 -29.23 -0.11
N ASN D 335 4.79 -28.27 0.81
CA ASN D 335 3.70 -27.78 1.66
C ASN D 335 2.93 -26.71 0.88
N HIS D 336 1.70 -27.03 0.46
CA HIS D 336 0.88 -26.18 -0.40
C HIS D 336 1.54 -26.03 -1.77
N ASN D 337 0.93 -25.25 -2.66
CA ASN D 337 1.40 -25.09 -4.03
C ASN D 337 2.76 -24.39 -4.02
N PRO D 338 3.78 -24.94 -4.71
CA PRO D 338 5.09 -24.28 -4.81
C PRO D 338 5.08 -23.07 -5.76
N ASP D 339 6.03 -22.15 -5.54
CA ASP D 339 6.41 -21.13 -6.51
C ASP D 339 7.58 -21.70 -7.32
N ASN D 340 7.30 -22.10 -8.57
CA ASN D 340 8.23 -22.89 -9.39
C ASN D 340 9.41 -22.03 -9.85
N ALA D 341 9.22 -20.69 -9.80
CA ALA D 341 10.27 -19.73 -10.06
C ALA D 341 11.40 -19.91 -9.06
N LEU D 342 11.04 -20.15 -7.79
CA LEU D 342 11.89 -19.89 -6.64
C LEU D 342 12.53 -21.18 -6.11
N TRP D 343 12.62 -22.22 -6.96
CA TRP D 343 13.47 -23.39 -6.70
C TRP D 343 14.08 -23.90 -8.02
N SER D 344 15.25 -24.53 -7.92
CA SER D 344 16.00 -25.00 -9.08
C SER D 344 17.00 -26.08 -8.64
N LEU D 345 17.25 -27.05 -9.53
CA LEU D 345 18.29 -28.07 -9.34
C LEU D 345 19.42 -27.87 -10.36
N SER D 346 19.24 -26.91 -11.27
CA SER D 346 20.15 -26.66 -12.38
C SER D 346 20.82 -25.29 -12.25
N ALA D 347 20.54 -24.55 -11.16
CA ALA D 347 21.19 -23.27 -10.87
C ALA D 347 22.65 -23.54 -10.49
N ARG D 348 22.84 -24.39 -9.49
CA ARG D 348 24.14 -24.96 -9.12
C ARG D 348 24.02 -26.49 -9.15
N LYS D 349 24.74 -27.12 -10.09
CA LYS D 349 24.60 -28.56 -10.35
C LYS D 349 24.97 -29.35 -9.08
N GLY D 350 24.08 -30.26 -8.69
CA GLY D 350 24.26 -31.15 -7.53
C GLY D 350 23.74 -30.53 -6.23
N TYR D 351 22.93 -29.46 -6.36
CA TYR D 351 22.42 -28.69 -5.22
C TYR D 351 20.98 -28.23 -5.48
N LEU D 352 20.10 -28.44 -4.49
CA LEU D 352 18.80 -27.79 -4.44
C LEU D 352 19.00 -26.33 -3.97
N ARG D 353 18.47 -25.38 -4.73
CA ARG D 353 18.55 -23.96 -4.39
C ARG D 353 17.14 -23.37 -4.24
N LEU D 354 16.72 -23.16 -3.00
CA LEU D 354 15.48 -22.44 -2.69
C LEU D 354 15.80 -20.95 -2.64
N THR D 355 15.04 -20.15 -3.38
CA THR D 355 15.26 -18.71 -3.51
C THR D 355 14.05 -17.95 -2.97
N THR D 356 14.31 -17.05 -2.01
CA THR D 356 13.29 -16.24 -1.37
C THR D 356 12.61 -15.32 -2.41
N GLY D 357 11.31 -15.04 -2.21
CA GLY D 357 10.53 -14.16 -3.10
C GLY D 357 9.47 -13.28 -2.43
N ARG D 358 9.33 -13.38 -1.09
CA ARG D 358 8.22 -12.74 -0.37
C ARG D 358 8.51 -12.71 1.15
N MET D 359 8.38 -11.51 1.74
CA MET D 359 8.57 -11.28 3.19
C MET D 359 7.41 -11.89 3.98
N GLU D 360 7.75 -12.69 5.01
CA GLU D 360 6.77 -13.45 5.82
C GLU D 360 6.74 -12.94 7.25
N THR D 361 5.61 -13.19 7.92
CA THR D 361 5.41 -13.02 9.37
C THR D 361 5.39 -14.39 10.07
N SER D 362 4.78 -15.38 9.40
CA SER D 362 4.60 -16.72 9.94
C SER D 362 5.45 -17.71 9.13
N PHE D 363 6.06 -18.68 9.83
CA PHE D 363 6.80 -19.77 9.19
C PHE D 363 5.84 -20.60 8.33
N THR D 364 4.59 -20.75 8.77
CA THR D 364 3.60 -21.61 8.11
C THR D 364 2.98 -20.94 6.88
N GLN D 365 3.28 -19.66 6.63
CA GLN D 365 2.83 -18.98 5.40
C GLN D 365 3.98 -18.88 4.39
N ALA D 366 5.15 -19.45 4.74
CA ALA D 366 6.33 -19.46 3.90
C ALA D 366 6.16 -20.53 2.81
N LYS D 367 6.60 -20.18 1.59
CA LYS D 367 6.44 -21.00 0.41
C LYS D 367 7.66 -21.89 0.22
N ASN D 368 7.51 -22.88 -0.65
CA ASN D 368 8.54 -23.82 -1.08
C ASN D 368 9.18 -24.51 0.14
N ILE D 369 8.34 -24.96 1.08
CA ILE D 369 8.79 -25.86 2.14
C ILE D 369 8.68 -27.30 1.60
N LEU D 370 9.83 -27.87 1.21
CA LEU D 370 9.92 -29.21 0.62
C LEU D 370 10.02 -30.24 1.74
N THR D 371 9.17 -31.26 1.72
CA THR D 371 9.01 -32.14 2.89
C THR D 371 9.02 -33.63 2.50
N GLN D 372 9.26 -34.46 3.51
CA GLN D 372 9.13 -35.91 3.49
C GLN D 372 8.52 -36.35 4.83
N ARG D 373 8.01 -37.58 4.86
CA ARG D 373 7.41 -38.17 6.05
C ARG D 373 8.52 -38.43 7.07
N THR D 374 8.16 -38.44 8.36
CA THR D 374 8.94 -39.11 9.38
C THR D 374 8.51 -40.59 9.39
N ILE D 375 9.33 -41.44 10.02
CA ILE D 375 9.07 -42.86 10.07
C ILE D 375 9.35 -43.36 11.50
N GLY D 376 8.57 -44.36 11.92
CA GLY D 376 8.71 -44.95 13.23
C GLY D 376 9.57 -46.21 13.18
N PRO D 377 9.98 -46.70 14.36
CA PRO D 377 9.74 -46.02 15.62
C PRO D 377 10.74 -44.87 15.87
N VAL D 378 11.88 -44.92 15.17
CA VAL D 378 12.93 -43.89 15.23
C VAL D 378 13.27 -43.46 13.80
N CYS D 379 13.78 -42.23 13.66
CA CYS D 379 14.43 -41.79 12.42
C CYS D 379 15.36 -40.60 12.70
N THR D 380 16.25 -40.36 11.74
CA THR D 380 17.13 -39.21 11.71
C THR D 380 17.12 -38.61 10.29
N GLY D 381 16.93 -37.29 10.21
CA GLY D 381 17.04 -36.54 8.96
C GLY D 381 18.14 -35.49 9.02
N SER D 382 18.99 -35.43 7.99
CA SER D 382 20.17 -34.55 7.97
C SER D 382 20.33 -33.90 6.60
N VAL D 383 21.02 -32.75 6.57
CA VAL D 383 21.29 -31.99 5.33
C VAL D 383 22.70 -31.37 5.41
N SER D 384 23.16 -30.86 4.25
CA SER D 384 24.31 -29.96 4.13
C SER D 384 23.87 -28.71 3.37
N MET D 385 24.17 -27.53 3.92
CA MET D 385 23.68 -26.26 3.39
C MET D 385 24.85 -25.34 3.05
N ASP D 386 24.61 -24.41 2.11
CA ASP D 386 25.55 -23.36 1.74
C ASP D 386 24.81 -22.01 1.84
N VAL D 387 25.26 -21.18 2.78
CA VAL D 387 24.51 -19.99 3.19
C VAL D 387 25.06 -18.72 2.51
N SER D 388 26.05 -18.88 1.62
CA SER D 388 26.68 -17.78 0.86
C SER D 388 25.64 -16.77 0.34
N GLY D 389 24.57 -17.30 -0.26
CA GLY D 389 23.57 -16.50 -1.00
C GLY D 389 22.57 -15.80 -0.08
N MET D 390 22.57 -16.17 1.21
CA MET D 390 21.59 -15.67 2.18
C MET D 390 21.73 -14.16 2.35
N LYS D 391 20.58 -13.49 2.48
CA LYS D 391 20.50 -12.05 2.70
C LYS D 391 19.99 -11.77 4.13
N GLU D 392 20.02 -10.48 4.50
CA GLU D 392 19.60 -9.93 5.80
C GLU D 392 18.16 -10.36 6.12
N GLY D 393 17.98 -11.00 7.29
CA GLY D 393 16.67 -11.36 7.83
C GLY D 393 16.08 -12.61 7.17
N ASP D 394 16.94 -13.45 6.59
CA ASP D 394 16.51 -14.72 5.99
C ASP D 394 16.80 -15.86 6.97
N PHE D 395 16.00 -16.92 6.90
CA PHE D 395 16.11 -18.08 7.77
C PHE D 395 15.89 -19.35 6.94
N ALA D 396 16.93 -20.20 6.87
CA ALA D 396 16.91 -21.42 6.08
C ALA D 396 17.55 -22.55 6.90
N GLY D 397 16.92 -23.73 6.87
CA GLY D 397 17.28 -24.81 7.75
C GLY D 397 16.52 -26.09 7.46
N LEU D 398 16.35 -26.88 8.53
CA LEU D 398 15.72 -28.18 8.51
C LEU D 398 14.73 -28.24 9.68
N SER D 399 13.43 -28.37 9.36
CA SER D 399 12.34 -28.31 10.34
C SER D 399 11.72 -29.70 10.57
N LEU D 400 11.18 -29.88 11.78
CA LEU D 400 10.12 -30.86 12.03
C LEU D 400 8.80 -30.10 11.99
N PHE D 401 7.96 -30.45 11.00
CA PHE D 401 6.87 -29.61 10.55
C PHE D 401 5.53 -30.04 11.16
N GLN D 402 4.66 -29.05 11.37
CA GLN D 402 3.43 -29.14 12.18
C GLN D 402 3.03 -27.73 12.62
N ARG D 403 1.81 -27.54 13.13
CA ARG D 403 1.38 -26.33 13.82
C ARG D 403 2.39 -25.98 14.93
N LYS D 404 2.62 -26.94 15.84
CA LYS D 404 3.74 -26.94 16.82
C LYS D 404 5.01 -27.54 16.18
N TYR D 405 5.76 -26.69 15.49
CA TYR D 405 6.99 -27.07 14.75
C TYR D 405 8.23 -26.83 15.62
N GLY D 406 9.37 -27.30 15.10
CA GLY D 406 10.69 -26.95 15.59
C GLY D 406 11.65 -26.80 14.43
N GLN D 407 12.50 -25.76 14.49
CA GLN D 407 13.44 -25.39 13.42
C GLN D 407 14.87 -25.45 13.92
N VAL D 408 15.80 -25.79 13.02
CA VAL D 408 17.23 -25.55 13.19
C VAL D 408 17.78 -25.02 11.86
N GLY D 409 18.44 -23.86 11.90
CA GLY D 409 18.96 -23.22 10.69
C GLY D 409 19.81 -22.00 10.98
N VAL D 410 20.19 -21.31 9.90
CA VAL D 410 21.04 -20.12 9.93
C VAL D 410 20.15 -18.88 9.76
N LYS D 411 20.14 -18.03 10.79
CA LYS D 411 19.54 -16.69 10.74
C LYS D 411 20.64 -15.67 10.40
N VAL D 412 20.32 -14.64 9.61
CA VAL D 412 21.24 -13.53 9.33
C VAL D 412 20.73 -12.27 10.02
N THR D 413 21.47 -11.82 11.04
CA THR D 413 21.16 -10.60 11.75
C THR D 413 22.33 -9.62 11.56
N ASP D 414 22.01 -8.44 11.04
CA ASP D 414 22.99 -7.41 10.78
C ASP D 414 24.05 -8.01 9.84
N GLY D 415 25.30 -8.07 10.29
CA GLY D 415 26.40 -8.49 9.44
C GLY D 415 26.54 -10.00 9.39
N LYS D 416 26.35 -10.64 10.55
CA LYS D 416 26.87 -11.98 10.79
C LYS D 416 25.74 -13.01 10.73
N LYS D 417 26.12 -14.26 10.42
CA LYS D 417 25.21 -15.39 10.34
C LYS D 417 25.29 -16.17 11.65
N TYR D 418 24.14 -16.70 12.08
CA TYR D 418 23.98 -17.40 13.36
C TYR D 418 23.21 -18.72 13.16
N ILE D 419 23.77 -19.80 13.68
CA ILE D 419 23.08 -21.08 13.81
C ILE D 419 22.10 -20.98 14.99
N VAL D 420 20.83 -21.31 14.74
CA VAL D 420 19.74 -21.07 15.67
C VAL D 420 18.81 -22.29 15.72
N MET D 421 18.18 -22.51 16.89
CA MET D 421 16.95 -23.29 16.97
C MET D 421 15.81 -22.38 17.43
N VAL D 422 14.65 -22.60 16.82
CA VAL D 422 13.39 -22.05 17.28
C VAL D 422 12.50 -23.23 17.70
N ASN D 423 11.72 -23.02 18.76
CA ASN D 423 10.76 -23.97 19.29
C ASN D 423 9.36 -23.37 19.10
N GLY D 424 8.47 -24.14 18.46
CA GLY D 424 7.18 -23.64 17.97
C GLY D 424 6.00 -24.18 18.75
N GLU D 425 6.25 -24.91 19.84
CA GLU D 425 5.20 -25.55 20.66
C GLU D 425 4.11 -24.53 21.02
N ASN D 426 4.53 -23.39 21.58
CA ASN D 426 3.65 -22.37 22.15
C ASN D 426 3.10 -21.46 21.05
N GLU D 427 2.18 -20.56 21.45
CA GLU D 427 1.58 -19.54 20.57
C GLU D 427 2.68 -18.84 19.77
N THR D 428 3.46 -17.99 20.44
CA THR D 428 4.57 -17.28 19.80
C THR D 428 5.76 -18.23 19.75
N PRO D 429 6.51 -18.28 18.62
CA PRO D 429 7.73 -19.09 18.55
C PRO D 429 8.82 -18.50 19.45
N ALA D 430 9.85 -19.31 19.75
CA ALA D 430 10.82 -19.02 20.78
C ALA D 430 12.23 -19.43 20.32
N GLU D 431 13.13 -18.46 20.26
CA GLU D 431 14.55 -18.72 20.01
C GLU D 431 15.14 -19.26 21.32
N VAL D 432 15.88 -20.36 21.22
CA VAL D 432 16.27 -21.14 22.39
C VAL D 432 17.79 -21.10 22.58
N GLU D 433 18.54 -21.16 21.47
CA GLU D 433 19.99 -21.14 21.50
C GLU D 433 20.50 -20.53 20.20
N LYS D 434 21.32 -19.49 20.35
CA LYS D 434 22.00 -18.80 19.28
C LYS D 434 23.47 -19.24 19.31
N VAL D 435 24.05 -19.55 18.15
CA VAL D 435 25.49 -19.85 18.04
C VAL D 435 26.02 -19.13 16.80
N PRO D 436 27.13 -18.35 16.91
CA PRO D 436 27.67 -17.64 15.76
C PRO D 436 28.31 -18.61 14.76
N LEU D 437 28.23 -18.28 13.47
CA LEU D 437 28.75 -19.09 12.37
C LEU D 437 29.79 -18.27 11.59
N ASN D 438 30.94 -18.89 11.31
CA ASN D 438 32.03 -18.24 10.54
C ASN D 438 32.50 -19.15 9.38
N GLN D 439 31.67 -20.12 9.00
CA GLN D 439 31.78 -20.84 7.72
C GLN D 439 30.56 -20.48 6.87
N GLN D 440 30.55 -20.95 5.62
CA GLN D 440 29.38 -20.77 4.76
C GLN D 440 28.71 -22.12 4.49
N VAL D 441 29.41 -23.24 4.73
CA VAL D 441 28.81 -24.58 4.72
C VAL D 441 28.49 -24.96 6.17
N VAL D 442 27.36 -25.67 6.36
CA VAL D 442 26.91 -26.11 7.67
C VAL D 442 25.94 -27.29 7.50
N TYR D 443 26.02 -28.24 8.45
CA TYR D 443 25.21 -29.45 8.45
C TYR D 443 24.18 -29.37 9.58
N PHE D 444 22.98 -29.91 9.34
CA PHE D 444 21.89 -29.94 10.33
C PHE D 444 21.31 -31.35 10.42
N LYS D 445 21.05 -31.78 11.66
CA LYS D 445 20.48 -33.10 12.00
C LYS D 445 19.14 -32.88 12.70
N ALA D 446 18.28 -33.89 12.61
CA ALA D 446 17.03 -33.93 13.35
C ALA D 446 16.73 -35.39 13.65
N GLU D 447 16.66 -35.73 14.95
CA GLU D 447 16.30 -37.07 15.40
C GLU D 447 14.84 -37.05 15.87
N CYS D 448 14.07 -38.06 15.46
CA CYS D 448 12.72 -38.30 15.99
C CYS D 448 12.73 -39.58 16.84
N ASP D 449 12.25 -39.47 18.08
CA ASP D 449 11.87 -40.62 18.89
C ASP D 449 10.34 -40.64 19.02
N PHE D 450 9.72 -41.71 18.50
CA PHE D 450 8.29 -41.99 18.63
C PHE D 450 8.06 -43.29 19.43
N ARG D 451 9.11 -43.78 20.09
CA ARG D 451 9.06 -45.08 20.78
C ARG D 451 8.12 -44.95 21.99
N ASN D 452 7.02 -45.72 21.95
CA ASN D 452 5.91 -45.63 22.89
C ASN D 452 5.31 -44.22 22.87
N LYS D 453 5.46 -43.53 21.73
CA LYS D 453 4.93 -42.18 21.53
C LYS D 453 5.47 -41.21 22.58
N VAL D 454 6.78 -41.27 22.89
CA VAL D 454 7.44 -40.19 23.64
C VAL D 454 7.31 -38.90 22.82
N ASP D 455 7.38 -39.04 21.48
CA ASP D 455 7.18 -37.97 20.51
C ASP D 455 8.15 -36.82 20.80
N LYS D 456 9.45 -37.15 20.81
CA LYS D 456 10.51 -36.21 21.10
C LYS D 456 11.39 -36.02 19.86
N GLY D 457 11.62 -34.75 19.49
CA GLY D 457 12.57 -34.35 18.45
C GLY D 457 13.77 -33.66 19.05
N TYR D 458 14.96 -33.91 18.49
CA TYR D 458 16.23 -33.29 18.92
C TYR D 458 16.99 -32.76 17.71
N PHE D 459 17.50 -31.53 17.81
CA PHE D 459 18.20 -30.87 16.74
C PHE D 459 19.69 -30.76 17.05
N TYR D 460 20.52 -30.97 16.02
CA TYR D 460 21.95 -30.81 16.09
C TYR D 460 22.43 -30.03 14.85
N TYR D 461 23.63 -29.45 14.96
CA TYR D 461 24.36 -28.87 13.83
C TYR D 461 25.74 -29.51 13.77
N SER D 462 26.50 -29.20 12.71
CA SER D 462 27.89 -29.62 12.57
C SER D 462 28.60 -28.80 11.50
N LEU D 463 29.90 -28.57 11.70
CA LEU D 463 30.77 -27.82 10.78
C LEU D 463 31.66 -28.81 10.00
N ASP D 464 32.06 -29.90 10.67
CA ASP D 464 32.61 -31.10 10.02
C ASP D 464 31.46 -31.82 9.32
N GLY D 465 31.75 -32.99 8.74
CA GLY D 465 30.70 -33.92 8.33
C GLY D 465 30.12 -34.69 9.50
N SER D 466 31.01 -35.09 10.42
CA SER D 466 30.77 -36.19 11.35
C SER D 466 30.55 -35.74 12.79
N ASN D 467 31.25 -34.69 13.24
CA ASN D 467 31.21 -34.27 14.66
C ASN D 467 30.00 -33.39 14.93
N TRP D 468 28.99 -33.96 15.61
CA TRP D 468 27.70 -33.29 15.82
C TRP D 468 27.65 -32.61 17.19
N LYS D 469 26.98 -31.45 17.24
CA LYS D 469 26.82 -30.67 18.45
C LYS D 469 25.33 -30.38 18.67
N ALA D 470 24.82 -30.74 19.86
CA ALA D 470 23.43 -30.49 20.26
C ALA D 470 23.18 -28.98 20.30
N ILE D 471 21.98 -28.58 19.89
CA ILE D 471 21.58 -27.17 19.97
C ILE D 471 20.06 -27.08 20.16
N GLY D 472 19.65 -26.09 20.96
CA GLY D 472 18.26 -25.89 21.34
C GLY D 472 17.80 -26.93 22.34
N ASN D 473 16.49 -26.96 22.58
CA ASN D 473 15.86 -27.94 23.48
C ASN D 473 15.16 -29.02 22.63
N VAL D 474 14.50 -29.94 23.34
CA VAL D 474 13.68 -31.02 22.75
C VAL D 474 12.36 -30.42 22.23
N LEU D 475 11.89 -30.94 21.09
CA LEU D 475 10.58 -30.61 20.54
C LEU D 475 9.58 -31.66 21.01
N LYS D 476 8.72 -31.29 21.96
CA LYS D 476 7.63 -32.14 22.39
C LYS D 476 6.55 -32.12 21.30
N MET D 477 6.74 -32.98 20.29
CA MET D 477 5.84 -33.11 19.15
C MET D 477 4.45 -33.53 19.65
N GLN D 478 3.40 -32.89 19.12
CA GLN D 478 2.01 -33.18 19.45
C GLN D 478 1.18 -33.08 18.15
N TYR D 479 0.50 -34.18 17.80
CA TYR D 479 -0.41 -34.26 16.65
C TYR D 479 -1.64 -33.38 16.92
N THR D 480 -1.79 -32.32 16.12
CA THR D 480 -2.88 -31.34 16.29
C THR D 480 -3.64 -31.21 14.97
N MET D 481 -4.81 -30.58 15.03
CA MET D 481 -5.69 -30.42 13.89
C MET D 481 -6.24 -29.00 13.90
N PRO D 482 -5.69 -28.12 13.03
CA PRO D 482 -4.64 -28.41 12.08
C PRO D 482 -3.30 -28.68 12.76
N HIS D 483 -2.32 -29.31 12.08
CA HIS D 483 -2.29 -29.52 10.63
C HIS D 483 -3.04 -30.79 10.18
N PHE D 484 -3.41 -31.66 11.13
CA PHE D 484 -4.12 -32.93 10.82
C PHE D 484 -3.21 -33.86 10.00
N MET D 485 -1.92 -33.88 10.32
CA MET D 485 -0.95 -34.66 9.58
C MET D 485 0.18 -35.10 10.51
N GLY D 486 0.85 -36.20 10.14
CA GLY D 486 2.07 -36.61 10.80
C GLY D 486 3.17 -35.59 10.59
N TYR D 487 4.12 -35.53 11.53
CA TYR D 487 5.22 -34.59 11.46
C TYR D 487 6.10 -34.94 10.24
N ARG D 488 6.50 -33.90 9.51
CA ARG D 488 7.31 -34.04 8.31
C ARG D 488 8.67 -33.37 8.52
N PHE D 489 9.73 -34.04 8.05
CA PHE D 489 10.99 -33.39 7.79
C PHE D 489 10.75 -32.33 6.71
N ALA D 490 11.35 -31.14 6.90
CA ALA D 490 11.13 -30.04 5.98
C ALA D 490 12.42 -29.25 5.78
N LEU D 491 12.81 -29.08 4.51
CA LEU D 491 13.81 -28.10 4.09
C LEU D 491 13.07 -26.79 3.82
N PHE D 492 13.52 -25.70 4.46
CA PHE D 492 12.88 -24.40 4.32
C PHE D 492 13.94 -23.29 4.12
N ASN D 493 13.47 -22.16 3.58
CA ASN D 493 14.26 -20.94 3.40
C ASN D 493 13.30 -19.78 3.13
N TYR D 494 13.20 -18.83 4.07
CA TYR D 494 12.28 -17.70 3.93
C TYR D 494 12.86 -16.41 4.53
N ALA D 495 12.27 -15.29 4.09
CA ALA D 495 12.75 -13.95 4.36
C ALA D 495 11.75 -13.19 5.24
N THR D 496 12.28 -12.30 6.09
CA THR D 496 11.48 -11.40 6.91
C THR D 496 11.67 -9.93 6.50
N LYS D 497 12.69 -9.64 5.69
CA LYS D 497 13.10 -8.23 5.47
C LYS D 497 13.55 -7.96 4.03
N GLU D 498 14.16 -8.95 3.36
CA GLU D 498 14.70 -8.77 2.00
C GLU D 498 14.49 -10.05 1.18
N VAL D 499 14.03 -9.86 -0.05
CA VAL D 499 13.79 -10.95 -0.99
C VAL D 499 14.99 -11.06 -1.94
N GLY D 500 15.19 -12.25 -2.50
CA GLY D 500 16.25 -12.52 -3.47
C GLY D 500 17.36 -13.39 -2.91
N GLY D 501 17.34 -13.62 -1.58
CA GLY D 501 18.36 -14.39 -0.88
C GLY D 501 18.11 -15.89 -0.99
N TYR D 502 19.14 -16.63 -1.39
CA TYR D 502 19.00 -18.06 -1.68
C TYR D 502 19.85 -18.91 -0.72
N ALA D 503 19.53 -20.21 -0.66
CA ALA D 503 20.26 -21.19 0.13
C ALA D 503 20.34 -22.52 -0.64
N ASP D 504 21.57 -23.00 -0.85
CA ASP D 504 21.84 -24.26 -1.55
C ASP D 504 21.91 -25.40 -0.53
N PHE D 505 21.38 -26.58 -0.89
CA PHE D 505 21.52 -27.79 -0.08
C PHE D 505 22.18 -28.88 -0.91
N ASP D 506 23.30 -29.42 -0.42
CA ASP D 506 24.10 -30.43 -1.14
C ASP D 506 23.33 -31.76 -1.19
N TYR D 507 22.60 -32.08 -0.11
CA TYR D 507 21.85 -33.31 0.03
C TYR D 507 20.84 -33.24 1.17
N PHE D 508 19.92 -34.21 1.17
CA PHE D 508 19.12 -34.63 2.32
C PHE D 508 19.40 -36.12 2.56
N LYS D 509 19.45 -36.53 3.83
CA LYS D 509 19.72 -37.91 4.21
C LYS D 509 18.76 -38.30 5.33
N ILE D 510 18.04 -39.41 5.11
CA ILE D 510 17.16 -39.99 6.13
C ILE D 510 17.66 -41.39 6.46
N GLU D 511 17.45 -41.81 7.71
CA GLU D 511 17.80 -43.13 8.17
C GLU D 511 16.87 -43.55 9.31
N ASP D 512 16.66 -44.86 9.46
CA ASP D 512 15.72 -45.43 10.42
C ASP D 512 16.44 -45.72 11.74
N LYS D 513 17.28 -44.78 12.17
CA LYS D 513 18.17 -44.95 13.30
C LYS D 513 18.16 -43.66 14.14
N ILE D 514 18.69 -43.79 15.36
CA ILE D 514 18.86 -42.69 16.30
C ILE D 514 20.15 -42.96 17.08
N SER D 515 20.80 -41.90 17.53
CA SER D 515 22.05 -42.01 18.29
C SER D 515 21.77 -42.56 19.68
N ASP D 516 20.68 -42.07 20.29
CA ASP D 516 20.35 -42.30 21.70
C ASP D 516 21.52 -41.81 22.56
N CYS D 517 22.03 -40.63 22.20
CA CYS D 517 23.00 -39.88 22.97
C CYS D 517 22.31 -38.69 23.66
N ARG D 518 20.99 -38.58 23.50
CA ARG D 518 20.20 -37.45 24.03
C ARG D 518 18.82 -37.95 24.48
N TRP D 519 18.57 -37.87 25.79
CA TRP D 519 17.24 -37.94 26.35
C TRP D 519 16.94 -36.63 27.09
N GLU D 520 15.74 -36.07 26.87
CA GLU D 520 15.32 -34.82 27.52
C GLU D 520 13.91 -35.00 28.13
N ASP D 521 13.60 -34.13 29.09
CA ASP D 521 12.33 -34.14 29.83
C ASP D 521 12.05 -35.54 30.39
N ILE D 522 13.02 -36.09 31.13
CA ILE D 522 12.90 -37.38 31.83
C ILE D 522 12.48 -37.09 33.28
N CYS D 523 11.35 -37.67 33.71
CA CYS D 523 10.83 -37.48 35.07
C CYS D 523 11.61 -38.38 36.04
N TYR D 524 12.32 -37.78 36.99
CA TYR D 524 13.15 -38.56 37.93
C TYR D 524 12.33 -38.88 39.20
N ALA D 525 11.19 -38.21 39.36
CA ALA D 525 10.15 -38.56 40.33
C ALA D 525 9.00 -39.22 39.57
N ASP D 526 8.00 -39.73 40.31
CA ASP D 526 6.83 -40.37 39.70
C ASP D 526 5.65 -39.40 39.68
N ASP D 527 5.89 -38.19 39.17
CA ASP D 527 4.85 -37.18 38.93
C ASP D 527 5.13 -36.50 37.59
N LYS D 528 4.33 -35.47 37.27
CA LYS D 528 4.40 -34.78 35.99
C LYS D 528 4.76 -33.30 36.20
N LEU D 529 5.50 -33.02 37.28
CA LEU D 529 5.98 -31.66 37.54
C LEU D 529 7.19 -31.38 36.63
N GLU D 530 7.23 -30.16 36.10
CA GLU D 530 8.38 -29.67 35.32
C GLU D 530 9.61 -29.61 36.24
N GLY D 531 9.36 -29.40 37.54
CA GLY D 531 10.39 -29.35 38.57
C GLY D 531 11.11 -30.67 38.80
N HIS D 532 10.52 -31.79 38.33
CA HIS D 532 11.11 -33.12 38.56
C HIS D 532 11.52 -33.78 37.24
N LYS D 533 11.97 -32.97 36.26
CA LYS D 533 12.44 -33.47 34.97
C LYS D 533 13.97 -33.34 34.89
N LEU D 534 14.58 -34.12 34.00
CA LEU D 534 16.00 -33.97 33.71
C LEU D 534 16.31 -34.48 32.31
N ASP D 535 17.50 -34.11 31.82
CA ASP D 535 17.99 -34.42 30.48
C ASP D 535 19.30 -35.18 30.62
N ILE D 536 19.44 -36.28 29.87
CA ILE D 536 20.66 -37.06 29.85
C ILE D 536 21.32 -36.89 28.48
N TYR D 537 22.63 -36.65 28.48
CA TYR D 537 23.44 -36.56 27.28
C TYR D 537 24.62 -37.53 27.42
N LEU D 538 24.92 -38.28 26.36
CA LEU D 538 26.08 -39.18 26.32
C LEU D 538 27.06 -38.71 25.26
N PRO D 539 28.39 -38.81 25.49
CA PRO D 539 29.37 -38.54 24.44
C PRO D 539 29.17 -39.48 23.25
N ASP D 540 29.45 -39.00 22.04
CA ASP D 540 29.36 -39.83 20.83
C ASP D 540 30.71 -40.53 20.61
N MET D 541 31.23 -41.14 21.69
CA MET D 541 32.31 -42.13 21.65
C MET D 541 31.64 -43.51 21.73
N ASP D 542 32.39 -44.60 21.62
CA ASP D 542 31.79 -45.92 21.43
C ASP D 542 32.06 -46.84 22.63
N GLU D 543 32.15 -46.25 23.83
CA GLU D 543 32.42 -46.99 25.07
C GLU D 543 31.11 -47.53 25.61
N PRO D 544 31.13 -48.66 26.38
CA PRO D 544 29.90 -49.28 26.87
C PRO D 544 29.16 -48.47 27.96
N SER D 545 29.91 -47.71 28.76
CA SER D 545 29.33 -46.80 29.76
C SER D 545 30.20 -45.56 29.95
N TYR D 546 29.59 -44.50 30.50
CA TYR D 546 30.24 -43.21 30.76
C TYR D 546 29.91 -42.74 32.18
N LYS D 547 30.91 -42.21 32.88
CA LYS D 547 30.72 -41.65 34.21
C LYS D 547 30.03 -40.28 34.09
N VAL D 548 29.47 -39.81 35.20
CA VAL D 548 28.42 -38.80 35.17
C VAL D 548 28.90 -37.50 35.82
N VAL D 549 28.45 -36.38 35.26
CA VAL D 549 28.46 -35.09 35.94
C VAL D 549 27.04 -34.51 35.86
N VAL D 550 26.54 -34.02 37.00
CA VAL D 550 25.21 -33.42 37.15
C VAL D 550 25.34 -31.88 37.12
N LEU D 551 24.45 -31.20 36.40
CA LEU D 551 24.42 -29.73 36.34
C LEU D 551 23.15 -29.20 36.99
N ILE D 552 23.30 -28.28 37.95
CA ILE D 552 22.19 -27.49 38.47
C ILE D 552 22.37 -26.04 38.00
N TYR D 553 21.24 -25.42 37.63
CA TYR D 553 21.20 -24.05 37.16
C TYR D 553 21.00 -23.10 38.35
N GLY D 554 21.42 -21.85 38.15
CA GLY D 554 21.14 -20.75 39.04
C GLY D 554 19.85 -20.07 38.66
N SER D 555 19.05 -19.71 39.67
CA SER D 555 17.77 -19.06 39.46
C SER D 555 17.32 -18.30 40.72
N ALA D 556 18.24 -18.12 41.68
CA ALA D 556 17.89 -17.73 43.05
C ALA D 556 16.76 -18.62 43.57
N TRP D 557 16.82 -19.91 43.20
CA TRP D 557 15.84 -20.91 43.60
C TRP D 557 14.42 -20.51 43.16
N PHE D 558 14.29 -19.83 42.02
CA PHE D 558 12.97 -19.35 41.55
C PHE D 558 12.44 -20.24 40.41
N ALA D 559 13.30 -20.56 39.45
CA ALA D 559 12.90 -21.28 38.24
C ALA D 559 12.91 -22.80 38.51
N ASN D 560 12.17 -23.53 37.68
CA ASN D 560 12.05 -24.98 37.79
C ASN D 560 12.24 -25.64 36.41
N ASN D 561 12.91 -24.94 35.49
CA ASN D 561 12.88 -25.31 34.06
C ASN D 561 14.02 -24.63 33.28
N MET D 562 15.22 -24.56 33.85
CA MET D 562 16.35 -23.87 33.19
C MET D 562 17.53 -24.84 33.00
N LYS D 563 17.20 -26.14 32.92
CA LYS D 563 18.19 -27.20 32.77
C LYS D 563 18.94 -27.06 31.43
N GLN D 564 18.26 -26.52 30.42
CA GLN D 564 18.87 -26.23 29.11
C GLN D 564 20.00 -25.19 29.29
N ALA D 565 19.74 -24.14 30.08
CA ALA D 565 20.71 -23.09 30.32
C ALA D 565 22.01 -23.70 30.84
N ALA D 566 21.90 -24.52 31.90
CA ALA D 566 23.04 -25.16 32.55
C ALA D 566 23.86 -25.96 31.53
N PHE D 567 23.16 -26.69 30.64
CA PHE D 567 23.82 -27.53 29.65
C PHE D 567 24.58 -26.66 28.66
N GLN D 568 23.95 -25.56 28.22
CA GLN D 568 24.57 -24.63 27.28
C GLN D 568 25.95 -24.23 27.82
N VAL D 569 26.04 -24.02 29.14
CA VAL D 569 27.26 -23.55 29.79
C VAL D 569 28.29 -24.69 29.88
N PHE D 570 27.94 -25.78 30.60
CA PHE D 570 28.94 -26.77 31.05
C PHE D 570 29.04 -27.97 30.08
N GLY D 571 27.95 -28.29 29.39
CA GLY D 571 27.76 -29.59 28.72
C GLY D 571 28.85 -29.95 27.72
N LYS D 572 29.11 -29.03 26.79
CA LYS D 572 30.04 -29.26 25.67
C LYS D 572 31.40 -29.72 26.18
N SER D 573 31.93 -29.00 27.18
CA SER D 573 33.26 -29.26 27.71
C SER D 573 33.28 -30.59 28.48
N LEU D 574 32.19 -30.91 29.17
CA LEU D 574 32.06 -32.19 29.89
C LEU D 574 31.97 -33.36 28.89
N LEU D 575 31.21 -33.17 27.81
CA LEU D 575 30.92 -34.23 26.86
C LEU D 575 32.18 -34.57 26.03
N ASP D 576 32.99 -33.55 25.73
CA ASP D 576 34.17 -33.75 24.87
C ASP D 576 35.26 -34.50 25.63
N LYS D 577 35.22 -34.45 26.97
CA LYS D 577 36.21 -35.13 27.82
C LYS D 577 35.85 -36.61 27.96
N GLY D 578 34.54 -36.93 27.86
CA GLY D 578 34.05 -38.32 27.87
C GLY D 578 33.14 -38.62 29.05
N PHE D 579 32.47 -37.57 29.57
CA PHE D 579 31.50 -37.67 30.65
C PHE D 579 30.08 -37.71 30.07
N ALA D 580 29.23 -38.58 30.62
CA ALA D 580 27.80 -38.41 30.50
C ALA D 580 27.42 -37.16 31.30
N VAL D 581 26.43 -36.42 30.80
CA VAL D 581 25.98 -35.20 31.46
C VAL D 581 24.49 -35.33 31.77
N VAL D 582 24.10 -34.85 32.96
CA VAL D 582 22.74 -34.94 33.45
C VAL D 582 22.33 -33.60 34.06
N SER D 583 21.70 -32.74 33.26
CA SER D 583 21.14 -31.48 33.76
C SER D 583 19.75 -31.73 34.32
N ILE D 584 19.53 -31.33 35.58
CA ILE D 584 18.30 -31.57 36.32
C ILE D 584 17.56 -30.24 36.52
N ASN D 585 16.25 -30.35 36.77
CA ASN D 585 15.44 -29.27 37.30
C ASN D 585 15.32 -29.48 38.81
N HIS D 586 14.78 -28.47 39.49
CA HIS D 586 14.31 -28.61 40.85
C HIS D 586 13.09 -27.70 41.02
N ARG D 587 12.35 -27.91 42.10
CA ARG D 587 11.12 -27.17 42.35
C ARG D 587 11.50 -25.73 42.72
N SER D 588 10.68 -24.78 42.24
CA SER D 588 10.80 -23.37 42.61
C SER D 588 10.67 -23.20 44.13
N SER D 589 11.12 -22.03 44.62
CA SER D 589 10.77 -21.61 45.97
C SER D 589 9.27 -21.29 46.03
N GLY D 590 8.74 -20.82 44.89
CA GLY D 590 7.35 -20.45 44.74
C GLY D 590 6.41 -21.61 45.08
N ASP D 591 6.70 -22.80 44.52
CA ASP D 591 5.76 -23.92 44.62
C ASP D 591 6.13 -24.84 45.80
N ALA D 592 7.30 -24.65 46.42
CA ALA D 592 7.71 -25.49 47.57
C ALA D 592 8.91 -24.87 48.29
N LYS D 593 8.84 -24.84 49.63
CA LYS D 593 9.87 -24.26 50.50
C LYS D 593 10.90 -25.33 50.88
N PHE D 594 12.10 -24.86 51.28
CA PHE D 594 13.21 -25.71 51.73
C PHE D 594 12.72 -26.61 52.87
N PRO D 595 13.14 -27.88 52.88
CA PRO D 595 14.19 -28.47 52.07
C PRO D 595 13.77 -29.22 50.80
N ALA D 596 12.76 -28.71 50.10
CA ALA D 596 12.30 -29.27 48.84
C ALA D 596 13.47 -29.41 47.85
N GLN D 597 14.29 -28.35 47.75
CA GLN D 597 15.18 -28.15 46.62
C GLN D 597 16.41 -29.07 46.74
N ILE D 598 16.80 -29.42 47.96
CA ILE D 598 17.92 -30.36 48.15
C ILE D 598 17.38 -31.80 48.03
N ASN D 599 16.16 -32.02 48.52
CA ASN D 599 15.45 -33.31 48.42
C ASN D 599 15.34 -33.71 46.94
N ASP D 600 15.06 -32.71 46.09
CA ASP D 600 14.90 -32.91 44.66
C ASP D 600 16.22 -33.33 44.02
N VAL D 601 17.32 -32.67 44.42
CA VAL D 601 18.67 -32.93 43.87
C VAL D 601 19.06 -34.39 44.19
N LYS D 602 18.82 -34.81 45.44
CA LYS D 602 19.20 -36.14 45.88
C LYS D 602 18.34 -37.19 45.14
N ALA D 603 17.07 -36.84 44.91
CA ALA D 603 16.16 -37.67 44.16
C ALA D 603 16.74 -37.92 42.76
N ALA D 604 17.11 -36.83 42.08
CA ALA D 604 17.71 -36.95 40.77
C ALA D 604 18.87 -37.95 40.79
N ILE D 605 19.66 -37.92 41.87
CA ILE D 605 20.89 -38.71 41.92
C ILE D 605 20.53 -40.18 42.17
N ARG D 606 19.51 -40.44 43.00
CA ARG D 606 18.99 -41.79 43.22
C ARG D 606 18.55 -42.38 41.87
N PHE D 607 17.72 -41.63 41.15
CA PHE D 607 17.23 -41.99 39.82
C PHE D 607 18.38 -42.46 38.90
N ILE D 608 19.49 -41.72 38.89
CA ILE D 608 20.61 -42.01 37.99
C ILE D 608 21.18 -43.41 38.27
N ARG D 609 21.35 -43.73 39.56
CA ARG D 609 21.97 -44.98 39.97
C ARG D 609 21.03 -46.14 39.64
N ALA D 610 19.72 -45.91 39.84
CA ALA D 610 18.67 -46.90 39.59
C ALA D 610 18.59 -47.25 38.10
N ASN D 611 18.65 -46.21 37.25
CA ASN D 611 18.42 -46.30 35.81
C ASN D 611 19.76 -46.30 35.04
N ALA D 612 20.84 -46.68 35.73
CA ALA D 612 22.20 -46.57 35.23
C ALA D 612 22.38 -47.40 33.96
N ALA D 613 21.99 -48.68 34.04
CA ALA D 613 22.20 -49.66 32.97
C ALA D 613 21.52 -49.18 31.67
N LYS D 614 20.32 -48.62 31.82
CA LYS D 614 19.47 -48.24 30.70
C LYS D 614 20.12 -47.10 29.89
N TYR D 615 20.79 -46.17 30.57
CA TYR D 615 21.29 -44.96 29.93
C TYR D 615 22.82 -45.01 29.75
N LYS D 616 23.40 -46.21 29.81
CA LYS D 616 24.87 -46.41 29.71
C LYS D 616 25.61 -45.52 30.71
N LEU D 617 25.08 -45.38 31.94
CA LEU D 617 25.68 -44.48 32.94
C LEU D 617 26.50 -45.31 33.95
N ASP D 618 27.80 -45.00 34.04
CA ASP D 618 28.69 -45.55 35.06
C ASP D 618 28.60 -44.65 36.30
N THR D 619 27.92 -45.15 37.33
CA THR D 619 27.62 -44.40 38.53
C THR D 619 28.58 -44.81 39.65
N SER D 620 29.75 -45.37 39.27
CA SER D 620 30.89 -45.49 40.19
C SER D 620 31.39 -44.09 40.55
N PHE D 621 31.20 -43.13 39.61
CA PHE D 621 31.47 -41.72 39.84
C PHE D 621 30.29 -40.86 39.35
N ILE D 622 29.78 -40.00 40.25
CA ILE D 622 28.79 -38.94 39.96
C ILE D 622 29.28 -37.60 40.54
N GLY D 623 29.88 -36.77 39.69
CA GLY D 623 30.24 -35.39 40.04
C GLY D 623 29.04 -34.47 39.91
N ILE D 624 29.15 -33.24 40.45
CA ILE D 624 28.07 -32.26 40.38
C ILE D 624 28.66 -30.84 40.42
N THR D 625 28.05 -29.95 39.64
CA THR D 625 28.45 -28.56 39.50
C THR D 625 27.22 -27.71 39.21
N GLY D 626 27.29 -26.42 39.56
CA GLY D 626 26.21 -25.47 39.31
C GLY D 626 26.66 -24.06 39.61
N PHE D 627 25.94 -23.07 39.06
CA PHE D 627 26.29 -21.68 39.23
C PHE D 627 25.21 -20.97 40.07
N SER D 628 25.63 -20.00 40.88
CA SER D 628 24.77 -19.28 41.77
C SER D 628 23.99 -20.29 42.63
N SER D 629 22.65 -20.18 42.69
CA SER D 629 21.81 -21.03 43.56
C SER D 629 22.00 -22.52 43.21
N GLY D 630 22.33 -22.81 41.95
CA GLY D 630 22.66 -24.16 41.50
C GLY D 630 23.92 -24.70 42.17
N GLY D 631 24.92 -23.82 42.34
CA GLY D 631 26.17 -24.11 43.03
C GLY D 631 25.98 -24.30 44.53
N HIS D 632 25.02 -23.57 45.11
CA HIS D 632 24.62 -23.73 46.51
C HIS D 632 24.15 -25.16 46.78
N LEU D 633 23.16 -25.60 45.98
CA LEU D 633 22.53 -26.90 46.13
C LEU D 633 23.56 -28.01 45.88
N ALA D 634 24.39 -27.84 44.84
CA ALA D 634 25.42 -28.81 44.47
C ALA D 634 26.37 -29.00 45.65
N SER D 635 26.68 -27.89 46.33
CA SER D 635 27.58 -27.85 47.48
C SER D 635 26.91 -28.51 48.69
N LEU D 636 25.62 -28.19 48.88
CA LEU D 636 24.81 -28.73 49.98
C LEU D 636 24.76 -30.25 49.84
N ALA D 637 24.57 -30.72 48.62
CA ALA D 637 24.63 -32.13 48.24
C ALA D 637 25.99 -32.72 48.64
N GLY D 638 27.06 -32.02 48.25
CA GLY D 638 28.45 -32.44 48.47
C GLY D 638 28.79 -32.72 49.93
N THR D 639 28.39 -31.82 50.83
CA THR D 639 28.80 -31.92 52.25
C THR D 639 27.80 -32.80 53.02
N THR D 640 26.64 -33.10 52.42
CA THR D 640 25.55 -33.86 53.08
C THR D 640 25.44 -35.32 52.56
N ASN D 641 26.52 -35.88 51.99
CA ASN D 641 26.56 -37.30 51.66
C ASN D 641 26.17 -38.12 52.89
N GLY D 642 25.15 -38.98 52.75
CA GLY D 642 24.81 -39.99 53.76
C GLY D 642 24.10 -39.42 54.97
N VAL D 643 23.54 -38.22 54.83
CA VAL D 643 22.86 -37.54 55.92
C VAL D 643 21.35 -37.57 55.64
N LYS D 644 20.60 -38.15 56.59
CA LYS D 644 19.15 -38.16 56.58
C LYS D 644 18.69 -36.76 57.02
N SER D 645 18.90 -36.45 58.30
CA SER D 645 18.35 -35.26 58.91
C SER D 645 19.42 -34.55 59.74
N TYR D 646 19.06 -33.35 60.22
CA TYR D 646 19.91 -32.56 61.09
C TYR D 646 19.08 -31.49 61.81
N THR D 647 19.44 -31.21 63.06
CA THR D 647 18.72 -30.28 63.91
C THR D 647 19.65 -29.16 64.39
N ILE D 648 19.17 -27.92 64.26
CA ILE D 648 19.79 -26.75 64.88
C ILE D 648 18.68 -25.90 65.52
N GLY D 649 18.84 -25.62 66.81
CA GLY D 649 17.87 -24.86 67.59
C GLY D 649 16.59 -25.65 67.77
N ALA D 650 15.50 -25.16 67.15
CA ALA D 650 14.17 -25.79 67.21
C ALA D 650 13.83 -26.48 65.88
N LYS D 651 14.31 -25.92 64.76
CA LYS D 651 14.05 -26.47 63.45
C LYS D 651 14.93 -27.70 63.21
N THR D 652 14.40 -28.65 62.44
CA THR D 652 15.16 -29.76 61.85
C THR D 652 14.77 -29.89 60.37
N VAL D 653 15.67 -30.49 59.58
CA VAL D 653 15.46 -30.60 58.14
C VAL D 653 15.74 -32.04 57.70
N ASP D 654 14.89 -32.50 56.79
CA ASP D 654 15.05 -33.74 56.07
C ASP D 654 15.79 -33.42 54.77
N LEU D 655 17.06 -33.83 54.71
CA LEU D 655 17.92 -33.54 53.58
C LEU D 655 17.78 -34.59 52.48
N GLU D 656 17.60 -35.87 52.85
CA GLU D 656 17.44 -36.98 51.89
C GLU D 656 16.12 -36.82 51.13
N GLY D 657 15.02 -36.63 51.87
CA GLY D 657 13.67 -36.52 51.28
C GLY D 657 13.09 -37.87 50.90
N ASN D 658 11.93 -37.84 50.23
CA ASN D 658 11.11 -39.04 49.88
C ASN D 658 10.62 -38.97 48.43
N VAL D 659 11.32 -38.22 47.57
CA VAL D 659 10.73 -37.72 46.34
C VAL D 659 10.58 -38.88 45.33
N GLY D 660 11.67 -39.59 45.04
CA GLY D 660 11.65 -40.60 43.96
C GLY D 660 10.76 -41.81 44.27
N LEU D 661 10.94 -42.86 43.46
CA LEU D 661 10.46 -44.21 43.78
C LEU D 661 11.66 -45.12 44.09
N TYR D 662 12.85 -44.53 44.23
CA TYR D 662 14.09 -45.28 44.40
C TYR D 662 14.82 -44.82 45.66
N PRO D 663 14.18 -44.90 46.86
CA PRO D 663 14.84 -44.52 48.12
C PRO D 663 15.94 -45.49 48.59
N SER D 664 15.97 -46.69 47.99
CA SER D 664 16.90 -47.76 48.33
C SER D 664 18.32 -47.44 47.80
N PHE D 665 18.45 -46.43 46.94
CA PHE D 665 19.71 -46.14 46.20
C PHE D 665 20.44 -44.95 46.83
N SER D 666 21.78 -44.90 46.62
CA SER D 666 22.63 -43.85 47.21
C SER D 666 22.44 -42.51 46.48
N SER D 667 22.33 -41.44 47.27
CA SER D 667 22.20 -40.09 46.76
C SER D 667 23.56 -39.39 46.72
N ARG D 668 24.65 -40.12 46.99
CA ARG D 668 26.00 -39.56 47.13
C ARG D 668 26.47 -38.94 45.81
N VAL D 669 27.31 -37.90 45.93
CA VAL D 669 28.10 -37.32 44.85
C VAL D 669 29.57 -37.45 45.23
N ASP D 670 30.44 -37.50 44.22
CA ASP D 670 31.83 -37.93 44.36
C ASP D 670 32.82 -36.76 44.21
N ALA D 671 32.34 -35.59 43.79
CA ALA D 671 33.16 -34.39 43.53
C ALA D 671 32.25 -33.20 43.21
N VAL D 672 32.67 -31.99 43.58
CA VAL D 672 31.82 -30.80 43.46
C VAL D 672 32.65 -29.65 42.87
N VAL D 673 32.04 -28.92 41.94
CA VAL D 673 32.57 -27.64 41.45
C VAL D 673 31.46 -26.58 41.58
N ASN D 674 31.61 -25.75 42.61
CA ASN D 674 30.70 -24.67 42.95
C ASN D 674 31.12 -23.41 42.19
N TRP D 675 30.21 -22.85 41.39
CA TRP D 675 30.41 -21.58 40.67
C TRP D 675 29.66 -20.46 41.40
N PHE D 676 30.40 -19.63 42.15
CA PHE D 676 29.91 -18.42 42.82
C PHE D 676 28.53 -18.65 43.46
N GLY D 677 28.36 -19.79 44.13
CA GLY D 677 27.14 -20.08 44.87
C GLY D 677 27.09 -19.34 46.20
N PRO D 678 25.89 -18.96 46.70
CA PRO D 678 25.73 -18.52 48.07
C PRO D 678 25.86 -19.72 49.03
N ILE D 679 26.14 -19.45 50.30
CA ILE D 679 26.42 -20.51 51.28
C ILE D 679 25.83 -20.11 52.65
N ASP D 680 26.25 -18.95 53.16
CA ASP D 680 25.86 -18.47 54.48
C ASP D 680 24.99 -17.21 54.29
N MET D 681 23.67 -17.38 54.41
CA MET D 681 22.69 -16.28 54.22
C MET D 681 22.52 -15.51 55.53
N THR D 682 23.13 -16.03 56.60
CA THR D 682 23.28 -15.33 57.88
C THR D 682 24.17 -14.09 57.71
N ARG D 683 24.88 -14.00 56.58
CA ARG D 683 26.02 -13.12 56.42
C ARG D 683 26.24 -12.80 54.94
N MET D 684 25.17 -12.37 54.26
CA MET D 684 25.18 -12.16 52.81
C MET D 684 24.85 -10.72 52.45
N GLU D 685 24.01 -10.06 53.24
CA GLU D 685 23.92 -8.61 53.19
C GLU D 685 25.19 -8.06 53.84
N ASN D 686 26.14 -7.65 52.99
CA ASN D 686 27.30 -6.89 53.41
C ASN D 686 28.31 -7.78 54.14
N CYS D 687 28.32 -9.07 53.82
CA CYS D 687 29.25 -10.05 54.40
C CYS D 687 29.13 -10.10 55.94
N ASN D 688 27.97 -9.68 56.48
CA ASN D 688 27.77 -9.45 57.93
C ASN D 688 26.45 -10.05 58.43
N THR D 689 25.32 -9.60 57.87
CA THR D 689 23.99 -10.01 58.33
C THR D 689 23.14 -10.51 57.16
N THR D 690 21.89 -10.82 57.52
CA THR D 690 20.83 -11.30 56.66
C THR D 690 20.20 -10.14 55.87
N LYS D 691 19.29 -10.50 54.96
CA LYS D 691 18.47 -9.54 54.23
C LYS D 691 17.02 -9.58 54.71
N GLY D 692 16.19 -8.69 54.14
CA GLY D 692 14.77 -8.55 54.47
C GLY D 692 13.92 -9.62 53.80
N ALA D 693 12.60 -9.45 53.92
CA ALA D 693 11.62 -10.47 53.51
C ALA D 693 11.38 -10.46 51.99
N ASN D 694 11.95 -9.47 51.29
CA ASN D 694 11.84 -9.37 49.82
C ASN D 694 13.06 -10.06 49.19
N SER D 695 13.69 -10.97 49.92
CA SER D 695 14.95 -11.62 49.53
C SER D 695 14.69 -12.97 48.86
N PRO D 696 15.57 -13.43 47.93
CA PRO D 696 15.48 -14.79 47.39
C PRO D 696 15.46 -15.91 48.43
N GLU D 697 16.35 -15.81 49.43
CA GLU D 697 16.50 -16.83 50.47
C GLU D 697 15.38 -16.70 51.52
N ALA D 698 14.67 -15.57 51.52
CA ALA D 698 13.46 -15.41 52.33
C ALA D 698 12.35 -16.28 51.75
N ALA D 699 12.20 -16.22 50.42
CA ALA D 699 11.21 -17.00 49.68
C ALA D 699 11.60 -18.48 49.67
N LEU D 700 12.90 -18.77 49.84
CA LEU D 700 13.37 -20.16 49.85
C LEU D 700 12.97 -20.85 51.16
N ILE D 701 12.93 -20.10 52.27
CA ILE D 701 12.62 -20.67 53.60
C ILE D 701 11.20 -20.28 54.04
N GLY D 702 10.44 -19.63 53.14
CA GLY D 702 9.10 -19.12 53.44
C GLY D 702 9.04 -18.44 54.80
N GLY D 703 10.00 -17.55 55.05
CA GLY D 703 10.09 -16.83 56.31
C GLY D 703 11.06 -15.67 56.24
N VAL D 704 11.02 -14.81 57.26
CA VAL D 704 11.95 -13.70 57.37
C VAL D 704 13.32 -14.28 57.75
N PRO D 705 14.36 -14.06 56.93
CA PRO D 705 15.70 -14.60 57.19
C PRO D 705 16.34 -14.15 58.52
N ALA D 706 16.01 -12.93 58.96
CA ALA D 706 16.60 -12.33 60.17
C ALA D 706 16.11 -13.04 61.43
N ASP D 707 14.89 -13.61 61.39
CA ASP D 707 14.28 -14.29 62.53
C ASP D 707 14.58 -15.80 62.48
N ASN D 708 14.90 -16.32 61.28
CA ASN D 708 15.15 -17.75 61.06
C ASN D 708 16.66 -18.00 60.84
N LEU D 709 17.47 -17.77 61.89
CA LEU D 709 18.92 -17.90 61.76
C LEU D 709 19.32 -19.38 61.85
N ASP D 710 18.55 -20.16 62.62
CA ASP D 710 18.76 -21.60 62.77
C ASP D 710 18.55 -22.29 61.42
N MET D 711 17.41 -22.00 60.79
CA MET D 711 17.05 -22.55 59.48
C MET D 711 18.11 -22.17 58.43
N LEU D 712 18.67 -20.96 58.57
CA LEU D 712 19.63 -20.39 57.63
C LEU D 712 20.98 -21.13 57.72
N ALA D 713 21.28 -21.71 58.89
CA ALA D 713 22.49 -22.50 59.09
C ALA D 713 22.29 -23.93 58.55
N LEU D 714 21.04 -24.40 58.54
CA LEU D 714 20.72 -25.76 58.11
C LEU D 714 20.83 -25.91 56.59
N LEU D 715 20.76 -24.78 55.86
CA LEU D 715 20.90 -24.80 54.40
C LEU D 715 22.27 -24.26 53.97
N ASN D 716 23.16 -24.10 54.97
CA ASN D 716 24.53 -23.64 54.80
C ASN D 716 25.44 -24.87 54.78
N PRO D 717 26.02 -25.22 53.60
CA PRO D 717 26.90 -26.39 53.47
C PRO D 717 28.03 -26.51 54.51
N ILE D 718 28.58 -25.37 54.96
CA ILE D 718 29.66 -25.38 55.97
C ILE D 718 29.28 -26.32 57.12
N THR D 719 28.00 -26.30 57.53
CA THR D 719 27.50 -27.01 58.69
C THR D 719 27.89 -28.50 58.64
N TYR D 720 27.88 -29.07 57.43
CA TYR D 720 27.96 -30.51 57.22
C TYR D 720 29.35 -30.93 56.69
N ILE D 721 30.31 -29.99 56.67
CA ILE D 721 31.67 -30.29 56.19
C ILE D 721 32.29 -31.33 57.14
N ASP D 722 33.08 -32.24 56.56
CA ASP D 722 33.83 -33.22 57.32
C ASP D 722 34.94 -33.78 56.45
N LYS D 723 35.98 -34.28 57.13
CA LYS D 723 37.22 -34.85 56.57
C LYS D 723 36.92 -35.85 55.44
N ASN D 724 35.76 -36.52 55.50
CA ASN D 724 35.46 -37.64 54.60
C ASN D 724 34.51 -37.25 53.45
N ASP D 725 34.11 -35.97 53.38
CA ASP D 725 33.31 -35.43 52.25
C ASP D 725 34.14 -35.50 50.97
N PRO D 726 33.56 -35.24 49.76
CA PRO D 726 34.34 -35.18 48.53
C PRO D 726 35.25 -33.94 48.46
N LYS D 727 35.99 -33.83 47.35
CA LYS D 727 36.80 -32.69 47.04
C LYS D 727 35.94 -31.65 46.32
N PHE D 728 36.17 -30.38 46.63
CA PHE D 728 35.48 -29.25 46.05
C PHE D 728 36.46 -28.35 45.28
N ILE D 729 36.03 -27.82 44.14
CA ILE D 729 36.61 -26.65 43.53
C ILE D 729 35.57 -25.52 43.61
N VAL D 730 36.01 -24.37 44.12
CA VAL D 730 35.15 -23.21 44.27
C VAL D 730 35.72 -22.09 43.39
N ILE D 731 34.85 -21.50 42.57
CA ILE D 731 35.20 -20.43 41.65
C ILE D 731 34.24 -19.25 41.89
N HIS D 732 34.78 -18.03 41.84
CA HIS D 732 34.00 -16.82 42.03
C HIS D 732 34.71 -15.64 41.37
N GLY D 733 33.92 -14.67 40.90
CA GLY D 733 34.43 -13.41 40.37
C GLY D 733 34.56 -12.36 41.44
N GLU D 734 35.62 -11.54 41.33
CA GLU D 734 35.92 -10.50 42.32
C GLU D 734 35.01 -9.26 42.11
N ALA D 735 34.13 -9.32 41.09
CA ALA D 735 33.19 -8.24 40.79
C ALA D 735 31.79 -8.82 40.51
N ASP D 736 31.33 -9.71 41.41
CA ASP D 736 29.98 -10.23 41.44
C ASP D 736 29.10 -9.24 42.22
N THR D 737 28.07 -8.68 41.56
CA THR D 737 27.17 -7.70 42.22
C THR D 737 25.95 -8.39 42.85
N VAL D 738 25.76 -9.70 42.63
CA VAL D 738 24.62 -10.42 43.21
C VAL D 738 25.10 -11.23 44.42
N VAL D 739 25.98 -12.20 44.18
CA VAL D 739 26.56 -13.05 45.23
C VAL D 739 27.94 -12.50 45.54
N PRO D 740 28.14 -11.85 46.72
CA PRO D 740 29.46 -11.34 47.08
C PRO D 740 30.45 -12.49 47.31
N ASN D 741 31.65 -12.39 46.74
CA ASN D 741 32.64 -13.47 46.74
C ASN D 741 33.07 -13.82 48.16
N CYS D 742 32.70 -13.01 49.17
CA CYS D 742 32.98 -13.34 50.57
C CYS D 742 32.32 -14.67 50.92
N GLN D 743 31.16 -14.93 50.31
CA GLN D 743 30.41 -16.20 50.40
C GLN D 743 31.27 -17.39 49.95
N SER D 744 32.00 -17.21 48.85
CA SER D 744 32.81 -18.24 48.25
C SER D 744 34.03 -18.56 49.12
N ILE D 745 34.51 -17.57 49.89
CA ILE D 745 35.75 -17.69 50.64
C ILE D 745 35.44 -18.24 52.04
N PHE D 746 34.35 -17.79 52.66
CA PHE D 746 33.83 -18.43 53.87
C PHE D 746 33.89 -19.95 53.68
N PHE D 747 33.32 -20.41 52.57
CA PHE D 747 33.15 -21.82 52.26
C PHE D 747 34.51 -22.48 52.06
N SER D 748 35.32 -21.94 51.15
CA SER D 748 36.59 -22.56 50.76
C SER D 748 37.54 -22.68 51.95
N GLU D 749 37.47 -21.74 52.90
CA GLU D 749 38.36 -21.74 54.06
C GLU D 749 37.90 -22.82 55.05
N ALA D 750 36.59 -22.99 55.21
CA ALA D 750 36.03 -24.05 56.07
C ALA D 750 36.30 -25.44 55.46
N LEU D 751 36.39 -25.47 54.12
CA LEU D 751 36.54 -26.69 53.36
C LEU D 751 37.96 -27.25 53.53
N ARG D 752 38.97 -26.39 53.42
CA ARG D 752 40.38 -26.84 53.41
C ARG D 752 40.85 -27.10 54.84
N ALA D 753 40.15 -26.52 55.83
CA ALA D 753 40.40 -26.78 57.24
C ALA D 753 40.25 -28.28 57.52
N GLN D 754 39.29 -28.93 56.84
CA GLN D 754 39.03 -30.38 56.95
C GLN D 754 39.68 -31.15 55.78
N GLY D 755 40.32 -30.43 54.86
CA GLY D 755 41.19 -31.02 53.83
C GLY D 755 40.50 -31.25 52.50
N ARG D 756 39.32 -30.62 52.33
CA ARG D 756 38.36 -30.97 51.31
C ARG D 756 38.44 -30.01 50.12
N LEU D 757 39.28 -28.98 50.19
CA LEU D 757 39.41 -28.02 49.11
C LEU D 757 40.48 -28.51 48.12
N GLU D 758 40.07 -28.72 46.87
CA GLU D 758 40.98 -29.02 45.77
C GLU D 758 41.69 -27.72 45.37
N GLU D 759 40.90 -26.66 45.15
CA GLU D 759 41.44 -25.31 44.95
C GLU D 759 40.31 -24.29 44.84
N PHE D 760 40.52 -23.12 45.46
CA PHE D 760 39.68 -21.94 45.27
C PHE D 760 40.31 -21.04 44.21
N ILE D 761 39.49 -20.49 43.31
CA ILE D 761 39.95 -19.73 42.14
C ILE D 761 39.18 -18.40 42.07
N SER D 762 39.90 -17.29 42.26
CA SER D 762 39.35 -15.95 42.05
C SER D 762 39.71 -15.45 40.64
N VAL D 763 38.76 -14.78 40.01
CA VAL D 763 38.86 -14.36 38.62
C VAL D 763 38.80 -12.83 38.59
N PRO D 764 39.94 -12.14 38.36
CA PRO D 764 39.96 -10.68 38.28
C PRO D 764 38.78 -10.07 37.53
N GLY D 765 38.51 -10.54 36.30
CA GLY D 765 37.39 -10.06 35.51
C GLY D 765 36.11 -9.95 36.34
N GLY D 766 35.56 -11.11 36.71
CA GLY D 766 34.53 -11.22 37.74
C GLY D 766 33.14 -11.38 37.15
N GLN D 767 32.16 -10.76 37.83
CA GLN D 767 30.75 -10.69 37.41
C GLN D 767 30.08 -12.07 37.57
N HIS D 768 28.75 -12.03 37.64
CA HIS D 768 27.90 -13.15 37.99
C HIS D 768 27.63 -14.01 36.76
N GLY D 769 28.68 -14.63 36.20
CA GLY D 769 28.56 -15.51 35.04
C GLY D 769 29.48 -15.11 33.88
N PRO D 770 29.24 -13.94 33.24
CA PRO D 770 29.92 -13.59 31.98
C PRO D 770 31.45 -13.74 31.93
N VAL D 771 32.22 -13.09 32.82
CA VAL D 771 33.70 -13.18 32.74
C VAL D 771 34.19 -14.39 33.53
N THR D 772 33.52 -14.75 34.62
CA THR D 772 33.92 -15.89 35.48
C THR D 772 33.88 -17.21 34.69
N PHE D 773 32.83 -17.41 33.88
CA PHE D 773 32.82 -18.48 32.87
C PHE D 773 33.76 -18.07 31.74
N ASN D 774 34.97 -18.65 31.75
CA ASN D 774 35.96 -18.43 30.71
C ASN D 774 36.55 -19.80 30.32
N GLU D 775 37.62 -19.78 29.52
CA GLU D 775 38.15 -20.98 28.88
C GLU D 775 39.07 -21.73 29.86
N ASN D 776 39.76 -20.97 30.74
CA ASN D 776 40.64 -21.54 31.78
C ASN D 776 39.81 -22.19 32.89
N THR D 777 38.81 -21.45 33.41
CA THR D 777 37.99 -21.90 34.51
C THR D 777 37.23 -23.17 34.13
N LEU D 778 36.86 -23.27 32.84
CA LEU D 778 36.12 -24.41 32.31
C LEU D 778 37.03 -25.64 32.24
N LYS D 779 38.31 -25.43 31.94
CA LYS D 779 39.28 -26.52 31.79
C LYS D 779 39.64 -27.12 33.17
N LYS D 780 39.71 -26.27 34.19
CA LYS D 780 40.02 -26.73 35.55
C LYS D 780 38.87 -27.60 36.05
N MET D 781 37.62 -27.18 35.79
CA MET D 781 36.45 -27.99 36.12
C MET D 781 36.62 -29.40 35.53
N ILE D 782 36.87 -29.45 34.22
CA ILE D 782 36.92 -30.70 33.45
C ILE D 782 38.07 -31.57 33.97
N ASP D 783 39.28 -31.01 34.03
CA ASP D 783 40.48 -31.74 34.46
C ASP D 783 40.32 -32.27 35.88
N PHE D 784 39.61 -31.51 36.74
CA PHE D 784 39.39 -31.86 38.14
C PHE D 784 38.49 -33.12 38.25
N PHE D 785 37.39 -33.14 37.50
CA PHE D 785 36.46 -34.27 37.48
C PHE D 785 37.17 -35.52 36.95
N ALA D 786 37.86 -35.37 35.82
CA ALA D 786 38.63 -36.45 35.17
C ALA D 786 39.72 -37.00 36.10
N ARG D 787 40.31 -36.15 36.94
CA ARG D 787 41.28 -36.60 37.94
C ARG D 787 40.58 -37.51 38.95
N GLU D 788 39.43 -37.06 39.42
CA GLU D 788 38.68 -37.69 40.51
C GLU D 788 38.00 -38.98 40.03
N ALA D 789 37.71 -39.09 38.72
CA ALA D 789 36.99 -40.24 38.17
C ALA D 789 37.94 -41.23 37.49
N GLY D 790 39.06 -40.74 36.95
CA GLY D 790 40.10 -41.59 36.35
C GLY D 790 39.73 -42.08 34.96
C ACT E . 19.74 47.21 -20.55
O ACT E . 20.89 46.73 -20.54
OXT ACT E . 19.18 47.56 -21.63
CH3 ACT E . 19.00 47.40 -19.25
C1 EDO F . -19.31 16.85 -25.23
O1 EDO F . -20.14 17.88 -24.69
C2 EDO F . -19.02 15.83 -24.13
O2 EDO F . -20.27 15.32 -23.63
C1 EDO G . 3.51 66.27 -36.68
O1 EDO G . 2.38 66.50 -35.85
C2 EDO G . 4.50 65.34 -35.99
O2 EDO G . 4.62 64.15 -36.76
NA NA H . 14.54 68.34 -33.38
C ACT I . 47.71 12.53 -36.57
O ACT I . 48.80 11.97 -36.36
OXT ACT I . 47.41 13.02 -37.68
CH3 ACT I . 46.72 12.63 -35.45
C1 EDO J . 8.39 -17.11 -41.97
O1 EDO J . 7.86 -15.79 -41.74
C2 EDO J . 9.35 -17.49 -40.85
O2 EDO J . 8.81 -17.09 -39.57
NA NA K . 43.16 33.26 -50.82
C ACT L . -8.50 18.87 57.34
O ACT L . -7.60 18.72 56.49
OXT ACT L . -8.50 18.23 58.40
CH3 ACT L . -9.60 19.85 57.07
C1 EDO M . -37.09 -0.87 24.32
O1 EDO M . -37.47 -2.16 24.83
C2 EDO M . -38.29 0.06 24.20
O2 EDO M . -39.22 -0.08 25.29
C1 EDO N . -39.02 -3.06 29.85
O1 EDO N . -39.90 -4.20 30.01
C2 EDO N . -37.72 -3.27 30.62
O2 EDO N . -36.76 -3.99 29.85
NA NA O . 0.28 1.24 73.33
C ACT P . 21.11 -16.57 39.72
O ACT P . 21.13 -16.95 40.91
OXT ACT P . 21.95 -16.97 38.89
CH3 ACT P . 20.03 -15.63 39.28
C1 EDO Q . -9.75 -37.10 7.26
O1 EDO Q . -8.57 -37.04 6.46
C2 EDO Q . -10.65 -38.25 6.81
O2 EDO Q . -10.29 -39.50 7.40
C1 EDO R . 10.43 -18.69 -1.55
O1 EDO R . 11.17 -19.94 -1.74
C2 EDO R . 9.86 -18.54 -0.14
O2 EDO R . 10.36 -19.52 0.80
C1 EDO S . 8.68 -53.11 -9.05
O1 EDO S . 7.67 -52.58 -8.17
C2 EDO S . 8.54 -52.52 -10.45
O2 EDO S . 8.85 -51.12 -10.47
C1 EDO T . 1.14 -62.44 -0.82
O1 EDO T . 2.48 -62.40 -0.32
C2 EDO T . 0.97 -61.57 -2.07
O2 EDO T . 1.95 -61.88 -3.08
NA NA U . 29.02 -34.40 55.86
#